data_4IGL
#
_entry.id   4IGL
#
_cell.length_a   133.719
_cell.length_b   147.596
_cell.length_c   274.354
_cell.angle_alpha   90.00
_cell.angle_beta   90.00
_cell.angle_gamma   90.00
#
_symmetry.space_group_name_H-M   'P 21 21 21'
#
loop_
_entity.id
_entity.type
_entity.pdbx_description
1 polymer YenB
2 polymer YenC2
3 non-polymer GLYCEROL
4 non-polymer 'POTASSIUM ION'
5 water water
#
loop_
_entity_poly.entity_id
_entity_poly.type
_entity_poly.pdbx_seq_one_letter_code
_entity_poly.pdbx_strand_id
1 'polypeptide(L)'
;GMQNSQEMAITTLSLPKGGGAINGMGESVGQAGPDGMVTFSIPLPFSAGRGVAPALSLSYSSGAGNGPFGMGWQCSAMSI
SRRTQKGVPQYNEDDEFLSPSGEVMAIALNDSGFEDVRTANRLQGIPLPFSYKVTRYQPRLIQDFIKIEYWQPVKQTDGT
PFWIIYSPDGQTHILGKNSHSRVANAENPSQIASWLLEETVTPTGEHIYYQYSGENQVNCTDAEIALHPQDSAQRYLARI
DYGNISPQASLFVLDEELPNLTQWLFHLVFDYGERDISINKIPTFEGGTTGWLARPDMFSRYDFGIEIRNRRLCHQVLGF
HRLEALNDRDVTDEIPVLVNRLTLDYDLNNSVSTLVAVRQVAYETDGSPITQPPLEFDYQRFDTGSIPGWQEMPQLEAFN
GYQPYQMIDLYGEGTPGILYQETPGAWWYKSPQRQIGGDSNAVTYGAMKALPKIPRLQEGATLMDINGDGRLDWVITSAG
VRGFHSIHSTGEWTHFTPLNTLPTEYFHPKAQLADLVGAGLSDLVLIGPKSVRLYANQQGNWAPAQDVTQAENVSLPVIG
IDSRQLVAFADMLGSGQQHLVEITADSVKCWPNMGHGRFGQPLTLEGFSQPQTSFNPDRVFLADIDGSGTNDIIYAHSEC
LEIYLNESGNRFSKPISLLLPDGVNFDNTCQLQAADIQGLGIASLVMTVPHMSPTHWRCDLALNKPWLLNVMNNNRGAET
CLFYRSSAQFWLDEKQLVEAAGQQPECHLPFPMHLHWRSEIFDEITGNRLTQEQEYAHGSWDGQEREFRGFGRLIQRDTD
GFAQGTVDIPTHPSRTVSWFATGIPEIDTTLSAEFWRGDDQAFSPFSPRFTRWENDSEAGSDVAFIPSEHDAFWLNRAMK
GQLLRSELYGDDGTPEAEIPYSVTEMRHQVRALPTTDATVPSAWCSTIETRSYQYQRVAADPQCSQQVVIKADRYGSPLL
SVAINYPRRKKPEKSPYPDDLPETLFDSSYDTQQQQLHLTKQQQNYFHLTNDDNWLLGLPKEQRNDGYQYDQERAPANGF
TLETLIASNSLIGSNQPFTYLGQSRVAYQGGVDEQPSLQALVAYGETAILDEKTLQAFVGVLDSKTRDELLFSAGYQLAP
RLFRVESEPDVWVARQGYSEFGDYSQFWRPLSQRSTLLTGKTTLKWDKHYCVVIETQDAAQLVTQARYDYRFLTPYSLTD
ANDNQHYVVLNPFGEVIASRFWGTEAGKDAGYSTPQAKPFVVPATIEAALALSPGIPVAHCAIFEPESWMQKLTQHDVSE
RMADNGTLWNALLQARFVTEDGYVCALGRRRWMARHGLSVLMLTLLAEIPRTPPHSLTITTDRYDSDDQQQLRQRILFSD
GFGRLLQSAQRVEAGESWQRSEDSSLVVNVSGTPALVVTDNRWAVSGRTEYDGKGQGIRVYQPYFLDDWRYLSDDSARTD
LFADTHIYDPLGREYQVITAKGYRRERQYTPWFVVNQDENDTAANLAI
;
A,C
2 'polypeptide(L)'
;MDIQLFSKTPSVTVFDNRGLSVRDIAYRRHPDTPKVTEECITYHQFDFRGFLAQSLDPRLNHKEVTNFSYLTDLNGNIIY
TQSVDAGNTLVLNDTEGRSVIAMTNISRGENGKDDLSLAVTRTFQYENAPLPGRPLSVTEQVNGENARITEHFVYAGNTP
QEKNLNLAGQCVSYYDAAGLIQTDSVSLTGKPLSVSRKLLKNLDDTNILADWQGNDTSAWNSLLATEIYTTVTRTDAAGA
VLTTIDAVGNQQRVAFDIAGQLSASWLTLKGGQEQVIIKVLTYSAAGQKLREEGGNGVVTTYTYEAETQRLIGIKTERPN
GHAAGAKVLQDLRYEYDPVGNVLSITNDAEETRFWRNQKVVPENAYRYDSLYQLVSASGREVAGAGQQGSDLPSPLVPLP
SDSSVYTNYTRTYTYDSAGNLMRIRHSAPATNNNYTLNITVSERSNRGVMSSLTENPADVDALFTASGSQKCLQQGQSLI
WTPRGELRTVLLVARGETADDSESYRYDGSSQRILKISSQQTNHSARVQRALYLPGLEWRTMTGGVAEAENLQVICIGEA
GRAQVRVLHWESGKPDGIINDQIRWSYDNLTCSSGLEVDGDGLVISMEEYYPYGGTAVWAARSHIETAYKTVRYSGKERD
ATGLYYYGFRYYQPWAGRWLSADPAGTVDGLNLYRMVRNNPLRLTDPDGM
;
B,D
#
# COMPACT_ATOMS: atom_id res chain seq x y z
N GLU A 7 29.25 24.99 -49.77
CA GLU A 7 29.90 26.28 -49.57
C GLU A 7 30.19 26.52 -48.08
N MET A 8 31.35 27.11 -47.79
CA MET A 8 31.76 27.34 -46.41
C MET A 8 30.88 28.39 -45.73
N ALA A 9 30.52 28.14 -44.47
CA ALA A 9 29.73 29.10 -43.72
C ALA A 9 30.63 30.16 -43.09
N ILE A 10 30.27 31.44 -43.22
CA ILE A 10 31.03 32.48 -42.53
C ILE A 10 30.41 32.76 -41.17
N THR A 11 31.23 32.72 -40.12
CA THR A 11 30.74 32.94 -38.75
C THR A 11 30.21 34.34 -38.57
N THR A 12 28.96 34.45 -38.12
CA THR A 12 28.34 35.75 -37.88
C THR A 12 27.74 35.78 -36.47
N LEU A 13 28.19 36.72 -35.65
CA LEU A 13 27.68 36.87 -34.30
C LEU A 13 26.30 37.53 -34.29
N SER A 14 25.32 36.83 -33.73
CA SER A 14 23.97 37.38 -33.60
C SER A 14 23.34 36.86 -32.33
N LEU A 15 22.46 37.67 -31.75
CA LEU A 15 21.68 37.26 -30.60
C LEU A 15 20.63 36.26 -31.06
N PRO A 16 20.24 35.35 -30.16
CA PRO A 16 19.23 34.34 -30.50
C PRO A 16 17.95 35.01 -31.01
N LYS A 17 17.77 34.98 -32.32
CA LYS A 17 16.63 35.66 -32.93
C LYS A 17 15.52 34.65 -33.13
N GLY A 18 14.73 34.45 -32.08
CA GLY A 18 13.61 33.52 -32.13
C GLY A 18 12.63 33.66 -30.99
N GLY A 19 11.90 32.57 -30.74
CA GLY A 19 10.90 32.51 -29.71
C GLY A 19 9.52 32.34 -30.31
N GLY A 20 8.70 31.52 -29.68
CA GLY A 20 7.33 31.31 -30.14
C GLY A 20 6.92 29.85 -30.13
N ALA A 21 7.59 29.02 -30.91
CA ALA A 21 7.21 27.62 -31.04
C ALA A 21 7.51 26.85 -29.75
N ILE A 22 6.77 25.75 -29.55
CA ILE A 22 6.96 24.89 -28.40
C ILE A 22 7.01 23.42 -28.83
N ASN A 23 8.16 22.78 -28.66
CA ASN A 23 8.27 21.35 -28.94
C ASN A 23 8.79 20.60 -27.72
N GLY A 24 9.35 19.43 -27.96
CA GLY A 24 9.92 18.61 -26.89
C GLY A 24 11.41 18.39 -27.07
N MET A 25 11.86 17.18 -26.77
CA MET A 25 13.28 16.84 -26.84
C MET A 25 13.68 16.25 -28.19
N GLY A 26 12.75 16.21 -29.13
CA GLY A 26 13.02 15.62 -30.43
C GLY A 26 12.83 14.12 -30.38
N GLU A 27 12.05 13.67 -29.41
CA GLU A 27 11.75 12.26 -29.26
C GLU A 27 10.87 11.77 -30.42
N SER A 28 10.97 10.49 -30.76
CA SER A 28 10.19 9.95 -31.87
C SER A 28 9.99 8.44 -31.73
N VAL A 29 8.89 7.95 -32.28
CA VAL A 29 8.67 6.52 -32.39
C VAL A 29 9.41 6.07 -33.66
N GLY A 30 9.95 4.86 -33.65
CA GLY A 30 10.68 4.37 -34.80
C GLY A 30 9.77 3.93 -35.93
N GLN A 31 10.26 4.07 -37.17
CA GLN A 31 9.54 3.59 -38.35
C GLN A 31 9.41 2.07 -38.26
N ALA A 32 8.27 1.53 -38.67
CA ALA A 32 8.07 0.08 -38.62
C ALA A 32 9.02 -0.64 -39.61
N GLY A 33 9.71 -1.66 -39.12
CA GLY A 33 10.68 -2.38 -39.94
C GLY A 33 10.44 -3.87 -40.03
N PRO A 34 11.27 -4.57 -40.83
CA PRO A 34 11.17 -6.01 -41.05
C PRO A 34 11.41 -6.86 -39.80
N ASP A 35 11.87 -6.26 -38.71
CA ASP A 35 12.03 -7.03 -37.48
C ASP A 35 10.76 -7.02 -36.63
N GLY A 36 9.86 -6.09 -36.95
CA GLY A 36 8.56 -6.02 -36.31
C GLY A 36 8.54 -5.42 -34.92
N MET A 37 9.69 -4.93 -34.47
CA MET A 37 9.77 -4.38 -33.12
C MET A 37 9.35 -2.91 -33.05
N VAL A 38 8.74 -2.52 -31.93
CA VAL A 38 8.45 -1.13 -31.66
C VAL A 38 9.69 -0.49 -31.05
N THR A 39 10.17 0.59 -31.66
CA THR A 39 11.28 1.33 -31.05
C THR A 39 10.84 2.75 -30.77
N PHE A 40 11.47 3.35 -29.76
CA PHE A 40 11.26 4.75 -29.42
C PHE A 40 12.64 5.30 -29.11
N SER A 41 12.81 6.60 -29.29
CA SER A 41 14.12 7.20 -29.05
C SER A 41 14.01 8.64 -28.51
N ILE A 42 14.77 8.93 -27.45
CA ILE A 42 14.80 10.27 -26.88
C ILE A 42 16.23 10.78 -26.74
N PRO A 43 16.62 11.74 -27.60
CA PRO A 43 17.95 12.37 -27.50
C PRO A 43 18.10 13.11 -26.17
N LEU A 44 19.22 12.91 -25.46
CA LEU A 44 19.39 13.55 -24.17
C LEU A 44 19.51 15.07 -24.30
N PRO A 45 18.66 15.79 -23.57
CA PRO A 45 18.55 17.25 -23.66
C PRO A 45 19.66 17.97 -22.89
N PHE A 46 20.90 17.71 -23.27
CA PHE A 46 22.03 18.35 -22.62
C PHE A 46 23.01 18.94 -23.63
N SER A 47 23.90 19.81 -23.16
CA SER A 47 24.74 20.60 -24.05
C SER A 47 25.75 19.79 -24.85
N ALA A 48 26.10 20.29 -26.03
CA ALA A 48 27.12 19.68 -26.87
C ALA A 48 28.50 20.28 -26.56
N GLY A 49 28.55 21.22 -25.63
CA GLY A 49 29.80 21.85 -25.25
C GLY A 49 30.48 22.52 -26.43
N ARG A 50 31.76 22.22 -26.63
CA ARG A 50 32.51 22.78 -27.75
C ARG A 50 32.07 22.19 -29.09
N GLY A 51 31.36 21.06 -29.04
CA GLY A 51 30.95 20.37 -30.25
C GLY A 51 31.19 18.87 -30.15
N VAL A 52 32.17 18.50 -29.32
CA VAL A 52 32.44 17.10 -29.04
C VAL A 52 31.82 16.70 -27.71
N ALA A 53 30.79 15.85 -27.79
CA ALA A 53 30.00 15.51 -26.61
C ALA A 53 29.46 14.10 -26.70
N PRO A 54 29.07 13.52 -25.56
CA PRO A 54 28.34 12.25 -25.62
C PRO A 54 27.02 12.47 -26.33
N ALA A 55 26.73 11.66 -27.33
CA ALA A 55 25.48 11.82 -28.08
C ALA A 55 24.54 10.70 -27.71
N LEU A 56 24.13 10.66 -26.45
CA LEU A 56 23.33 9.54 -25.97
C LEU A 56 21.85 9.75 -26.17
N SER A 57 21.17 8.65 -26.42
CA SER A 57 19.73 8.63 -26.49
C SER A 57 19.21 7.59 -25.52
N LEU A 58 18.12 7.92 -24.85
CA LEU A 58 17.39 6.96 -24.06
C LEU A 58 16.39 6.30 -24.99
N SER A 59 16.63 5.03 -25.31
CA SER A 59 15.86 4.35 -26.35
C SER A 59 15.16 3.09 -25.87
N TYR A 60 13.98 2.83 -26.45
CA TYR A 60 13.17 1.66 -26.13
C TYR A 60 13.04 0.72 -27.32
N SER A 61 13.03 -0.58 -27.02
CA SER A 61 12.75 -1.64 -28.00
C SER A 61 11.87 -2.72 -27.38
N SER A 62 10.80 -3.07 -28.09
CA SER A 62 9.86 -4.07 -27.59
C SER A 62 10.49 -5.45 -27.42
N GLY A 63 11.63 -5.66 -28.08
CA GLY A 63 12.36 -6.92 -27.99
C GLY A 63 13.41 -6.93 -26.89
N ALA A 64 13.71 -5.76 -26.33
CA ALA A 64 14.75 -5.65 -25.29
C ALA A 64 14.26 -6.14 -23.94
N GLY A 65 15.19 -6.54 -23.07
CA GLY A 65 14.85 -7.00 -21.74
C GLY A 65 14.94 -5.89 -20.71
N ASN A 66 15.15 -6.28 -19.46
CA ASN A 66 15.20 -5.33 -18.33
C ASN A 66 16.61 -4.74 -18.19
N GLY A 67 16.71 -3.62 -17.49
CA GLY A 67 17.98 -2.93 -17.30
C GLY A 67 17.87 -1.74 -16.38
N PRO A 68 18.92 -0.89 -16.34
CA PRO A 68 19.01 0.25 -15.43
C PRO A 68 18.09 1.43 -15.80
N PHE A 69 17.31 1.27 -16.86
CA PHE A 69 16.33 2.27 -17.24
C PHE A 69 14.93 1.69 -17.34
N GLY A 70 14.74 0.49 -16.81
CA GLY A 70 13.44 -0.16 -16.85
C GLY A 70 13.33 -1.12 -18.03
N MET A 71 12.25 -1.88 -18.06
CA MET A 71 12.03 -2.88 -19.09
C MET A 71 12.04 -2.30 -20.51
N GLY A 72 12.94 -2.83 -21.34
CA GLY A 72 12.98 -2.48 -22.75
C GLY A 72 13.79 -1.25 -23.10
N TRP A 73 14.21 -0.49 -22.10
CA TRP A 73 14.95 0.74 -22.35
C TRP A 73 16.46 0.53 -22.23
N GLN A 74 17.22 1.48 -22.76
CA GLN A 74 18.67 1.48 -22.63
C GLN A 74 19.24 2.85 -22.97
N CYS A 75 20.31 3.21 -22.26
CA CYS A 75 21.06 4.41 -22.56
C CYS A 75 22.53 4.11 -22.29
N SER A 76 23.15 3.48 -23.28
CA SER A 76 24.51 2.97 -23.14
C SER A 76 25.37 3.42 -24.32
N ALA A 77 26.67 3.31 -24.17
CA ALA A 77 27.58 3.64 -25.25
C ALA A 77 28.09 2.35 -25.86
N MET A 78 28.98 2.46 -26.85
CA MET A 78 29.54 1.29 -27.51
C MET A 78 30.23 0.36 -26.49
N SER A 79 30.26 -0.92 -26.80
CA SER A 79 30.92 -1.90 -25.93
C SER A 79 31.29 -3.13 -26.72
N ILE A 80 32.24 -3.90 -26.20
CA ILE A 80 32.58 -5.17 -26.82
C ILE A 80 32.40 -6.28 -25.79
N SER A 81 31.61 -7.30 -26.14
CA SER A 81 31.36 -8.40 -25.23
C SER A 81 31.73 -9.72 -25.89
N ARG A 82 31.92 -10.75 -25.06
CA ARG A 82 32.12 -12.10 -25.57
C ARG A 82 30.82 -12.66 -26.10
N ARG A 83 30.93 -13.57 -27.06
CA ARG A 83 29.76 -14.21 -27.63
C ARG A 83 29.13 -15.17 -26.63
N THR A 84 27.81 -15.13 -26.52
CA THR A 84 27.09 -16.00 -25.59
C THR A 84 25.99 -16.78 -26.28
N GLN A 85 25.59 -16.30 -27.46
CA GLN A 85 24.37 -16.78 -28.11
C GLN A 85 24.55 -18.17 -28.74
N LYS A 86 25.80 -18.58 -28.93
CA LYS A 86 26.10 -19.89 -29.50
C LYS A 86 27.06 -20.64 -28.57
N GLY A 87 26.72 -20.72 -27.29
CA GLY A 87 27.55 -21.38 -26.31
C GLY A 87 28.05 -20.45 -25.23
N VAL A 88 28.14 -20.96 -24.01
CA VAL A 88 28.59 -20.15 -22.89
C VAL A 88 30.11 -20.07 -22.92
N PRO A 89 30.65 -18.84 -22.91
CA PRO A 89 32.11 -18.66 -22.93
C PRO A 89 32.76 -19.31 -21.71
N GLN A 90 34.01 -19.72 -21.86
CA GLN A 90 34.74 -20.41 -20.79
C GLN A 90 36.05 -19.69 -20.51
N TYR A 91 36.20 -18.50 -21.09
CA TYR A 91 37.36 -17.66 -20.87
C TYR A 91 38.68 -18.36 -21.24
N ASN A 92 38.60 -19.12 -22.34
CA ASN A 92 39.77 -19.70 -22.97
C ASN A 92 39.96 -19.12 -24.38
N GLU A 93 40.79 -19.75 -25.19
CA GLU A 93 41.06 -19.20 -26.51
C GLU A 93 39.99 -19.58 -27.54
N ASP A 94 39.08 -20.46 -27.14
CA ASP A 94 37.97 -20.85 -28.00
C ASP A 94 36.82 -19.84 -27.90
N ASP A 95 36.95 -18.88 -27.00
CA ASP A 95 35.93 -17.84 -26.81
C ASP A 95 35.88 -16.92 -28.03
N GLU A 96 34.70 -16.39 -28.32
CA GLU A 96 34.54 -15.45 -29.43
C GLU A 96 34.13 -14.05 -28.94
N PHE A 97 34.37 -13.04 -29.78
CA PHE A 97 34.04 -11.67 -29.40
C PHE A 97 33.06 -11.03 -30.38
N LEU A 98 32.17 -10.19 -29.85
CA LEU A 98 31.19 -9.50 -30.67
C LEU A 98 31.60 -8.05 -30.90
N SER A 99 31.26 -7.52 -32.07
CA SER A 99 31.46 -6.11 -32.37
C SER A 99 30.39 -5.34 -31.60
N PRO A 100 30.57 -4.01 -31.47
CA PRO A 100 29.55 -3.19 -30.82
C PRO A 100 28.20 -3.35 -31.47
N SER A 101 28.18 -3.77 -32.73
CA SER A 101 26.95 -4.02 -33.46
C SER A 101 26.35 -5.38 -33.11
N GLY A 102 27.11 -6.18 -32.35
CA GLY A 102 26.63 -7.48 -31.95
C GLY A 102 27.06 -8.59 -32.90
N GLU A 103 27.90 -8.22 -33.87
CA GLU A 103 28.36 -9.18 -34.87
C GLU A 103 29.57 -9.96 -34.35
N VAL A 104 29.61 -11.25 -34.67
CA VAL A 104 30.75 -12.09 -34.29
C VAL A 104 31.98 -11.64 -35.05
N MET A 105 33.10 -11.55 -34.35
CA MET A 105 34.34 -11.14 -34.96
C MET A 105 35.27 -12.34 -35.15
N ALA A 106 36.23 -12.18 -36.06
CA ALA A 106 37.27 -13.18 -36.26
C ALA A 106 38.58 -12.41 -36.35
N ILE A 107 39.70 -13.08 -36.07
CA ILE A 107 40.98 -12.41 -36.25
C ILE A 107 41.15 -12.10 -37.74
N ALA A 108 41.44 -10.84 -38.04
CA ALA A 108 41.50 -10.40 -39.43
C ALA A 108 42.81 -10.81 -40.08
N LEU A 109 42.81 -10.84 -41.42
CA LEU A 109 44.03 -11.04 -42.18
C LEU A 109 44.60 -9.68 -42.54
N ASN A 110 45.92 -9.57 -42.64
CA ASN A 110 46.54 -8.35 -43.13
C ASN A 110 46.54 -8.32 -44.66
N ASP A 111 47.19 -7.31 -45.25
CA ASP A 111 47.26 -7.21 -46.70
C ASP A 111 48.25 -8.22 -47.27
N SER A 112 49.20 -8.64 -46.43
CA SER A 112 50.21 -9.61 -46.83
C SER A 112 49.63 -11.02 -46.82
N GLY A 113 48.39 -11.12 -46.34
CA GLY A 113 47.69 -12.40 -46.34
C GLY A 113 47.88 -13.19 -45.07
N PHE A 114 48.53 -12.60 -44.07
CA PHE A 114 48.73 -13.29 -42.81
C PHE A 114 47.78 -12.80 -41.70
N GLU A 115 47.84 -13.50 -40.57
CA GLU A 115 47.11 -13.10 -39.38
C GLU A 115 47.62 -11.74 -38.94
N ASP A 116 46.70 -10.78 -38.80
CA ASP A 116 47.07 -9.41 -38.45
C ASP A 116 47.39 -9.25 -36.95
N VAL A 117 48.61 -9.62 -36.57
CA VAL A 117 49.05 -9.50 -35.18
C VAL A 117 50.34 -8.68 -35.15
N ARG A 118 50.50 -7.92 -34.07
CA ARG A 118 51.60 -6.98 -33.94
C ARG A 118 52.03 -6.95 -32.47
N THR A 119 53.21 -6.41 -32.18
CA THR A 119 53.60 -6.16 -30.81
C THR A 119 53.68 -4.66 -30.66
N ALA A 120 53.37 -4.14 -29.48
CA ALA A 120 53.39 -2.69 -29.29
C ALA A 120 53.85 -2.31 -27.90
N ASN A 121 54.60 -1.21 -27.83
CA ASN A 121 55.01 -0.61 -26.58
C ASN A 121 54.77 0.89 -26.61
N ARG A 122 54.27 1.36 -27.75
CA ARG A 122 53.92 2.76 -27.92
C ARG A 122 52.52 2.86 -28.52
N LEU A 123 51.81 3.92 -28.16
CA LEU A 123 50.48 4.15 -28.71
C LEU A 123 50.16 5.63 -28.75
N GLN A 124 49.79 6.14 -29.93
CA GLN A 124 49.49 7.55 -30.13
C GLN A 124 50.67 8.41 -29.67
N GLY A 125 51.87 7.91 -29.87
CA GLY A 125 53.09 8.59 -29.45
C GLY A 125 53.38 8.42 -27.97
N ILE A 126 52.45 7.82 -27.25
CA ILE A 126 52.62 7.64 -25.81
C ILE A 126 53.24 6.28 -25.53
N PRO A 127 54.38 6.28 -24.85
CA PRO A 127 55.08 5.04 -24.48
C PRO A 127 54.25 4.26 -23.47
N LEU A 128 54.18 2.94 -23.65
CA LEU A 128 53.41 2.11 -22.75
C LEU A 128 54.37 1.48 -21.74
N PRO A 129 53.90 1.29 -20.50
CA PRO A 129 54.75 0.80 -19.41
C PRO A 129 55.36 -0.56 -19.74
N PHE A 130 54.65 -1.34 -20.55
CA PHE A 130 55.10 -2.66 -20.97
C PHE A 130 54.58 -2.98 -22.37
N SER A 131 54.94 -4.15 -22.87
CA SER A 131 54.63 -4.54 -24.25
C SER A 131 53.23 -5.12 -24.42
N TYR A 132 52.64 -4.87 -25.58
CA TYR A 132 51.32 -5.42 -25.88
C TYR A 132 51.33 -6.18 -27.19
N LYS A 133 50.55 -7.25 -27.22
CA LYS A 133 50.19 -7.95 -28.44
C LYS A 133 48.88 -7.34 -28.92
N VAL A 134 48.93 -6.75 -30.11
CA VAL A 134 47.79 -6.06 -30.70
C VAL A 134 47.27 -6.85 -31.89
N THR A 135 46.03 -7.32 -31.80
CA THR A 135 45.42 -8.17 -32.83
C THR A 135 44.23 -7.47 -33.47
N ARG A 136 44.22 -7.37 -34.79
CA ARG A 136 43.09 -6.77 -35.47
C ARG A 136 41.93 -7.75 -35.67
N TYR A 137 40.75 -7.36 -35.23
CA TYR A 137 39.55 -8.19 -35.38
C TYR A 137 38.59 -7.59 -36.42
N GLN A 138 37.84 -8.47 -37.06
CA GLN A 138 36.92 -8.08 -38.12
C GLN A 138 35.61 -8.84 -37.99
N PRO A 139 34.50 -8.10 -37.89
CA PRO A 139 33.15 -8.66 -37.78
C PRO A 139 32.70 -9.33 -39.09
N ARG A 140 31.80 -10.31 -38.96
CA ARG A 140 31.30 -11.06 -40.11
C ARG A 140 30.53 -10.17 -41.09
N LEU A 141 29.86 -9.17 -40.55
CA LEU A 141 29.23 -8.13 -41.36
C LEU A 141 29.89 -6.79 -41.13
N ILE A 142 30.31 -6.16 -42.21
CA ILE A 142 30.87 -4.82 -42.17
C ILE A 142 29.75 -3.83 -42.42
N GLN A 143 29.58 -2.87 -41.51
CA GLN A 143 28.74 -1.71 -41.76
C GLN A 143 29.65 -0.50 -41.90
N ASP A 144 29.91 0.18 -40.80
CA ASP A 144 30.87 1.27 -40.84
C ASP A 144 32.26 0.64 -40.80
N PHE A 145 33.14 1.06 -41.70
CA PHE A 145 34.46 0.46 -41.74
C PHE A 145 35.31 0.90 -40.54
N ILE A 146 34.90 0.42 -39.37
CA ILE A 146 35.63 0.69 -38.14
C ILE A 146 36.84 -0.24 -38.06
N LYS A 147 37.85 0.18 -37.31
CA LYS A 147 39.05 -0.63 -37.13
C LYS A 147 39.07 -1.11 -35.68
N ILE A 148 39.10 -2.42 -35.48
CA ILE A 148 38.98 -2.96 -34.14
C ILE A 148 40.25 -3.69 -33.71
N GLU A 149 40.82 -3.28 -32.58
CA GLU A 149 42.03 -3.90 -32.07
C GLU A 149 41.85 -4.44 -30.65
N TYR A 150 42.34 -5.66 -30.45
CA TYR A 150 42.40 -6.30 -29.15
C TYR A 150 43.81 -6.09 -28.62
N TRP A 151 43.90 -5.47 -27.45
CA TRP A 151 45.20 -5.13 -26.87
C TRP A 151 45.46 -5.98 -25.62
N GLN A 152 46.31 -6.99 -25.77
CA GLN A 152 46.59 -7.91 -24.67
C GLN A 152 48.03 -7.78 -24.21
N PRO A 153 48.25 -7.54 -22.91
CA PRO A 153 49.64 -7.48 -22.45
C PRO A 153 50.37 -8.80 -22.73
N VAL A 154 51.57 -8.74 -23.29
CA VAL A 154 52.34 -9.95 -23.62
C VAL A 154 52.52 -10.80 -22.37
N LYS A 155 52.81 -10.14 -21.25
CA LYS A 155 52.88 -10.80 -19.97
C LYS A 155 51.56 -10.62 -19.22
N GLN A 156 50.87 -11.74 -19.00
CA GLN A 156 49.52 -11.73 -18.44
C GLN A 156 49.39 -11.01 -17.09
N THR A 157 50.44 -11.02 -16.28
CA THR A 157 50.39 -10.38 -14.97
C THR A 157 50.77 -8.91 -15.05
N ASP A 158 51.24 -8.45 -16.21
CA ASP A 158 51.58 -7.05 -16.39
C ASP A 158 50.33 -6.19 -16.30
N GLY A 159 49.18 -6.77 -16.64
CA GLY A 159 47.93 -6.06 -16.59
C GLY A 159 46.76 -6.72 -17.31
N THR A 160 45.69 -5.95 -17.49
CA THR A 160 44.46 -6.44 -18.10
C THR A 160 44.43 -6.08 -19.59
N PRO A 161 43.69 -6.86 -20.39
CA PRO A 161 43.54 -6.49 -21.81
C PRO A 161 42.45 -5.44 -21.98
N PHE A 162 42.49 -4.72 -23.09
CA PHE A 162 41.46 -3.71 -23.38
C PHE A 162 41.24 -3.64 -24.89
N TRP A 163 40.27 -2.85 -25.33
CA TRP A 163 40.03 -2.74 -26.76
C TRP A 163 40.14 -1.31 -27.28
N ILE A 164 40.58 -1.19 -28.53
CA ILE A 164 40.56 0.11 -29.20
C ILE A 164 39.73 0.01 -30.46
N ILE A 165 38.84 0.97 -30.64
CA ILE A 165 38.04 1.06 -31.85
C ILE A 165 38.32 2.40 -32.52
N TYR A 166 38.89 2.34 -33.72
CA TYR A 166 39.14 3.51 -34.53
C TYR A 166 37.94 3.73 -35.43
N SER A 167 37.28 4.86 -35.23
CA SER A 167 36.12 5.22 -36.02
C SER A 167 36.57 5.95 -37.29
N PRO A 168 35.90 5.68 -38.42
CA PRO A 168 36.26 6.23 -39.73
C PRO A 168 36.23 7.75 -39.78
N ASP A 169 35.66 8.38 -38.75
CA ASP A 169 35.62 9.84 -38.67
C ASP A 169 36.89 10.38 -38.00
N GLY A 170 37.85 9.49 -37.76
CA GLY A 170 39.12 9.91 -37.18
C GLY A 170 39.11 9.87 -35.67
N GLN A 171 38.00 9.45 -35.09
CA GLN A 171 37.89 9.32 -33.64
C GLN A 171 38.48 7.99 -33.15
N THR A 172 39.08 8.04 -31.96
CA THR A 172 39.68 6.86 -31.34
C THR A 172 38.98 6.57 -30.01
N HIS A 173 38.55 5.33 -29.81
CA HIS A 173 37.77 4.95 -28.64
C HIS A 173 38.45 3.81 -27.88
N ILE A 174 38.61 3.96 -26.58
CA ILE A 174 39.19 2.91 -25.77
C ILE A 174 38.14 2.38 -24.80
N LEU A 175 38.08 1.05 -24.76
CA LEU A 175 37.07 0.31 -24.01
C LEU A 175 37.73 -0.60 -22.99
N GLY A 176 37.26 -0.47 -21.75
CA GLY A 176 37.67 -1.35 -20.66
C GLY A 176 39.11 -1.26 -20.24
N LYS A 177 39.68 -0.06 -20.27
CA LYS A 177 41.10 0.11 -19.92
C LYS A 177 41.31 -0.03 -18.41
N ASN A 178 40.40 0.56 -17.63
CA ASN A 178 40.42 0.41 -16.18
C ASN A 178 39.22 -0.40 -15.68
N SER A 179 39.26 -0.83 -14.43
CA SER A 179 38.30 -1.81 -13.94
C SER A 179 36.85 -1.35 -13.86
N HIS A 180 36.63 -0.03 -13.81
CA HIS A 180 35.26 0.48 -13.74
C HIS A 180 34.54 0.28 -15.08
N SER A 181 35.30 0.32 -16.18
CA SER A 181 34.72 0.13 -17.51
C SER A 181 34.76 -1.31 -17.98
N ARG A 182 34.98 -2.24 -17.05
CA ARG A 182 34.97 -3.65 -17.39
C ARG A 182 33.94 -4.42 -16.58
N VAL A 183 33.14 -5.23 -17.27
CA VAL A 183 32.26 -6.18 -16.59
C VAL A 183 33.02 -7.49 -16.52
N ALA A 184 33.31 -7.95 -15.30
CA ALA A 184 34.17 -9.12 -15.11
C ALA A 184 33.64 -10.03 -14.02
N ASN A 185 34.10 -11.29 -14.03
CA ASN A 185 33.73 -12.28 -13.03
C ASN A 185 33.96 -11.76 -11.61
N ALA A 186 32.95 -11.91 -10.77
CA ALA A 186 33.05 -11.45 -9.39
C ALA A 186 34.13 -12.22 -8.64
N GLU A 187 34.41 -13.44 -9.10
CA GLU A 187 35.42 -14.28 -8.47
C GLU A 187 36.79 -14.18 -9.17
N ASN A 188 36.80 -13.77 -10.43
CA ASN A 188 38.04 -13.67 -11.19
C ASN A 188 38.00 -12.48 -12.13
N PRO A 189 38.54 -11.34 -11.66
CA PRO A 189 38.55 -10.07 -12.41
C PRO A 189 39.19 -10.19 -13.79
N SER A 190 39.98 -11.24 -14.00
CA SER A 190 40.62 -11.49 -15.29
C SER A 190 39.62 -12.01 -16.30
N GLN A 191 38.58 -12.68 -15.81
CA GLN A 191 37.57 -13.24 -16.71
C GLN A 191 36.59 -12.14 -17.09
N ILE A 192 36.94 -11.42 -18.14
CA ILE A 192 36.19 -10.26 -18.60
C ILE A 192 35.12 -10.65 -19.61
N ALA A 193 33.89 -10.26 -19.33
CA ALA A 193 32.76 -10.53 -20.20
C ALA A 193 32.55 -9.39 -21.18
N SER A 194 32.85 -8.18 -20.74
CA SER A 194 32.57 -6.98 -21.53
C SER A 194 33.47 -5.78 -21.21
N TRP A 195 33.95 -5.12 -22.27
CA TRP A 195 34.71 -3.89 -22.17
C TRP A 195 33.80 -2.73 -22.58
N LEU A 196 33.58 -1.80 -21.66
CA LEU A 196 32.70 -0.66 -21.92
C LEU A 196 33.51 0.54 -22.36
N LEU A 197 32.90 1.40 -23.16
CA LEU A 197 33.57 2.60 -23.64
C LEU A 197 33.99 3.44 -22.44
N GLU A 198 35.27 3.78 -22.39
CA GLU A 198 35.81 4.59 -21.30
C GLU A 198 36.35 5.92 -21.79
N GLU A 199 37.00 5.94 -22.95
CA GLU A 199 37.47 7.25 -23.45
C GLU A 199 37.43 7.43 -24.96
N THR A 200 37.00 8.60 -25.41
CA THR A 200 36.99 8.95 -26.82
C THR A 200 37.87 10.18 -27.04
N VAL A 201 38.72 10.15 -28.06
CA VAL A 201 39.49 11.33 -28.43
C VAL A 201 39.31 11.59 -29.92
N THR A 202 39.23 12.88 -30.29
CA THR A 202 39.04 13.30 -31.68
C THR A 202 40.34 13.93 -32.19
N PRO A 203 40.49 14.06 -33.52
CA PRO A 203 41.68 14.72 -34.09
C PRO A 203 41.86 16.15 -33.64
N THR A 204 40.82 16.75 -33.07
CA THR A 204 40.93 18.12 -32.56
C THR A 204 41.54 18.14 -31.16
N GLY A 205 41.79 16.97 -30.59
CA GLY A 205 42.33 16.89 -29.24
C GLY A 205 41.24 17.09 -28.19
N GLU A 206 40.00 16.78 -28.58
CA GLU A 206 38.87 16.88 -27.68
C GLU A 206 38.51 15.48 -27.16
N HIS A 207 38.19 15.40 -25.87
CA HIS A 207 38.00 14.12 -25.20
C HIS A 207 36.60 13.96 -24.61
N ILE A 208 36.18 12.71 -24.46
CA ILE A 208 34.99 12.37 -23.69
C ILE A 208 35.34 11.18 -22.81
N TYR A 209 35.19 11.35 -21.50
CA TYR A 209 35.49 10.26 -20.58
C TYR A 209 34.19 9.69 -20.00
N TYR A 210 34.13 8.37 -19.90
CA TYR A 210 32.95 7.70 -19.38
C TYR A 210 33.33 6.96 -18.10
N GLN A 211 32.76 7.41 -16.99
CA GLN A 211 32.98 6.81 -15.68
C GLN A 211 31.78 5.95 -15.26
N TYR A 212 32.07 4.73 -14.84
CA TYR A 212 31.05 3.77 -14.41
C TYR A 212 31.12 3.49 -12.91
N SER A 213 30.00 3.03 -12.35
CA SER A 213 29.94 2.58 -10.96
C SER A 213 29.59 1.10 -10.91
N GLY A 214 30.30 0.35 -10.06
CA GLY A 214 30.07 -1.08 -9.94
C GLY A 214 28.91 -1.41 -9.01
N GLU A 215 28.23 -2.52 -9.29
CA GLU A 215 27.12 -2.96 -8.45
C GLU A 215 27.62 -3.33 -7.05
N ASN A 216 26.83 -3.03 -6.03
CA ASN A 216 27.22 -3.34 -4.65
C ASN A 216 26.05 -3.74 -3.76
N GLN A 217 26.25 -3.61 -2.46
CA GLN A 217 25.27 -4.09 -1.48
C GLN A 217 24.51 -2.98 -0.80
N VAL A 218 24.76 -1.74 -1.23
CA VAL A 218 24.06 -0.59 -0.68
C VAL A 218 22.54 -0.78 -0.78
N ASN A 219 21.84 -0.52 0.33
CA ASN A 219 20.39 -0.63 0.39
C ASN A 219 19.81 -2.00 0.03
N CYS A 220 20.62 -3.05 0.18
CA CYS A 220 20.13 -4.40 -0.05
C CYS A 220 19.75 -5.06 1.28
N THR A 221 18.70 -5.87 1.26
CA THR A 221 18.32 -6.65 2.43
C THR A 221 19.36 -7.73 2.67
N ASP A 222 19.45 -8.23 3.90
CA ASP A 222 20.40 -9.28 4.24
C ASP A 222 20.12 -10.55 3.45
N ALA A 223 18.84 -10.82 3.20
CA ALA A 223 18.45 -12.00 2.44
C ALA A 223 18.97 -11.93 1.00
N GLU A 224 18.88 -10.75 0.39
CA GLU A 224 19.43 -10.52 -0.94
C GLU A 224 20.94 -10.74 -0.95
N ILE A 225 21.62 -10.25 0.08
CA ILE A 225 23.06 -10.41 0.18
C ILE A 225 23.44 -11.88 0.31
N ALA A 226 22.65 -12.60 1.11
CA ALA A 226 22.92 -14.02 1.35
C ALA A 226 22.70 -14.80 0.07
N LEU A 227 21.71 -14.37 -0.71
CA LEU A 227 21.33 -15.08 -1.93
C LEU A 227 22.24 -14.80 -3.13
N HIS A 228 22.89 -13.64 -3.12
CA HIS A 228 23.72 -13.29 -4.27
C HIS A 228 25.03 -12.63 -3.85
N PRO A 229 25.95 -13.42 -3.26
CA PRO A 229 27.27 -12.90 -2.88
C PRO A 229 28.10 -12.47 -4.09
N GLN A 230 28.00 -13.21 -5.19
CA GLN A 230 28.69 -12.81 -6.41
C GLN A 230 27.87 -11.75 -7.12
N ASP A 231 28.13 -10.49 -6.79
CA ASP A 231 27.24 -9.39 -7.17
C ASP A 231 27.97 -8.18 -7.75
N SER A 232 29.28 -8.26 -7.86
CA SER A 232 30.09 -7.07 -8.19
C SER A 232 30.29 -6.84 -9.68
N ALA A 233 29.77 -7.74 -10.51
CA ALA A 233 30.09 -7.74 -11.94
C ALA A 233 29.53 -6.54 -12.70
N GLN A 234 28.25 -6.25 -12.51
CA GLN A 234 27.56 -5.26 -13.34
C GLN A 234 28.12 -3.85 -13.19
N ARG A 235 27.98 -3.07 -14.26
CA ARG A 235 28.41 -1.68 -14.27
C ARG A 235 27.22 -0.77 -14.60
N TYR A 236 27.28 0.45 -14.10
CA TYR A 236 26.26 1.44 -14.38
C TYR A 236 26.95 2.72 -14.80
N LEU A 237 26.45 3.33 -15.87
CA LEU A 237 26.98 4.61 -16.32
C LEU A 237 26.74 5.65 -15.23
N ALA A 238 27.81 6.29 -14.78
CA ALA A 238 27.72 7.16 -13.62
C ALA A 238 27.95 8.63 -13.98
N ARG A 239 29.00 8.89 -14.75
CA ARG A 239 29.30 10.27 -15.13
C ARG A 239 30.03 10.34 -16.46
N ILE A 240 29.73 11.37 -17.24
CA ILE A 240 30.46 11.60 -18.48
C ILE A 240 31.09 12.99 -18.45
N ASP A 241 32.40 13.03 -18.64
CA ASP A 241 33.13 14.30 -18.60
C ASP A 241 33.51 14.68 -20.03
N TYR A 242 33.24 15.92 -20.41
CA TYR A 242 33.65 16.41 -21.73
C TYR A 242 34.00 17.88 -21.69
N GLY A 243 34.46 18.42 -22.81
CA GLY A 243 34.94 19.80 -22.83
C GLY A 243 36.22 19.88 -22.03
N ASN A 244 37.17 19.00 -22.35
CA ASN A 244 38.46 18.97 -21.69
C ASN A 244 39.20 20.29 -21.82
N ILE A 245 39.68 20.81 -20.70
CA ILE A 245 40.36 22.11 -20.71
C ILE A 245 41.69 22.06 -21.47
N SER A 246 42.44 20.98 -21.27
CA SER A 246 43.73 20.81 -21.94
C SER A 246 43.57 20.06 -23.27
N PRO A 247 44.04 20.66 -24.36
CA PRO A 247 43.99 19.94 -25.64
C PRO A 247 45.09 18.90 -25.66
N GLN A 248 44.74 17.64 -25.94
CA GLN A 248 45.73 16.59 -26.00
C GLN A 248 45.29 15.56 -27.01
N ALA A 249 46.16 15.29 -27.98
CA ALA A 249 45.81 14.39 -29.07
C ALA A 249 45.74 12.93 -28.62
N SER A 250 46.47 12.61 -27.56
CA SER A 250 46.55 11.24 -27.05
C SER A 250 45.53 11.01 -25.94
N LEU A 251 45.05 9.77 -25.82
CA LEU A 251 44.11 9.41 -24.76
C LEU A 251 44.70 9.66 -23.37
N PHE A 252 43.89 10.25 -22.49
CA PHE A 252 44.31 10.56 -21.14
C PHE A 252 44.62 9.29 -20.33
N VAL A 253 44.00 8.17 -20.69
CA VAL A 253 44.18 6.92 -19.94
C VAL A 253 45.59 6.36 -20.13
N LEU A 254 46.32 6.88 -21.09
CA LEU A 254 47.69 6.44 -21.34
C LEU A 254 48.69 7.22 -20.47
N ASP A 255 48.23 8.34 -19.90
CA ASP A 255 49.07 9.14 -19.03
C ASP A 255 49.23 8.44 -17.68
N GLU A 256 50.15 8.93 -16.86
CA GLU A 256 50.40 8.32 -15.55
C GLU A 256 49.18 8.44 -14.65
N GLU A 257 48.48 9.58 -14.77
CA GLU A 257 47.29 9.83 -13.97
C GLU A 257 46.25 10.50 -14.85
N LEU A 258 44.97 10.22 -14.58
CA LEU A 258 43.89 10.89 -15.29
C LEU A 258 43.84 12.34 -14.87
N PRO A 259 43.40 13.23 -15.77
CA PRO A 259 43.30 14.65 -15.43
C PRO A 259 42.36 14.83 -14.25
N ASN A 260 42.57 15.89 -13.47
CA ASN A 260 41.69 16.16 -12.35
C ASN A 260 40.29 16.45 -12.88
N LEU A 261 39.28 16.18 -12.05
CA LEU A 261 37.88 16.35 -12.45
C LEU A 261 37.58 17.80 -12.85
N THR A 262 38.39 18.73 -12.35
CA THR A 262 38.22 20.16 -12.63
C THR A 262 38.61 20.53 -14.06
N GLN A 263 39.22 19.61 -14.78
CA GLN A 263 39.73 19.89 -16.11
C GLN A 263 38.73 19.55 -17.21
N TRP A 264 37.46 19.40 -16.82
CA TRP A 264 36.39 19.18 -17.78
C TRP A 264 35.31 20.25 -17.57
N LEU A 265 35.03 21.01 -18.63
CA LEU A 265 34.08 22.12 -18.54
C LEU A 265 32.65 21.62 -18.42
N PHE A 266 32.40 20.38 -18.85
CA PHE A 266 31.05 19.85 -18.86
C PHE A 266 30.94 18.47 -18.21
N HIS A 267 29.87 18.26 -17.43
CA HIS A 267 29.63 16.98 -16.79
C HIS A 267 28.19 16.52 -17.02
N LEU A 268 28.03 15.21 -17.17
CA LEU A 268 26.70 14.61 -17.26
C LEU A 268 26.65 13.55 -16.17
N VAL A 269 25.89 13.80 -15.12
CA VAL A 269 25.85 12.93 -13.96
C VAL A 269 24.63 12.02 -14.03
N PHE A 270 24.82 10.75 -13.71
CA PHE A 270 23.70 9.81 -13.65
C PHE A 270 23.36 9.42 -12.21
N ASP A 271 22.13 9.73 -11.80
CA ASP A 271 21.68 9.46 -10.45
C ASP A 271 20.84 8.20 -10.40
N TYR A 272 21.13 7.35 -9.42
CA TYR A 272 20.41 6.08 -9.28
C TYR A 272 19.63 6.03 -7.97
N GLY A 273 19.17 7.20 -7.53
CA GLY A 273 18.30 7.29 -6.38
C GLY A 273 18.90 7.98 -5.17
N GLU A 274 20.20 8.28 -5.21
CA GLU A 274 20.86 8.88 -4.06
C GLU A 274 20.40 10.31 -3.76
N ARG A 275 19.77 10.95 -4.75
CA ARG A 275 19.29 12.31 -4.57
C ARG A 275 17.77 12.37 -4.43
N ASP A 276 17.29 13.47 -3.85
CA ASP A 276 15.86 13.74 -3.73
C ASP A 276 15.25 13.93 -5.13
N ILE A 277 14.14 13.27 -5.38
CA ILE A 277 13.51 13.28 -6.70
C ILE A 277 12.65 14.54 -6.91
N SER A 278 12.37 15.23 -5.81
CA SER A 278 11.54 16.42 -5.84
C SER A 278 12.11 17.55 -6.71
N ILE A 279 11.23 18.22 -7.45
CA ILE A 279 11.65 19.35 -8.28
C ILE A 279 12.01 20.54 -7.40
N ASN A 280 11.59 20.49 -6.13
CA ASN A 280 11.80 21.59 -5.21
C ASN A 280 13.17 21.54 -4.56
N LYS A 281 13.87 20.41 -4.74
CA LYS A 281 15.22 20.27 -4.22
C LYS A 281 16.20 20.24 -5.38
N ILE A 282 17.04 21.27 -5.46
CA ILE A 282 17.99 21.40 -6.57
C ILE A 282 19.16 20.44 -6.38
N PRO A 283 19.34 19.52 -7.35
CA PRO A 283 20.40 18.51 -7.32
C PRO A 283 21.79 19.14 -7.27
N THR A 284 22.67 18.64 -6.42
CA THR A 284 24.06 19.10 -6.40
C THR A 284 24.98 18.13 -7.14
N PHE A 285 26.12 18.63 -7.57
CA PHE A 285 27.14 17.85 -8.26
C PHE A 285 27.65 16.71 -7.37
N GLU A 286 27.71 16.94 -6.06
CA GLU A 286 28.13 15.89 -5.14
C GLU A 286 26.95 14.96 -4.76
N GLY A 287 27.21 13.66 -4.83
CA GLY A 287 26.22 12.65 -4.53
C GLY A 287 26.22 12.29 -3.05
N GLY A 288 25.68 11.12 -2.73
CA GLY A 288 25.70 10.60 -1.38
C GLY A 288 24.97 11.46 -0.36
N THR A 289 25.03 11.07 0.90
CA THR A 289 25.68 9.84 1.31
C THR A 289 24.62 8.76 1.44
N THR A 290 23.41 9.11 1.00
CA THR A 290 22.24 8.23 1.10
C THR A 290 22.42 6.96 0.27
N GLY A 291 23.28 7.04 -0.75
CA GLY A 291 23.55 5.88 -1.59
C GLY A 291 22.40 5.58 -2.54
N TRP A 292 22.70 4.92 -3.64
CA TRP A 292 21.68 4.61 -4.64
C TRP A 292 20.63 3.62 -4.12
N LEU A 293 19.40 3.76 -4.62
CA LEU A 293 18.30 2.94 -4.16
C LEU A 293 18.37 1.54 -4.77
N ALA A 294 17.72 0.59 -4.12
CA ALA A 294 17.65 -0.76 -4.66
C ALA A 294 16.29 -0.93 -5.32
N ARG A 295 16.28 -1.33 -6.58
CA ARG A 295 15.03 -1.58 -7.29
C ARG A 295 14.34 -2.80 -6.67
N PRO A 296 13.01 -2.88 -6.79
CA PRO A 296 12.31 -4.04 -6.23
C PRO A 296 12.50 -5.30 -7.07
N ASP A 297 12.65 -5.12 -8.38
CA ASP A 297 12.79 -6.24 -9.31
C ASP A 297 14.25 -6.51 -9.68
N MET A 298 15.03 -6.92 -8.68
CA MET A 298 16.42 -7.30 -8.91
C MET A 298 16.48 -8.55 -9.76
N PHE A 299 17.46 -8.65 -10.65
CA PHE A 299 17.52 -9.82 -11.53
C PHE A 299 18.96 -10.22 -11.89
N SER A 300 19.16 -11.50 -12.16
CA SER A 300 20.48 -11.96 -12.56
C SER A 300 20.49 -12.44 -14.01
N ARG A 301 21.64 -12.34 -14.63
CA ARG A 301 21.89 -12.91 -15.94
C ARG A 301 23.13 -13.81 -15.89
N TYR A 302 23.12 -14.86 -16.69
CA TYR A 302 24.15 -15.89 -16.60
C TYR A 302 24.71 -16.26 -17.97
N ASP A 303 24.56 -15.35 -18.92
CA ASP A 303 24.97 -15.62 -20.30
C ASP A 303 26.47 -15.89 -20.40
N PHE A 304 27.26 -15.22 -19.57
CA PHE A 304 28.71 -15.33 -19.68
C PHE A 304 29.33 -16.42 -18.81
N GLY A 305 28.49 -17.27 -18.22
CA GLY A 305 29.00 -18.33 -17.36
C GLY A 305 29.39 -17.80 -15.99
N ILE A 306 29.02 -16.55 -15.75
CA ILE A 306 29.18 -15.90 -14.44
C ILE A 306 27.87 -15.23 -14.09
N GLU A 307 27.66 -14.94 -12.81
CA GLU A 307 26.46 -14.21 -12.41
C GLU A 307 26.67 -12.70 -12.55
N ILE A 308 25.66 -12.02 -13.08
CA ILE A 308 25.61 -10.57 -13.11
C ILE A 308 24.33 -10.11 -12.42
N ARG A 309 24.46 -9.48 -11.25
CA ARG A 309 23.30 -9.06 -10.47
C ARG A 309 22.96 -7.61 -10.81
N ASN A 310 21.66 -7.36 -11.00
CA ASN A 310 21.16 -6.04 -11.38
C ASN A 310 20.14 -5.53 -10.37
N ARG A 311 20.48 -4.42 -9.73
CA ARG A 311 19.71 -3.84 -8.62
C ARG A 311 19.43 -2.33 -8.76
N ARG A 312 19.99 -1.69 -9.79
CA ARG A 312 19.96 -0.22 -9.83
C ARG A 312 19.15 0.34 -11.00
N LEU A 313 18.45 1.44 -10.72
CA LEU A 313 17.69 2.15 -11.75
C LEU A 313 18.12 3.61 -11.77
N CYS A 314 18.26 4.16 -12.98
CA CYS A 314 18.61 5.56 -13.12
C CYS A 314 17.38 6.45 -12.95
N HIS A 315 17.43 7.34 -11.96
CA HIS A 315 16.28 8.19 -11.65
C HIS A 315 16.44 9.60 -12.18
N GLN A 316 17.68 10.03 -12.37
CA GLN A 316 17.94 11.40 -12.84
C GLN A 316 19.15 11.43 -13.77
N VAL A 317 19.09 12.26 -14.80
CA VAL A 317 20.25 12.60 -15.62
C VAL A 317 20.45 14.11 -15.52
N LEU A 318 21.69 14.53 -15.25
CA LEU A 318 21.96 15.91 -14.83
C LEU A 318 23.08 16.55 -15.65
N GLY A 319 22.90 17.79 -16.06
CA GLY A 319 23.96 18.53 -16.76
C GLY A 319 24.62 19.57 -15.86
N PHE A 320 25.94 19.61 -15.87
CA PHE A 320 26.70 20.54 -15.04
C PHE A 320 27.77 21.28 -15.84
N HIS A 321 27.85 22.60 -15.65
CA HIS A 321 28.87 23.40 -16.31
C HIS A 321 29.74 24.11 -15.29
N ARG A 322 31.02 24.29 -15.63
CA ARG A 322 31.93 25.07 -14.81
C ARG A 322 31.90 26.51 -15.30
N LEU A 323 30.90 27.25 -14.84
CA LEU A 323 30.63 28.59 -15.33
C LEU A 323 31.77 29.56 -15.05
N GLU A 324 32.44 29.38 -13.92
CA GLU A 324 33.55 30.24 -13.57
C GLU A 324 34.70 30.00 -14.56
N ALA A 325 34.99 28.74 -14.82
CA ALA A 325 36.05 28.38 -15.76
C ALA A 325 35.72 28.83 -17.17
N LEU A 326 34.46 28.68 -17.55
CA LEU A 326 34.01 29.07 -18.88
C LEU A 326 33.98 30.59 -19.04
N ASN A 327 33.72 31.29 -17.94
CA ASN A 327 33.75 32.76 -17.96
C ASN A 327 35.14 33.28 -17.64
N ASP A 328 36.09 32.35 -17.54
CA ASP A 328 37.47 32.68 -17.21
C ASP A 328 37.57 33.48 -15.90
N ARG A 329 36.72 33.12 -14.93
CA ARG A 329 36.78 33.72 -13.59
C ARG A 329 37.57 32.82 -12.65
N ASP A 330 37.69 33.22 -11.38
CA ASP A 330 38.48 32.47 -10.43
C ASP A 330 37.88 31.09 -10.19
N VAL A 331 38.66 30.07 -10.54
CA VAL A 331 38.24 28.67 -10.52
C VAL A 331 38.37 28.08 -9.11
N THR A 332 39.09 28.79 -8.23
CA THR A 332 39.31 28.32 -6.86
C THR A 332 38.01 27.92 -6.16
N ASP A 333 37.95 26.66 -5.71
CA ASP A 333 36.79 26.11 -5.01
C ASP A 333 35.51 26.07 -5.86
N GLU A 334 35.65 26.10 -7.19
CA GLU A 334 34.47 26.12 -8.06
C GLU A 334 33.60 24.88 -7.89
N ILE A 335 32.30 25.11 -7.73
CA ILE A 335 31.32 24.03 -7.79
C ILE A 335 30.56 24.20 -9.10
N PRO A 336 30.56 23.14 -9.91
CA PRO A 336 29.83 23.18 -11.19
C PRO A 336 28.35 23.38 -10.94
N VAL A 337 27.67 24.16 -11.77
CA VAL A 337 26.25 24.40 -11.56
C VAL A 337 25.35 23.59 -12.49
N LEU A 338 24.20 23.18 -11.96
CA LEU A 338 23.23 22.41 -12.71
C LEU A 338 22.63 23.30 -13.80
N VAL A 339 22.56 22.76 -15.01
CA VAL A 339 21.93 23.49 -16.12
C VAL A 339 20.56 22.86 -16.41
N ASN A 340 20.54 21.66 -17.00
CA ASN A 340 19.29 20.96 -17.21
C ASN A 340 19.16 19.70 -16.37
N ARG A 341 17.94 19.39 -15.95
CA ARG A 341 17.68 18.23 -15.11
C ARG A 341 16.60 17.34 -15.75
N LEU A 342 16.92 16.07 -15.91
CA LEU A 342 15.95 15.12 -16.47
C LEU A 342 15.56 14.13 -15.40
N THR A 343 14.31 14.18 -14.97
CA THR A 343 13.82 13.24 -13.97
C THR A 343 13.13 12.06 -14.65
N LEU A 344 13.25 10.88 -14.05
CA LEU A 344 12.67 9.64 -14.58
C LEU A 344 11.77 8.96 -13.55
N ASP A 345 10.49 8.77 -13.91
CA ASP A 345 9.55 8.09 -13.04
C ASP A 345 9.33 6.66 -13.52
N TYR A 346 9.40 5.74 -12.57
CA TYR A 346 9.18 4.32 -12.80
C TYR A 346 7.94 3.85 -12.07
N ASP A 347 7.20 2.93 -12.69
CA ASP A 347 6.20 2.17 -11.97
C ASP A 347 6.94 1.01 -11.34
N LEU A 348 7.35 1.18 -10.09
CA LEU A 348 8.16 0.19 -9.40
C LEU A 348 7.34 -1.07 -9.13
N ASN A 349 7.90 -2.21 -9.48
CA ASN A 349 7.19 -3.48 -9.37
C ASN A 349 8.15 -4.65 -9.09
N ASN A 350 7.74 -5.55 -8.20
CA ASN A 350 8.58 -6.69 -7.82
C ASN A 350 8.88 -7.64 -8.98
N SER A 351 8.02 -7.65 -10.01
CA SER A 351 8.24 -8.47 -11.19
C SER A 351 9.00 -7.69 -12.26
N VAL A 352 8.39 -6.61 -12.74
CA VAL A 352 8.97 -5.79 -13.80
C VAL A 352 8.69 -4.31 -13.54
N SER A 353 9.74 -3.52 -13.36
CA SER A 353 9.60 -2.08 -13.18
C SER A 353 9.55 -1.39 -14.55
N THR A 354 8.62 -0.45 -14.72
CA THR A 354 8.45 0.22 -16.02
C THR A 354 8.70 1.72 -15.97
N LEU A 355 9.50 2.22 -16.92
CA LEU A 355 9.74 3.66 -17.04
C LEU A 355 8.48 4.35 -17.54
N VAL A 356 7.88 5.18 -16.70
CA VAL A 356 6.58 5.80 -17.05
C VAL A 356 6.61 7.30 -17.29
N ALA A 357 7.71 7.97 -16.94
CA ALA A 357 7.82 9.41 -17.24
C ALA A 357 9.25 9.90 -17.35
N VAL A 358 9.50 10.81 -18.29
CA VAL A 358 10.75 11.58 -18.28
C VAL A 358 10.38 13.07 -18.37
N ARG A 359 11.13 13.92 -17.67
CA ARG A 359 10.74 15.32 -17.58
C ARG A 359 11.90 16.28 -17.43
N GLN A 360 11.83 17.39 -18.15
CA GLN A 360 12.85 18.43 -18.05
C GLN A 360 12.44 19.41 -16.96
N VAL A 361 13.39 19.72 -16.09
CA VAL A 361 13.22 20.71 -15.03
C VAL A 361 14.51 21.52 -15.03
N ALA A 362 14.37 22.84 -14.85
CA ALA A 362 15.52 23.72 -14.75
C ALA A 362 15.24 24.77 -13.70
N TYR A 363 16.21 25.61 -13.39
CA TYR A 363 16.04 26.50 -12.24
C TYR A 363 16.35 27.97 -12.47
N GLU A 364 15.48 28.82 -11.92
CA GLU A 364 15.68 30.25 -11.90
C GLU A 364 16.72 30.60 -10.85
N THR A 365 17.26 31.81 -10.95
CA THR A 365 18.27 32.27 -10.01
C THR A 365 17.71 32.33 -8.58
N ASP A 366 16.39 32.51 -8.46
CA ASP A 366 15.75 32.58 -7.14
C ASP A 366 15.47 31.18 -6.58
N GLY A 367 15.80 30.17 -7.38
CA GLY A 367 15.68 28.78 -6.97
C GLY A 367 14.36 28.13 -7.32
N SER A 368 13.45 28.89 -7.93
CA SER A 368 12.16 28.34 -8.33
C SER A 368 12.30 27.38 -9.51
N PRO A 369 11.59 26.25 -9.44
CA PRO A 369 11.60 25.28 -10.54
C PRO A 369 10.76 25.74 -11.74
N ILE A 370 11.36 25.71 -12.92
CA ILE A 370 10.62 25.88 -14.16
C ILE A 370 10.60 24.54 -14.90
N THR A 371 9.42 24.10 -15.32
CA THR A 371 9.27 22.73 -15.80
C THR A 371 8.77 22.62 -17.23
N GLN A 372 9.15 21.53 -17.88
CA GLN A 372 8.58 21.16 -19.17
C GLN A 372 7.53 20.10 -18.91
N PRO A 373 6.59 19.92 -19.85
CA PRO A 373 5.59 18.86 -19.66
C PRO A 373 6.25 17.48 -19.72
N PRO A 374 5.86 16.58 -18.79
CA PRO A 374 6.51 15.27 -18.74
C PRO A 374 6.20 14.42 -19.96
N LEU A 375 7.18 13.64 -20.40
CA LEU A 375 6.94 12.69 -21.47
C LEU A 375 6.60 11.36 -20.79
N GLU A 376 5.35 10.94 -20.93
CA GLU A 376 4.82 9.76 -20.25
C GLU A 376 4.68 8.54 -21.16
N PHE A 377 4.87 7.37 -20.56
CA PHE A 377 4.73 6.09 -21.23
C PHE A 377 3.90 5.16 -20.36
N ASP A 378 3.13 4.27 -20.98
CA ASP A 378 2.59 3.14 -20.24
C ASP A 378 2.52 1.89 -21.08
N TYR A 379 2.25 0.77 -20.40
CA TYR A 379 2.54 -0.54 -20.96
C TYR A 379 1.33 -1.45 -20.78
N GLN A 380 1.25 -2.48 -21.63
CA GLN A 380 0.27 -3.53 -21.44
C GLN A 380 0.59 -4.20 -20.11
N ARG A 381 -0.42 -4.37 -19.26
CA ARG A 381 -0.19 -4.92 -17.93
C ARG A 381 -1.08 -6.11 -17.62
N PHE A 382 -0.55 -7.05 -16.84
CA PHE A 382 -1.35 -8.17 -16.40
C PHE A 382 -2.25 -7.69 -15.27
N ASP A 383 -3.55 -7.89 -15.44
CA ASP A 383 -4.54 -7.46 -14.45
C ASP A 383 -5.36 -8.64 -13.95
N THR A 384 -5.22 -8.95 -12.67
CA THR A 384 -5.91 -10.09 -12.08
C THR A 384 -7.42 -9.93 -12.13
N GLY A 385 -7.88 -8.69 -12.27
CA GLY A 385 -9.30 -8.41 -12.25
C GLY A 385 -9.90 -8.55 -13.63
N SER A 386 -9.05 -8.47 -14.64
CA SER A 386 -9.52 -8.60 -16.01
C SER A 386 -9.01 -9.93 -16.57
N ILE A 387 -8.93 -10.94 -15.71
CA ILE A 387 -8.66 -12.29 -16.18
C ILE A 387 -9.95 -12.84 -16.75
N PRO A 388 -9.92 -13.24 -18.03
CA PRO A 388 -11.09 -13.89 -18.64
C PRO A 388 -11.41 -15.14 -17.83
N GLY A 389 -12.70 -15.47 -17.70
CA GLY A 389 -13.09 -16.64 -16.94
C GLY A 389 -12.83 -17.91 -17.73
N TRP A 390 -13.44 -19.01 -17.30
CA TRP A 390 -13.36 -20.23 -18.08
C TRP A 390 -14.40 -20.15 -19.19
N GLN A 391 -14.09 -20.75 -20.33
CA GLN A 391 -15.09 -20.92 -21.38
C GLN A 391 -14.87 -22.30 -21.97
N GLU A 392 -15.90 -22.90 -22.53
CA GLU A 392 -15.77 -24.24 -23.07
C GLU A 392 -14.87 -24.23 -24.31
N MET A 393 -14.20 -25.35 -24.60
CA MET A 393 -13.29 -25.43 -25.75
C MET A 393 -13.86 -26.41 -26.77
N PRO A 394 -14.74 -25.91 -27.66
CA PRO A 394 -15.44 -26.74 -28.65
C PRO A 394 -14.48 -27.43 -29.62
N GLN A 395 -13.26 -26.92 -29.75
CA GLN A 395 -12.26 -27.50 -30.66
C GLN A 395 -11.86 -28.93 -30.26
N LEU A 396 -12.21 -29.33 -29.05
CA LEU A 396 -11.92 -30.68 -28.56
C LEU A 396 -13.19 -31.51 -28.45
N GLU A 397 -14.27 -31.01 -29.06
CA GLU A 397 -15.60 -31.64 -28.99
C GLU A 397 -15.55 -33.10 -29.44
N ALA A 398 -14.69 -33.38 -30.42
CA ALA A 398 -14.54 -34.72 -30.97
C ALA A 398 -13.95 -35.71 -29.99
N PHE A 399 -13.38 -35.22 -28.88
CA PHE A 399 -12.76 -36.10 -27.89
C PHE A 399 -13.75 -36.54 -26.82
N ASN A 400 -13.68 -37.81 -26.43
CA ASN A 400 -14.63 -38.41 -25.49
C ASN A 400 -14.63 -37.79 -24.11
N GLY A 401 -13.44 -37.64 -23.54
CA GLY A 401 -13.29 -37.07 -22.22
C GLY A 401 -12.36 -37.93 -21.39
N TYR A 402 -11.93 -39.04 -21.98
CA TYR A 402 -10.92 -39.90 -21.37
C TYR A 402 -9.72 -39.97 -22.30
N GLN A 403 -9.98 -39.68 -23.57
CA GLN A 403 -8.93 -39.67 -24.59
C GLN A 403 -7.85 -38.66 -24.21
N PRO A 404 -6.62 -39.15 -23.97
CA PRO A 404 -5.51 -38.25 -23.62
C PRO A 404 -5.01 -37.50 -24.84
N TYR A 405 -4.47 -36.30 -24.60
CA TYR A 405 -3.94 -35.47 -25.68
C TYR A 405 -2.91 -34.49 -25.10
N GLN A 406 -2.06 -33.96 -25.97
CA GLN A 406 -1.08 -32.96 -25.56
C GLN A 406 -1.15 -31.75 -26.48
N MET A 407 -1.29 -30.57 -25.89
CA MET A 407 -1.29 -29.33 -26.66
C MET A 407 0.16 -28.88 -26.86
N ILE A 408 0.73 -29.24 -28.01
CA ILE A 408 2.14 -28.94 -28.28
C ILE A 408 2.37 -28.42 -29.70
N ASP A 409 3.36 -27.55 -29.85
CA ASP A 409 3.73 -27.00 -31.15
C ASP A 409 4.63 -28.03 -31.82
N LEU A 410 4.02 -29.04 -32.43
CA LEU A 410 4.75 -30.17 -32.97
C LEU A 410 5.62 -29.80 -34.16
N TYR A 411 5.11 -28.92 -35.01
CA TYR A 411 5.81 -28.60 -36.26
C TYR A 411 6.70 -27.36 -36.14
N GLY A 412 6.49 -26.57 -35.09
CA GLY A 412 7.27 -25.34 -34.90
C GLY A 412 6.65 -24.17 -35.63
N GLU A 413 5.37 -23.94 -35.39
CA GLU A 413 4.63 -22.85 -36.03
C GLU A 413 4.40 -21.69 -35.07
N GLY A 414 4.84 -21.85 -33.82
CA GLY A 414 4.67 -20.82 -32.82
C GLY A 414 3.37 -20.96 -32.04
N THR A 415 2.48 -21.83 -32.52
CA THR A 415 1.21 -22.09 -31.87
C THR A 415 1.10 -23.60 -31.73
N PRO A 416 0.65 -24.08 -30.55
CA PRO A 416 0.52 -25.52 -30.33
C PRO A 416 -0.75 -26.08 -30.98
N GLY A 417 -0.64 -27.33 -31.43
CA GLY A 417 -1.77 -28.05 -31.97
C GLY A 417 -2.15 -29.22 -31.07
N ILE A 418 -2.86 -30.20 -31.62
CA ILE A 418 -3.31 -31.34 -30.82
C ILE A 418 -2.57 -32.62 -31.18
N LEU A 419 -1.87 -33.18 -30.20
CA LEU A 419 -1.13 -34.43 -30.36
C LEU A 419 -1.86 -35.54 -29.61
N TYR A 420 -2.22 -36.62 -30.29
CA TYR A 420 -2.94 -37.69 -29.61
C TYR A 420 -2.65 -39.09 -30.12
N GLN A 421 -3.12 -40.08 -29.35
CA GLN A 421 -2.96 -41.49 -29.68
C GLN A 421 -4.36 -42.03 -29.96
N GLU A 422 -4.58 -42.46 -31.20
CA GLU A 422 -5.91 -42.84 -31.68
C GLU A 422 -6.26 -44.33 -31.61
N THR A 423 -5.27 -45.22 -31.66
CA THR A 423 -5.57 -46.64 -31.80
C THR A 423 -5.57 -47.52 -30.53
N PRO A 424 -4.63 -47.34 -29.58
CA PRO A 424 -3.36 -46.61 -29.40
C PRO A 424 -2.19 -47.19 -30.19
N GLY A 425 -1.02 -46.59 -30.02
CA GLY A 425 0.20 -47.04 -30.68
C GLY A 425 0.53 -46.11 -31.82
N ALA A 426 -0.52 -45.50 -32.37
CA ALA A 426 -0.40 -44.59 -33.50
C ALA A 426 -0.55 -43.15 -33.04
N TRP A 427 0.44 -42.32 -33.37
CA TRP A 427 0.36 -40.91 -32.98
C TRP A 427 -0.06 -40.03 -34.15
N TRP A 428 -1.04 -39.17 -33.90
CA TRP A 428 -1.55 -38.25 -34.91
C TRP A 428 -1.52 -36.82 -34.38
N TYR A 429 -1.42 -35.87 -35.31
CA TYR A 429 -1.33 -34.46 -34.97
C TYR A 429 -2.26 -33.59 -35.80
N LYS A 430 -2.89 -32.65 -35.14
CA LYS A 430 -3.72 -31.64 -35.78
C LYS A 430 -3.09 -30.27 -35.62
N SER A 431 -2.64 -29.69 -36.72
CA SER A 431 -2.01 -28.36 -36.73
C SER A 431 -2.98 -27.25 -36.32
N PRO A 432 -2.47 -26.23 -35.64
CA PRO A 432 -3.29 -25.06 -35.33
C PRO A 432 -3.63 -24.34 -36.62
N GLN A 433 -4.85 -23.84 -36.74
CA GLN A 433 -5.27 -23.17 -37.96
C GLN A 433 -6.20 -22.02 -37.61
N ARG A 434 -6.30 -21.03 -38.49
CA ARG A 434 -7.22 -19.92 -38.28
C ARG A 434 -8.66 -20.43 -38.38
N GLN A 435 -9.40 -20.29 -37.28
CA GLN A 435 -10.81 -20.63 -37.27
C GLN A 435 -11.53 -19.69 -38.22
N ILE A 436 -12.53 -20.21 -38.92
CA ILE A 436 -13.21 -19.43 -39.95
C ILE A 436 -14.44 -18.74 -39.37
N GLY A 437 -14.60 -17.46 -39.66
CA GLY A 437 -15.78 -16.72 -39.25
C GLY A 437 -15.68 -16.09 -37.88
N GLY A 438 -14.92 -16.73 -36.99
CA GLY A 438 -14.81 -16.28 -35.62
C GLY A 438 -13.99 -15.02 -35.44
N ASP A 439 -13.55 -14.77 -34.20
CA ASP A 439 -12.65 -13.68 -33.89
C ASP A 439 -11.37 -13.81 -34.72
N SER A 440 -10.68 -12.70 -34.94
CA SER A 440 -9.51 -12.67 -35.81
C SER A 440 -8.38 -13.58 -35.34
N ASN A 441 -8.35 -13.87 -34.03
CA ASN A 441 -7.29 -14.70 -33.47
C ASN A 441 -7.81 -16.06 -33.00
N ALA A 442 -9.02 -16.41 -33.43
CA ALA A 442 -9.62 -17.69 -33.06
C ALA A 442 -8.89 -18.85 -33.72
N VAL A 443 -8.60 -19.88 -32.93
CA VAL A 443 -7.83 -21.02 -33.41
C VAL A 443 -8.61 -22.33 -33.40
N THR A 444 -8.68 -22.99 -34.55
CA THR A 444 -9.22 -24.35 -34.63
C THR A 444 -8.08 -25.28 -35.01
N TYR A 445 -8.40 -26.53 -35.28
CA TYR A 445 -7.34 -27.50 -35.57
C TYR A 445 -7.66 -28.33 -36.80
N GLY A 446 -6.70 -28.40 -37.72
CA GLY A 446 -6.91 -29.02 -39.02
C GLY A 446 -6.99 -30.53 -38.98
N ALA A 447 -7.12 -31.14 -40.15
CA ALA A 447 -7.24 -32.59 -40.27
C ALA A 447 -6.02 -33.32 -39.72
N MET A 448 -6.25 -34.53 -39.19
CA MET A 448 -5.18 -35.34 -38.60
C MET A 448 -4.08 -35.62 -39.61
N LYS A 449 -2.89 -35.94 -39.10
CA LYS A 449 -1.75 -36.30 -39.94
C LYS A 449 -0.88 -37.25 -39.14
N ALA A 450 -0.48 -38.35 -39.77
CA ALA A 450 0.26 -39.40 -39.08
C ALA A 450 1.67 -38.96 -38.73
N LEU A 451 2.04 -39.15 -37.47
CA LEU A 451 3.41 -38.93 -37.04
C LEU A 451 4.32 -39.92 -37.78
N PRO A 452 5.59 -39.54 -37.98
CA PRO A 452 6.55 -40.48 -38.57
C PRO A 452 6.71 -41.70 -37.66
N LYS A 453 7.31 -42.77 -38.15
CA LYS A 453 7.46 -43.97 -37.34
C LYS A 453 8.22 -43.62 -36.07
N ILE A 454 7.58 -43.74 -34.91
CA ILE A 454 8.25 -43.46 -33.65
C ILE A 454 9.15 -44.60 -33.23
N PRO A 455 10.47 -44.37 -33.18
CA PRO A 455 11.40 -45.38 -32.68
C PRO A 455 11.35 -45.33 -31.16
N ARG A 456 11.76 -46.37 -30.46
CA ARG A 456 11.87 -46.28 -29.00
C ARG A 456 12.80 -47.35 -28.46
N LEU A 457 13.93 -46.91 -27.90
CA LEU A 457 14.93 -47.82 -27.37
C LEU A 457 14.81 -47.86 -25.85
N GLU A 459 17.48 -45.57 -25.31
CA GLU A 459 17.90 -45.80 -23.93
C GLU A 459 16.88 -45.23 -22.94
N GLY A 460 15.63 -45.70 -23.03
CA GLY A 460 14.56 -45.19 -22.20
C GLY A 460 14.06 -43.83 -22.66
N ALA A 461 14.95 -43.12 -23.37
CA ALA A 461 14.64 -41.85 -24.00
C ALA A 461 15.46 -41.65 -25.27
N THR A 462 14.81 -41.37 -26.40
CA THR A 462 15.54 -41.30 -27.67
C THR A 462 15.18 -40.02 -28.40
N LEU A 463 15.97 -39.66 -29.40
CA LEU A 463 15.70 -38.47 -30.20
C LEU A 463 14.89 -38.82 -31.44
N MET A 464 14.25 -37.81 -32.04
CA MET A 464 13.40 -38.04 -33.20
C MET A 464 13.21 -36.76 -34.00
N ASP A 465 13.26 -36.88 -35.32
CA ASP A 465 13.00 -35.75 -36.19
C ASP A 465 11.59 -35.83 -36.78
N ILE A 466 10.79 -34.79 -36.53
CA ILE A 466 9.39 -34.75 -36.96
C ILE A 466 9.06 -33.83 -38.15
N ASN A 467 9.52 -32.58 -38.10
CA ASN A 467 9.16 -31.56 -39.10
C ASN A 467 9.34 -31.84 -40.60
N GLY A 468 10.47 -32.39 -41.05
CA GLY A 468 11.58 -32.83 -40.23
C GLY A 468 12.60 -31.76 -39.93
N ASP A 469 13.32 -31.34 -40.98
CA ASP A 469 14.43 -30.37 -40.96
C ASP A 469 15.75 -31.15 -41.03
N GLY A 470 15.72 -32.39 -40.56
CA GLY A 470 16.93 -33.18 -40.46
C GLY A 470 17.53 -32.97 -39.08
N ARG A 471 16.90 -32.09 -38.32
CA ARG A 471 17.26 -31.83 -36.94
C ARG A 471 16.42 -32.68 -35.99
N LEU A 472 17.09 -33.46 -35.16
CA LEU A 472 16.38 -34.22 -34.13
C LEU A 472 15.97 -33.21 -33.07
N ASP A 473 14.74 -32.70 -33.19
CA ASP A 473 14.24 -31.64 -32.33
C ASP A 473 13.42 -32.19 -31.17
N TRP A 474 13.30 -33.50 -31.09
CA TRP A 474 12.36 -34.10 -30.14
C TRP A 474 12.91 -35.26 -29.31
N VAL A 475 12.72 -35.16 -28.00
CA VAL A 475 13.15 -36.19 -27.06
C VAL A 475 11.93 -36.93 -26.56
N ILE A 476 11.85 -38.22 -26.88
CA ILE A 476 10.72 -39.05 -26.51
C ILE A 476 11.09 -40.00 -25.38
N THR A 477 10.22 -40.09 -24.39
CA THR A 477 10.44 -40.95 -23.24
C THR A 477 9.16 -41.75 -23.07
N SER A 478 9.15 -42.72 -22.18
CA SER A 478 7.92 -43.45 -21.91
C SER A 478 7.77 -43.61 -20.40
N ALA A 479 6.55 -43.43 -19.90
CA ALA A 479 6.27 -43.65 -18.49
C ALA A 479 6.49 -45.13 -18.20
N GLY A 480 6.75 -45.45 -16.94
CA GLY A 480 7.02 -46.83 -16.60
C GLY A 480 7.25 -47.04 -15.12
N VAL A 481 6.87 -48.22 -14.63
CA VAL A 481 6.17 -49.21 -15.43
C VAL A 481 5.04 -49.79 -14.59
N ARG A 482 5.18 -49.62 -13.27
CA ARG A 482 4.31 -50.17 -12.23
C ARG A 482 2.80 -50.01 -12.46
N GLY A 483 2.00 -50.92 -11.89
CA GLY A 483 2.49 -51.99 -11.03
C GLY A 483 2.44 -53.38 -11.65
N PHE A 484 1.38 -54.11 -11.34
CA PHE A 484 1.15 -55.43 -11.91
C PHE A 484 0.34 -55.28 -13.20
N HIS A 485 0.66 -54.24 -13.96
CA HIS A 485 -0.06 -53.95 -15.19
C HIS A 485 0.85 -54.15 -16.40
N SER A 486 0.42 -55.02 -17.31
CA SER A 486 1.12 -55.20 -18.58
C SER A 486 0.68 -54.09 -19.53
N ILE A 487 1.62 -53.57 -20.30
CA ILE A 487 1.34 -52.50 -21.26
C ILE A 487 2.51 -52.31 -22.22
N GLU A 492 1.20 -48.64 -26.10
CA GLU A 492 2.21 -47.96 -25.29
C GLU A 492 1.99 -46.44 -25.29
N TRP A 493 2.08 -45.83 -24.11
CA TRP A 493 1.87 -44.38 -24.00
C TRP A 493 3.16 -43.63 -23.65
N THR A 494 3.63 -42.82 -24.60
CA THR A 494 4.88 -42.08 -24.50
C THR A 494 4.72 -40.57 -24.22
N HIS A 495 5.86 -39.91 -24.00
CA HIS A 495 5.90 -38.48 -23.74
C HIS A 495 6.82 -37.85 -24.77
N PHE A 496 6.40 -36.69 -25.29
CA PHE A 496 7.15 -35.93 -26.28
C PHE A 496 7.65 -34.64 -25.64
N THR A 497 8.95 -34.38 -25.75
CA THR A 497 9.55 -33.25 -25.08
C THR A 497 10.50 -32.50 -26.00
N PRO A 498 10.21 -31.20 -26.25
CA PRO A 498 11.09 -30.38 -27.09
C PRO A 498 12.48 -30.29 -26.47
N LEU A 499 13.49 -30.52 -27.31
CA LEU A 499 14.88 -30.58 -26.88
C LEU A 499 15.38 -29.31 -26.18
N ASN A 500 14.73 -28.18 -26.48
CA ASN A 500 15.14 -26.90 -25.93
C ASN A 500 14.65 -26.66 -24.50
N THR A 501 13.87 -27.59 -23.97
CA THR A 501 13.43 -27.52 -22.59
C THR A 501 14.47 -28.17 -21.69
N LEU A 502 15.47 -28.77 -22.33
CA LEU A 502 16.55 -29.45 -21.63
C LEU A 502 17.83 -28.67 -21.73
N PRO A 503 18.70 -28.79 -20.72
CA PRO A 503 20.03 -28.19 -20.83
C PRO A 503 20.72 -28.72 -22.08
N THR A 504 21.56 -27.89 -22.69
CA THR A 504 22.18 -28.21 -23.97
C THR A 504 22.97 -29.52 -23.90
N GLU A 505 23.58 -29.74 -22.75
CA GLU A 505 24.49 -30.88 -22.56
C GLU A 505 23.77 -32.06 -21.89
N TYR A 506 22.49 -32.23 -22.21
CA TYR A 506 21.68 -33.26 -21.57
C TYR A 506 22.12 -34.71 -21.85
N PHE A 507 22.44 -35.02 -23.10
CA PHE A 507 22.78 -36.39 -23.47
C PHE A 507 24.26 -36.71 -23.27
N HIS A 508 25.05 -35.67 -23.00
CA HIS A 508 26.46 -35.85 -22.68
C HIS A 508 26.82 -34.94 -21.51
N PRO A 509 26.27 -35.26 -20.32
CA PRO A 509 26.35 -34.41 -19.14
C PRO A 509 27.74 -34.36 -18.55
N LYS A 510 28.15 -33.18 -18.09
CA LYS A 510 29.38 -33.00 -17.34
C LYS A 510 29.00 -32.31 -16.04
N ALA A 511 29.92 -32.30 -15.08
CA ALA A 511 29.72 -31.60 -13.81
C ALA A 511 28.39 -31.91 -13.10
N GLN A 512 27.79 -30.86 -12.57
CA GLN A 512 26.58 -30.98 -11.74
C GLN A 512 25.43 -31.66 -12.48
N LEU A 513 25.32 -31.46 -13.78
CA LEU A 513 24.25 -32.11 -14.53
C LEU A 513 24.47 -33.62 -14.53
N ALA A 514 25.73 -34.04 -14.64
CA ALA A 514 26.07 -35.46 -14.61
C ALA A 514 25.83 -36.02 -13.22
N ASP A 515 26.12 -35.20 -12.21
CA ASP A 515 25.85 -35.59 -10.82
C ASP A 515 24.35 -35.69 -10.55
N LEU A 516 23.56 -35.01 -11.37
CA LEU A 516 22.11 -34.94 -11.23
C LEU A 516 21.40 -36.09 -11.94
N VAL A 517 21.86 -36.39 -13.16
CA VAL A 517 21.20 -37.38 -14.00
C VAL A 517 21.68 -38.81 -13.77
N GLY A 518 22.96 -38.96 -13.43
CA GLY A 518 23.57 -40.26 -13.28
C GLY A 518 23.50 -41.03 -14.60
N ALA A 519 22.99 -42.26 -14.54
CA ALA A 519 22.89 -43.13 -15.72
C ALA A 519 22.01 -42.50 -16.81
N GLY A 520 21.08 -41.65 -16.38
CA GLY A 520 20.11 -41.04 -17.28
C GLY A 520 18.74 -41.03 -16.63
N LEU A 521 17.88 -40.13 -17.09
CA LEU A 521 16.56 -39.99 -16.48
C LEU A 521 15.56 -41.03 -17.04
N SER A 522 14.67 -41.50 -16.17
CA SER A 522 13.65 -42.45 -16.57
C SER A 522 12.62 -41.79 -17.45
N ASP A 523 12.16 -40.62 -17.04
CA ASP A 523 11.06 -39.98 -17.77
C ASP A 523 11.10 -38.46 -17.71
N LEU A 524 10.48 -37.82 -18.70
CA LEU A 524 10.41 -36.37 -18.80
C LEU A 524 8.96 -36.00 -19.12
N VAL A 525 8.37 -35.12 -18.31
CA VAL A 525 6.97 -34.74 -18.54
C VAL A 525 6.76 -33.23 -18.55
N LEU A 526 6.32 -32.70 -19.69
CA LEU A 526 6.05 -31.27 -19.80
C LEU A 526 4.96 -30.84 -18.81
N ILE A 527 5.28 -29.81 -18.03
CA ILE A 527 4.33 -29.23 -17.10
C ILE A 527 4.09 -27.76 -17.43
N GLY A 528 4.24 -27.43 -18.71
CA GLY A 528 4.11 -26.06 -19.20
C GLY A 528 4.85 -25.91 -20.53
N PRO A 529 4.70 -24.74 -21.18
CA PRO A 529 5.27 -24.48 -22.50
C PRO A 529 6.76 -24.78 -22.59
N LYS A 530 7.52 -24.39 -21.58
CA LYS A 530 8.95 -24.66 -21.55
C LYS A 530 9.43 -25.08 -20.16
N SER A 531 8.69 -26.01 -19.55
CA SER A 531 9.10 -26.55 -18.26
C SER A 531 8.87 -28.06 -18.27
N VAL A 532 9.86 -28.81 -17.79
CA VAL A 532 9.81 -30.26 -17.87
C VAL A 532 10.17 -30.90 -16.55
N ARG A 533 9.26 -31.74 -16.05
CA ARG A 533 9.46 -32.48 -14.82
C ARG A 533 10.35 -33.70 -15.08
N LEU A 534 11.22 -33.98 -14.11
CA LEU A 534 12.19 -35.05 -14.25
C LEU A 534 11.80 -36.30 -13.45
N TYR A 535 12.15 -37.47 -13.99
CA TYR A 535 11.95 -38.73 -13.28
C TYR A 535 13.20 -39.62 -13.42
N ALA A 536 13.73 -40.06 -12.28
CA ALA A 536 15.01 -40.77 -12.22
C ALA A 536 14.85 -42.28 -12.17
N ASN A 537 15.92 -42.99 -11.81
CA ASN A 537 15.92 -44.45 -11.88
C ASN A 537 15.23 -45.16 -10.72
N GLN A 538 15.25 -44.52 -9.54
CA GLN A 538 14.68 -45.14 -8.34
C GLN A 538 14.38 -44.12 -7.24
N ASN A 553 30.31 -29.06 -6.02
CA ASN A 553 30.28 -28.45 -4.70
C ASN A 553 29.05 -28.82 -3.88
N VAL A 554 28.11 -27.89 -3.80
CA VAL A 554 26.89 -28.06 -3.02
C VAL A 554 25.74 -27.46 -3.84
N SER A 555 24.51 -27.96 -3.73
CA SER A 555 24.10 -29.20 -3.06
C SER A 555 22.84 -29.66 -3.79
N LEU A 556 23.02 -30.36 -4.90
CA LEU A 556 21.92 -30.75 -5.77
C LEU A 556 20.86 -31.61 -5.08
N PRO A 557 19.59 -31.47 -5.52
CA PRO A 557 18.47 -32.24 -4.98
C PRO A 557 18.53 -33.69 -5.46
N VAL A 558 17.83 -34.58 -4.75
CA VAL A 558 17.79 -35.99 -5.14
C VAL A 558 16.47 -36.29 -5.83
N ILE A 559 16.53 -36.71 -7.09
CA ILE A 559 15.33 -37.01 -7.85
C ILE A 559 14.80 -38.41 -7.48
N GLY A 560 13.62 -38.45 -6.88
CA GLY A 560 12.98 -39.71 -6.53
C GLY A 560 12.97 -39.95 -5.02
N SER A 563 10.78 -38.55 -2.25
CA SER A 563 9.78 -37.93 -1.39
C SER A 563 8.53 -37.50 -2.16
N ARG A 564 7.79 -36.55 -1.60
CA ARG A 564 6.64 -35.94 -2.26
C ARG A 564 7.09 -34.62 -2.88
N GLN A 565 8.08 -34.73 -3.77
CA GLN A 565 8.78 -33.58 -4.31
C GLN A 565 8.67 -33.55 -5.82
N LEU A 566 9.00 -32.40 -6.39
CA LEU A 566 9.02 -32.20 -7.83
C LEU A 566 10.35 -31.59 -8.19
N VAL A 567 11.03 -32.20 -9.16
CA VAL A 567 12.24 -31.60 -9.69
C VAL A 567 11.99 -31.39 -11.18
N ALA A 568 12.38 -30.22 -11.68
CA ALA A 568 12.05 -29.85 -13.05
C ALA A 568 13.07 -28.89 -13.67
N PHE A 569 12.98 -28.73 -14.98
CA PHE A 569 13.72 -27.70 -15.70
C PHE A 569 12.76 -26.58 -16.09
N ALA A 570 13.05 -25.37 -15.64
CA ALA A 570 12.21 -24.21 -15.89
C ALA A 570 13.00 -22.92 -15.66
N ASP A 571 12.64 -21.88 -16.41
CA ASP A 571 13.26 -20.56 -16.21
C ASP A 571 12.60 -19.87 -15.01
N MET A 572 13.09 -20.16 -13.81
CA MET A 572 12.53 -19.57 -12.60
C MET A 572 13.20 -18.24 -12.31
N LEU A 573 14.22 -17.92 -13.11
CA LEU A 573 15.03 -16.74 -12.89
C LEU A 573 14.84 -15.67 -13.97
N GLY A 574 14.14 -16.04 -15.05
CA GLY A 574 13.85 -15.12 -16.14
C GLY A 574 15.08 -14.72 -16.94
N SER A 575 16.14 -15.52 -16.84
CA SER A 575 17.44 -15.15 -17.38
C SER A 575 17.69 -15.73 -18.78
N GLY A 576 16.86 -16.68 -19.20
CA GLY A 576 16.97 -17.23 -20.53
C GLY A 576 17.63 -18.60 -20.61
N GLN A 577 17.71 -19.29 -19.48
CA GLN A 577 18.24 -20.65 -19.45
C GLN A 577 17.31 -21.62 -18.73
N GLN A 578 17.45 -22.89 -19.04
CA GLN A 578 16.70 -23.92 -18.33
C GLN A 578 17.41 -24.25 -17.02
N HIS A 579 16.94 -23.64 -15.94
CA HIS A 579 17.54 -23.83 -14.62
C HIS A 579 16.95 -25.05 -13.94
N LEU A 580 17.53 -25.43 -12.80
CA LEU A 580 17.03 -26.58 -12.06
C LEU A 580 16.13 -26.11 -10.93
N VAL A 581 14.94 -26.69 -10.81
CA VAL A 581 14.03 -26.26 -9.76
C VAL A 581 13.47 -27.44 -8.95
N GLU A 582 13.45 -27.26 -7.63
CA GLU A 582 12.84 -28.23 -6.72
C GLU A 582 11.68 -27.57 -5.99
N ILE A 583 10.55 -28.27 -5.96
CA ILE A 583 9.36 -27.78 -5.28
C ILE A 583 8.84 -28.86 -4.34
N THR A 584 8.70 -28.48 -3.06
CA THR A 584 8.08 -29.34 -2.06
C THR A 584 6.85 -28.61 -1.54
N ALA A 585 6.28 -29.09 -0.45
CA ALA A 585 5.13 -28.44 0.15
C ALA A 585 5.50 -27.08 0.75
N ASP A 586 6.75 -26.92 1.17
CA ASP A 586 7.19 -25.70 1.85
C ASP A 586 8.40 -24.98 1.23
N SER A 587 8.97 -25.52 0.16
CA SER A 587 10.16 -24.90 -0.41
C SER A 587 10.18 -24.87 -1.94
N VAL A 588 10.81 -23.83 -2.49
CA VAL A 588 11.09 -23.72 -3.91
C VAL A 588 12.55 -23.30 -4.03
N LYS A 589 13.39 -24.22 -4.49
CA LYS A 589 14.81 -23.94 -4.66
C LYS A 589 15.19 -23.96 -6.14
N CYS A 590 16.09 -23.07 -6.53
CA CYS A 590 16.53 -23.03 -7.92
C CYS A 590 18.04 -22.97 -8.05
N TRP A 591 18.60 -23.91 -8.81
CA TRP A 591 20.02 -23.92 -9.12
C TRP A 591 20.20 -23.33 -10.50
N PRO A 592 21.02 -22.28 -10.59
CA PRO A 592 21.30 -21.54 -11.83
C PRO A 592 22.13 -22.36 -12.81
N ASN A 593 21.57 -22.60 -14.00
CA ASN A 593 22.31 -23.20 -15.10
C ASN A 593 23.43 -22.22 -15.49
N MET A 594 24.67 -22.59 -15.19
CA MET A 594 25.82 -21.73 -15.48
C MET A 594 26.48 -22.15 -16.78
N GLY A 595 25.89 -23.14 -17.45
CA GLY A 595 26.41 -23.62 -18.72
C GLY A 595 27.39 -24.77 -18.54
N HIS A 596 27.57 -25.54 -19.61
CA HIS A 596 28.55 -26.63 -19.64
C HIS A 596 28.38 -27.66 -18.53
N GLY A 597 27.15 -27.84 -18.07
CA GLY A 597 26.85 -28.84 -17.06
C GLY A 597 26.93 -28.26 -15.67
N ARG A 598 27.52 -27.08 -15.57
CA ARG A 598 27.72 -26.44 -14.28
C ARG A 598 26.43 -25.82 -13.78
N PHE A 599 26.13 -26.09 -12.51
CA PHE A 599 25.01 -25.43 -11.84
C PHE A 599 25.52 -24.78 -10.56
N GLY A 600 24.90 -23.67 -10.18
CA GLY A 600 25.38 -22.87 -9.07
C GLY A 600 24.68 -23.16 -7.77
N GLN A 601 24.98 -22.35 -6.76
CA GLN A 601 24.35 -22.48 -5.45
C GLN A 601 22.84 -22.21 -5.48
N PRO A 602 22.09 -22.95 -4.67
CA PRO A 602 20.61 -22.88 -4.64
C PRO A 602 20.08 -21.53 -4.18
N LEU A 603 19.01 -21.08 -4.83
CA LEU A 603 18.31 -19.86 -4.47
C LEU A 603 16.96 -20.27 -3.87
N THR A 604 16.53 -19.57 -2.83
CA THR A 604 15.22 -19.85 -2.27
C THR A 604 14.24 -18.84 -2.82
N LEU A 605 13.05 -19.33 -3.17
CA LEU A 605 11.98 -18.46 -3.63
C LEU A 605 10.79 -18.66 -2.69
N GLU A 606 10.68 -17.77 -1.70
CA GLU A 606 9.62 -17.87 -0.71
C GLU A 606 8.31 -17.49 -1.35
N GLY A 607 7.21 -17.83 -0.68
CA GLY A 607 5.90 -17.45 -1.18
C GLY A 607 5.00 -18.64 -1.48
N PHE A 608 5.59 -19.80 -1.68
CA PHE A 608 4.80 -21.00 -1.99
C PHE A 608 4.69 -21.97 -0.84
N SER A 609 3.46 -22.33 -0.49
CA SER A 609 3.21 -23.29 0.58
C SER A 609 1.92 -24.10 0.36
N GLN A 610 1.99 -25.38 0.71
CA GLN A 610 0.83 -26.25 0.66
C GLN A 610 0.94 -27.21 1.85
N PRO A 611 -0.21 -27.57 2.45
CA PRO A 611 -0.19 -28.51 3.57
C PRO A 611 0.44 -29.84 3.16
N GLN A 612 1.31 -30.40 4.00
CA GLN A 612 1.99 -31.64 3.66
C GLN A 612 1.03 -32.83 3.53
N THR A 613 -0.22 -32.65 3.95
CA THR A 613 -1.21 -33.71 3.91
C THR A 613 -1.96 -33.73 2.57
N SER A 614 -1.92 -32.61 1.85
CA SER A 614 -2.66 -32.49 0.59
C SER A 614 -1.77 -32.15 -0.61
N PHE A 615 -0.49 -31.86 -0.36
CA PHE A 615 0.41 -31.43 -1.44
C PHE A 615 0.75 -32.55 -2.42
N ASN A 616 0.44 -32.33 -3.69
CA ASN A 616 0.69 -33.31 -4.74
C ASN A 616 1.44 -32.69 -5.92
N PRO A 617 2.72 -33.10 -6.07
CA PRO A 617 3.62 -32.62 -7.13
C PRO A 617 2.99 -32.70 -8.52
N ASP A 618 2.16 -33.72 -8.74
CA ASP A 618 1.47 -33.93 -10.01
C ASP A 618 0.61 -32.73 -10.39
N ARG A 619 0.17 -31.99 -9.37
CA ARG A 619 -0.76 -30.88 -9.57
C ARG A 619 -0.05 -29.53 -9.67
N VAL A 620 1.26 -29.59 -9.94
CA VAL A 620 2.06 -28.38 -10.08
C VAL A 620 2.41 -28.13 -11.55
N PHE A 621 2.10 -26.93 -12.03
CA PHE A 621 2.40 -26.54 -13.40
C PHE A 621 3.32 -25.33 -13.41
N LEU A 622 4.29 -25.32 -14.31
CA LEU A 622 5.28 -24.23 -14.36
C LEU A 622 5.22 -23.50 -15.68
N ALA A 623 4.76 -22.25 -15.64
CA ALA A 623 4.59 -21.49 -16.86
C ALA A 623 4.64 -20.00 -16.60
N ASP A 624 5.10 -19.24 -17.59
CA ASP A 624 5.08 -17.79 -17.50
C ASP A 624 3.68 -17.27 -17.81
N ILE A 625 2.96 -16.92 -16.75
CA ILE A 625 1.57 -16.47 -16.87
C ILE A 625 1.46 -14.98 -17.22
N ASP A 626 2.30 -14.15 -16.61
CA ASP A 626 2.18 -12.70 -16.75
C ASP A 626 3.15 -12.11 -17.77
N GLY A 627 3.82 -12.99 -18.53
CA GLY A 627 4.79 -12.57 -19.52
C GLY A 627 6.00 -11.85 -18.96
N SER A 628 6.30 -12.08 -17.68
CA SER A 628 7.43 -11.40 -17.04
C SER A 628 8.77 -11.97 -17.49
N GLY A 629 8.76 -13.22 -17.96
CA GLY A 629 9.96 -13.92 -18.31
C GLY A 629 10.25 -15.06 -17.35
N THR A 630 9.65 -14.97 -16.16
CA THR A 630 9.83 -16.00 -15.13
C THR A 630 8.73 -17.05 -15.23
N ASN A 631 9.04 -18.29 -14.85
CA ASN A 631 7.99 -19.29 -14.76
C ASN A 631 7.26 -19.18 -13.44
N ASP A 632 5.94 -19.14 -13.51
CA ASP A 632 5.11 -19.00 -12.31
C ASP A 632 4.67 -20.38 -11.86
N ILE A 633 4.06 -20.45 -10.68
CA ILE A 633 3.53 -21.73 -10.19
C ILE A 633 2.01 -21.77 -10.28
N ILE A 634 1.47 -22.83 -10.86
CA ILE A 634 0.03 -23.02 -10.85
C ILE A 634 -0.27 -24.35 -10.15
N TYR A 635 -0.95 -24.28 -9.00
CA TYR A 635 -1.30 -25.49 -8.27
C TYR A 635 -2.81 -25.74 -8.35
N ALA A 636 -3.18 -26.96 -8.70
CA ALA A 636 -4.59 -27.29 -8.91
C ALA A 636 -5.20 -27.96 -7.70
N HIS A 637 -6.26 -27.37 -7.16
CA HIS A 637 -7.06 -28.02 -6.13
C HIS A 637 -8.30 -28.59 -6.80
N SER A 638 -9.20 -29.16 -6.01
CA SER A 638 -10.40 -29.79 -6.55
C SER A 638 -11.36 -28.72 -7.08
N GLU A 639 -11.31 -27.53 -6.49
CA GLU A 639 -12.23 -26.46 -6.85
C GLU A 639 -11.50 -25.16 -7.16
N CYS A 640 -10.19 -25.14 -6.97
CA CYS A 640 -9.43 -23.92 -7.13
C CYS A 640 -8.09 -24.18 -7.82
N LEU A 641 -7.61 -23.19 -8.55
CA LEU A 641 -6.25 -23.17 -9.05
C LEU A 641 -5.61 -21.96 -8.41
N GLU A 642 -4.50 -22.17 -7.71
CA GLU A 642 -3.78 -21.03 -7.16
C GLU A 642 -2.61 -20.70 -8.08
N ILE A 643 -2.45 -19.42 -8.38
CA ILE A 643 -1.36 -19.00 -9.24
C ILE A 643 -0.43 -18.06 -8.49
N TYR A 644 0.81 -18.52 -8.33
CA TYR A 644 1.84 -17.79 -7.63
C TYR A 644 2.76 -17.18 -8.68
N LEU A 645 2.67 -15.86 -8.83
CA LEU A 645 3.50 -15.15 -9.80
C LEU A 645 4.93 -15.03 -9.29
N ASN A 646 5.88 -15.39 -10.16
CA ASN A 646 7.29 -15.36 -9.82
C ASN A 646 7.80 -13.92 -9.91
N GLU A 647 8.16 -13.35 -8.75
CA GLU A 647 8.64 -11.97 -8.70
C GLU A 647 10.12 -11.88 -9.02
N SER A 648 10.41 -11.77 -10.32
CA SER A 648 11.77 -11.54 -10.80
C SER A 648 12.77 -12.56 -10.24
N GLY A 649 12.28 -13.77 -9.95
CA GLY A 649 13.12 -14.85 -9.47
C GLY A 649 13.50 -14.75 -8.01
N ASN A 650 12.79 -13.89 -7.28
CA ASN A 650 13.15 -13.62 -5.88
C ASN A 650 12.20 -14.26 -4.86
N ARG A 651 10.91 -14.23 -5.18
CA ARG A 651 9.88 -14.79 -4.31
C ARG A 651 8.59 -14.88 -5.11
N PHE A 652 7.54 -15.37 -4.48
CA PHE A 652 6.25 -15.43 -5.14
C PHE A 652 5.26 -14.44 -4.54
N SER A 653 4.37 -13.94 -5.37
CA SER A 653 3.30 -13.06 -4.92
C SER A 653 2.34 -13.84 -4.07
N LYS A 654 1.40 -13.15 -3.44
CA LYS A 654 0.29 -13.83 -2.79
C LYS A 654 -0.55 -14.43 -3.90
N PRO A 655 -1.07 -15.64 -3.70
CA PRO A 655 -1.69 -16.39 -4.80
C PRO A 655 -2.96 -15.77 -5.39
N ILE A 656 -3.07 -15.83 -6.72
CA ILE A 656 -4.31 -15.52 -7.42
C ILE A 656 -5.21 -16.75 -7.37
N SER A 657 -6.45 -16.59 -6.92
CA SER A 657 -7.38 -17.72 -6.83
C SER A 657 -8.28 -17.80 -8.05
N LEU A 658 -8.12 -18.87 -8.82
CA LEU A 658 -8.92 -19.12 -10.00
C LEU A 658 -9.92 -20.21 -9.68
N LEU A 659 -11.19 -19.84 -9.57
CA LEU A 659 -12.24 -20.81 -9.28
C LEU A 659 -12.56 -21.61 -10.53
N LEU A 660 -12.75 -22.92 -10.37
CA LEU A 660 -13.15 -23.76 -11.49
C LEU A 660 -14.58 -23.41 -11.85
N PRO A 661 -15.02 -23.81 -13.05
CA PRO A 661 -16.43 -23.55 -13.43
C PRO A 661 -17.38 -24.31 -12.51
N ASP A 662 -18.55 -23.73 -12.25
CA ASP A 662 -19.48 -24.28 -11.26
C ASP A 662 -19.93 -25.70 -11.61
N GLY A 663 -19.51 -26.65 -10.76
CA GLY A 663 -19.85 -28.04 -10.93
C GLY A 663 -18.61 -28.90 -11.06
N VAL A 664 -17.52 -28.29 -11.50
CA VAL A 664 -16.29 -29.03 -11.73
C VAL A 664 -15.50 -29.27 -10.45
N ASN A 665 -15.20 -30.52 -10.18
CA ASN A 665 -14.33 -30.89 -9.08
C ASN A 665 -13.14 -31.64 -9.66
N PHE A 666 -11.96 -31.02 -9.62
CA PHE A 666 -10.77 -31.57 -10.25
C PHE A 666 -10.18 -32.75 -9.46
N ASP A 667 -9.97 -33.86 -10.15
CA ASP A 667 -9.43 -35.07 -9.52
C ASP A 667 -8.37 -35.71 -10.40
N ASN A 668 -8.04 -36.97 -10.12
CA ASN A 668 -6.97 -37.65 -10.86
C ASN A 668 -7.41 -38.24 -12.21
N THR A 669 -8.71 -38.24 -12.46
CA THR A 669 -9.23 -38.71 -13.75
C THR A 669 -9.35 -37.53 -14.70
N CYS A 670 -9.28 -36.32 -14.16
CA CYS A 670 -9.38 -35.12 -14.97
C CYS A 670 -8.06 -34.77 -15.61
N GLN A 671 -8.11 -34.00 -16.70
CA GLN A 671 -6.91 -33.62 -17.41
C GLN A 671 -6.74 -32.10 -17.37
N LEU A 672 -5.51 -31.65 -17.13
CA LEU A 672 -5.21 -30.23 -17.10
C LEU A 672 -3.80 -29.98 -17.61
N GLN A 673 -3.64 -28.94 -18.43
CA GLN A 673 -2.32 -28.54 -18.89
C GLN A 673 -2.17 -27.04 -19.13
N ALA A 674 -0.97 -26.52 -18.90
CA ALA A 674 -0.65 -25.12 -19.14
C ALA A 674 0.05 -24.99 -20.49
N ALA A 675 -0.64 -24.38 -21.45
CA ALA A 675 -0.10 -24.27 -22.80
C ALA A 675 -0.43 -22.92 -23.46
N ASP A 676 0.52 -22.41 -24.23
CA ASP A 676 0.33 -21.14 -24.93
C ASP A 676 -0.52 -21.36 -26.17
N ILE A 677 -1.78 -21.74 -25.95
CA ILE A 677 -2.68 -22.10 -27.03
C ILE A 677 -3.13 -20.90 -27.87
N GLN A 678 -2.74 -19.70 -27.44
CA GLN A 678 -3.04 -18.47 -28.17
C GLN A 678 -1.84 -18.03 -29.03
N GLY A 679 -0.68 -18.62 -28.77
CA GLY A 679 0.53 -18.26 -29.48
C GLY A 679 1.05 -16.91 -29.06
N LEU A 680 0.96 -16.60 -27.77
CA LEU A 680 1.29 -15.28 -27.25
C LEU A 680 2.51 -15.28 -26.33
N GLY A 681 3.14 -16.44 -26.17
CA GLY A 681 4.28 -16.53 -25.28
C GLY A 681 3.86 -16.55 -23.82
N ILE A 682 2.55 -16.73 -23.58
CA ILE A 682 2.02 -16.87 -22.22
C ILE A 682 1.06 -18.05 -22.14
N ALA A 683 1.11 -18.77 -21.03
CA ALA A 683 0.32 -19.99 -20.87
C ALA A 683 -1.12 -19.76 -20.49
N SER A 684 -2.01 -20.43 -21.22
CA SER A 684 -3.40 -20.57 -20.83
C SER A 684 -3.59 -21.95 -20.22
N LEU A 685 -4.82 -22.28 -19.86
CA LEU A 685 -5.11 -23.55 -19.21
C LEU A 685 -6.16 -24.35 -19.98
N VAL A 686 -5.82 -25.59 -20.30
CA VAL A 686 -6.76 -26.50 -20.96
C VAL A 686 -7.11 -27.62 -20.01
N MET A 687 -8.38 -27.71 -19.64
CA MET A 687 -8.84 -28.69 -18.67
C MET A 687 -9.90 -29.60 -19.27
N THR A 688 -9.78 -30.91 -19.06
CA THR A 688 -10.78 -31.84 -19.53
C THR A 688 -11.32 -32.64 -18.35
N VAL A 689 -12.61 -32.49 -18.08
CA VAL A 689 -13.23 -33.16 -16.94
C VAL A 689 -14.35 -34.10 -17.37
N PRO A 690 -14.10 -35.42 -17.29
CA PRO A 690 -15.14 -36.39 -17.63
C PRO A 690 -16.25 -36.32 -16.61
N HIS A 691 -17.40 -36.93 -16.89
CA HIS A 691 -18.55 -36.89 -16.00
C HIS A 691 -18.94 -35.44 -15.63
N MET A 692 -18.85 -34.57 -16.64
CA MET A 692 -19.19 -33.16 -16.53
C MET A 692 -19.36 -32.67 -17.96
N SER A 693 -20.51 -32.10 -18.27
CA SER A 693 -20.72 -31.53 -19.60
C SER A 693 -20.95 -30.03 -19.58
N PRO A 694 -20.20 -29.29 -20.42
CA PRO A 694 -19.22 -29.85 -21.36
C PRO A 694 -17.94 -30.37 -20.70
N THR A 695 -17.19 -31.19 -21.42
CA THR A 695 -16.00 -31.85 -20.86
C THR A 695 -14.72 -31.05 -21.08
N HIS A 696 -14.71 -30.17 -22.07
CA HIS A 696 -13.49 -29.44 -22.42
C HIS A 696 -13.58 -27.94 -22.09
N TRP A 697 -12.53 -27.43 -21.43
CA TRP A 697 -12.52 -26.07 -20.91
C TRP A 697 -11.20 -25.33 -21.13
N ARG A 698 -11.30 -24.00 -21.27
CA ARG A 698 -10.17 -23.10 -21.41
C ARG A 698 -10.21 -22.02 -20.35
N CYS A 699 -9.04 -21.58 -19.94
CA CYS A 699 -8.90 -20.33 -19.23
C CYS A 699 -7.70 -19.59 -19.81
N ASP A 700 -7.98 -18.53 -20.55
CA ASP A 700 -6.93 -17.63 -21.01
C ASP A 700 -6.80 -16.52 -19.99
N LEU A 701 -5.62 -16.36 -19.42
CA LEU A 701 -5.44 -15.40 -18.33
C LEU A 701 -5.12 -13.98 -18.82
N ALA A 702 -4.71 -13.88 -20.08
CA ALA A 702 -4.47 -12.59 -20.73
C ALA A 702 -4.65 -12.71 -22.23
N LEU A 703 -5.02 -11.61 -22.88
CA LEU A 703 -5.21 -11.59 -24.33
C LEU A 703 -4.06 -10.85 -25.02
N ASN A 704 -3.20 -10.24 -24.22
CA ASN A 704 -2.07 -9.47 -24.73
C ASN A 704 -0.82 -9.73 -23.90
N LYS A 705 0.35 -9.65 -24.55
CA LYS A 705 1.63 -9.86 -23.88
C LYS A 705 1.99 -8.63 -23.03
N PRO A 706 2.05 -8.79 -21.70
CA PRO A 706 2.30 -7.66 -20.80
C PRO A 706 3.74 -7.15 -20.85
N TRP A 707 3.98 -5.98 -20.26
CA TRP A 707 5.29 -5.33 -20.17
C TRP A 707 5.75 -4.73 -21.50
N LEU A 708 4.84 -4.65 -22.47
CA LEU A 708 5.16 -4.01 -23.73
C LEU A 708 4.60 -2.59 -23.75
N LEU A 709 5.45 -1.66 -24.17
CA LEU A 709 5.05 -0.25 -24.32
C LEU A 709 3.90 -0.12 -25.30
N ASN A 710 2.82 0.49 -24.84
CA ASN A 710 1.63 0.60 -25.67
C ASN A 710 1.01 1.99 -25.70
N VAL A 711 1.45 2.88 -24.81
CA VAL A 711 0.99 4.27 -24.88
C VAL A 711 2.11 5.28 -24.64
N MET A 712 2.11 6.35 -25.44
CA MET A 712 3.00 7.50 -25.23
C MET A 712 2.14 8.75 -25.21
N ASN A 713 2.47 9.68 -24.34
CA ASN A 713 1.76 10.97 -24.31
C ASN A 713 2.72 12.05 -23.84
N ASN A 714 2.82 13.15 -24.58
CA ASN A 714 3.77 14.20 -24.26
C ASN A 714 3.16 15.36 -23.49
N ASN A 715 1.88 15.19 -23.13
CA ASN A 715 1.14 16.21 -22.41
C ASN A 715 1.12 17.57 -23.10
N ARG A 716 1.31 17.55 -24.41
CA ARG A 716 1.24 18.75 -25.23
C ARG A 716 0.13 18.57 -26.25
N GLY A 717 -0.55 17.42 -26.21
CA GLY A 717 -1.66 17.18 -27.12
C GLY A 717 -1.49 16.01 -28.05
N ALA A 718 -0.38 15.29 -27.91
CA ALA A 718 -0.11 14.15 -28.78
C ALA A 718 -0.05 12.85 -27.98
N GLU A 719 -0.85 11.88 -28.41
CA GLU A 719 -0.81 10.57 -27.79
C GLU A 719 -0.71 9.49 -28.85
N THR A 720 0.22 8.55 -28.69
CA THR A 720 0.30 7.42 -29.59
C THR A 720 -0.03 6.13 -28.85
N CYS A 721 -1.01 5.38 -29.35
CA CYS A 721 -1.35 4.09 -28.75
C CYS A 721 -0.82 2.97 -29.63
N LEU A 722 -0.20 1.98 -29.00
CA LEU A 722 0.38 0.88 -29.77
C LEU A 722 -0.41 -0.41 -29.60
N PHE A 723 -0.29 -1.29 -30.60
CA PHE A 723 -0.99 -2.56 -30.58
C PHE A 723 -0.09 -3.65 -31.15
N TYR A 724 0.03 -4.75 -30.41
CA TYR A 724 0.88 -5.85 -30.80
C TYR A 724 0.03 -7.01 -31.29
N ARG A 725 0.61 -7.83 -32.16
CA ARG A 725 -0.02 -9.07 -32.57
C ARG A 725 1.09 -10.09 -32.73
N SER A 726 0.83 -11.31 -32.27
CA SER A 726 1.84 -12.34 -32.28
C SER A 726 2.20 -12.78 -33.69
N SER A 727 3.46 -13.14 -33.90
CA SER A 727 3.93 -13.66 -35.17
C SER A 727 3.22 -14.98 -35.48
N ALA A 728 2.73 -15.62 -34.43
CA ALA A 728 2.00 -16.88 -34.54
C ALA A 728 0.61 -16.72 -35.16
N GLN A 729 -0.12 -15.69 -34.73
CA GLN A 729 -1.43 -15.39 -35.30
C GLN A 729 -1.28 -15.00 -36.77
N PHE A 730 -0.31 -14.13 -37.01
CA PHE A 730 0.04 -13.70 -38.35
C PHE A 730 0.35 -14.94 -39.19
N TRP A 731 1.07 -15.88 -38.60
CA TRP A 731 1.37 -17.12 -39.32
C TRP A 731 0.11 -17.92 -39.64
N LEU A 732 -0.84 -18.00 -38.71
CA LEU A 732 -2.07 -18.72 -39.02
C LEU A 732 -2.81 -18.08 -40.20
N ASP A 733 -2.89 -16.74 -40.20
CA ASP A 733 -3.54 -16.04 -41.32
C ASP A 733 -2.82 -16.33 -42.66
N GLU A 734 -1.50 -16.21 -42.62
CA GLU A 734 -0.66 -16.43 -43.78
C GLU A 734 -0.83 -17.85 -44.32
N LYS A 735 -0.87 -18.82 -43.40
CA LYS A 735 -1.03 -20.22 -43.75
C LYS A 735 -2.39 -20.49 -44.37
N GLN A 736 -3.42 -19.82 -43.86
CA GLN A 736 -4.75 -19.94 -44.44
C GLN A 736 -4.72 -19.47 -45.89
N LEU A 737 -4.15 -18.29 -46.11
CA LEU A 737 -4.07 -17.75 -47.46
C LEU A 737 -3.24 -18.64 -48.41
N VAL A 738 -2.13 -19.17 -47.91
CA VAL A 738 -1.25 -20.06 -48.68
C VAL A 738 -1.93 -21.36 -49.06
N GLU A 739 -2.64 -21.96 -48.11
CA GLU A 739 -3.37 -23.20 -48.35
C GLU A 739 -4.53 -22.97 -49.31
N ALA A 740 -5.13 -21.79 -49.25
CA ALA A 740 -6.22 -21.46 -50.17
C ALA A 740 -5.69 -21.20 -51.57
N ALA A 741 -4.39 -20.94 -51.67
CA ALA A 741 -3.75 -20.64 -52.95
C ALA A 741 -3.09 -21.87 -53.56
N GLY A 742 -3.44 -23.06 -53.06
CA GLY A 742 -2.94 -24.30 -53.61
C GLY A 742 -1.49 -24.61 -53.26
N GLN A 743 -0.78 -23.63 -52.71
CA GLN A 743 0.63 -23.78 -52.35
C GLN A 743 0.77 -24.48 -51.00
N GLN A 744 2.00 -24.87 -50.68
CA GLN A 744 2.29 -25.57 -49.42
C GLN A 744 2.89 -24.63 -48.38
N PRO A 745 2.30 -24.60 -47.18
CA PRO A 745 2.80 -23.70 -46.13
C PRO A 745 4.11 -24.21 -45.54
N GLU A 746 5.09 -23.33 -45.41
CA GLU A 746 6.36 -23.69 -44.77
C GLU A 746 6.75 -22.61 -43.75
N CYS A 747 6.59 -22.93 -42.47
CA CYS A 747 6.91 -21.97 -41.43
C CYS A 747 8.38 -22.01 -41.05
N HIS A 748 9.00 -20.85 -40.93
CA HIS A 748 10.41 -20.76 -40.57
C HIS A 748 10.59 -19.94 -39.29
N LEU A 749 9.48 -19.74 -38.58
CA LEU A 749 9.49 -19.04 -37.29
C LEU A 749 8.80 -19.89 -36.23
N PRO A 750 9.60 -20.60 -35.42
CA PRO A 750 9.12 -21.69 -34.55
C PRO A 750 8.54 -21.23 -33.23
N PHE A 751 8.67 -19.93 -32.92
CA PHE A 751 8.18 -19.40 -31.66
C PHE A 751 7.52 -18.03 -31.85
N PRO A 752 6.64 -17.64 -30.91
CA PRO A 752 5.89 -16.37 -31.01
C PRO A 752 6.77 -15.15 -30.81
N MET A 753 6.70 -14.19 -31.73
CA MET A 753 7.31 -12.89 -31.52
C MET A 753 6.22 -11.84 -31.54
N HIS A 754 6.38 -10.80 -30.72
CA HIS A 754 5.37 -9.77 -30.64
C HIS A 754 5.71 -8.62 -31.56
N LEU A 755 4.85 -8.41 -32.56
CA LEU A 755 5.18 -7.50 -33.64
C LEU A 755 4.37 -6.21 -33.55
N HIS A 756 5.00 -5.11 -33.94
CA HIS A 756 4.27 -3.86 -34.06
C HIS A 756 3.17 -4.07 -35.09
N TRP A 757 1.94 -4.13 -34.60
CA TRP A 757 0.79 -4.41 -35.46
C TRP A 757 0.06 -3.13 -35.84
N ARG A 758 -0.12 -2.24 -34.86
CA ARG A 758 -0.87 -1.02 -35.14
C ARG A 758 -0.41 0.18 -34.30
N SER A 759 -0.37 1.35 -34.92
CA SER A 759 -0.11 2.60 -34.23
C SER A 759 -1.29 3.52 -34.44
N GLU A 760 -1.84 4.05 -33.36
CA GLU A 760 -2.86 5.07 -33.48
C GLU A 760 -2.34 6.40 -32.95
N ILE A 761 -2.06 7.30 -33.89
CA ILE A 761 -1.52 8.60 -33.57
C ILE A 761 -2.70 9.55 -33.42
N PHE A 762 -2.87 10.03 -32.20
CA PHE A 762 -4.05 10.79 -31.81
C PHE A 762 -3.70 12.21 -31.41
N ASP A 763 -4.40 13.15 -32.05
CA ASP A 763 -4.29 14.59 -31.79
C ASP A 763 -5.40 15.00 -30.82
N GLU A 764 -5.05 15.14 -29.55
CA GLU A 764 -6.03 15.46 -28.50
C GLU A 764 -6.68 16.83 -28.69
N ILE A 765 -6.01 17.71 -29.44
CA ILE A 765 -6.54 19.05 -29.65
C ILE A 765 -7.61 19.08 -30.74
N THR A 766 -7.31 18.51 -31.90
CA THR A 766 -8.30 18.46 -32.99
C THR A 766 -9.23 17.28 -32.87
N GLY A 767 -8.74 16.19 -32.26
CA GLY A 767 -9.53 14.98 -32.14
C GLY A 767 -9.33 14.08 -33.35
N ASN A 768 -8.40 14.46 -34.22
CA ASN A 768 -8.09 13.67 -35.41
C ASN A 768 -7.11 12.56 -35.10
N ARG A 769 -7.13 11.53 -35.91
CA ARG A 769 -6.23 10.40 -35.74
C ARG A 769 -5.61 9.94 -37.05
N LEU A 770 -4.54 9.17 -36.94
CA LEU A 770 -3.91 8.51 -38.07
C LEU A 770 -3.64 7.09 -37.62
N THR A 771 -4.18 6.12 -38.36
CA THR A 771 -3.94 4.73 -38.06
C THR A 771 -2.88 4.18 -39.01
N GLN A 772 -1.88 3.51 -38.44
CA GLN A 772 -0.85 2.86 -39.23
C GLN A 772 -0.92 1.39 -38.88
N GLU A 773 -1.11 0.54 -39.88
CA GLU A 773 -1.36 -0.86 -39.64
C GLU A 773 -0.31 -1.71 -40.35
N GLN A 774 0.22 -2.72 -39.68
CA GLN A 774 1.27 -3.55 -40.25
C GLN A 774 0.87 -5.03 -40.33
N GLU A 775 1.15 -5.63 -41.48
CA GLU A 775 0.99 -7.06 -41.68
C GLU A 775 2.34 -7.66 -42.02
N TYR A 776 2.63 -8.83 -41.45
CA TYR A 776 3.91 -9.48 -41.64
C TYR A 776 3.74 -10.84 -42.31
N ALA A 777 4.71 -11.21 -43.14
CA ALA A 777 4.72 -12.51 -43.80
C ALA A 777 6.15 -12.93 -44.04
N HIS A 778 6.34 -14.23 -44.28
CA HIS A 778 7.67 -14.79 -44.53
C HIS A 778 8.61 -14.52 -43.35
N GLY A 779 8.22 -15.03 -42.18
CA GLY A 779 9.03 -14.89 -40.98
C GLY A 779 10.22 -15.82 -41.03
N SER A 780 11.40 -15.29 -40.74
CA SER A 780 12.60 -16.08 -40.86
C SER A 780 13.43 -16.07 -39.57
N TRP A 781 13.59 -17.28 -39.03
CA TRP A 781 14.50 -17.61 -37.94
C TRP A 781 15.45 -18.66 -38.47
N ASP A 782 16.75 -18.50 -38.21
CA ASP A 782 17.74 -19.48 -38.69
C ASP A 782 18.07 -20.49 -37.61
N GLY A 783 17.86 -21.76 -37.92
CA GLY A 783 18.14 -22.81 -36.96
C GLY A 783 19.62 -23.06 -36.78
N GLN A 784 20.37 -22.99 -37.87
CA GLN A 784 21.82 -23.27 -37.86
C GLN A 784 22.60 -22.34 -36.93
N GLU A 785 22.27 -21.05 -36.96
CA GLU A 785 22.99 -20.09 -36.15
C GLU A 785 22.11 -19.59 -35.02
N ARG A 786 20.94 -20.21 -34.87
CA ARG A 786 19.96 -19.82 -33.87
C ARG A 786 19.74 -18.31 -33.85
N GLU A 787 19.23 -17.78 -34.97
CA GLU A 787 19.21 -16.34 -35.18
C GLU A 787 17.96 -15.88 -35.93
N PHE A 788 17.38 -14.77 -35.46
CA PHE A 788 16.21 -14.20 -36.10
C PHE A 788 16.64 -13.37 -37.30
N ARG A 789 16.11 -13.71 -38.46
CA ARG A 789 16.46 -13.01 -39.69
C ARG A 789 15.49 -11.89 -40.01
N GLY A 790 14.23 -12.07 -39.63
CA GLY A 790 13.28 -11.00 -39.85
C GLY A 790 12.19 -11.38 -40.83
N PHE A 791 11.38 -10.41 -41.23
CA PHE A 791 10.26 -10.70 -42.11
C PHE A 791 10.51 -10.34 -43.57
N GLY A 792 10.06 -11.21 -44.47
CA GLY A 792 10.29 -11.03 -45.89
C GLY A 792 9.35 -10.04 -46.53
N ARG A 793 8.12 -9.98 -46.04
CA ARG A 793 7.16 -9.01 -46.55
C ARG A 793 6.49 -8.25 -45.42
N LEU A 794 6.44 -6.94 -45.58
CA LEU A 794 5.82 -6.04 -44.61
C LEU A 794 4.85 -5.16 -45.37
N ILE A 795 3.57 -5.22 -44.99
CA ILE A 795 2.58 -4.36 -45.63
C ILE A 795 2.08 -3.32 -44.62
N GLN A 796 1.98 -2.07 -45.05
CA GLN A 796 1.55 -0.99 -44.16
C GLN A 796 0.41 -0.14 -44.71
N ARG A 797 -0.66 -0.01 -43.94
CA ARG A 797 -1.77 0.84 -44.35
C ARG A 797 -1.85 2.11 -43.48
N ASP A 798 -2.06 3.25 -44.12
CA ASP A 798 -2.19 4.51 -43.40
C ASP A 798 -3.57 5.08 -43.66
N THR A 799 -4.36 5.27 -42.60
CA THR A 799 -5.73 5.72 -42.73
C THR A 799 -5.98 6.93 -41.86
N ASP A 800 -6.55 7.98 -42.44
CA ASP A 800 -6.92 9.16 -41.67
C ASP A 800 -8.22 8.87 -40.92
N GLY A 801 -8.38 9.45 -39.74
CA GLY A 801 -9.62 9.32 -38.99
C GLY A 801 -10.02 10.65 -38.41
N PHE A 802 -10.90 11.39 -39.07
CA PHE A 802 -11.22 12.74 -38.61
C PHE A 802 -12.32 12.81 -37.56
N ALA A 803 -12.17 13.74 -36.63
CA ALA A 803 -13.13 13.94 -35.55
C ALA A 803 -14.46 14.45 -36.09
N GLN A 804 -14.39 15.16 -37.21
CA GLN A 804 -15.58 15.65 -37.90
C GLN A 804 -16.53 14.50 -38.19
N GLY A 805 -15.97 13.34 -38.51
CA GLY A 805 -16.75 12.13 -38.72
C GLY A 805 -17.72 12.19 -39.88
N THR A 806 -17.51 13.17 -40.76
CA THR A 806 -18.26 13.27 -42.02
C THR A 806 -17.37 12.78 -43.15
N VAL A 807 -17.77 13.04 -44.39
CA VAL A 807 -16.94 12.72 -45.54
C VAL A 807 -16.36 13.99 -46.15
N ASP A 808 -16.36 15.09 -45.39
CA ASP A 808 -15.96 16.38 -45.93
C ASP A 808 -14.51 16.38 -46.38
N ILE A 809 -13.69 15.56 -45.73
CA ILE A 809 -12.33 15.34 -46.22
C ILE A 809 -12.29 13.87 -46.62
N PRO A 810 -12.49 13.61 -47.92
CA PRO A 810 -12.63 12.22 -48.37
C PRO A 810 -11.28 11.59 -48.70
N THR A 811 -10.52 11.25 -47.68
CA THR A 811 -9.24 10.57 -47.88
C THR A 811 -9.51 9.08 -47.79
N HIS A 812 -8.69 8.30 -48.49
CA HIS A 812 -8.76 6.85 -48.45
C HIS A 812 -7.39 6.33 -48.06
N PRO A 813 -7.36 5.19 -47.34
CA PRO A 813 -6.09 4.68 -46.82
C PRO A 813 -5.03 4.42 -47.90
N SER A 814 -3.76 4.59 -47.54
CA SER A 814 -2.65 4.29 -48.42
C SER A 814 -2.09 2.92 -48.05
N ARG A 815 -1.53 2.21 -49.02
CA ARG A 815 -1.00 0.88 -48.76
C ARG A 815 0.41 0.72 -49.34
N THR A 816 1.38 0.36 -48.52
CA THR A 816 2.74 0.16 -48.99
C THR A 816 3.18 -1.28 -48.75
N VAL A 817 3.48 -1.99 -49.83
CA VAL A 817 3.96 -3.36 -49.73
C VAL A 817 5.47 -3.37 -49.93
N SER A 818 6.20 -3.86 -48.93
CA SER A 818 7.66 -3.86 -48.99
C SER A 818 8.21 -5.28 -48.82
N TRP A 819 9.24 -5.59 -49.61
CA TRP A 819 9.91 -6.88 -49.52
C TRP A 819 11.35 -6.68 -49.10
N PHE A 820 11.74 -7.47 -48.10
CA PHE A 820 13.05 -7.42 -47.49
C PHE A 820 13.71 -8.79 -47.59
N ALA A 821 15.03 -8.81 -47.76
CA ALA A 821 15.76 -10.08 -47.79
C ALA A 821 15.83 -10.65 -46.38
N THR A 822 15.68 -11.96 -46.27
CA THR A 822 15.80 -12.64 -44.98
C THR A 822 17.17 -13.26 -44.85
N GLY A 823 17.84 -13.42 -45.99
CA GLY A 823 19.13 -14.07 -46.00
C GLY A 823 19.03 -15.57 -46.16
N ILE A 824 17.80 -16.08 -46.24
CA ILE A 824 17.55 -17.49 -46.55
C ILE A 824 16.96 -17.64 -47.95
N PRO A 825 17.68 -18.33 -48.84
CA PRO A 825 17.35 -18.53 -50.26
C PRO A 825 15.99 -19.18 -50.45
N GLU A 826 15.69 -20.16 -49.60
CA GLU A 826 14.43 -20.88 -49.68
C GLU A 826 13.21 -19.97 -49.47
N ILE A 827 13.47 -18.80 -48.88
CA ILE A 827 12.43 -17.80 -48.66
C ILE A 827 12.55 -16.69 -49.68
N ASP A 828 13.76 -16.14 -49.83
CA ASP A 828 14.01 -15.00 -50.69
C ASP A 828 13.64 -15.28 -52.15
N THR A 829 13.87 -16.51 -52.60
CA THR A 829 13.61 -16.86 -53.99
C THR A 829 12.13 -16.85 -54.35
N THR A 830 11.26 -16.84 -53.34
CA THR A 830 9.82 -16.86 -53.58
C THR A 830 9.19 -15.46 -53.56
N LEU A 831 9.99 -14.45 -53.21
CA LEU A 831 9.43 -13.11 -53.00
C LEU A 831 9.01 -12.40 -54.28
N SER A 832 9.84 -12.50 -55.33
CA SER A 832 9.60 -11.79 -56.57
C SER A 832 8.30 -12.21 -57.25
N ALA A 833 7.82 -13.39 -56.90
CA ALA A 833 6.58 -13.89 -57.48
C ALA A 833 5.38 -13.10 -56.97
N GLU A 834 5.56 -12.43 -55.84
CA GLU A 834 4.47 -11.68 -55.23
C GLU A 834 4.45 -10.25 -55.77
N PHE A 835 5.52 -9.87 -56.47
CA PHE A 835 5.63 -8.52 -57.03
C PHE A 835 4.47 -8.26 -57.96
N TRP A 836 4.07 -7.00 -58.07
CA TRP A 836 3.01 -6.62 -59.00
C TRP A 836 3.51 -6.86 -60.41
N ARG A 837 2.71 -7.55 -61.22
CA ARG A 837 3.11 -7.92 -62.57
C ARG A 837 2.17 -7.31 -63.61
N GLY A 838 1.45 -6.27 -63.22
CA GLY A 838 0.50 -5.62 -64.11
C GLY A 838 1.14 -4.79 -65.21
N ASP A 839 2.48 -4.67 -65.18
CA ASP A 839 3.22 -4.01 -66.25
C ASP A 839 4.14 -5.00 -66.94
N ASP A 840 3.65 -5.54 -68.05
CA ASP A 840 4.35 -6.58 -68.82
C ASP A 840 5.68 -6.12 -69.41
N GLN A 841 5.87 -4.82 -69.54
CA GLN A 841 7.10 -4.29 -70.12
C GLN A 841 8.14 -3.95 -69.05
N ALA A 842 7.77 -4.12 -67.79
CA ALA A 842 8.69 -3.84 -66.71
C ALA A 842 9.90 -4.77 -66.79
N PHE A 843 11.08 -4.24 -66.47
CA PHE A 843 12.32 -5.01 -66.51
C PHE A 843 12.28 -6.14 -65.46
N SER A 844 12.93 -7.25 -65.79
CA SER A 844 12.95 -8.42 -64.90
C SER A 844 13.64 -8.08 -63.57
N PRO A 845 13.25 -8.78 -62.49
CA PRO A 845 13.75 -8.55 -61.12
C PRO A 845 15.27 -8.58 -61.00
N PHE A 846 15.80 -7.82 -60.04
CA PHE A 846 17.23 -7.83 -59.73
C PHE A 846 17.59 -9.14 -59.02
N SER A 847 18.84 -9.55 -59.13
CA SER A 847 19.34 -10.70 -58.38
C SER A 847 20.57 -10.30 -57.60
N PRO A 848 20.75 -10.89 -56.42
CA PRO A 848 21.92 -10.58 -55.60
C PRO A 848 23.23 -10.88 -56.34
N ARG A 849 24.24 -10.05 -56.13
CA ARG A 849 25.53 -10.21 -56.79
C ARG A 849 26.61 -10.49 -55.77
N PHE A 850 27.40 -11.53 -55.99
CA PHE A 850 28.43 -11.86 -55.03
C PHE A 850 29.80 -11.63 -55.65
N THR A 851 30.66 -10.94 -54.91
CA THR A 851 31.97 -10.61 -55.46
C THR A 851 33.07 -10.99 -54.50
N ARG A 852 34.28 -11.13 -55.04
CA ARG A 852 35.47 -11.24 -54.22
C ARG A 852 36.30 -10.01 -54.48
N TRP A 853 37.03 -9.59 -53.46
CA TRP A 853 37.87 -8.40 -53.53
C TRP A 853 39.29 -8.72 -53.97
N GLU A 854 39.71 -8.11 -55.08
CA GLU A 854 41.08 -8.24 -55.57
C GLU A 854 41.86 -6.96 -55.31
N ASP A 856 43.08 -5.47 -52.70
CA ASP A 856 43.38 -4.07 -52.98
C ASP A 856 44.84 -3.86 -53.38
N SER A 857 45.28 -4.55 -54.43
CA SER A 857 46.64 -4.33 -54.91
C SER A 857 46.60 -3.68 -56.30
N GLU A 858 46.47 -2.35 -56.36
CA GLU A 858 46.44 -1.49 -55.18
C GLU A 858 45.33 -0.44 -55.29
N ALA A 859 44.33 -0.72 -56.12
CA ALA A 859 43.22 0.19 -56.33
C ALA A 859 41.94 -0.60 -56.05
N GLY A 860 42.02 -1.91 -56.29
CA GLY A 860 40.95 -2.83 -55.96
C GLY A 860 39.82 -2.99 -56.97
N SER A 861 39.18 -4.15 -56.95
CA SER A 861 38.03 -4.38 -57.81
C SER A 861 37.20 -5.56 -57.30
N ASP A 862 35.90 -5.50 -57.57
CA ASP A 862 34.99 -6.60 -57.27
C ASP A 862 34.89 -7.56 -58.45
N VAL A 863 35.06 -8.84 -58.19
CA VAL A 863 34.94 -9.84 -59.24
C VAL A 863 33.79 -10.78 -58.89
N ALA A 864 32.76 -10.80 -59.73
CA ALA A 864 31.58 -11.63 -59.47
C ALA A 864 31.94 -13.12 -59.50
N PHE A 865 31.35 -13.86 -58.58
CA PHE A 865 31.58 -15.30 -58.48
C PHE A 865 30.38 -16.02 -57.90
N ILE A 866 30.34 -17.33 -58.08
CA ILE A 866 29.31 -18.14 -57.43
C ILE A 866 29.96 -18.82 -56.23
N PRO A 867 29.57 -18.40 -55.01
CA PRO A 867 30.17 -18.93 -53.79
C PRO A 867 29.82 -20.40 -53.56
N SER A 868 30.63 -21.11 -52.80
CA SER A 868 30.29 -22.46 -52.39
C SER A 868 29.07 -22.41 -51.48
N GLU A 869 28.42 -23.55 -51.31
CA GLU A 869 27.22 -23.66 -50.47
C GLU A 869 27.49 -23.10 -49.06
N HIS A 870 28.60 -23.56 -48.47
CA HIS A 870 29.00 -23.12 -47.13
C HIS A 870 29.27 -21.62 -47.08
N ASP A 871 29.92 -21.08 -48.12
CA ASP A 871 30.16 -19.65 -48.19
C ASP A 871 28.84 -18.92 -48.45
N ALA A 872 28.00 -19.53 -49.29
CA ALA A 872 26.70 -18.96 -49.62
C ALA A 872 25.82 -18.75 -48.40
N PHE A 873 25.92 -19.61 -47.40
CA PHE A 873 25.15 -19.38 -46.17
C PHE A 873 25.44 -17.98 -45.57
N TRP A 874 26.72 -17.66 -45.44
CA TRP A 874 27.14 -16.41 -44.81
C TRP A 874 26.97 -15.20 -45.71
N LEU A 875 27.31 -15.36 -46.99
CA LEU A 875 27.16 -14.26 -47.93
C LEU A 875 25.68 -13.91 -48.14
N ASN A 876 24.82 -14.92 -48.13
CA ASN A 876 23.38 -14.69 -48.16
C ASN A 876 22.91 -14.06 -46.86
N ARG A 877 23.43 -14.55 -45.74
CA ARG A 877 23.09 -13.98 -44.43
C ARG A 877 23.38 -12.49 -44.41
N ALA A 878 24.43 -12.08 -45.10
CA ALA A 878 24.84 -10.68 -45.14
C ALA A 878 23.75 -9.73 -45.66
N MET A 879 22.75 -10.28 -46.34
CA MET A 879 21.68 -9.48 -46.91
C MET A 879 20.49 -9.30 -45.96
N LYS A 880 20.65 -9.81 -44.74
CA LYS A 880 19.69 -9.63 -43.64
C LYS A 880 19.05 -8.25 -43.61
N GLY A 881 17.72 -8.19 -43.73
CA GLY A 881 17.00 -6.95 -43.52
C GLY A 881 17.05 -5.92 -44.63
N GLN A 882 17.76 -6.23 -45.71
CA GLN A 882 17.85 -5.27 -46.80
C GLN A 882 16.55 -5.17 -47.61
N LEU A 883 16.14 -3.93 -47.87
CA LEU A 883 14.93 -3.68 -48.64
C LEU A 883 15.11 -4.06 -50.10
N LEU A 884 14.25 -4.96 -50.58
CA LEU A 884 14.33 -5.45 -51.96
C LEU A 884 13.35 -4.72 -52.88
N ARG A 885 12.15 -4.44 -52.38
CA ARG A 885 11.16 -3.79 -53.24
C ARG A 885 10.09 -3.07 -52.44
N SER A 886 9.49 -2.04 -53.02
CA SER A 886 8.41 -1.30 -52.38
C SER A 886 7.38 -0.85 -53.42
N GLU A 887 6.09 -1.02 -53.10
CA GLU A 887 5.00 -0.61 -53.98
C GLU A 887 3.99 0.22 -53.20
N LEU A 888 3.60 1.35 -53.76
CA LEU A 888 2.66 2.24 -53.11
C LEU A 888 1.31 2.31 -53.84
N TYR A 889 0.26 1.98 -53.11
CA TYR A 889 -1.10 1.92 -53.63
C TYR A 889 -2.03 2.89 -52.89
N GLY A 890 -3.13 3.24 -53.55
CA GLY A 890 -4.21 3.97 -52.91
C GLY A 890 -5.44 3.09 -52.93
N ASP A 891 -5.90 2.69 -51.75
CA ASP A 891 -7.07 1.84 -51.65
C ASP A 891 -8.32 2.71 -51.58
N ASP A 892 -8.73 3.23 -52.74
CA ASP A 892 -9.85 4.18 -52.79
C ASP A 892 -11.02 3.64 -53.57
N GLY A 893 -11.00 2.34 -53.86
CA GLY A 893 -12.12 1.70 -54.54
C GLY A 893 -12.29 2.11 -56.00
N THR A 894 -11.41 2.97 -56.50
CA THR A 894 -11.42 3.33 -57.91
C THR A 894 -11.01 2.13 -58.76
N PRO A 895 -11.38 2.14 -60.05
CA PRO A 895 -10.95 1.05 -60.93
C PRO A 895 -9.43 0.92 -61.02
N GLU A 896 -8.70 2.02 -60.86
CA GLU A 896 -7.25 2.00 -60.99
C GLU A 896 -6.54 1.71 -59.67
N ALA A 897 -7.33 1.37 -58.64
CA ALA A 897 -6.79 1.19 -57.29
C ALA A 897 -5.74 0.07 -57.17
N GLU A 898 -5.80 -0.90 -58.09
CA GLU A 898 -4.87 -2.03 -58.04
C GLU A 898 -3.54 -1.76 -58.75
N ILE A 899 -3.40 -0.56 -59.29
CA ILE A 899 -2.17 -0.15 -59.96
C ILE A 899 -1.43 0.81 -59.06
N PRO A 900 -0.16 0.51 -58.75
CA PRO A 900 0.61 1.31 -57.80
C PRO A 900 0.91 2.72 -58.33
N TYR A 901 1.07 3.68 -57.41
CA TYR A 901 1.50 5.01 -57.79
C TYR A 901 2.95 4.95 -58.23
N SER A 902 3.73 4.14 -57.54
CA SER A 902 5.15 4.03 -57.80
C SER A 902 5.69 2.68 -57.31
N VAL A 903 6.80 2.25 -57.90
CA VAL A 903 7.44 0.99 -57.55
C VAL A 903 8.95 1.24 -57.46
N THR A 904 9.60 0.71 -56.43
CA THR A 904 11.04 0.88 -56.29
C THR A 904 11.69 -0.46 -55.96
N GLU A 905 12.78 -0.79 -56.62
CA GLU A 905 13.43 -2.08 -56.37
C GLU A 905 14.94 -1.93 -56.28
N MET A 906 15.59 -2.81 -55.52
CA MET A 906 17.03 -2.70 -55.31
C MET A 906 17.79 -3.99 -55.58
N ARG A 907 19.03 -3.82 -56.02
CA ARG A 907 19.96 -4.91 -56.19
C ARG A 907 21.13 -4.73 -55.25
N HIS A 908 21.40 -5.78 -54.49
CA HIS A 908 22.44 -5.78 -53.48
C HIS A 908 23.64 -6.60 -53.89
N GLN A 909 24.81 -6.12 -53.48
CA GLN A 909 26.04 -6.84 -53.73
C GLN A 909 26.67 -7.18 -52.39
N VAL A 910 27.13 -8.41 -52.25
CA VAL A 910 27.88 -8.81 -51.07
C VAL A 910 29.31 -9.10 -51.49
N ARG A 911 30.23 -8.34 -50.90
CA ARG A 911 31.65 -8.55 -51.12
C ARG A 911 32.12 -9.50 -50.06
N ALA A 912 32.61 -10.65 -50.48
CA ALA A 912 33.13 -11.65 -49.55
C ALA A 912 34.52 -11.23 -49.09
N LEU A 913 34.74 -11.29 -47.78
CA LEU A 913 36.00 -10.87 -47.21
C LEU A 913 36.60 -11.96 -46.32
N PRO A 914 37.75 -12.52 -46.74
CA PRO A 914 38.45 -13.57 -46.01
C PRO A 914 39.08 -13.08 -44.71
N THR A 915 38.94 -13.87 -43.64
CA THR A 915 39.61 -13.61 -42.36
C THR A 915 40.49 -14.80 -42.03
N THR A 916 40.91 -14.93 -40.77
CA THR A 916 41.68 -16.11 -40.38
C THR A 916 40.75 -17.33 -40.25
N ASP A 917 39.45 -17.09 -40.17
CA ASP A 917 38.48 -18.18 -40.19
C ASP A 917 38.34 -18.66 -41.63
N ALA A 918 38.75 -19.89 -41.89
CA ALA A 918 38.72 -20.44 -43.25
C ALA A 918 37.29 -20.76 -43.69
N THR A 919 36.40 -20.94 -42.72
CA THR A 919 35.05 -21.43 -42.98
C THR A 919 33.99 -20.36 -43.04
N VAL A 920 34.27 -19.19 -42.47
CA VAL A 920 33.29 -18.11 -42.47
C VAL A 920 33.89 -16.88 -43.11
N PRO A 921 33.43 -16.52 -44.32
CA PRO A 921 33.91 -15.27 -44.89
C PRO A 921 33.25 -14.09 -44.19
N SER A 922 33.98 -12.98 -44.06
CA SER A 922 33.38 -11.75 -43.56
C SER A 922 32.73 -11.11 -44.77
N ALA A 923 31.87 -10.13 -44.56
CA ALA A 923 31.13 -9.60 -45.69
C ALA A 923 30.78 -8.14 -45.55
N TRP A 924 30.61 -7.48 -46.69
CA TRP A 924 30.09 -6.13 -46.75
C TRP A 924 28.99 -6.06 -47.78
N CYS A 925 27.80 -5.69 -47.35
CA CYS A 925 26.66 -5.59 -48.23
C CYS A 925 26.47 -4.15 -48.65
N SER A 926 26.08 -3.93 -49.90
CA SER A 926 25.80 -2.59 -50.39
C SER A 926 24.70 -2.66 -51.44
N THR A 927 23.97 -1.56 -51.59
CA THR A 927 22.95 -1.47 -52.62
C THR A 927 23.64 -0.95 -53.88
N ILE A 928 23.84 -1.84 -54.85
CA ILE A 928 24.54 -1.45 -56.07
C ILE A 928 23.58 -0.90 -57.12
N GLU A 929 22.31 -1.35 -57.08
CA GLU A 929 21.36 -0.82 -58.05
C GLU A 929 20.02 -0.41 -57.43
N THR A 930 19.44 0.68 -57.92
CA THR A 930 18.12 1.11 -57.48
C THR A 930 17.34 1.52 -58.72
N ARG A 931 16.13 0.99 -58.87
CA ARG A 931 15.28 1.35 -60.01
C ARG A 931 13.89 1.81 -59.54
N SER A 932 13.45 2.96 -60.03
CA SER A 932 12.18 3.54 -59.62
C SER A 932 11.28 3.79 -60.84
N TYR A 933 10.04 3.33 -60.72
CA TYR A 933 9.01 3.56 -61.71
C TYR A 933 7.97 4.46 -61.11
N GLN A 934 7.63 5.52 -61.84
CA GLN A 934 6.46 6.33 -61.51
C GLN A 934 5.35 5.97 -62.48
N TYR A 935 4.36 5.23 -62.00
CA TYR A 935 3.22 4.82 -62.82
C TYR A 935 2.09 5.83 -62.72
N GLN A 936 1.90 6.38 -61.53
CA GLN A 936 0.71 7.18 -61.22
C GLN A 936 -0.55 6.40 -61.58
N ARG A 937 -0.52 5.10 -61.30
CA ARG A 937 -1.67 4.20 -61.45
C ARG A 937 -2.11 4.00 -62.90
N VAL A 938 -1.21 4.28 -63.83
CA VAL A 938 -1.42 3.95 -65.24
C VAL A 938 -0.28 3.04 -65.68
N ALA A 939 -0.59 1.75 -65.78
CA ALA A 939 0.43 0.72 -65.93
C ALA A 939 1.27 0.82 -67.20
N ALA A 940 0.70 1.41 -68.26
CA ALA A 940 1.34 1.34 -69.56
C ALA A 940 2.38 2.42 -69.84
N ASP A 941 2.30 3.57 -69.18
CA ASP A 941 3.21 4.67 -69.52
C ASP A 941 3.99 5.28 -68.35
N PRO A 942 4.79 4.47 -67.66
CA PRO A 942 5.47 5.02 -66.47
C PRO A 942 6.77 5.71 -66.84
N GLN A 943 7.33 6.46 -65.90
CA GLN A 943 8.69 6.95 -66.04
C GLN A 943 9.57 5.98 -65.28
N CYS A 944 10.83 5.91 -65.65
CA CYS A 944 11.76 4.99 -65.00
C CYS A 944 13.14 5.61 -64.88
N SER A 945 13.70 5.56 -63.67
CA SER A 945 15.08 6.00 -63.46
C SER A 945 15.81 4.89 -62.74
N GLN A 946 17.13 4.85 -62.89
CA GLN A 946 17.92 3.79 -62.29
C GLN A 946 19.31 4.29 -61.93
N GLN A 947 19.69 4.13 -60.66
CA GLN A 947 20.98 4.57 -60.17
C GLN A 947 21.84 3.34 -59.88
N VAL A 948 23.08 3.36 -60.38
CA VAL A 948 23.94 2.19 -60.25
C VAL A 948 25.32 2.57 -59.71
N VAL A 949 25.73 1.94 -58.60
CA VAL A 949 27.09 2.08 -58.12
C VAL A 949 27.93 1.00 -58.79
N ILE A 950 28.83 1.44 -59.66
CA ILE A 950 29.59 0.56 -60.53
C ILE A 950 30.86 0.07 -59.87
N LYS A 951 31.58 0.98 -59.23
CA LYS A 951 32.81 0.63 -58.52
C LYS A 951 32.85 1.27 -57.15
N ALA A 952 33.25 0.49 -56.16
CA ALA A 952 33.49 0.98 -54.81
C ALA A 952 34.87 0.55 -54.37
N ASP A 953 35.52 1.36 -53.54
CA ASP A 953 36.88 1.05 -53.09
C ASP A 953 36.85 0.07 -51.93
N ARG A 954 38.01 -0.17 -51.32
CA ARG A 954 38.13 -1.18 -50.28
C ARG A 954 37.34 -0.80 -49.03
N TYR A 955 36.99 0.47 -48.89
CA TYR A 955 36.28 0.95 -47.72
C TYR A 955 34.83 1.31 -48.00
N GLY A 956 34.32 0.87 -49.15
CA GLY A 956 32.92 1.04 -49.47
C GLY A 956 32.55 2.37 -50.09
N SER A 957 33.55 3.21 -50.37
CA SER A 957 33.29 4.50 -51.00
C SER A 957 33.08 4.32 -52.50
N PRO A 958 32.02 4.95 -53.04
CA PRO A 958 31.71 4.86 -54.47
C PRO A 958 32.77 5.55 -55.32
N LEU A 959 33.34 4.84 -56.29
CA LEU A 959 34.33 5.41 -57.20
C LEU A 959 33.67 5.79 -58.51
N LEU A 960 32.78 4.94 -59.00
CA LEU A 960 32.15 5.14 -60.29
C LEU A 960 30.66 4.83 -60.14
N SER A 961 29.82 5.80 -60.45
CA SER A 961 28.37 5.61 -60.35
C SER A 961 27.67 6.27 -61.53
N VAL A 962 26.44 5.84 -61.82
CA VAL A 962 25.72 6.41 -62.96
C VAL A 962 24.22 6.56 -62.66
N ALA A 963 23.65 7.69 -63.07
CA ALA A 963 22.21 7.89 -62.98
C ALA A 963 21.63 7.73 -64.38
N ILE A 964 20.56 6.97 -64.49
CA ILE A 964 19.98 6.65 -65.78
C ILE A 964 18.53 7.10 -65.83
N ASN A 965 18.19 7.83 -66.89
CA ASN A 965 16.82 8.20 -67.17
C ASN A 965 16.37 7.55 -68.47
N TYR A 966 15.43 6.62 -68.35
CA TYR A 966 14.94 5.86 -69.48
C TYR A 966 14.00 6.70 -70.35
N PRO A 967 13.97 6.41 -71.66
CA PRO A 967 13.06 7.12 -72.55
C PRO A 967 11.61 6.70 -72.26
N ARG A 968 10.66 7.50 -72.73
CA ARG A 968 9.25 7.16 -72.59
C ARG A 968 8.95 5.99 -73.51
N ARG A 969 7.99 5.17 -73.12
CA ARG A 969 7.60 4.04 -73.95
C ARG A 969 6.90 4.54 -75.21
N LYS A 970 6.81 3.66 -76.21
CA LYS A 970 6.19 4.01 -77.48
C LYS A 970 4.71 4.35 -77.30
N LYS A 971 4.27 5.41 -77.96
CA LYS A 971 2.88 5.86 -77.89
C LYS A 971 1.94 4.76 -78.37
N PRO A 972 0.91 4.46 -77.56
CA PRO A 972 -0.10 3.46 -77.94
C PRO A 972 -1.09 4.04 -78.94
N GLU A 973 -1.98 3.18 -79.45
CA GLU A 973 -2.99 3.61 -80.42
C GLU A 973 -4.08 4.44 -79.74
N LYS A 974 -4.38 4.13 -78.49
CA LYS A 974 -5.43 4.82 -77.74
C LYS A 974 -4.89 5.30 -76.40
N SER A 975 -5.49 6.38 -75.89
CA SER A 975 -5.08 6.96 -74.61
C SER A 975 -5.49 6.13 -73.41
N PRO A 976 -4.53 5.82 -72.53
CA PRO A 976 -4.79 5.10 -71.27
C PRO A 976 -5.22 6.08 -70.17
N TYR A 977 -5.33 7.35 -70.53
CA TYR A 977 -5.75 8.40 -69.60
C TYR A 977 -7.24 8.71 -69.81
N PRO A 978 -7.91 9.27 -68.77
CA PRO A 978 -9.36 9.48 -68.84
C PRO A 978 -9.82 10.34 -70.02
N ASP A 979 -11.05 10.10 -70.47
CA ASP A 979 -11.64 10.86 -71.56
C ASP A 979 -12.27 12.14 -71.04
N ASP A 980 -11.96 12.47 -69.78
CA ASP A 980 -12.41 13.68 -69.14
C ASP A 980 -11.52 14.82 -69.61
N LEU A 981 -10.36 14.46 -70.16
CA LEU A 981 -9.37 15.41 -70.61
C LEU A 981 -9.73 15.93 -72.00
N PRO A 982 -9.07 17.02 -72.45
CA PRO A 982 -9.25 17.43 -73.85
C PRO A 982 -8.79 16.32 -74.77
N GLU A 983 -9.44 16.14 -75.92
CA GLU A 983 -9.15 15.01 -76.79
C GLU A 983 -7.77 15.05 -77.46
N THR A 984 -7.09 16.20 -77.40
CA THR A 984 -5.79 16.38 -78.05
C THR A 984 -4.60 16.21 -77.09
N LEU A 985 -4.88 16.22 -75.79
CA LEU A 985 -3.83 16.24 -74.77
C LEU A 985 -2.92 15.02 -74.85
N PHE A 986 -3.51 13.85 -75.08
CA PHE A 986 -2.77 12.60 -75.22
C PHE A 986 -1.66 12.70 -76.28
N ASP A 987 -2.02 13.15 -77.47
CA ASP A 987 -1.06 13.31 -78.56
C ASP A 987 -0.07 14.42 -78.22
N SER A 988 -0.57 15.52 -77.67
CA SER A 988 0.27 16.68 -77.41
C SER A 988 1.16 16.52 -76.17
N SER A 989 0.96 15.43 -75.42
CA SER A 989 1.78 15.19 -74.24
C SER A 989 3.10 14.54 -74.64
N TYR A 990 3.22 14.15 -75.90
CA TYR A 990 4.46 13.54 -76.39
C TYR A 990 5.42 14.59 -76.94
N ASP A 991 6.66 14.53 -76.48
CA ASP A 991 7.69 15.48 -76.86
C ASP A 991 8.99 14.71 -77.05
N THR A 992 9.77 15.08 -78.05
CA THR A 992 10.97 14.33 -78.42
C THR A 992 11.98 14.20 -77.28
N GLN A 993 11.99 15.17 -76.37
CA GLN A 993 12.89 15.15 -75.22
C GLN A 993 12.59 13.98 -74.27
N GLN A 994 11.39 13.41 -74.40
CA GLN A 994 10.99 12.28 -73.59
C GLN A 994 11.57 10.99 -74.14
N GLN A 995 12.21 11.09 -75.30
CA GLN A 995 12.64 9.90 -76.03
C GLN A 995 14.15 9.68 -75.95
N GLN A 996 14.85 10.63 -75.34
CA GLN A 996 16.30 10.54 -75.25
C GLN A 996 16.74 9.82 -73.98
N LEU A 997 17.45 8.71 -74.17
CA LEU A 997 18.04 7.98 -73.07
C LEU A 997 19.17 8.78 -72.44
N HIS A 998 19.08 9.02 -71.14
CA HIS A 998 20.09 9.80 -70.44
C HIS A 998 20.92 8.97 -69.48
N LEU A 999 22.23 9.14 -69.52
CA LEU A 999 23.12 8.50 -68.57
C LEU A 999 24.09 9.56 -68.06
N THR A 1000 24.11 9.76 -66.76
CA THR A 1000 24.99 10.76 -66.14
C THR A 1000 26.01 10.02 -65.31
N LYS A 1001 27.26 10.06 -65.77
CA LYS A 1001 28.35 9.37 -65.11
C LYS A 1001 28.96 10.27 -64.06
N GLN A 1002 29.29 9.68 -62.91
CA GLN A 1002 29.91 10.38 -61.80
C GLN A 1002 31.10 9.60 -61.26
N GLN A 1003 32.28 10.21 -61.40
CA GLN A 1003 33.52 9.66 -60.85
C GLN A 1003 33.89 10.45 -59.61
N GLN A 1004 34.50 9.77 -58.63
CA GLN A 1004 35.04 10.43 -57.44
C GLN A 1004 36.12 9.60 -56.77
N ASN A 1005 37.09 10.28 -56.18
CA ASN A 1005 38.09 9.60 -55.36
C ASN A 1005 38.13 10.21 -53.96
N TYR A 1006 38.97 9.65 -53.09
CA TYR A 1006 38.95 10.05 -51.69
C TYR A 1006 40.36 10.08 -51.09
N PHE A 1007 40.48 10.73 -49.95
CA PHE A 1007 41.69 10.65 -49.14
C PHE A 1007 41.42 9.70 -47.98
N HIS A 1008 42.27 8.68 -47.84
CA HIS A 1008 42.16 7.74 -46.73
C HIS A 1008 43.44 7.76 -45.92
N LEU A 1009 43.35 8.22 -44.68
CA LEU A 1009 44.50 8.25 -43.81
C LEU A 1009 44.47 7.01 -42.91
N THR A 1010 45.30 6.03 -43.25
CA THR A 1010 45.32 4.74 -42.55
C THR A 1010 46.73 4.42 -42.06
N ASN A 1011 47.66 5.31 -42.37
CA ASN A 1011 49.06 5.12 -41.99
C ASN A 1011 49.25 5.15 -40.48
N ASP A 1012 50.25 4.41 -39.99
CA ASP A 1012 50.52 4.32 -38.56
C ASP A 1012 49.25 3.90 -37.82
N ASP A 1013 48.95 4.56 -36.70
CA ASP A 1013 47.74 4.22 -35.95
C ASP A 1013 46.64 5.29 -36.07
N ASN A 1014 46.44 5.81 -37.28
CA ASN A 1014 45.28 6.66 -37.53
C ASN A 1014 44.35 6.08 -38.59
N TRP A 1015 43.08 6.45 -38.52
CA TRP A 1015 42.02 5.81 -39.30
C TRP A 1015 40.96 6.86 -39.66
N LEU A 1016 41.14 7.51 -40.81
CA LEU A 1016 40.19 8.52 -41.27
C LEU A 1016 39.90 8.29 -42.75
N LEU A 1017 38.68 7.84 -43.04
CA LEU A 1017 38.30 7.41 -44.38
C LEU A 1017 37.28 8.32 -45.04
N GLY A 1018 37.25 8.30 -46.37
CA GLY A 1018 36.20 8.98 -47.13
C GLY A 1018 36.34 10.48 -47.21
N LEU A 1019 37.55 11.00 -47.02
CA LEU A 1019 37.76 12.44 -47.13
C LEU A 1019 37.54 12.89 -48.57
N PRO A 1020 36.70 13.92 -48.75
CA PRO A 1020 36.41 14.47 -50.07
C PRO A 1020 37.69 14.88 -50.79
N LYS A 1021 37.85 14.42 -52.03
CA LYS A 1021 39.04 14.73 -52.82
C LYS A 1021 38.60 15.33 -54.14
N GLU A 1022 38.37 14.46 -55.12
CA GLU A 1022 37.99 14.89 -56.45
C GLU A 1022 36.69 14.22 -56.91
N GLN A 1023 35.96 14.90 -57.79
CA GLN A 1023 34.73 14.37 -58.38
C GLN A 1023 34.56 14.98 -59.77
N ARG A 1024 33.99 14.23 -60.70
CA ARG A 1024 33.75 14.73 -62.05
C ARG A 1024 32.49 14.10 -62.62
N ASN A 1025 31.69 14.90 -63.32
CA ASN A 1025 30.48 14.38 -63.94
C ASN A 1025 30.45 14.56 -65.46
N ASP A 1026 29.97 13.53 -66.16
CA ASP A 1026 29.90 13.58 -67.62
C ASP A 1026 28.55 13.11 -68.11
N GLY A 1027 28.05 13.73 -69.17
CA GLY A 1027 26.74 13.40 -69.70
C GLY A 1027 26.80 12.58 -70.97
N TYR A 1028 25.85 11.65 -71.07
CA TYR A 1028 25.72 10.78 -72.23
C TYR A 1028 24.26 10.80 -72.63
N GLN A 1029 24.00 11.04 -73.92
CA GLN A 1029 22.64 11.09 -74.43
C GLN A 1029 22.49 10.24 -75.68
N TYR A 1030 21.49 9.36 -75.68
CA TYR A 1030 21.33 8.43 -76.79
C TYR A 1030 19.88 8.41 -77.26
N ASP A 1031 19.67 7.81 -78.43
CA ASP A 1031 18.33 7.65 -78.95
CA ASP A 1031 18.35 7.62 -78.99
C ASP A 1031 17.67 6.43 -78.29
N GLN A 1032 16.35 6.46 -78.22
CA GLN A 1032 15.57 5.37 -77.64
C GLN A 1032 15.92 3.99 -78.18
N GLU A 1033 16.34 3.92 -79.44
CA GLU A 1033 16.63 2.63 -80.07
C GLU A 1033 17.80 1.92 -79.40
N ARG A 1034 18.69 2.70 -78.78
CA ARG A 1034 19.89 2.17 -78.15
C ARG A 1034 19.63 1.72 -76.73
N ALA A 1035 18.40 1.95 -76.24
CA ALA A 1035 18.05 1.55 -74.88
C ALA A 1035 17.79 0.05 -74.86
N PRO A 1036 18.55 -0.68 -74.01
CA PRO A 1036 18.38 -2.14 -73.92
C PRO A 1036 16.96 -2.55 -73.54
N ALA A 1037 16.49 -3.65 -74.11
CA ALA A 1037 15.11 -4.09 -73.89
C ALA A 1037 14.88 -4.52 -72.45
N ASN A 1038 15.90 -5.12 -71.85
CA ASN A 1038 15.80 -5.58 -70.47
C ASN A 1038 16.39 -4.58 -69.48
N GLY A 1039 16.87 -3.46 -70.00
CA GLY A 1039 17.41 -2.41 -69.15
C GLY A 1039 18.86 -2.63 -68.78
N PHE A 1040 19.40 -1.71 -67.98
CA PHE A 1040 20.80 -1.76 -67.59
C PHE A 1040 21.00 -2.54 -66.29
N THR A 1041 22.15 -3.20 -66.19
CA THR A 1041 22.65 -3.73 -64.93
C THR A 1041 24.09 -3.27 -64.81
N LEU A 1042 24.74 -3.57 -63.69
CA LEU A 1042 26.14 -3.22 -63.51
C LEU A 1042 27.01 -3.87 -64.60
N GLU A 1043 26.70 -5.13 -64.93
CA GLU A 1043 27.45 -5.88 -65.94
C GLU A 1043 27.35 -5.18 -67.30
N THR A 1044 26.14 -4.75 -67.66
CA THR A 1044 25.92 -3.99 -68.88
C THR A 1044 26.81 -2.74 -68.91
N LEU A 1045 27.04 -2.17 -67.73
CA LEU A 1045 27.74 -0.90 -67.64
C LEU A 1045 29.28 -0.99 -67.56
N ILE A 1046 29.81 -2.13 -67.08
CA ILE A 1046 31.26 -2.31 -67.12
C ILE A 1046 31.67 -3.07 -68.36
N ALA A 1047 30.69 -3.48 -69.16
CA ALA A 1047 30.96 -4.20 -70.40
C ALA A 1047 31.81 -3.36 -71.33
N SER A 1048 32.57 -4.01 -72.20
CA SER A 1048 33.47 -3.32 -73.12
C SER A 1048 32.67 -2.43 -74.07
N ASN A 1049 31.45 -2.83 -74.37
CA ASN A 1049 30.56 -2.08 -75.26
C ASN A 1049 29.60 -1.16 -74.50
N SER A 1050 30.01 -0.71 -73.32
CA SER A 1050 29.16 0.14 -72.47
C SER A 1050 28.75 1.45 -73.15
N LEU A 1051 27.58 1.96 -72.79
CA LEU A 1051 27.15 3.27 -73.29
C LEU A 1051 27.90 4.42 -72.63
N ILE A 1052 28.64 4.10 -71.55
CA ILE A 1052 29.45 5.11 -70.88
C ILE A 1052 30.94 4.74 -70.88
N GLY A 1053 31.33 3.84 -71.78
CA GLY A 1053 32.71 3.43 -71.95
C GLY A 1053 33.62 4.52 -72.49
N SER A 1054 34.93 4.30 -72.41
CA SER A 1054 35.92 5.30 -72.81
C SER A 1054 35.83 5.69 -74.29
N ASN A 1055 35.21 4.84 -75.09
CA ASN A 1055 35.03 5.10 -76.52
C ASN A 1055 33.96 6.17 -76.78
N GLN A 1056 32.94 6.22 -75.94
CA GLN A 1056 31.76 7.01 -76.25
C GLN A 1056 31.96 8.51 -76.09
N PRO A 1057 31.38 9.29 -77.01
CA PRO A 1057 31.41 10.75 -76.93
C PRO A 1057 30.60 11.20 -75.72
N PHE A 1058 30.94 12.33 -75.11
CA PHE A 1058 30.27 12.74 -73.88
C PHE A 1058 30.24 14.25 -73.68
N THR A 1059 29.36 14.73 -72.81
CA THR A 1059 29.32 16.14 -72.47
C THR A 1059 29.82 16.33 -71.05
N TYR A 1060 30.97 16.98 -70.92
CA TYR A 1060 31.57 17.33 -69.64
C TYR A 1060 30.59 18.21 -68.87
N LEU A 1061 30.25 17.79 -67.65
CA LEU A 1061 29.26 18.52 -66.88
C LEU A 1061 29.92 19.37 -65.81
N GLY A 1062 31.15 19.01 -65.45
CA GLY A 1062 31.92 19.78 -64.50
C GLY A 1062 32.66 18.88 -63.54
N GLN A 1063 33.26 19.50 -62.52
CA GLN A 1063 34.10 18.78 -61.57
C GLN A 1063 34.18 19.55 -60.26
N SER A 1064 34.71 18.90 -59.24
CA SER A 1064 34.86 19.48 -57.91
C SER A 1064 36.09 18.91 -57.26
N ARG A 1065 36.83 19.76 -56.55
CA ARG A 1065 38.06 19.35 -55.87
C ARG A 1065 38.11 20.02 -54.51
N VAL A 1066 38.63 19.30 -53.52
CA VAL A 1066 38.86 19.89 -52.21
C VAL A 1066 40.35 19.95 -51.95
N ALA A 1067 40.84 21.14 -51.59
CA ALA A 1067 42.26 21.30 -51.26
C ALA A 1067 42.42 21.63 -49.79
N TYR A 1068 43.38 20.95 -49.17
CA TYR A 1068 43.61 21.02 -47.74
C TYR A 1068 44.91 21.78 -47.38
N GLN A 1069 45.13 22.00 -46.10
CA GLN A 1069 46.34 22.68 -45.65
C GLN A 1069 46.96 22.04 -44.42
N GLY A 1070 48.28 21.88 -44.47
CA GLY A 1070 49.09 21.53 -43.31
C GLY A 1070 49.09 20.16 -42.66
N GLY A 1071 49.17 19.07 -43.44
CA GLY A 1071 49.15 19.07 -44.88
C GLY A 1071 50.48 18.87 -45.59
N VAL A 1072 50.59 17.79 -46.35
CA VAL A 1072 51.64 17.66 -47.37
C VAL A 1072 51.01 18.17 -48.66
N ASP A 1073 51.61 19.22 -49.23
CA ASP A 1073 51.00 19.93 -50.36
C ASP A 1073 49.57 20.35 -50.03
N GLU A 1074 48.61 19.88 -50.81
CA GLU A 1074 47.20 20.17 -50.57
C GLU A 1074 46.47 18.92 -50.09
N GLN A 1075 47.23 17.97 -49.57
CA GLN A 1075 46.67 16.75 -49.01
C GLN A 1075 46.34 16.91 -47.53
N PRO A 1076 45.34 16.15 -47.04
CA PRO A 1076 44.87 16.34 -45.68
C PRO A 1076 45.77 15.71 -44.62
N SER A 1077 45.83 16.36 -43.47
CA SER A 1077 46.38 15.77 -42.27
C SER A 1077 45.18 15.22 -41.51
N LEU A 1078 45.39 14.71 -40.29
CA LEU A 1078 44.28 14.11 -39.54
C LEU A 1078 43.23 15.15 -39.19
N GLN A 1079 43.64 16.42 -39.12
CA GLN A 1079 42.73 17.50 -38.79
C GLN A 1079 41.85 17.89 -39.96
N ALA A 1080 42.23 17.45 -41.16
CA ALA A 1080 41.43 17.64 -42.38
C ALA A 1080 41.01 19.08 -42.63
N LEU A 1081 41.96 20.00 -42.52
CA LEU A 1081 41.69 21.43 -42.67
C LEU A 1081 41.56 21.80 -44.15
N VAL A 1082 40.39 22.30 -44.53
CA VAL A 1082 40.19 22.67 -45.92
C VAL A 1082 40.83 24.02 -46.22
N ALA A 1083 41.65 24.06 -47.27
CA ALA A 1083 42.24 25.32 -47.71
C ALA A 1083 41.21 26.02 -48.58
N TYR A 1084 40.67 25.29 -49.56
CA TYR A 1084 39.60 25.84 -50.42
C TYR A 1084 38.88 24.74 -51.19
N GLY A 1085 37.70 25.08 -51.72
CA GLY A 1085 36.98 24.21 -52.64
C GLY A 1085 37.04 24.79 -54.03
N GLU A 1086 37.19 23.92 -55.03
CA GLU A 1086 37.42 24.36 -56.40
C GLU A 1086 36.47 23.67 -57.37
N THR A 1087 35.56 24.44 -57.97
CA THR A 1087 34.58 23.84 -58.88
C THR A 1087 34.68 24.43 -60.29
N ALA A 1088 34.46 23.59 -61.30
CA ALA A 1088 34.53 24.04 -62.70
C ALA A 1088 33.32 24.85 -63.12
N ILE A 1089 33.56 25.92 -63.87
CA ILE A 1089 32.51 26.85 -64.31
C ILE A 1089 32.42 26.84 -65.83
N LEU A 1090 33.59 26.88 -66.47
CA LEU A 1090 33.63 26.95 -67.92
C LEU A 1090 34.61 25.96 -68.53
N ASP A 1091 34.23 25.40 -69.67
CA ASP A 1091 35.10 24.58 -70.50
C ASP A 1091 34.99 25.09 -71.94
N GLU A 1092 35.66 24.42 -72.87
CA GLU A 1092 35.73 24.92 -74.25
C GLU A 1092 34.36 25.00 -74.93
N LYS A 1093 33.42 24.18 -74.47
CA LYS A 1093 32.08 24.15 -75.05
C LYS A 1093 31.21 25.31 -74.52
N THR A 1094 31.26 25.54 -73.21
CA THR A 1094 30.48 26.61 -72.61
C THR A 1094 31.07 27.99 -72.91
N LEU A 1095 32.37 28.01 -73.19
CA LEU A 1095 33.07 29.25 -73.53
C LEU A 1095 32.52 29.83 -74.82
N GLN A 1096 31.88 28.97 -75.61
CA GLN A 1096 31.23 29.41 -76.84
C GLN A 1096 30.12 30.43 -76.58
N ALA A 1097 29.75 30.64 -75.32
CA ALA A 1097 28.79 31.69 -74.99
C ALA A 1097 29.36 33.09 -75.24
N PHE A 1098 30.67 33.19 -75.37
CA PHE A 1098 31.30 34.50 -75.55
C PHE A 1098 31.61 34.83 -77.01
N VAL A 1099 31.43 33.86 -77.90
CA VAL A 1099 31.97 33.92 -79.27
C VAL A 1099 31.65 35.18 -80.08
N GLY A 1100 30.37 35.43 -80.33
CA GLY A 1100 29.99 36.55 -81.17
C GLY A 1100 29.99 37.90 -80.48
N VAL A 1101 30.50 37.93 -79.24
CA VAL A 1101 30.39 39.11 -78.39
C VAL A 1101 31.75 39.64 -77.94
N LEU A 1102 32.64 38.74 -77.49
CA LEU A 1102 33.99 39.11 -77.08
C LEU A 1102 35.01 38.17 -77.72
N ASP A 1103 36.21 38.68 -78.00
CA ASP A 1103 37.28 37.84 -78.53
C ASP A 1103 38.06 37.19 -77.38
N SER A 1104 38.97 36.28 -77.72
CA SER A 1104 39.64 35.43 -76.73
C SER A 1104 40.42 36.19 -75.66
N LYS A 1105 41.21 37.19 -76.07
CA LYS A 1105 42.00 37.97 -75.12
C LYS A 1105 41.09 38.71 -74.12
N THR A 1106 40.08 39.40 -74.65
CA THR A 1106 39.16 40.18 -73.83
C THR A 1106 38.39 39.26 -72.89
N ARG A 1107 37.95 38.12 -73.42
CA ARG A 1107 37.21 37.13 -72.64
C ARG A 1107 38.06 36.65 -71.48
N ASP A 1108 39.30 36.26 -71.78
CA ASP A 1108 40.22 35.74 -70.76
C ASP A 1108 40.56 36.78 -69.69
N GLU A 1109 40.80 38.03 -70.09
CA GLU A 1109 41.10 39.04 -69.07
C GLU A 1109 39.86 39.39 -68.24
N LEU A 1110 38.67 39.23 -68.85
CA LEU A 1110 37.43 39.41 -68.09
C LEU A 1110 37.29 38.32 -67.03
N LEU A 1111 37.41 37.08 -67.47
CA LEU A 1111 37.32 35.93 -66.57
C LEU A 1111 38.35 36.04 -65.45
N PHE A 1112 39.59 36.39 -65.81
CA PHE A 1112 40.66 36.58 -64.84
C PHE A 1112 40.29 37.67 -63.85
N SER A 1113 39.71 38.76 -64.34
CA SER A 1113 39.32 39.86 -63.47
C SER A 1113 38.19 39.44 -62.52
N ALA A 1114 37.37 38.48 -62.97
CA ALA A 1114 36.20 38.07 -62.21
C ALA A 1114 36.48 36.94 -61.21
N GLY A 1115 37.76 36.65 -60.98
CA GLY A 1115 38.13 35.71 -59.95
C GLY A 1115 38.27 34.26 -60.41
N TYR A 1116 38.04 34.02 -61.69
CA TYR A 1116 38.18 32.68 -62.22
C TYR A 1116 39.63 32.41 -62.61
N GLN A 1117 40.02 31.14 -62.57
CA GLN A 1117 41.38 30.75 -62.93
C GLN A 1117 41.38 29.39 -63.60
N LEU A 1118 42.46 29.08 -64.31
CA LEU A 1118 42.54 27.81 -65.03
C LEU A 1118 43.10 26.70 -64.15
N ALA A 1119 42.50 25.52 -64.26
CA ALA A 1119 42.96 24.36 -63.50
C ALA A 1119 42.82 23.13 -64.38
N PRO A 1120 43.64 22.09 -64.11
CA PRO A 1120 43.56 20.86 -64.90
C PRO A 1120 42.18 20.21 -64.81
N ARG A 1121 41.73 19.63 -65.92
CA ARG A 1121 40.48 18.88 -65.90
C ARG A 1121 40.78 17.58 -65.17
N LEU A 1122 39.89 17.18 -64.26
CA LEU A 1122 40.10 15.98 -63.45
C LEU A 1122 39.70 14.73 -64.23
N PHE A 1123 40.31 13.60 -63.87
CA PHE A 1123 40.04 12.33 -64.54
C PHE A 1123 40.19 12.52 -66.05
N ARG A 1124 41.30 13.17 -66.41
CA ARG A 1124 41.55 13.64 -67.75
C ARG A 1124 41.78 12.52 -68.74
N VAL A 1125 41.14 12.63 -69.90
CA VAL A 1125 41.40 11.70 -71.01
C VAL A 1125 41.88 12.47 -72.25
N GLU A 1126 42.74 11.82 -73.05
CA GLU A 1126 43.17 12.31 -74.37
C GLU A 1126 43.44 13.83 -74.46
N SER A 1127 44.29 14.34 -73.59
CA SER A 1127 44.66 15.77 -73.58
C SER A 1127 43.45 16.72 -73.55
N GLU A 1128 42.53 16.49 -72.62
CA GLU A 1128 41.39 17.40 -72.44
C GLU A 1128 41.89 18.76 -71.94
N PRO A 1129 41.35 19.84 -72.51
CA PRO A 1129 41.87 21.17 -72.13
C PRO A 1129 41.49 21.54 -70.70
N ASP A 1130 42.32 22.37 -70.08
CA ASP A 1130 42.06 22.88 -68.74
C ASP A 1130 40.73 23.61 -68.69
N VAL A 1131 40.14 23.67 -67.50
CA VAL A 1131 38.84 24.30 -67.35
C VAL A 1131 38.98 25.52 -66.44
N TRP A 1132 38.09 26.48 -66.62
CA TRP A 1132 38.04 27.64 -65.76
C TRP A 1132 37.33 27.26 -64.47
N VAL A 1133 37.94 27.52 -63.33
CA VAL A 1133 37.36 27.10 -62.07
C VAL A 1133 37.19 28.27 -61.12
N ALA A 1134 36.41 28.05 -60.08
CA ALA A 1134 36.26 29.03 -59.03
C ALA A 1134 36.64 28.39 -57.71
N ARG A 1135 37.50 29.07 -56.98
CA ARG A 1135 37.92 28.63 -55.66
C ARG A 1135 37.24 29.48 -54.59
N GLN A 1136 36.57 28.82 -53.65
CA GLN A 1136 35.82 29.50 -52.59
C GLN A 1136 36.12 28.86 -51.24
N GLY A 1137 35.77 29.55 -50.16
CA GLY A 1137 35.83 28.95 -48.84
C GLY A 1137 37.23 28.87 -48.26
N TYR A 1138 37.85 30.02 -48.05
CA TYR A 1138 39.18 30.07 -47.45
C TYR A 1138 39.12 30.32 -45.95
N SER A 1139 39.77 29.44 -45.19
CA SER A 1139 39.89 29.59 -43.75
C SER A 1139 41.33 29.46 -43.27
N GLU A 1140 41.68 30.25 -42.26
CA GLU A 1140 42.93 30.06 -41.55
C GLU A 1140 42.57 29.52 -40.16
N PHE A 1141 43.35 28.55 -39.69
CA PHE A 1141 43.07 27.86 -38.42
C PHE A 1141 44.21 28.03 -37.42
N GLY A 1142 43.90 27.83 -36.14
CA GLY A 1142 44.92 27.85 -35.10
C GLY A 1142 45.65 26.53 -35.01
N ASP A 1143 46.50 26.38 -34.01
CA ASP A 1143 47.23 25.13 -33.80
C ASP A 1143 46.48 24.20 -32.85
N TYR A 1144 47.18 23.17 -32.37
CA TYR A 1144 46.58 22.18 -31.47
C TYR A 1144 46.14 22.80 -30.15
N SER A 1145 46.85 23.84 -29.70
CA SER A 1145 46.56 24.45 -28.40
C SER A 1145 45.30 25.30 -28.45
N GLN A 1146 44.84 25.57 -29.67
CA GLN A 1146 43.64 26.34 -29.87
C GLN A 1146 42.58 25.42 -30.45
N PHE A 1147 42.81 24.12 -30.28
CA PHE A 1147 41.89 23.08 -30.75
C PHE A 1147 41.59 23.17 -32.25
N TRP A 1148 42.56 23.67 -33.01
CA TRP A 1148 42.47 23.76 -34.47
C TRP A 1148 41.26 24.57 -34.94
N ARG A 1149 40.85 25.56 -34.14
CA ARG A 1149 39.66 26.35 -34.44
CA ARG A 1149 39.66 26.32 -34.46
C ARG A 1149 39.93 27.38 -35.53
N PRO A 1150 38.91 27.70 -36.33
CA PRO A 1150 39.11 28.69 -37.40
C PRO A 1150 39.44 30.04 -36.80
N LEU A 1151 40.43 30.73 -37.37
CA LEU A 1151 40.79 32.06 -36.88
C LEU A 1151 40.43 33.12 -37.90
N SER A 1152 40.42 32.77 -39.19
CA SER A 1152 39.94 33.74 -40.19
C SER A 1152 39.15 33.07 -41.29
N GLN A 1153 38.18 33.81 -41.82
CA GLN A 1153 37.32 33.30 -42.89
C GLN A 1153 37.16 34.32 -44.01
N ARG A 1154 37.03 33.82 -45.22
CA ARG A 1154 36.75 34.66 -46.38
C ARG A 1154 36.21 33.79 -47.51
N SER A 1155 35.25 34.33 -48.26
CA SER A 1155 34.60 33.60 -49.34
C SER A 1155 35.55 33.34 -50.51
N THR A 1156 36.18 34.41 -51.01
CA THR A 1156 37.19 34.26 -52.06
C THR A 1156 38.42 35.10 -51.75
N LEU A 1157 39.35 35.15 -52.70
CA LEU A 1157 40.54 35.96 -52.57
C LEU A 1157 40.33 37.36 -53.15
N LEU A 1158 39.10 37.60 -53.63
CA LEU A 1158 38.70 38.91 -54.13
C LEU A 1158 38.39 39.85 -52.96
N THR A 1159 38.13 39.29 -51.79
CA THR A 1159 37.79 40.09 -50.61
C THR A 1159 38.75 39.85 -49.45
N GLY A 1160 38.60 40.65 -48.39
CA GLY A 1160 39.48 40.53 -47.24
C GLY A 1160 38.95 39.52 -46.24
N LYS A 1161 39.75 39.23 -45.23
CA LYS A 1161 39.40 38.22 -44.23
C LYS A 1161 38.47 38.80 -43.16
N THR A 1162 37.65 37.93 -42.56
CA THR A 1162 36.98 38.28 -41.31
C THR A 1162 37.70 37.49 -40.22
N THR A 1163 38.11 38.20 -39.17
CA THR A 1163 38.92 37.64 -38.10
C THR A 1163 38.04 37.16 -36.94
N LEU A 1164 38.40 35.99 -36.39
CA LEU A 1164 37.68 35.41 -35.27
C LEU A 1164 38.53 35.43 -34.00
N LYS A 1165 37.93 35.90 -32.91
CA LYS A 1165 38.55 35.83 -31.60
C LYS A 1165 37.65 34.99 -30.71
N TRP A 1166 38.24 33.94 -30.16
CA TRP A 1166 37.53 32.96 -29.34
C TRP A 1166 37.61 33.31 -27.86
N ASP A 1167 36.82 32.61 -27.04
CA ASP A 1167 36.89 32.78 -25.61
C ASP A 1167 38.04 31.97 -25.03
N LYS A 1168 38.16 31.98 -23.71
CA LYS A 1168 39.28 31.37 -22.99
C LYS A 1168 39.53 29.90 -23.36
N HIS A 1169 38.47 29.12 -23.45
CA HIS A 1169 38.61 27.68 -23.66
C HIS A 1169 38.14 27.26 -25.05
N TYR A 1170 38.11 28.21 -25.97
CA TYR A 1170 37.76 27.96 -27.36
C TYR A 1170 36.43 27.23 -27.52
N CYS A 1171 35.43 27.69 -26.77
CA CYS A 1171 34.08 27.14 -26.87
C CYS A 1171 33.27 27.92 -27.90
N VAL A 1172 33.33 29.24 -27.80
CA VAL A 1172 32.57 30.10 -28.70
C VAL A 1172 33.45 31.25 -29.18
N VAL A 1173 33.05 31.89 -30.28
CA VAL A 1173 33.78 33.07 -30.75
C VAL A 1173 33.16 34.31 -30.11
N ILE A 1174 34.00 35.17 -29.56
CA ILE A 1174 33.50 36.32 -28.80
C ILE A 1174 33.68 37.61 -29.56
N GLU A 1175 34.47 37.57 -30.63
CA GLU A 1175 34.61 38.79 -31.42
C GLU A 1175 34.92 38.51 -32.89
N THR A 1176 34.32 39.29 -33.78
CA THR A 1176 34.66 39.23 -35.19
C THR A 1176 35.09 40.60 -35.69
N GLN A 1177 36.06 40.61 -36.59
CA GLN A 1177 36.49 41.87 -37.21
C GLN A 1177 36.63 41.68 -38.71
N ASP A 1178 35.76 42.32 -39.49
CA ASP A 1178 35.81 42.13 -40.93
C ASP A 1178 36.93 42.94 -41.60
N ALA A 1179 36.82 43.11 -42.91
CA ALA A 1179 37.91 43.69 -43.68
C ALA A 1179 37.91 45.21 -43.74
N ALA A 1180 36.91 45.83 -43.13
CA ALA A 1180 36.85 47.29 -43.05
C ALA A 1180 37.01 47.74 -41.60
N GLN A 1181 37.61 46.85 -40.81
CA GLN A 1181 37.92 47.07 -39.39
C GLN A 1181 36.67 47.18 -38.51
N LEU A 1182 35.52 46.78 -39.04
CA LEU A 1182 34.31 46.77 -38.23
C LEU A 1182 34.35 45.63 -37.20
N VAL A 1183 34.10 45.97 -35.94
CA VAL A 1183 34.21 44.99 -34.87
C VAL A 1183 32.86 44.67 -34.22
N THR A 1184 32.55 43.38 -34.12
CA THR A 1184 31.35 42.91 -33.41
C THR A 1184 31.79 42.06 -32.23
N GLN A 1185 31.24 42.34 -31.05
CA GLN A 1185 31.62 41.59 -29.85
C GLN A 1185 30.42 40.91 -29.23
N ALA A 1186 30.62 39.70 -28.70
CA ALA A 1186 29.52 38.97 -28.07
C ALA A 1186 29.92 38.44 -26.69
N ARG A 1187 28.94 38.44 -25.79
CA ARG A 1187 29.08 37.83 -24.47
C ARG A 1187 28.03 36.74 -24.32
N TYR A 1188 28.45 35.61 -23.77
CA TYR A 1188 27.65 34.38 -23.78
C TYR A 1188 27.07 34.00 -22.42
N ASP A 1189 25.87 33.44 -22.45
CA ASP A 1189 25.29 32.76 -21.30
C ASP A 1189 25.82 31.32 -21.36
N TYR A 1190 26.75 30.98 -20.47
CA TYR A 1190 27.47 29.72 -20.60
C TYR A 1190 26.76 28.45 -20.13
N ARG A 1191 25.51 28.57 -19.68
CA ARG A 1191 24.72 27.36 -19.45
C ARG A 1191 24.20 26.82 -20.79
N PHE A 1192 24.22 27.67 -21.82
CA PHE A 1192 23.78 27.24 -23.15
C PHE A 1192 24.83 27.55 -24.21
N LEU A 1193 25.84 28.32 -23.85
CA LEU A 1193 26.86 28.76 -24.80
C LEU A 1193 26.21 29.47 -25.98
N THR A 1194 25.19 30.26 -25.69
CA THR A 1194 24.59 31.15 -26.68
C THR A 1194 24.79 32.59 -26.21
N PRO A 1195 24.93 33.52 -27.16
CA PRO A 1195 25.22 34.89 -26.75
C PRO A 1195 24.01 35.55 -26.09
N TYR A 1196 24.26 36.39 -25.09
CA TYR A 1196 23.21 37.15 -24.43
C TYR A 1196 23.43 38.63 -24.61
N SER A 1197 24.66 38.99 -25.01
CA SER A 1197 24.95 40.41 -25.21
C SER A 1197 25.78 40.62 -26.46
N LEU A 1198 25.49 41.71 -27.17
CA LEU A 1198 26.19 41.99 -28.43
C LEU A 1198 26.48 43.48 -28.57
N THR A 1199 27.75 43.82 -28.80
CA THR A 1199 28.13 45.18 -29.13
C THR A 1199 28.40 45.20 -30.63
N ASP A 1200 27.66 46.04 -31.36
CA ASP A 1200 27.79 46.08 -32.82
C ASP A 1200 28.89 47.02 -33.29
N ALA A 1201 29.07 47.10 -34.61
CA ALA A 1201 30.16 47.89 -35.20
C ALA A 1201 30.04 49.38 -34.91
N ASN A 1202 28.86 49.82 -34.47
CA ASN A 1202 28.65 51.21 -34.11
C ASN A 1202 28.56 51.42 -32.61
N ASP A 1203 29.12 50.49 -31.84
CA ASP A 1203 29.12 50.55 -30.38
C ASP A 1203 27.72 50.65 -29.80
N ASN A 1204 26.78 49.95 -30.43
CA ASN A 1204 25.45 49.83 -29.86
C ASN A 1204 25.32 48.50 -29.13
N GLN A 1205 24.53 48.51 -28.07
CA GLN A 1205 24.31 47.33 -27.24
C GLN A 1205 23.00 46.67 -27.59
N HIS A 1206 23.04 45.35 -27.64
CA HIS A 1206 21.87 44.54 -27.88
C HIS A 1206 21.89 43.47 -26.81
N TYR A 1207 20.73 43.22 -26.22
CA TYR A 1207 20.68 42.48 -24.97
C TYR A 1207 19.45 41.58 -24.94
N VAL A 1208 19.65 40.35 -24.47
CA VAL A 1208 18.55 39.43 -24.24
C VAL A 1208 18.66 38.82 -22.85
N VAL A 1209 17.52 38.43 -22.30
CA VAL A 1209 17.50 37.64 -21.08
C VAL A 1209 17.01 36.25 -21.43
N LEU A 1210 17.73 35.23 -20.96
CA LEU A 1210 17.35 33.86 -21.26
C LEU A 1210 16.78 33.15 -20.02
N ASN A 1211 15.67 32.44 -20.23
CA ASN A 1211 15.07 31.63 -19.18
C ASN A 1211 15.93 30.37 -18.97
N PRO A 1212 15.62 29.57 -17.94
CA PRO A 1212 16.49 28.41 -17.73
C PRO A 1212 16.45 27.33 -18.82
N PHE A 1213 15.70 27.57 -19.90
CA PHE A 1213 15.70 26.67 -21.05
C PHE A 1213 16.28 27.34 -22.30
N GLY A 1214 17.00 28.44 -22.10
CA GLY A 1214 17.71 29.09 -23.19
C GLY A 1214 16.81 29.91 -24.09
N GLU A 1215 15.57 30.12 -23.67
CA GLU A 1215 14.64 30.91 -24.46
C GLU A 1215 14.70 32.39 -24.09
N VAL A 1216 14.64 33.25 -25.10
CA VAL A 1216 14.61 34.69 -24.89
C VAL A 1216 13.27 35.09 -24.29
N ILE A 1217 13.29 35.63 -23.07
CA ILE A 1217 12.05 36.04 -22.41
C ILE A 1217 12.01 37.55 -22.16
N ALA A 1218 13.05 38.23 -22.61
CA ALA A 1218 13.11 39.69 -22.62
C ALA A 1218 14.23 40.13 -23.54
N SER A 1219 14.06 41.27 -24.20
CA SER A 1219 15.12 41.80 -25.04
C SER A 1219 15.04 43.32 -25.07
N ARG A 1220 16.20 43.96 -25.14
CA ARG A 1220 16.28 45.41 -25.24
C ARG A 1220 17.57 45.78 -25.96
N PHE A 1221 17.70 47.06 -26.30
CA PHE A 1221 18.88 47.56 -26.98
C PHE A 1221 19.04 49.05 -26.75
N TRP A 1222 20.28 49.55 -26.84
CA TRP A 1222 20.54 50.96 -26.62
C TRP A 1222 21.89 51.32 -27.24
N GLY A 1223 22.24 52.59 -27.23
CA GLY A 1223 23.44 53.12 -27.86
C GLY A 1223 23.27 54.61 -28.10
N THR A 1224 23.67 55.10 -29.26
CA THR A 1224 23.57 56.53 -29.53
C THR A 1224 22.95 56.88 -30.89
N GLU A 1225 22.27 58.02 -30.90
CA GLU A 1225 21.70 58.62 -32.11
C GLU A 1225 21.96 60.12 -32.06
N ALA A 1226 22.69 60.65 -33.05
CA ALA A 1226 23.04 62.07 -33.09
C ALA A 1226 23.80 62.48 -31.84
N GLY A 1227 24.74 61.65 -31.41
CA GLY A 1227 25.51 61.93 -30.22
C GLY A 1227 24.77 61.60 -28.93
N LYS A 1228 23.52 62.03 -28.87
CA LYS A 1228 22.65 61.78 -27.72
C LYS A 1228 22.40 60.29 -27.48
N ASP A 1229 22.22 59.91 -26.22
CA ASP A 1229 21.94 58.52 -25.90
C ASP A 1229 20.52 58.15 -26.33
N ALA A 1230 20.29 56.87 -26.61
CA ALA A 1230 19.00 56.36 -27.04
C ALA A 1230 19.13 54.87 -26.92
N GLY A 1231 18.05 54.11 -26.80
CA GLY A 1231 16.73 54.61 -26.52
C GLY A 1231 16.21 53.90 -25.29
N TYR A 1232 16.30 52.57 -25.28
CA TYR A 1232 15.87 51.79 -24.11
C TYR A 1232 16.84 51.94 -22.93
N SER A 1233 16.29 52.05 -21.73
CA SER A 1233 17.10 52.11 -20.52
C SER A 1233 17.89 50.82 -20.35
N THR A 1234 19.15 50.95 -19.93
CA THR A 1234 20.01 49.80 -19.69
C THR A 1234 19.41 48.91 -18.60
N PRO A 1235 19.77 47.62 -18.61
CA PRO A 1235 19.30 46.73 -17.54
C PRO A 1235 19.70 47.27 -16.17
N GLN A 1236 20.91 47.81 -16.07
CA GLN A 1236 21.38 48.40 -14.83
C GLN A 1236 20.48 49.56 -14.39
N ALA A 1237 20.09 50.40 -15.35
CA ALA A 1237 19.32 51.59 -15.05
C ALA A 1237 17.86 51.29 -14.72
N LYS A 1238 17.27 50.32 -15.42
CA LYS A 1238 15.89 49.94 -15.14
C LYS A 1238 15.67 48.44 -15.35
N PRO A 1239 15.95 47.64 -14.32
CA PRO A 1239 15.67 46.20 -14.39
C PRO A 1239 14.21 45.95 -14.74
N PHE A 1240 13.92 44.83 -15.39
CA PHE A 1240 12.54 44.47 -15.71
C PHE A 1240 12.26 43.04 -15.30
N VAL A 1241 11.18 42.84 -14.55
CA VAL A 1241 10.78 41.49 -14.13
C VAL A 1241 9.63 41.04 -15.03
N VAL A 1242 9.88 40.03 -15.85
CA VAL A 1242 8.85 39.48 -16.72
C VAL A 1242 7.77 38.88 -15.83
N PRO A 1243 6.51 39.30 -16.04
CA PRO A 1243 5.40 38.77 -15.23
C PRO A 1243 5.36 37.26 -15.29
N ALA A 1244 4.93 36.62 -14.20
CA ALA A 1244 4.96 35.16 -14.12
C ALA A 1244 3.78 34.54 -14.84
N THR A 1245 2.73 35.33 -15.06
CA THR A 1245 1.55 34.84 -15.78
C THR A 1245 1.20 35.71 -16.97
N ILE A 1246 0.50 35.10 -17.93
CA ILE A 1246 0.06 35.81 -19.12
C ILE A 1246 -1.00 36.84 -18.76
N GLU A 1247 -1.87 36.51 -17.81
CA GLU A 1247 -2.91 37.44 -17.37
C GLU A 1247 -2.27 38.73 -16.86
N ALA A 1248 -1.18 38.58 -16.11
CA ALA A 1248 -0.46 39.73 -15.57
C ALA A 1248 0.28 40.48 -16.67
N ALA A 1249 0.88 39.74 -17.59
CA ALA A 1249 1.64 40.34 -18.68
C ALA A 1249 0.75 41.17 -19.60
N LEU A 1250 -0.47 40.69 -19.83
CA LEU A 1250 -1.44 41.39 -20.66
C LEU A 1250 -1.87 42.69 -19.98
N ALA A 1251 -1.80 42.70 -18.65
CA ALA A 1251 -2.24 43.85 -17.87
C ALA A 1251 -1.10 44.82 -17.59
N LEU A 1252 0.05 44.61 -18.23
CA LEU A 1252 1.19 45.51 -18.02
C LEU A 1252 0.85 46.91 -18.50
N SER A 1253 1.50 47.89 -17.90
CA SER A 1253 1.30 49.29 -18.26
C SER A 1253 2.50 49.78 -19.06
N PRO A 1254 2.33 50.86 -19.84
CA PRO A 1254 3.45 51.38 -20.65
C PRO A 1254 4.64 51.81 -19.78
N GLY A 1255 5.80 51.94 -20.40
CA GLY A 1255 7.00 52.39 -19.70
C GLY A 1255 7.92 51.25 -19.31
N ILE A 1256 7.80 50.13 -20.01
CA ILE A 1256 8.70 49.00 -19.78
C ILE A 1256 9.94 49.12 -20.67
N PRO A 1257 11.13 48.88 -20.10
CA PRO A 1257 12.40 49.15 -20.78
C PRO A 1257 12.87 47.97 -21.61
N VAL A 1258 11.93 47.22 -22.17
CA VAL A 1258 12.27 46.11 -23.04
C VAL A 1258 11.59 46.29 -24.40
N ALA A 1259 12.26 45.84 -25.46
CA ALA A 1259 11.69 45.87 -26.80
C ALA A 1259 10.74 44.69 -26.96
N HIS A 1260 11.12 43.56 -26.38
CA HIS A 1260 10.30 42.37 -26.34
C HIS A 1260 10.35 41.75 -24.95
N CYS A 1261 9.30 41.04 -24.57
CA CYS A 1261 9.41 40.11 -23.45
C CYS A 1261 8.48 38.93 -23.72
N ALA A 1262 8.82 37.77 -23.21
CA ALA A 1262 8.05 36.56 -23.53
C ALA A 1262 7.73 35.68 -22.34
N ILE A 1263 6.55 35.06 -22.39
CA ILE A 1263 6.14 34.09 -21.38
C ILE A 1263 5.80 32.78 -22.07
N PHE A 1264 6.49 31.71 -21.70
CA PHE A 1264 6.29 30.43 -22.36
C PHE A 1264 5.43 29.52 -21.49
N GLU A 1265 4.37 28.98 -22.08
CA GLU A 1265 3.45 28.09 -21.36
C GLU A 1265 3.25 26.78 -22.11
N PRO A 1266 4.26 25.90 -22.04
CA PRO A 1266 4.26 24.63 -22.77
C PRO A 1266 3.46 23.53 -22.07
N GLU A 1267 2.98 23.81 -20.85
CA GLU A 1267 2.27 22.81 -20.06
C GLU A 1267 0.78 23.11 -19.93
N SER A 1268 0.32 24.11 -20.68
CA SER A 1268 -1.06 24.60 -20.55
C SER A 1268 -2.12 23.57 -20.97
N TRP A 1269 -1.71 22.52 -21.66
CA TRP A 1269 -2.63 21.45 -22.05
C TRP A 1269 -2.84 20.48 -20.88
N MET A 1270 -1.99 20.56 -19.86
CA MET A 1270 -2.23 19.78 -18.65
C MET A 1270 -3.09 20.60 -17.73
N GLN A 1271 -4.20 20.04 -17.26
CA GLN A 1271 -5.08 20.74 -16.34
C GLN A 1271 -4.34 21.07 -15.03
N LYS A 1272 -4.58 22.27 -14.51
CA LYS A 1272 -3.95 22.72 -13.28
C LYS A 1272 -4.81 22.38 -12.05
N LEU A 1273 -4.18 21.73 -11.07
CA LEU A 1273 -4.87 21.29 -9.86
C LEU A 1273 -4.06 21.68 -8.63
N THR A 1274 -4.71 22.32 -7.65
CA THR A 1274 -4.00 22.73 -6.44
C THR A 1274 -4.33 21.83 -5.25
N GLN A 1275 -3.40 21.76 -4.30
CA GLN A 1275 -3.60 21.03 -3.05
C GLN A 1275 -4.86 21.55 -2.35
N HIS A 1276 -5.01 22.87 -2.38
CA HIS A 1276 -6.12 23.55 -1.71
C HIS A 1276 -7.48 23.15 -2.29
N ASP A 1277 -7.59 23.17 -3.61
CA ASP A 1277 -8.85 22.85 -4.26
C ASP A 1277 -9.25 21.39 -4.05
N VAL A 1278 -8.29 20.49 -4.21
CA VAL A 1278 -8.56 19.06 -4.03
C VAL A 1278 -8.99 18.78 -2.60
N SER A 1279 -8.25 19.37 -1.66
CA SER A 1279 -8.58 19.16 -0.25
C SER A 1279 -9.92 19.78 0.14
N GLU A 1280 -10.27 20.91 -0.48
CA GLU A 1280 -11.55 21.57 -0.19
C GLU A 1280 -12.72 20.78 -0.77
N ARG A 1281 -12.51 20.16 -1.93
CA ARG A 1281 -13.56 19.37 -2.55
CA ARG A 1281 -13.55 19.35 -2.57
C ARG A 1281 -13.74 18.01 -1.88
N MET A 1282 -12.65 17.41 -1.43
CA MET A 1282 -12.71 16.09 -0.81
C MET A 1282 -12.94 16.19 0.68
N ALA A 1283 -12.60 17.34 1.25
CA ALA A 1283 -12.75 17.59 2.68
C ALA A 1283 -12.07 16.48 3.48
N ASP A 1284 -10.87 16.12 3.04
CA ASP A 1284 -10.14 15.00 3.59
C ASP A 1284 -8.82 15.49 4.15
N ASN A 1285 -8.69 16.82 4.22
CA ASN A 1285 -7.50 17.46 4.74
C ASN A 1285 -6.20 17.09 4.04
N GLY A 1286 -6.29 16.82 2.74
CA GLY A 1286 -5.11 16.61 1.91
C GLY A 1286 -4.79 15.17 1.57
N THR A 1287 -5.61 14.24 2.04
CA THR A 1287 -5.34 12.81 1.88
C THR A 1287 -5.24 12.44 0.40
N LEU A 1288 -6.33 12.70 -0.32
CA LEU A 1288 -6.39 12.35 -1.71
C LEU A 1288 -5.31 13.10 -2.48
N TRP A 1289 -5.11 14.37 -2.15
CA TRP A 1289 -4.04 15.14 -2.79
C TRP A 1289 -2.67 14.49 -2.65
N ASN A 1290 -2.30 14.16 -1.41
CA ASN A 1290 -1.01 13.54 -1.15
C ASN A 1290 -0.85 12.21 -1.88
N ALA A 1291 -1.92 11.41 -1.92
CA ALA A 1291 -1.85 10.14 -2.65
C ALA A 1291 -1.71 10.33 -4.17
N LEU A 1292 -2.44 11.29 -4.71
CA LEU A 1292 -2.41 11.59 -6.15
C LEU A 1292 -1.04 12.13 -6.55
N LEU A 1293 -0.44 12.93 -5.68
CA LEU A 1293 0.88 13.46 -5.93
C LEU A 1293 1.89 12.33 -5.90
N GLN A 1294 1.80 11.48 -4.88
CA GLN A 1294 2.72 10.36 -4.74
C GLN A 1294 2.74 9.45 -5.98
N ALA A 1295 1.58 9.27 -6.59
CA ALA A 1295 1.45 8.39 -7.75
C ALA A 1295 1.70 9.13 -9.06
N ARG A 1296 1.97 10.42 -8.94
CA ARG A 1296 2.15 11.28 -10.11
C ARG A 1296 0.92 11.28 -11.02
N PHE A 1297 -0.25 11.25 -10.39
CA PHE A 1297 -1.50 11.59 -11.05
C PHE A 1297 -1.35 13.06 -11.42
N VAL A 1298 -0.70 13.80 -10.52
CA VAL A 1298 -0.46 15.23 -10.69
C VAL A 1298 1.01 15.51 -10.33
N THR A 1299 1.60 16.52 -10.96
CA THR A 1299 2.99 16.88 -10.66
C THR A 1299 3.01 17.74 -9.39
N GLU A 1300 4.20 17.98 -8.86
CA GLU A 1300 4.34 18.78 -7.63
C GLU A 1300 3.93 20.23 -7.88
N ASP A 1301 4.11 20.68 -9.12
CA ASP A 1301 3.70 22.03 -9.48
C ASP A 1301 2.27 22.09 -9.99
N GLY A 1302 1.53 20.99 -9.81
CA GLY A 1302 0.10 20.99 -9.99
C GLY A 1302 -0.46 20.78 -11.38
N TYR A 1303 0.24 20.01 -12.22
CA TYR A 1303 -0.28 19.71 -13.54
C TYR A 1303 -0.72 18.25 -13.59
N VAL A 1304 -1.95 18.03 -14.05
CA VAL A 1304 -2.49 16.67 -14.12
C VAL A 1304 -1.82 15.93 -15.27
N CYS A 1305 -1.19 14.80 -14.95
CA CYS A 1305 -0.54 13.99 -15.99
C CYS A 1305 -1.55 13.02 -16.58
N ALA A 1306 -1.62 12.98 -17.91
CA ALA A 1306 -2.60 12.16 -18.61
C ALA A 1306 -2.48 10.68 -18.27
N LEU A 1307 -1.30 10.13 -18.48
CA LEU A 1307 -1.10 8.70 -18.29
C LEU A 1307 -1.09 8.35 -16.81
N GLY A 1308 -0.57 9.27 -15.99
CA GLY A 1308 -0.59 9.08 -14.55
C GLY A 1308 -2.02 9.04 -14.06
N ARG A 1309 -2.86 9.86 -14.67
CA ARG A 1309 -4.29 9.88 -14.36
C ARG A 1309 -4.96 8.59 -14.76
N ARG A 1310 -4.69 8.11 -15.98
CA ARG A 1310 -5.31 6.87 -16.44
C ARG A 1310 -4.90 5.67 -15.58
N ARG A 1311 -3.61 5.60 -15.25
CA ARG A 1311 -3.07 4.52 -14.44
C ARG A 1311 -3.73 4.56 -13.05
N TRP A 1312 -3.79 5.77 -12.50
CA TRP A 1312 -4.43 5.95 -11.20
C TRP A 1312 -5.86 5.47 -11.24
N MET A 1313 -6.61 5.87 -12.27
CA MET A 1313 -8.00 5.45 -12.43
C MET A 1313 -8.15 3.95 -12.57
N ALA A 1314 -7.21 3.34 -13.25
CA ALA A 1314 -7.26 1.91 -13.48
C ALA A 1314 -7.01 1.16 -12.20
N ARG A 1315 -6.27 1.79 -11.27
CA ARG A 1315 -5.92 1.10 -10.03
C ARG A 1315 -6.79 1.44 -8.80
N HIS A 1316 -7.41 2.62 -8.80
CA HIS A 1316 -8.08 3.16 -7.62
C HIS A 1316 -9.38 3.88 -7.98
N GLY A 1317 -9.60 4.09 -9.27
CA GLY A 1317 -10.73 4.91 -9.70
C GLY A 1317 -10.49 6.35 -9.29
N LEU A 1318 -11.54 7.15 -9.31
CA LEU A 1318 -11.48 8.55 -8.94
C LEU A 1318 -12.85 9.04 -8.50
N SER A 1319 -12.89 9.80 -7.41
CA SER A 1319 -14.15 10.29 -6.88
C SER A 1319 -14.87 11.15 -7.91
N VAL A 1320 -16.20 11.15 -7.86
CA VAL A 1320 -17.01 11.93 -8.77
C VAL A 1320 -16.85 13.44 -8.45
N LEU A 1321 -16.44 13.73 -7.23
CA LEU A 1321 -16.18 15.11 -6.81
C LEU A 1321 -14.98 15.66 -7.56
N MET A 1322 -13.96 14.82 -7.71
CA MET A 1322 -12.74 15.18 -8.44
C MET A 1322 -13.07 15.29 -9.93
N LEU A 1323 -13.95 14.43 -10.40
CA LEU A 1323 -14.38 14.48 -11.79
C LEU A 1323 -15.07 15.81 -12.07
N THR A 1324 -15.91 16.24 -11.13
CA THR A 1324 -16.60 17.51 -11.22
C THR A 1324 -15.62 18.68 -11.24
N LEU A 1325 -14.69 18.65 -10.30
CA LEU A 1325 -13.68 19.69 -10.20
C LEU A 1325 -12.90 19.81 -11.51
N LEU A 1326 -12.40 18.67 -11.98
CA LEU A 1326 -11.61 18.62 -13.21
C LEU A 1326 -12.44 19.10 -14.41
N ALA A 1327 -13.75 18.84 -14.37
CA ALA A 1327 -14.63 19.30 -15.43
C ALA A 1327 -14.75 20.82 -15.38
N GLU A 1328 -14.61 21.40 -14.19
CA GLU A 1328 -14.59 22.87 -14.09
C GLU A 1328 -13.28 23.47 -14.62
N ILE A 1329 -12.24 22.65 -14.71
CA ILE A 1329 -10.89 23.14 -15.04
C ILE A 1329 -10.57 23.04 -16.53
N PRO A 1330 -10.24 24.19 -17.15
CA PRO A 1330 -10.00 24.30 -18.60
C PRO A 1330 -8.62 23.86 -19.04
N ARG A 1331 -8.51 23.49 -20.31
CA ARG A 1331 -7.23 23.19 -20.96
C ARG A 1331 -6.98 24.31 -21.95
N THR A 1332 -5.73 24.43 -22.40
CA THR A 1332 -5.39 25.36 -23.47
C THR A 1332 -4.10 24.87 -24.14
N PRO A 1333 -4.08 24.83 -25.48
CA PRO A 1333 -2.92 24.34 -26.24
C PRO A 1333 -1.63 25.06 -25.84
N PRO A 1334 -0.49 24.35 -25.92
CA PRO A 1334 0.82 24.93 -25.59
C PRO A 1334 1.01 26.23 -26.37
N HIS A 1335 1.40 27.29 -25.66
CA HIS A 1335 1.45 28.61 -26.27
C HIS A 1335 2.52 29.52 -25.67
N SER A 1336 2.84 30.58 -26.40
CA SER A 1336 3.78 31.57 -25.92
C SER A 1336 3.17 32.94 -26.12
N LEU A 1337 3.49 33.84 -25.21
CA LEU A 1337 3.10 35.23 -25.31
C LEU A 1337 4.33 36.04 -25.60
N THR A 1338 4.27 36.82 -26.68
CA THR A 1338 5.33 37.77 -26.96
C THR A 1338 4.77 39.18 -26.98
N ILE A 1339 5.29 40.01 -26.09
CA ILE A 1339 4.97 41.42 -26.03
C ILE A 1339 6.06 42.20 -26.75
N THR A 1340 5.65 43.10 -27.64
CA THR A 1340 6.57 43.94 -28.41
C THR A 1340 6.28 45.42 -28.15
N THR A 1341 7.27 46.18 -27.67
CA THR A 1341 7.03 47.59 -27.40
C THR A 1341 7.19 48.49 -28.62
N ASP A 1342 6.42 49.58 -28.61
CA ASP A 1342 6.27 50.49 -29.73
C ASP A 1342 7.37 51.53 -29.69
N ARG A 1343 7.68 51.98 -28.47
CA ARG A 1343 8.69 53.03 -28.26
C ARG A 1343 9.60 52.67 -27.11
N TYR A 1344 10.65 53.46 -26.95
CA TYR A 1344 11.53 53.35 -25.79
C TYR A 1344 10.76 53.74 -24.52
N ASP A 1345 11.19 53.22 -23.38
CA ASP A 1345 10.45 53.42 -22.13
C ASP A 1345 10.37 54.88 -21.69
N SER A 1346 11.22 55.72 -22.27
CA SER A 1346 11.19 57.15 -21.98
C SER A 1346 10.03 57.84 -22.71
N ASP A 1347 9.45 57.16 -23.69
CA ASP A 1347 8.35 57.69 -24.51
C ASP A 1347 6.99 57.27 -23.95
N ASP A 1348 6.16 58.24 -23.59
CA ASP A 1348 4.87 57.94 -22.96
C ASP A 1348 3.82 57.46 -23.95
N GLN A 1349 4.19 57.44 -25.23
CA GLN A 1349 3.28 56.94 -26.26
C GLN A 1349 3.50 55.45 -26.50
N GLN A 1350 4.39 54.85 -25.72
CA GLN A 1350 4.74 53.45 -25.88
C GLN A 1350 3.51 52.55 -25.76
N GLN A 1351 3.36 51.63 -26.72
CA GLN A 1351 2.31 50.64 -26.63
C GLN A 1351 2.91 49.24 -26.51
N LEU A 1352 2.18 48.33 -25.87
CA LEU A 1352 2.64 46.95 -25.75
C LEU A 1352 1.81 46.06 -26.68
N ARG A 1353 2.36 45.78 -27.86
CA ARG A 1353 1.74 44.87 -28.82
C ARG A 1353 1.78 43.46 -28.25
N GLN A 1354 0.74 42.69 -28.48
CA GLN A 1354 0.62 41.37 -27.88
C GLN A 1354 0.36 40.31 -28.94
N ARG A 1355 1.22 39.30 -29.00
CA ARG A 1355 1.03 38.21 -29.95
C ARG A 1355 1.18 36.86 -29.26
N ILE A 1356 0.19 36.00 -29.42
CA ILE A 1356 0.26 34.69 -28.81
C ILE A 1356 0.33 33.59 -29.87
N LEU A 1357 1.38 32.77 -29.79
CA LEU A 1357 1.59 31.69 -30.74
C LEU A 1357 1.20 30.37 -30.13
N PHE A 1358 0.38 29.61 -30.85
CA PHE A 1358 -0.05 28.29 -30.40
C PHE A 1358 0.69 27.17 -31.13
N SER A 1359 1.07 26.15 -30.38
CA SER A 1359 1.66 24.95 -30.97
C SER A 1359 0.82 23.75 -30.57
N ASP A 1360 0.82 22.72 -31.41
CA ASP A 1360 0.12 21.49 -31.07
C ASP A 1360 1.09 20.50 -30.45
N GLY A 1361 0.62 19.28 -30.21
CA GLY A 1361 1.46 18.26 -29.58
C GLY A 1361 2.53 17.72 -30.49
N PHE A 1362 2.63 18.29 -31.69
CA PHE A 1362 3.58 17.79 -32.67
C PHE A 1362 4.55 18.92 -33.06
N GLY A 1363 4.45 20.05 -32.36
CA GLY A 1363 5.36 21.16 -32.59
C GLY A 1363 4.91 22.05 -33.75
N ARG A 1364 3.74 21.74 -34.30
CA ARG A 1364 3.24 22.46 -35.46
C ARG A 1364 2.56 23.76 -35.02
N LEU A 1365 2.66 24.80 -35.85
CA LEU A 1365 2.01 26.07 -35.55
C LEU A 1365 0.51 25.92 -35.72
N LEU A 1366 -0.21 26.07 -34.61
CA LEU A 1366 -1.66 25.89 -34.59
C LEU A 1366 -2.36 27.15 -35.09
N GLN A 1367 -2.08 28.29 -34.45
CA GLN A 1367 -2.65 29.58 -34.84
C GLN A 1367 -1.89 30.73 -34.19
N SER A 1368 -2.16 31.94 -34.66
CA SER A 1368 -1.55 33.14 -34.11
C SER A 1368 -2.59 34.19 -33.76
N ALA A 1369 -2.55 34.71 -32.54
CA ALA A 1369 -3.51 35.72 -32.11
C ALA A 1369 -2.81 37.05 -31.84
N GLN A 1370 -3.27 38.11 -32.51
CA GLN A 1370 -2.67 39.42 -32.32
C GLN A 1370 -3.68 40.34 -31.64
N ARG A 1371 -3.27 41.02 -30.58
CA ARG A 1371 -4.16 41.94 -29.91
C ARG A 1371 -4.45 43.10 -30.86
N VAL A 1372 -5.74 43.36 -31.11
CA VAL A 1372 -6.11 44.45 -32.00
C VAL A 1372 -6.95 45.47 -31.24
N GLU A 1373 -7.24 46.60 -31.89
CA GLU A 1373 -8.04 47.65 -31.28
C GLU A 1373 -9.46 47.15 -31.00
N ALA A 1374 -10.13 47.80 -30.06
CA ALA A 1374 -11.46 47.37 -29.64
C ALA A 1374 -12.43 47.37 -30.81
N GLY A 1375 -13.44 46.51 -30.75
CA GLY A 1375 -14.40 46.41 -31.83
C GLY A 1375 -15.22 45.15 -31.80
N GLU A 1376 -15.83 44.84 -32.94
CA GLU A 1376 -16.74 43.70 -33.06
C GLU A 1376 -16.04 42.38 -33.33
N SER A 1377 -16.51 41.33 -32.68
CA SER A 1377 -15.91 40.01 -32.79
C SER A 1377 -16.92 38.95 -32.34
N TRP A 1378 -16.60 37.68 -32.60
CA TRP A 1378 -17.39 36.61 -32.00
C TRP A 1378 -16.98 36.41 -30.56
N GLN A 1379 -17.79 35.65 -29.85
CA GLN A 1379 -17.68 35.54 -28.41
C GLN A 1379 -17.40 34.10 -28.02
N ARG A 1380 -16.30 33.90 -27.30
CA ARG A 1380 -15.86 32.58 -26.89
C ARG A 1380 -16.39 32.22 -25.50
N SER A 1381 -16.97 31.03 -25.36
CA SER A 1381 -17.45 30.57 -24.07
C SER A 1381 -16.31 30.01 -23.23
N GLU A 1382 -16.62 29.64 -22.00
CA GLU A 1382 -15.61 29.08 -21.11
C GLU A 1382 -15.25 27.67 -21.55
N ASP A 1383 -16.19 27.01 -22.23
CA ASP A 1383 -15.96 25.65 -22.70
C ASP A 1383 -15.21 25.61 -24.05
N SER A 1384 -14.68 26.77 -24.43
CA SER A 1384 -13.91 26.95 -25.69
C SER A 1384 -14.75 26.97 -26.97
N SER A 1385 -16.08 26.92 -26.84
CA SER A 1385 -16.94 26.96 -28.02
C SER A 1385 -17.41 28.39 -28.28
N LEU A 1386 -18.06 28.60 -29.42
CA LEU A 1386 -18.62 29.92 -29.74
C LEU A 1386 -19.93 30.12 -28.98
N VAL A 1387 -20.16 31.35 -28.53
CA VAL A 1387 -21.44 31.71 -27.93
C VAL A 1387 -22.45 31.89 -29.05
N VAL A 1388 -23.47 31.05 -29.05
CA VAL A 1388 -24.47 31.07 -30.10
C VAL A 1388 -25.84 31.24 -29.46
N ASN A 1389 -26.77 31.84 -30.20
CA ASN A 1389 -28.14 31.93 -29.72
C ASN A 1389 -28.82 30.56 -29.80
N VAL A 1390 -30.07 30.51 -29.37
CA VAL A 1390 -30.81 29.25 -29.30
C VAL A 1390 -30.87 28.51 -30.64
N SER A 1391 -31.02 29.26 -31.73
CA SER A 1391 -31.11 28.70 -33.07
C SER A 1391 -29.78 28.11 -33.55
N GLY A 1392 -28.67 28.70 -33.09
CA GLY A 1392 -27.35 28.24 -33.47
C GLY A 1392 -26.47 29.33 -34.06
N THR A 1393 -26.99 30.54 -34.16
CA THR A 1393 -26.22 31.66 -34.72
C THR A 1393 -25.29 32.26 -33.67
N PRO A 1394 -24.00 32.36 -34.01
CA PRO A 1394 -22.93 32.93 -33.18
C PRO A 1394 -23.21 34.39 -32.81
N ALA A 1395 -23.00 34.75 -31.55
CA ALA A 1395 -23.29 36.11 -31.09
C ALA A 1395 -22.21 37.09 -31.55
N LEU A 1396 -22.60 38.31 -31.86
CA LEU A 1396 -21.65 39.33 -32.28
C LEU A 1396 -21.57 40.41 -31.21
N VAL A 1397 -20.38 40.63 -30.65
CA VAL A 1397 -20.26 41.60 -29.56
C VAL A 1397 -19.16 42.63 -29.79
N VAL A 1398 -19.21 43.73 -29.05
CA VAL A 1398 -18.15 44.73 -29.10
C VAL A 1398 -17.34 44.65 -27.81
N THR A 1399 -16.04 44.47 -27.94
CA THR A 1399 -15.17 44.31 -26.76
C THR A 1399 -13.86 45.09 -26.91
N ASP A 1400 -13.17 45.29 -25.79
CA ASP A 1400 -11.82 45.85 -25.81
C ASP A 1400 -10.82 44.73 -25.54
N ASN A 1401 -11.29 43.49 -25.62
CA ASN A 1401 -10.41 42.34 -25.51
C ASN A 1401 -10.50 41.54 -26.80
N ARG A 1402 -10.25 42.23 -27.90
CA ARG A 1402 -10.40 41.65 -29.24
C ARG A 1402 -9.05 41.20 -29.82
N TRP A 1403 -9.06 40.06 -30.50
CA TRP A 1403 -7.87 39.48 -31.09
C TRP A 1403 -8.16 39.10 -32.52
N ALA A 1404 -7.14 39.24 -33.36
CA ALA A 1404 -7.21 38.81 -34.74
C ALA A 1404 -6.48 37.47 -34.81
N VAL A 1405 -7.21 36.42 -35.20
CA VAL A 1405 -6.65 35.08 -35.28
C VAL A 1405 -6.28 34.76 -36.73
N SER A 1406 -5.00 34.54 -36.98
CA SER A 1406 -4.50 34.26 -38.32
C SER A 1406 -3.78 32.91 -38.40
N GLY A 1407 -3.80 32.35 -39.60
CA GLY A 1407 -3.09 31.11 -39.88
C GLY A 1407 -3.66 29.90 -39.18
N ARG A 1408 -4.93 29.94 -38.80
CA ARG A 1408 -5.48 28.78 -38.12
C ARG A 1408 -5.55 27.61 -39.07
N THR A 1409 -4.98 26.49 -38.65
CA THR A 1409 -4.84 25.34 -39.52
C THR A 1409 -5.21 24.07 -38.78
N GLU A 1410 -6.01 23.23 -39.44
CA GLU A 1410 -6.31 21.91 -38.94
C GLU A 1410 -5.46 20.92 -39.72
N TYR A 1411 -4.61 20.21 -38.98
CA TYR A 1411 -3.69 19.25 -39.55
C TYR A 1411 -4.27 17.83 -39.47
N ASP A 1412 -3.71 16.93 -40.28
CA ASP A 1412 -4.00 15.51 -40.13
C ASP A 1412 -2.81 14.87 -39.45
N GLY A 1413 -2.77 13.54 -39.42
CA GLY A 1413 -1.71 12.81 -38.75
C GLY A 1413 -0.34 12.98 -39.35
N LYS A 1414 -0.27 13.49 -40.58
CA LYS A 1414 1.00 13.64 -41.28
C LYS A 1414 1.47 15.09 -41.33
N GLY A 1415 0.80 15.96 -40.58
CA GLY A 1415 1.20 17.34 -40.47
C GLY A 1415 0.83 18.18 -41.66
N GLN A 1416 -0.17 17.71 -42.42
CA GLN A 1416 -0.63 18.40 -43.62
C GLN A 1416 -1.85 19.25 -43.30
N GLY A 1417 -1.88 20.48 -43.80
CA GLY A 1417 -2.96 21.41 -43.46
C GLY A 1417 -4.25 21.06 -44.19
N ILE A 1418 -5.11 20.34 -43.51
CA ILE A 1418 -6.37 19.90 -44.09
C ILE A 1418 -7.39 21.03 -44.10
N ARG A 1419 -7.35 21.90 -43.11
CA ARG A 1419 -8.24 23.06 -43.14
C ARG A 1419 -7.48 24.34 -42.87
N VAL A 1420 -7.40 25.23 -43.87
CA VAL A 1420 -6.78 26.52 -43.63
C VAL A 1420 -7.89 27.57 -43.51
N TYR A 1421 -7.98 28.19 -42.34
CA TYR A 1421 -9.09 29.08 -42.01
C TYR A 1421 -8.82 30.52 -42.40
N GLN A 1422 -9.87 31.22 -42.79
CA GLN A 1422 -9.79 32.66 -42.99
C GLN A 1422 -9.57 33.29 -41.62
N PRO A 1423 -8.85 34.42 -41.57
CA PRO A 1423 -8.67 35.17 -40.32
C PRO A 1423 -10.00 35.55 -39.68
N TYR A 1424 -10.04 35.66 -38.35
CA TYR A 1424 -11.26 36.02 -37.64
C TYR A 1424 -11.02 36.76 -36.33
N PHE A 1425 -11.99 37.57 -35.91
CA PHE A 1425 -11.90 38.29 -34.64
C PHE A 1425 -12.53 37.47 -33.54
N LEU A 1426 -11.96 37.56 -32.33
CA LEU A 1426 -12.53 36.86 -31.18
C LEU A 1426 -12.30 37.68 -29.93
N ASP A 1427 -13.14 37.50 -28.91
CA ASP A 1427 -13.02 38.25 -27.67
C ASP A 1427 -12.10 37.57 -26.65
N ASP A 1428 -11.15 36.80 -27.16
CA ASP A 1428 -10.18 36.10 -26.31
C ASP A 1428 -9.04 35.57 -27.16
N TRP A 1429 -7.85 35.50 -26.57
CA TRP A 1429 -6.68 34.93 -27.22
C TRP A 1429 -6.73 33.41 -27.20
N ARG A 1430 -7.62 32.88 -26.36
CA ARG A 1430 -7.70 31.45 -26.14
C ARG A 1430 -8.23 30.66 -27.36
N TYR A 1431 -7.77 29.42 -27.47
CA TYR A 1431 -8.07 28.57 -28.61
C TYR A 1431 -9.55 28.26 -28.70
N LEU A 1432 -10.18 28.66 -29.80
CA LEU A 1432 -11.56 28.31 -30.10
C LEU A 1432 -11.61 26.87 -30.57
N SER A 1433 -12.57 26.10 -30.07
CA SER A 1433 -12.64 24.66 -30.35
C SER A 1433 -12.79 24.37 -31.84
N ASP A 1434 -12.27 23.23 -32.27
CA ASP A 1434 -12.33 22.86 -33.68
C ASP A 1434 -13.77 22.59 -34.11
N ASP A 1435 -14.61 22.14 -33.19
CA ASP A 1435 -16.03 21.92 -33.47
C ASP A 1435 -16.68 23.23 -33.93
N SER A 1436 -16.52 24.27 -33.12
CA SER A 1436 -17.11 25.57 -33.42
C SER A 1436 -16.50 26.18 -34.67
N ALA A 1437 -15.20 25.95 -34.89
CA ALA A 1437 -14.53 26.50 -36.05
C ALA A 1437 -15.02 25.87 -37.36
N ARG A 1438 -15.12 24.54 -37.35
CA ARG A 1438 -15.58 23.80 -38.51
C ARG A 1438 -17.04 24.13 -38.78
N THR A 1439 -17.79 24.40 -37.71
CA THR A 1439 -19.22 24.69 -37.90
C THR A 1439 -19.48 26.11 -38.39
N ASP A 1440 -18.71 27.07 -37.89
CA ASP A 1440 -19.04 28.49 -38.09
C ASP A 1440 -17.96 29.35 -38.76
N LEU A 1441 -16.77 28.81 -38.97
CA LEU A 1441 -15.71 29.62 -39.58
C LEU A 1441 -15.38 29.14 -40.99
N PHE A 1442 -15.05 30.09 -41.86
CA PHE A 1442 -14.73 29.75 -43.25
C PHE A 1442 -13.31 29.23 -43.41
N ALA A 1443 -13.19 28.15 -44.19
CA ALA A 1443 -11.89 27.53 -44.42
C ALA A 1443 -11.85 26.89 -45.78
N ASP A 1444 -10.67 26.83 -46.36
CA ASP A 1444 -10.47 26.00 -47.54
C ASP A 1444 -9.97 24.65 -47.04
N THR A 1445 -10.54 23.58 -47.58
CA THR A 1445 -10.09 22.24 -47.25
C THR A 1445 -9.13 21.74 -48.32
N HIS A 1446 -8.08 21.06 -47.87
CA HIS A 1446 -7.02 20.57 -48.73
C HIS A 1446 -6.97 19.05 -48.66
N ILE A 1447 -7.02 18.42 -49.82
CA ILE A 1447 -7.05 16.98 -49.94
C ILE A 1447 -5.77 16.51 -50.62
N TYR A 1448 -5.04 15.68 -49.89
CA TYR A 1448 -3.72 15.19 -50.27
C TYR A 1448 -3.78 13.71 -50.63
N ASP A 1449 -2.95 13.32 -51.60
CA ASP A 1449 -2.86 11.93 -52.05
C ASP A 1449 -1.84 11.14 -51.23
N PRO A 1450 -1.80 9.81 -51.40
CA PRO A 1450 -0.83 8.99 -50.65
C PRO A 1450 0.63 9.43 -50.76
N LEU A 1451 0.97 10.26 -51.74
CA LEU A 1451 2.32 10.79 -51.87
C LEU A 1451 2.45 12.11 -51.12
N GLY A 1452 1.39 12.51 -50.41
CA GLY A 1452 1.40 13.75 -49.68
C GLY A 1452 1.38 14.93 -50.63
N ARG A 1453 0.79 14.73 -51.80
CA ARG A 1453 0.62 15.80 -52.77
C ARG A 1453 -0.82 16.28 -52.75
N GLU A 1454 -0.97 17.61 -52.73
CA GLU A 1454 -2.31 18.19 -52.81
C GLU A 1454 -2.89 17.89 -54.17
N TYR A 1455 -4.08 17.30 -54.19
CA TYR A 1455 -4.74 17.02 -55.46
C TYR A 1455 -6.13 17.63 -55.52
N GLN A 1456 -6.66 18.06 -54.38
CA GLN A 1456 -7.94 18.75 -54.46
C GLN A 1456 -8.12 19.82 -53.38
N VAL A 1457 -8.76 20.92 -53.72
CA VAL A 1457 -9.05 21.98 -52.76
C VAL A 1457 -10.50 22.37 -52.87
N ILE A 1458 -11.24 22.26 -51.76
CA ILE A 1458 -12.61 22.74 -51.73
C ILE A 1458 -12.58 24.09 -51.03
N THR A 1459 -12.92 25.14 -51.75
CA THR A 1459 -12.92 26.48 -51.18
C THR A 1459 -14.10 26.66 -50.24
N ALA A 1460 -14.03 27.69 -49.40
CA ALA A 1460 -15.11 27.98 -48.45
C ALA A 1460 -16.43 28.20 -49.19
N LYS A 1461 -16.34 28.89 -50.32
CA LYS A 1461 -17.49 29.17 -51.17
C LYS A 1461 -18.08 27.89 -51.77
N GLY A 1462 -17.26 26.85 -51.86
CA GLY A 1462 -17.72 25.55 -52.32
C GLY A 1462 -17.18 25.16 -53.70
N TYR A 1463 -16.34 26.02 -54.28
CA TYR A 1463 -15.76 25.69 -55.57
C TYR A 1463 -14.58 24.74 -55.38
N ARG A 1464 -14.11 24.12 -56.46
CA ARG A 1464 -13.06 23.13 -56.35
C ARG A 1464 -11.89 23.42 -57.29
N ARG A 1465 -10.68 23.14 -56.80
CA ARG A 1465 -9.49 23.12 -57.63
C ARG A 1465 -8.95 21.69 -57.62
N GLU A 1466 -8.52 21.20 -58.77
CA GLU A 1466 -8.01 19.85 -58.86
C GLU A 1466 -6.68 19.78 -59.59
N ARG A 1467 -5.87 18.81 -59.20
CA ARG A 1467 -4.59 18.60 -59.83
C ARG A 1467 -4.42 17.11 -60.02
N GLN A 1468 -4.17 16.70 -61.27
CA GLN A 1468 -4.00 15.30 -61.59
C GLN A 1468 -2.55 15.04 -61.97
N TYR A 1469 -1.92 14.07 -61.32
CA TYR A 1469 -0.53 13.75 -61.60
C TYR A 1469 -0.45 12.52 -62.50
N THR A 1470 0.23 12.69 -63.64
CA THR A 1470 0.56 11.59 -64.52
C THR A 1470 2.07 11.64 -64.65
N PRO A 1471 2.71 10.52 -65.05
CA PRO A 1471 4.17 10.48 -65.10
C PRO A 1471 4.76 11.54 -66.03
N TRP A 1472 4.03 11.88 -67.08
CA TRP A 1472 4.57 12.75 -68.12
C TRP A 1472 3.96 14.14 -68.17
N PHE A 1473 2.87 14.34 -67.43
CA PHE A 1473 2.25 15.65 -67.35
C PHE A 1473 1.40 15.83 -66.10
N VAL A 1474 1.30 17.07 -65.63
CA VAL A 1474 0.42 17.43 -64.53
C VAL A 1474 -0.71 18.30 -65.05
N VAL A 1475 -1.95 17.94 -64.70
CA VAL A 1475 -3.15 18.64 -65.17
C VAL A 1475 -3.73 19.53 -64.08
N ASN A 1476 -3.91 20.81 -64.37
CA ASN A 1476 -4.42 21.77 -63.38
C ASN A 1476 -5.77 22.36 -63.74
N GLN A 1477 -6.76 22.15 -62.88
CA GLN A 1477 -8.09 22.72 -63.09
C GLN A 1477 -8.46 23.66 -61.95
N ASP A 1478 -8.82 24.89 -62.30
CA ASP A 1478 -9.18 25.89 -61.29
C ASP A 1478 -10.68 25.91 -60.99
N GLU A 1479 -11.11 26.96 -60.30
CA GLU A 1479 -12.50 27.07 -59.87
C GLU A 1479 -13.46 27.15 -61.06
N ASN A 1480 -13.04 27.85 -62.11
CA ASN A 1480 -13.86 27.93 -63.32
C ASN A 1480 -13.85 26.60 -64.08
N ASP A 1481 -12.68 25.97 -64.17
CA ASP A 1481 -12.56 24.71 -64.87
C ASP A 1481 -13.45 23.63 -64.26
N THR A 1482 -13.57 23.62 -62.94
CA THR A 1482 -14.34 22.58 -62.26
C THR A 1482 -15.79 22.99 -62.02
N ALA A 1483 -16.08 24.28 -62.07
CA ALA A 1483 -17.45 24.74 -61.81
C ALA A 1483 -18.41 24.17 -62.86
N ALA A 1484 -17.86 23.91 -64.05
CA ALA A 1484 -18.58 23.29 -65.16
C ALA A 1484 -18.27 21.80 -65.25
N ASN A 1485 -19.10 20.94 -64.66
CA ASN A 1485 -20.27 21.34 -63.88
C ASN A 1485 -20.07 21.07 -62.39
N GLN B 4 -19.07 27.59 -67.79
CA GLN B 4 -19.57 26.80 -68.91
C GLN B 4 -18.61 26.85 -70.10
N LEU B 5 -17.93 27.99 -70.26
CA LEU B 5 -17.00 28.20 -71.36
C LEU B 5 -15.66 27.54 -71.03
N PHE B 6 -15.54 27.06 -69.79
CA PHE B 6 -14.26 26.61 -69.27
C PHE B 6 -14.14 25.08 -69.18
N SER B 7 -15.17 24.35 -69.60
CA SER B 7 -15.14 22.89 -69.55
C SER B 7 -13.98 22.35 -70.39
N LYS B 8 -13.19 21.47 -69.81
CA LYS B 8 -12.01 20.90 -70.46
C LYS B 8 -10.98 21.94 -70.91
N THR B 9 -10.75 22.96 -70.08
CA THR B 9 -9.69 23.94 -70.33
C THR B 9 -8.71 24.00 -69.16
N PRO B 10 -7.96 22.90 -68.93
CA PRO B 10 -7.04 22.96 -67.81
C PRO B 10 -5.72 23.61 -68.20
N SER B 11 -4.82 23.74 -67.23
CA SER B 11 -3.47 24.16 -67.50
C SER B 11 -2.63 22.91 -67.37
N VAL B 12 -1.74 22.65 -68.33
CA VAL B 12 -0.99 21.41 -68.32
C VAL B 12 0.52 21.68 -68.39
N THR B 13 1.29 20.94 -67.61
CA THR B 13 2.74 21.00 -67.74
C THR B 13 3.24 19.62 -68.17
N VAL B 14 4.01 19.57 -69.26
CA VAL B 14 4.49 18.33 -69.85
C VAL B 14 5.99 18.20 -69.62
N PHE B 15 6.39 17.04 -69.09
CA PHE B 15 7.75 16.77 -68.65
C PHE B 15 8.53 15.87 -69.60
N ASP B 16 9.86 15.96 -69.54
CA ASP B 16 10.72 14.99 -70.19
C ASP B 16 11.03 13.85 -69.21
N ASN B 17 12.07 13.07 -69.50
CA ASN B 17 12.39 11.94 -68.63
C ASN B 17 13.32 12.28 -67.47
N ARG B 18 13.64 13.57 -67.34
CA ARG B 18 14.55 14.03 -66.30
C ARG B 18 13.94 15.17 -65.47
N GLY B 19 12.61 15.16 -65.33
CA GLY B 19 11.90 16.12 -64.50
C GLY B 19 11.89 17.55 -64.99
N LEU B 20 12.08 17.75 -66.29
CA LEU B 20 12.12 19.09 -66.82
C LEU B 20 10.83 19.42 -67.55
N SER B 21 10.35 20.65 -67.39
CA SER B 21 9.09 21.05 -68.01
C SER B 21 9.35 21.48 -69.45
N VAL B 22 8.96 20.63 -70.39
CA VAL B 22 9.26 20.86 -71.79
C VAL B 22 8.06 21.49 -72.51
N ARG B 23 6.87 21.36 -71.93
CA ARG B 23 5.68 22.00 -72.53
C ARG B 23 4.73 22.66 -71.54
N ASP B 24 4.29 23.88 -71.86
CA ASP B 24 3.19 24.52 -71.14
C ASP B 24 2.00 24.52 -72.07
N ILE B 25 0.92 23.84 -71.70
CA ILE B 25 -0.25 23.75 -72.57
C ILE B 25 -1.48 24.44 -71.97
N ALA B 26 -2.00 25.42 -72.70
CA ALA B 26 -3.23 26.11 -72.32
C ALA B 26 -4.30 25.82 -73.37
N TYR B 27 -5.54 26.14 -73.03
CA TYR B 27 -6.67 25.90 -73.92
C TYR B 27 -7.53 27.16 -74.03
N ARG B 28 -7.43 27.85 -75.15
CA ARG B 28 -8.12 29.12 -75.34
C ARG B 28 -9.49 28.95 -75.97
N ARG B 29 -10.52 29.46 -75.29
CA ARG B 29 -11.88 29.40 -75.78
C ARG B 29 -12.59 30.72 -75.57
N HIS B 30 -13.10 31.26 -76.66
CA HIS B 30 -13.81 32.54 -76.66
C HIS B 30 -15.29 32.26 -76.43
N PRO B 31 -15.94 33.10 -75.61
CA PRO B 31 -17.35 32.91 -75.29
C PRO B 31 -18.27 33.04 -76.52
N ASP B 32 -17.82 33.73 -77.55
CA ASP B 32 -18.61 33.89 -78.77
C ASP B 32 -18.59 32.60 -79.60
N THR B 33 -17.51 31.84 -79.52
CA THR B 33 -17.37 30.61 -80.30
C THR B 33 -17.01 29.44 -79.39
N PRO B 34 -17.94 29.01 -78.51
CA PRO B 34 -17.66 28.04 -77.45
C PRO B 34 -17.44 26.62 -77.95
N LYS B 35 -17.55 26.42 -79.26
CA LYS B 35 -17.27 25.11 -79.86
C LYS B 35 -15.81 25.05 -80.30
N VAL B 36 -15.17 26.21 -80.41
CA VAL B 36 -13.79 26.25 -80.84
C VAL B 36 -12.85 26.37 -79.66
N THR B 37 -11.94 25.40 -79.53
CA THR B 37 -10.95 25.44 -78.48
C THR B 37 -9.55 25.40 -79.09
N GLU B 38 -8.78 26.46 -78.88
CA GLU B 38 -7.42 26.50 -79.40
C GLU B 38 -6.46 25.94 -78.37
N GLU B 39 -5.67 24.94 -78.77
CA GLU B 39 -4.64 24.41 -77.89
C GLU B 39 -3.38 25.25 -78.06
N CYS B 40 -3.09 26.08 -77.07
CA CYS B 40 -1.91 26.93 -77.11
C CYS B 40 -0.73 26.26 -76.43
N ILE B 41 0.31 25.94 -77.21
CA ILE B 41 1.47 25.25 -76.64
C ILE B 41 2.76 26.06 -76.65
N THR B 42 3.31 26.25 -75.45
CA THR B 42 4.61 26.89 -75.26
C THR B 42 5.67 25.80 -75.08
N TYR B 43 6.76 25.91 -75.83
CA TYR B 43 7.78 24.86 -75.86
C TYR B 43 9.03 25.27 -75.11
N HIS B 44 9.61 24.33 -74.38
CA HIS B 44 10.85 24.55 -73.68
C HIS B 44 11.82 23.41 -73.96
N GLN B 45 12.97 23.77 -74.52
CA GLN B 45 13.99 22.80 -74.91
C GLN B 45 15.19 22.94 -74.00
N PHE B 46 15.61 21.80 -73.44
CA PHE B 46 16.72 21.76 -72.49
C PHE B 46 17.93 21.06 -73.10
N ASP B 47 19.13 21.49 -72.71
CA ASP B 47 20.35 21.01 -73.36
C ASP B 47 20.88 19.72 -72.74
N PHE B 48 22.08 19.32 -73.17
CA PHE B 48 22.73 18.11 -72.68
C PHE B 48 23.01 18.14 -71.17
N ARG B 49 23.05 19.35 -70.59
CA ARG B 49 23.41 19.51 -69.18
C ARG B 49 22.18 19.73 -68.30
N GLY B 50 21.00 19.62 -68.92
CA GLY B 50 19.75 19.77 -68.18
C GLY B 50 19.32 21.21 -67.97
N PHE B 51 19.92 22.14 -68.70
CA PHE B 51 19.58 23.55 -68.54
C PHE B 51 18.73 24.08 -69.70
N LEU B 52 17.98 25.15 -69.45
CA LEU B 52 17.08 25.70 -70.46
C LEU B 52 17.87 26.34 -71.59
N ALA B 53 17.56 25.93 -72.81
CA ALA B 53 18.27 26.41 -74.00
C ALA B 53 17.35 27.18 -74.94
N GLN B 54 16.11 26.72 -75.12
CA GLN B 54 15.18 27.43 -75.98
C GLN B 54 13.75 27.52 -75.42
N SER B 55 13.07 28.63 -75.67
CA SER B 55 11.66 28.76 -75.34
C SER B 55 10.90 29.38 -76.50
N LEU B 56 9.75 28.80 -76.84
CA LEU B 56 8.99 29.25 -78.00
C LEU B 56 7.49 29.38 -77.68
N ASP B 57 6.91 30.53 -78.00
CA ASP B 57 5.47 30.73 -77.81
C ASP B 57 4.69 29.97 -78.88
N PRO B 58 3.37 29.78 -78.67
CA PRO B 58 2.57 29.02 -79.65
C PRO B 58 2.56 29.64 -81.03
N ARG B 59 2.62 30.97 -81.11
CA ARG B 59 2.53 31.67 -82.39
C ARG B 59 3.81 31.52 -83.22
N LEU B 60 4.94 31.92 -82.63
CA LEU B 60 6.22 31.94 -83.33
C LEU B 60 6.77 30.57 -83.67
N ASN B 61 6.50 29.59 -82.81
CA ASN B 61 6.95 28.22 -83.03
C ASN B 61 6.49 27.70 -84.38
N HIS B 62 5.26 28.05 -84.74
CA HIS B 62 4.69 27.70 -86.03
C HIS B 62 5.44 28.35 -87.19
N LYS B 63 6.14 29.45 -86.91
CA LYS B 63 6.88 30.17 -87.95
C LYS B 63 8.39 30.00 -87.81
N GLU B 64 8.80 28.97 -87.06
CA GLU B 64 10.21 28.62 -86.90
C GLU B 64 11.08 29.80 -86.46
N VAL B 65 10.65 30.47 -85.40
CA VAL B 65 11.44 31.53 -84.80
C VAL B 65 11.48 31.26 -83.30
N THR B 66 12.65 31.44 -82.69
CA THR B 66 12.84 31.10 -81.30
C THR B 66 12.79 32.35 -80.42
N ASN B 67 11.79 32.42 -79.55
CA ASN B 67 11.61 33.55 -78.63
C ASN B 67 12.88 33.81 -77.83
N PHE B 68 13.45 32.75 -77.25
CA PHE B 68 14.63 32.87 -76.41
C PHE B 68 15.65 31.75 -76.64
N SER B 69 16.92 32.12 -76.71
CA SER B 69 18.01 31.14 -76.72
C SER B 69 18.99 31.46 -75.59
N TYR B 70 19.47 30.43 -74.88
CA TYR B 70 20.36 30.66 -73.76
C TYR B 70 21.62 29.83 -73.88
N LEU B 71 22.73 30.41 -73.45
CA LEU B 71 24.00 29.69 -73.31
C LEU B 71 24.49 29.96 -71.90
N THR B 72 24.79 28.87 -71.18
CA THR B 72 25.08 28.93 -69.76
C THR B 72 26.49 28.44 -69.47
N ASP B 73 26.91 28.59 -68.21
CA ASP B 73 28.14 27.96 -67.74
C ASP B 73 27.85 26.51 -67.32
N LEU B 74 28.84 25.84 -66.72
CA LEU B 74 28.67 24.45 -66.32
C LEU B 74 27.65 24.27 -65.18
N ASN B 75 27.22 25.38 -64.58
CA ASN B 75 26.24 25.31 -63.49
C ASN B 75 24.82 25.81 -63.84
N GLY B 76 24.61 26.23 -65.09
CA GLY B 76 23.28 26.62 -65.53
C GLY B 76 23.01 28.10 -65.44
N ASN B 77 24.02 28.86 -65.00
CA ASN B 77 23.89 30.30 -64.98
C ASN B 77 23.97 30.83 -66.39
N ILE B 78 22.97 31.62 -66.79
CA ILE B 78 22.92 32.18 -68.14
C ILE B 78 24.04 33.20 -68.35
N ILE B 79 24.81 33.02 -69.42
CA ILE B 79 25.83 33.99 -69.81
C ILE B 79 25.33 34.76 -71.04
N TYR B 80 24.88 34.04 -72.05
CA TYR B 80 24.45 34.69 -73.29
C TYR B 80 22.98 34.41 -73.60
N THR B 81 22.25 35.44 -74.02
CA THR B 81 20.82 35.31 -74.33
C THR B 81 20.47 35.93 -75.69
N GLN B 82 19.62 35.25 -76.45
CA GLN B 82 19.02 35.81 -77.66
C GLN B 82 17.50 35.94 -77.48
N SER B 83 17.03 37.18 -77.47
CA SER B 83 15.60 37.44 -77.33
C SER B 83 15.08 38.13 -78.58
N VAL B 84 13.91 37.70 -79.06
CA VAL B 84 13.27 38.35 -80.21
C VAL B 84 12.62 39.66 -79.78
N ASP B 85 12.34 39.79 -78.49
CA ASP B 85 11.75 41.00 -77.93
C ASP B 85 12.80 41.96 -77.36
N ALA B 86 13.76 41.41 -76.61
CA ALA B 86 14.72 42.22 -75.87
C ALA B 86 16.08 42.27 -76.54
N GLY B 87 16.21 41.59 -77.68
CA GLY B 87 17.49 41.56 -78.36
C GLY B 87 18.46 40.67 -77.62
N ASN B 88 19.70 40.64 -78.08
CA ASN B 88 20.71 39.77 -77.50
C ASN B 88 21.46 40.43 -76.34
N THR B 89 21.84 39.65 -75.33
CA THR B 89 22.54 40.20 -74.17
C THR B 89 23.60 39.23 -73.64
N LEU B 90 24.58 39.78 -72.94
CA LEU B 90 25.67 39.01 -72.38
C LEU B 90 25.87 39.47 -70.95
N VAL B 91 25.82 38.56 -69.98
CA VAL B 91 26.09 38.95 -68.62
C VAL B 91 27.09 38.01 -67.98
N LEU B 92 27.82 38.51 -66.98
CA LEU B 92 28.71 37.65 -66.21
C LEU B 92 28.87 38.16 -64.78
N ASN B 93 28.83 37.20 -63.86
CA ASN B 93 29.05 37.43 -62.43
C ASN B 93 30.41 36.88 -62.02
N ASP B 94 30.96 37.39 -60.91
CA ASP B 94 32.24 36.90 -60.40
C ASP B 94 32.11 35.71 -59.45
N THR B 95 33.24 35.30 -58.88
CA THR B 95 33.28 34.15 -57.96
C THR B 95 32.63 34.47 -56.63
N GLU B 96 32.44 35.76 -56.35
CA GLU B 96 31.78 36.20 -55.13
C GLU B 96 30.29 36.31 -55.39
N GLY B 97 29.89 36.02 -56.63
CA GLY B 97 28.49 36.05 -57.01
C GLY B 97 28.03 37.42 -57.47
N ARG B 98 28.96 38.37 -57.54
CA ARG B 98 28.65 39.75 -57.89
C ARG B 98 28.65 39.98 -59.40
N SER B 99 27.74 40.80 -59.89
CA SER B 99 27.71 41.13 -61.31
C SER B 99 28.97 41.91 -61.67
N VAL B 100 29.62 41.53 -62.76
CA VAL B 100 30.82 42.23 -63.19
C VAL B 100 30.63 42.81 -64.59
N ILE B 101 29.83 42.17 -65.43
CA ILE B 101 29.59 42.76 -66.77
C ILE B 101 28.19 42.48 -67.34
N ALA B 102 27.66 43.46 -68.07
CA ALA B 102 26.39 43.33 -68.78
C ALA B 102 26.43 44.12 -70.08
N MET B 103 26.40 43.40 -71.21
CA MET B 103 26.41 43.98 -72.54
C MET B 103 25.03 43.81 -73.14
N THR B 104 24.41 44.92 -73.52
CA THR B 104 23.02 44.93 -73.97
C THR B 104 22.88 45.73 -75.26
N ASN B 105 21.65 45.78 -75.77
CA ASN B 105 21.33 46.45 -77.03
C ASN B 105 22.16 45.90 -78.19
N ILE B 106 22.02 44.60 -78.43
CA ILE B 106 22.78 43.91 -79.48
C ILE B 106 21.78 43.20 -80.40
N SER B 107 21.99 43.33 -81.71
CA SER B 107 21.08 42.72 -82.69
C SER B 107 21.79 41.76 -83.65
N ARG B 108 21.06 41.31 -84.67
CA ARG B 108 21.56 40.39 -85.69
C ARG B 108 22.06 39.07 -85.11
N GLU B 110 20.88 39.20 -89.26
CA GLU B 110 21.20 40.04 -90.41
C GLU B 110 22.31 39.43 -91.25
N ASN B 111 23.55 39.88 -91.01
CA ASN B 111 24.71 39.32 -91.70
C ASN B 111 25.11 37.97 -91.12
N GLY B 112 24.37 37.53 -90.11
CA GLY B 112 24.62 36.27 -89.44
C GLY B 112 25.12 36.51 -88.03
N LYS B 113 26.18 37.30 -87.92
CA LYS B 113 26.85 37.55 -86.64
C LYS B 113 26.10 38.59 -85.80
N ASP B 114 26.57 38.81 -84.58
CA ASP B 114 25.95 39.78 -83.68
C ASP B 114 26.46 41.20 -83.94
N ASP B 115 25.52 42.13 -84.07
CA ASP B 115 25.85 43.53 -84.35
C ASP B 115 26.11 44.29 -83.07
N LEU B 116 27.37 44.71 -82.87
CA LEU B 116 27.78 45.40 -81.66
C LEU B 116 27.91 46.91 -81.86
N SER B 117 27.41 47.40 -83.00
CA SER B 117 27.53 48.81 -83.36
C SER B 117 26.90 49.73 -82.32
N LEU B 118 25.83 49.25 -81.69
CA LEU B 118 25.12 50.04 -80.68
C LEU B 118 25.05 49.33 -79.34
N ALA B 119 25.96 48.38 -79.12
CA ALA B 119 25.97 47.63 -77.88
C ALA B 119 26.34 48.53 -76.70
N VAL B 120 25.63 48.35 -75.59
CA VAL B 120 25.92 49.11 -74.38
C VAL B 120 26.59 48.19 -73.36
N THR B 121 27.79 48.56 -72.92
CA THR B 121 28.56 47.74 -72.00
C THR B 121 28.65 48.38 -70.63
N ARG B 122 27.93 47.80 -69.66
CA ARG B 122 27.99 48.27 -68.28
C ARG B 122 28.86 47.31 -67.47
N THR B 123 29.85 47.86 -66.76
CA THR B 123 30.70 47.04 -65.92
C THR B 123 30.65 47.52 -64.48
N PHE B 124 30.89 46.61 -63.54
CA PHE B 124 30.76 46.91 -62.13
C PHE B 124 32.11 46.69 -61.43
N GLN B 125 32.53 47.68 -60.66
CA GLN B 125 33.81 47.64 -59.97
C GLN B 125 33.60 47.61 -58.48
N TYR B 126 34.42 46.82 -57.79
CA TYR B 126 34.29 46.61 -56.36
C TYR B 126 35.58 46.93 -55.63
N GLU B 127 35.49 47.16 -54.32
CA GLU B 127 36.65 47.38 -53.50
C GLU B 127 37.61 46.21 -53.70
N ASN B 128 38.88 46.50 -53.90
CA ASN B 128 39.88 45.46 -54.01
C ASN B 128 40.39 45.06 -52.62
N ALA B 129 41.04 43.90 -52.54
CA ALA B 129 41.66 43.46 -51.29
C ALA B 129 42.65 44.54 -50.84
N PRO B 130 42.82 44.72 -49.52
CA PRO B 130 42.26 43.90 -48.44
C PRO B 130 40.89 44.38 -47.96
N LEU B 131 40.20 45.16 -48.77
CA LEU B 131 38.87 45.67 -48.41
C LEU B 131 37.82 44.57 -48.60
N PRO B 132 36.66 44.70 -47.93
CA PRO B 132 35.65 43.64 -47.99
C PRO B 132 34.97 43.49 -49.36
N GLY B 133 35.44 44.22 -50.36
CA GLY B 133 34.95 44.08 -51.71
C GLY B 133 33.57 44.65 -51.91
N ARG B 134 33.26 45.73 -51.19
CA ARG B 134 31.99 46.41 -51.36
C ARG B 134 31.93 47.06 -52.74
N PRO B 135 30.71 47.33 -53.23
CA PRO B 135 30.55 48.03 -54.51
C PRO B 135 31.34 49.34 -54.55
N LEU B 136 32.16 49.52 -55.59
CA LEU B 136 32.98 50.72 -55.69
C LEU B 136 32.41 51.70 -56.71
N SER B 137 32.17 51.22 -57.92
CA SER B 137 31.69 52.09 -58.99
C SER B 137 30.96 51.33 -60.09
N VAL B 138 30.20 52.06 -60.89
CA VAL B 138 29.53 51.47 -62.03
C VAL B 138 29.89 52.29 -63.26
N THR B 139 30.44 51.61 -64.25
CA THR B 139 30.91 52.23 -65.48
C THR B 139 29.98 51.86 -66.62
N GLU B 140 29.72 52.80 -67.52
CA GLU B 140 28.76 52.61 -68.59
C GLU B 140 29.38 53.11 -69.89
N GLN B 141 29.47 52.25 -70.89
CA GLN B 141 30.13 52.62 -72.13
C GLN B 141 29.37 52.15 -73.36
N VAL B 142 28.91 53.11 -74.15
CA VAL B 142 28.24 52.82 -75.41
C VAL B 142 29.31 52.62 -76.47
N ASN B 143 29.06 51.69 -77.40
CA ASN B 143 30.03 51.35 -78.44
C ASN B 143 30.45 52.56 -79.28
N GLY B 144 31.76 52.75 -79.43
CA GLY B 144 32.30 53.84 -80.23
C GLY B 144 32.42 55.14 -79.46
N GLU B 145 31.92 55.14 -78.23
CA GLU B 145 31.97 56.31 -77.38
C GLU B 145 32.89 56.08 -76.18
N ASN B 146 33.13 57.12 -75.41
CA ASN B 146 33.95 56.99 -74.21
C ASN B 146 33.14 56.46 -73.03
N ALA B 147 33.82 55.75 -72.13
CA ALA B 147 33.16 55.18 -70.97
C ALA B 147 32.90 56.26 -69.93
N ARG B 148 31.70 56.26 -69.39
CA ARG B 148 31.36 57.14 -68.27
C ARG B 148 31.21 56.31 -67.01
N ILE B 149 31.69 56.86 -65.89
CA ILE B 149 31.48 56.21 -64.59
C ILE B 149 30.19 56.80 -64.02
N THR B 150 29.12 56.05 -64.12
CA THR B 150 27.78 56.53 -63.76
C THR B 150 27.48 56.40 -62.28
N GLU B 151 28.18 55.51 -61.58
CA GLU B 151 27.95 55.38 -60.14
C GLU B 151 29.23 55.30 -59.33
N HIS B 152 29.20 55.85 -58.12
CA HIS B 152 30.33 55.69 -57.20
C HIS B 152 29.87 55.65 -55.75
N PHE B 153 30.49 54.76 -54.97
CA PHE B 153 30.09 54.57 -53.59
C PHE B 153 31.24 54.96 -52.67
N VAL B 154 30.91 55.67 -51.60
CA VAL B 154 31.88 56.01 -50.57
C VAL B 154 31.33 55.58 -49.22
N TYR B 155 32.18 54.89 -48.45
CA TYR B 155 31.78 54.29 -47.18
C TYR B 155 32.44 54.99 -45.99
N ALA B 156 31.69 55.10 -44.89
CA ALA B 156 32.20 55.72 -43.67
C ALA B 156 33.15 54.79 -42.93
N GLY B 157 33.98 55.36 -42.06
CA GLY B 157 34.96 54.60 -41.30
C GLY B 157 34.54 54.23 -39.90
N ASN B 158 35.51 54.14 -38.99
CA ASN B 158 35.30 53.63 -37.64
C ASN B 158 35.37 54.71 -36.58
N THR B 159 35.50 55.97 -37.01
CA THR B 159 35.68 57.08 -36.07
C THR B 159 34.47 57.21 -35.15
N PRO B 160 34.71 57.69 -33.91
CA PRO B 160 33.64 57.94 -32.93
C PRO B 160 32.55 58.83 -33.52
N GLN B 161 32.96 59.77 -34.36
CA GLN B 161 32.01 60.66 -35.03
C GLN B 161 31.06 59.86 -35.91
N GLU B 162 31.61 58.89 -36.63
CA GLU B 162 30.80 58.07 -37.54
C GLU B 162 29.94 57.06 -36.78
N LYS B 163 30.49 56.51 -35.70
CA LYS B 163 29.76 55.54 -34.89
C LYS B 163 28.57 56.19 -34.16
N ASN B 164 28.78 57.39 -33.65
CA ASN B 164 27.71 58.12 -32.96
C ASN B 164 26.53 58.43 -33.86
N LEU B 165 26.79 58.47 -35.17
CA LEU B 165 25.76 58.69 -36.16
C LEU B 165 25.37 57.34 -36.80
N ASN B 166 25.95 56.26 -36.28
CA ASN B 166 25.66 54.91 -36.74
C ASN B 166 25.98 54.69 -38.21
N LEU B 167 27.08 55.27 -38.69
CA LEU B 167 27.39 55.26 -40.12
C LEU B 167 28.50 54.28 -40.50
N ALA B 168 29.14 53.67 -39.50
CA ALA B 168 30.27 52.78 -39.77
C ALA B 168 29.87 51.63 -40.70
N GLY B 169 30.60 51.50 -41.80
CA GLY B 169 30.34 50.43 -42.76
C GLY B 169 29.20 50.72 -43.71
N GLN B 170 28.61 51.91 -43.60
CA GLN B 170 27.49 52.28 -44.44
C GLN B 170 27.98 53.08 -45.65
N CYS B 171 27.35 52.88 -46.80
CA CYS B 171 27.58 53.75 -47.95
C CYS B 171 27.04 55.12 -47.61
N VAL B 172 27.93 56.03 -47.23
CA VAL B 172 27.52 57.35 -46.80
C VAL B 172 27.38 58.29 -48.01
N SER B 173 28.08 58.00 -49.09
CA SER B 173 27.96 58.86 -50.28
C SER B 173 27.74 58.09 -51.58
N TYR B 174 26.61 58.35 -52.22
CA TYR B 174 26.22 57.65 -53.44
C TYR B 174 26.12 58.62 -54.60
N TYR B 175 27.06 58.52 -55.54
CA TYR B 175 27.04 59.37 -56.73
C TYR B 175 26.36 58.60 -57.84
N ASP B 176 25.21 59.10 -58.30
CA ASP B 176 24.50 58.46 -59.41
C ASP B 176 24.37 59.38 -60.61
N ALA B 177 23.44 59.05 -61.51
CA ALA B 177 23.26 59.81 -62.74
C ALA B 177 22.74 61.24 -62.50
N ALA B 178 22.13 61.45 -61.34
CA ALA B 178 21.52 62.74 -61.03
C ALA B 178 22.41 63.63 -60.18
N GLY B 179 23.37 63.01 -59.51
CA GLY B 179 24.24 63.76 -58.63
C GLY B 179 24.65 62.97 -57.42
N LEU B 180 24.25 63.43 -56.24
CA LEU B 180 24.73 62.85 -54.98
C LEU B 180 23.65 62.62 -53.93
N ILE B 181 23.64 61.43 -53.33
CA ILE B 181 22.83 61.17 -52.14
C ILE B 181 23.76 60.87 -50.96
N GLN B 182 23.68 61.71 -49.94
CA GLN B 182 24.47 61.54 -48.74
C GLN B 182 23.60 61.01 -47.62
N THR B 183 24.12 60.06 -46.87
CA THR B 183 23.40 59.57 -45.69
C THR B 183 24.02 60.22 -44.46
N ASP B 184 23.25 61.11 -43.83
CA ASP B 184 23.76 61.95 -42.74
C ASP B 184 23.67 61.24 -41.41
N SER B 185 22.57 60.53 -41.17
CA SER B 185 22.36 59.89 -39.88
C SER B 185 21.56 58.59 -39.98
N VAL B 186 21.89 57.62 -39.14
CA VAL B 186 21.20 56.34 -39.12
C VAL B 186 20.62 56.08 -37.74
N SER B 187 19.41 55.52 -37.70
CA SER B 187 18.75 55.23 -36.43
C SER B 187 19.45 54.12 -35.68
N LEU B 188 19.07 53.96 -34.41
CA LEU B 188 19.58 52.87 -33.58
C LEU B 188 19.07 51.56 -34.16
N THR B 189 17.97 51.65 -34.90
CA THR B 189 17.33 50.50 -35.52
C THR B 189 17.83 50.25 -36.94
N GLY B 190 18.93 50.90 -37.31
CA GLY B 190 19.51 50.69 -38.62
C GLY B 190 18.80 51.40 -39.76
N LYS B 191 17.94 52.36 -39.43
CA LYS B 191 17.20 53.09 -40.45
C LYS B 191 17.80 54.47 -40.71
N PRO B 192 17.75 54.94 -41.96
CA PRO B 192 18.24 56.29 -42.27
C PRO B 192 17.38 57.38 -41.61
N LEU B 193 18.02 58.30 -40.89
CA LEU B 193 17.30 59.38 -40.21
C LEU B 193 17.44 60.69 -40.96
N SER B 194 18.46 60.77 -41.80
CA SER B 194 18.73 61.98 -42.55
C SER B 194 19.46 61.67 -43.86
N VAL B 195 18.79 61.96 -44.98
CA VAL B 195 19.43 61.82 -46.28
C VAL B 195 19.39 63.15 -47.02
N SER B 196 20.37 63.41 -47.87
CA SER B 196 20.43 64.68 -48.58
C SER B 196 20.74 64.45 -50.05
N ARG B 197 19.92 64.99 -50.93
CA ARG B 197 20.19 64.90 -52.37
C ARG B 197 20.72 66.24 -52.90
N LYS B 198 21.81 66.17 -53.66
CA LYS B 198 22.31 67.31 -54.41
C LYS B 198 22.22 66.94 -55.88
N LEU B 199 21.78 67.90 -56.69
CA LEU B 199 21.64 67.67 -58.11
C LEU B 199 22.94 67.99 -58.84
N LEU B 200 23.20 67.27 -59.91
CA LEU B 200 24.27 67.62 -60.82
C LEU B 200 23.91 68.97 -61.41
N LYS B 201 24.91 69.83 -61.59
CA LYS B 201 24.68 71.15 -62.16
C LYS B 201 24.25 71.06 -63.62
N ASN B 202 23.26 71.88 -63.98
CA ASN B 202 22.72 71.97 -65.35
C ASN B 202 22.05 70.71 -65.92
N LEU B 203 21.29 70.01 -65.11
CA LEU B 203 20.54 68.85 -65.59
C LEU B 203 19.50 69.26 -66.64
N ASP B 204 19.22 70.56 -66.73
CA ASP B 204 18.33 71.10 -67.77
C ASP B 204 18.88 70.84 -69.17
N ASP B 205 20.20 70.82 -69.32
CA ASP B 205 20.82 70.49 -70.60
C ASP B 205 20.92 68.97 -70.71
N THR B 206 20.25 68.40 -71.70
CA THR B 206 20.17 66.95 -71.83
C THR B 206 21.49 66.32 -72.25
N ASN B 207 22.43 67.14 -72.70
CA ASN B 207 23.72 66.65 -73.15
C ASN B 207 24.75 66.52 -72.03
N ILE B 208 24.45 67.11 -70.87
CA ILE B 208 25.33 66.97 -69.73
C ILE B 208 25.01 65.65 -69.03
N LEU B 209 26.04 64.85 -68.79
CA LEU B 209 25.86 63.51 -68.24
C LEU B 209 26.84 63.27 -67.10
N ALA B 210 26.40 62.50 -66.10
CA ALA B 210 27.23 62.19 -64.96
C ALA B 210 28.47 61.42 -65.40
N ASP B 211 29.60 61.67 -64.76
CA ASP B 211 30.85 60.97 -65.04
C ASP B 211 31.80 61.14 -63.86
N TRP B 212 31.66 60.28 -62.87
CA TRP B 212 32.46 60.38 -61.65
C TRP B 212 33.81 59.70 -61.83
N GLN B 213 34.77 60.44 -62.38
CA GLN B 213 36.09 59.91 -62.65
C GLN B 213 36.98 60.03 -61.41
N GLY B 214 37.88 59.07 -61.23
CA GLY B 214 38.85 59.13 -60.14
C GLY B 214 38.28 58.73 -58.80
N ASN B 215 38.99 59.12 -57.74
CA ASN B 215 38.59 58.82 -56.37
C ASN B 215 38.68 60.06 -55.47
N ASP B 216 38.30 61.22 -56.00
CA ASP B 216 38.32 62.45 -55.23
C ASP B 216 36.96 63.15 -55.24
N THR B 217 36.33 63.18 -54.07
CA THR B 217 35.00 63.76 -53.90
C THR B 217 35.02 65.29 -54.00
N SER B 218 36.17 65.89 -53.73
CA SER B 218 36.30 67.34 -53.81
C SER B 218 36.04 67.80 -55.23
N ALA B 219 36.61 67.08 -56.19
CA ALA B 219 36.49 67.42 -57.60
C ALA B 219 35.08 67.18 -58.12
N TRP B 220 34.33 66.33 -57.45
CA TRP B 220 32.98 65.97 -57.86
C TRP B 220 31.95 66.96 -57.31
N ASN B 221 32.13 67.33 -56.05
CA ASN B 221 31.22 68.26 -55.39
C ASN B 221 31.12 69.60 -56.13
N SER B 222 32.18 69.93 -56.85
CA SER B 222 32.22 71.15 -57.67
C SER B 222 31.27 71.04 -58.87
N LEU B 223 30.90 69.82 -59.24
CA LEU B 223 30.03 69.60 -60.39
C LEU B 223 28.56 69.63 -59.99
N LEU B 224 28.31 69.72 -58.68
CA LEU B 224 26.95 69.70 -58.15
C LEU B 224 26.41 71.11 -57.98
N ALA B 225 25.12 71.27 -58.22
CA ALA B 225 24.45 72.54 -57.94
C ALA B 225 24.42 72.75 -56.44
N THR B 226 24.27 74.00 -56.01
CA THR B 226 24.48 74.38 -54.62
C THR B 226 23.40 73.92 -53.65
N GLU B 227 22.17 73.81 -54.13
CA GLU B 227 21.04 73.47 -53.29
C GLU B 227 21.19 72.07 -52.68
N ILE B 228 20.78 71.93 -51.42
CA ILE B 228 20.82 70.64 -50.76
C ILE B 228 19.40 70.25 -50.40
N TYR B 229 18.97 69.08 -50.87
CA TYR B 229 17.61 68.63 -50.62
C TYR B 229 17.65 67.53 -49.57
N THR B 230 17.33 67.90 -48.33
CA THR B 230 17.47 67.01 -47.20
C THR B 230 16.11 66.53 -46.69
N THR B 231 15.93 65.21 -46.64
CA THR B 231 14.75 64.59 -46.07
C THR B 231 15.15 63.98 -44.72
N VAL B 232 14.41 64.34 -43.68
CA VAL B 232 14.70 63.89 -42.32
C VAL B 232 13.60 62.99 -41.80
N THR B 233 13.98 61.83 -41.27
CA THR B 233 13.01 60.86 -40.80
C THR B 233 13.22 60.56 -39.31
N ARG B 234 12.13 60.29 -38.60
CA ARG B 234 12.23 59.81 -37.24
C ARG B 234 11.38 58.54 -37.13
N THR B 235 12.04 57.47 -36.68
CA THR B 235 11.44 56.14 -36.63
C THR B 235 11.15 55.73 -35.18
N ASP B 236 10.27 54.74 -34.99
CA ASP B 236 9.96 54.23 -33.66
C ASP B 236 10.90 53.09 -33.28
N ALA B 237 10.65 52.47 -32.12
CA ALA B 237 11.52 51.41 -31.60
C ALA B 237 11.55 50.19 -32.52
N ALA B 238 10.49 49.99 -33.28
CA ALA B 238 10.39 48.83 -34.17
C ALA B 238 10.87 49.18 -35.57
N GLY B 239 11.49 50.34 -35.70
CA GLY B 239 12.07 50.74 -36.97
C GLY B 239 11.09 51.33 -37.97
N ALA B 240 9.85 51.54 -37.54
CA ALA B 240 8.85 52.12 -38.43
C ALA B 240 8.94 53.65 -38.41
N VAL B 241 8.73 54.27 -39.57
CA VAL B 241 8.81 55.72 -39.69
C VAL B 241 7.65 56.42 -38.98
N LEU B 242 7.96 57.33 -38.07
CA LEU B 242 6.92 58.12 -37.40
C LEU B 242 6.76 59.49 -38.03
N THR B 243 7.83 60.25 -38.09
CA THR B 243 7.76 61.60 -38.68
C THR B 243 8.67 61.77 -39.89
N THR B 244 8.27 62.64 -40.80
CA THR B 244 9.05 62.95 -42.00
C THR B 244 9.03 64.44 -42.27
N ILE B 245 10.20 65.06 -42.30
CA ILE B 245 10.32 66.45 -42.71
C ILE B 245 10.96 66.46 -44.09
N ASP B 246 10.22 66.96 -45.08
CA ASP B 246 10.69 66.98 -46.46
C ASP B 246 11.75 68.06 -46.66
N ALA B 247 12.16 68.25 -47.92
CA ALA B 247 13.23 69.19 -48.23
C ALA B 247 12.84 70.66 -48.03
N VAL B 248 11.54 70.94 -47.99
CA VAL B 248 11.05 72.31 -47.77
C VAL B 248 10.46 72.52 -46.38
N GLY B 249 10.49 71.49 -45.55
CA GLY B 249 10.18 71.66 -44.14
C GLY B 249 8.77 71.28 -43.72
N ASN B 250 8.02 70.64 -44.60
CA ASN B 250 6.70 70.15 -44.21
C ASN B 250 6.85 68.83 -43.47
N GLN B 251 5.99 68.61 -42.49
CA GLN B 251 6.05 67.38 -41.72
C GLN B 251 4.84 66.47 -41.94
N GLN B 252 5.11 65.21 -42.20
CA GLN B 252 4.06 64.20 -42.14
C GLN B 252 4.26 63.39 -40.86
N ARG B 253 3.16 63.08 -40.19
CA ARG B 253 3.25 62.30 -38.96
C ARG B 253 2.27 61.16 -39.06
N VAL B 254 2.66 59.99 -38.55
CA VAL B 254 1.74 58.86 -38.50
C VAL B 254 1.69 58.29 -37.09
N ALA B 255 0.64 57.55 -36.79
CA ALA B 255 0.53 56.81 -35.55
C ALA B 255 -0.08 55.45 -35.86
N PHE B 256 0.39 54.45 -35.12
CA PHE B 256 -0.02 53.06 -35.33
C PHE B 256 -0.89 52.60 -34.18
N ASP B 257 -1.73 51.60 -34.46
CA ASP B 257 -2.59 51.03 -33.43
C ASP B 257 -1.85 50.02 -32.56
N ILE B 258 -2.58 49.32 -31.71
CA ILE B 258 -2.00 48.35 -30.80
C ILE B 258 -1.40 47.17 -31.56
N ALA B 259 -1.84 46.98 -32.81
CA ALA B 259 -1.32 45.92 -33.66
C ALA B 259 -0.28 46.45 -34.64
N GLY B 260 0.12 47.70 -34.45
CA GLY B 260 1.16 48.31 -35.27
C GLY B 260 0.73 48.71 -36.67
N GLN B 261 -0.57 48.77 -36.90
CA GLN B 261 -1.10 49.17 -38.20
C GLN B 261 -1.33 50.68 -38.20
N LEU B 262 -1.06 51.33 -39.34
CA LEU B 262 -1.32 52.77 -39.47
C LEU B 262 -2.73 53.10 -39.01
N SER B 263 -2.83 53.97 -38.02
CA SER B 263 -4.12 54.27 -37.38
C SER B 263 -4.51 55.72 -37.56
N ALA B 264 -3.51 56.57 -37.78
CA ALA B 264 -3.79 58.00 -37.98
C ALA B 264 -2.64 58.69 -38.66
N SER B 265 -2.94 59.77 -39.37
CA SER B 265 -1.88 60.58 -39.98
C SER B 265 -2.23 62.06 -39.96
N TRP B 266 -1.20 62.88 -39.88
CA TRP B 266 -1.33 64.32 -39.76
C TRP B 266 -0.34 65.00 -40.67
N LEU B 267 -0.59 66.28 -40.93
CA LEU B 267 0.26 67.12 -41.75
C LEU B 267 0.51 68.45 -41.05
N THR B 268 1.77 68.89 -41.06
CA THR B 268 2.13 70.21 -40.56
C THR B 268 2.95 70.91 -41.62
N LEU B 269 2.29 71.75 -42.42
CA LEU B 269 2.98 72.56 -43.42
C LEU B 269 3.97 73.46 -42.68
N LYS B 270 5.05 73.84 -43.36
CA LYS B 270 6.04 74.73 -42.74
C LYS B 270 5.39 76.02 -42.27
N GLY B 271 5.55 76.34 -41.00
CA GLY B 271 4.99 77.55 -40.43
C GLY B 271 3.54 77.39 -40.00
N GLY B 272 2.96 76.24 -40.31
CA GLY B 272 1.56 76.00 -40.02
C GLY B 272 1.36 75.16 -38.78
N GLN B 273 0.09 74.86 -38.47
CA GLN B 273 -0.26 74.00 -37.34
C GLN B 273 -0.61 72.60 -37.82
N GLU B 274 -0.47 71.61 -36.95
CA GLU B 274 -0.73 70.24 -37.34
C GLU B 274 -2.21 70.05 -37.65
N GLN B 275 -2.50 69.43 -38.79
CA GLN B 275 -3.89 69.14 -39.16
C GLN B 275 -4.09 67.67 -39.49
N VAL B 276 -5.32 67.20 -39.36
CA VAL B 276 -5.64 65.80 -39.60
C VAL B 276 -5.76 65.50 -41.10
N ILE B 277 -5.06 64.46 -41.55
CA ILE B 277 -5.24 63.94 -42.90
C ILE B 277 -6.06 62.67 -42.77
N ILE B 278 -5.57 61.74 -41.97
CA ILE B 278 -6.36 60.56 -41.65
C ILE B 278 -6.64 60.56 -40.15
N LYS B 279 -7.92 60.57 -39.80
CA LYS B 279 -8.31 60.65 -38.41
C LYS B 279 -8.28 59.28 -37.76
N VAL B 280 -9.01 58.34 -38.36
CA VAL B 280 -9.09 56.98 -37.85
C VAL B 280 -9.13 55.97 -39.00
N LEU B 281 -8.46 54.85 -38.83
CA LEU B 281 -8.38 53.81 -39.85
C LEU B 281 -8.44 52.45 -39.18
N THR B 282 -9.49 51.68 -39.49
CA THR B 282 -9.68 50.35 -38.92
C THR B 282 -9.40 49.28 -39.97
N TYR B 283 -9.20 48.05 -39.51
CA TYR B 283 -8.78 46.96 -40.40
C TYR B 283 -9.64 45.72 -40.21
N SER B 284 -9.68 44.86 -41.22
CA SER B 284 -10.34 43.57 -41.10
C SER B 284 -9.44 42.62 -40.33
N ALA B 285 -9.95 41.44 -40.00
CA ALA B 285 -9.12 40.46 -39.30
C ALA B 285 -7.91 40.07 -40.13
N ALA B 286 -8.05 40.20 -41.46
CA ALA B 286 -6.96 39.87 -42.37
C ALA B 286 -6.00 41.05 -42.59
N GLY B 287 -6.22 42.13 -41.85
CA GLY B 287 -5.35 43.28 -41.92
C GLY B 287 -5.60 44.17 -43.13
N GLN B 288 -6.75 44.01 -43.78
CA GLN B 288 -7.13 44.88 -44.87
C GLN B 288 -7.87 46.08 -44.30
N LYS B 289 -7.66 47.25 -44.89
CA LYS B 289 -8.40 48.45 -44.49
C LYS B 289 -9.90 48.19 -44.49
N LEU B 290 -10.58 48.62 -43.45
CA LEU B 290 -12.00 48.36 -43.31
C LEU B 290 -12.77 49.68 -43.36
N ARG B 291 -12.50 50.57 -42.41
CA ARG B 291 -13.12 51.88 -42.39
C ARG B 291 -12.07 52.96 -42.21
N GLU B 292 -12.08 53.95 -43.09
CA GLU B 292 -11.07 55.01 -43.12
C GLU B 292 -11.74 56.38 -43.18
N GLU B 293 -11.56 57.14 -42.11
CA GLU B 293 -12.12 58.48 -41.99
C GLU B 293 -11.00 59.50 -42.11
N GLY B 294 -11.16 60.46 -43.01
CA GLY B 294 -10.16 61.48 -43.24
C GLY B 294 -10.50 62.79 -42.56
N GLY B 295 -9.62 63.78 -42.71
CA GLY B 295 -9.84 65.08 -42.09
C GLY B 295 -10.98 65.88 -42.68
N ASN B 296 -11.45 65.50 -43.88
CA ASN B 296 -12.57 66.17 -44.53
C ASN B 296 -13.91 65.59 -44.10
N GLY B 297 -13.88 64.67 -43.14
CA GLY B 297 -15.10 64.10 -42.63
C GLY B 297 -15.60 62.98 -43.52
N VAL B 298 -14.94 62.80 -44.65
CA VAL B 298 -15.33 61.75 -45.60
C VAL B 298 -14.94 60.37 -45.09
N VAL B 299 -15.82 59.40 -45.27
CA VAL B 299 -15.58 58.03 -44.79
C VAL B 299 -15.62 57.03 -45.93
N THR B 300 -14.55 56.25 -46.05
CA THR B 300 -14.53 55.13 -46.99
C THR B 300 -14.68 53.84 -46.21
N THR B 301 -15.63 53.00 -46.63
CA THR B 301 -15.89 51.72 -45.99
C THR B 301 -15.64 50.63 -47.01
N TYR B 302 -14.81 49.66 -46.64
CA TYR B 302 -14.48 48.55 -47.52
C TYR B 302 -15.25 47.30 -47.09
N THR B 303 -15.93 46.69 -48.05
CA THR B 303 -16.68 45.47 -47.80
C THR B 303 -16.00 44.28 -48.46
N TYR B 304 -15.81 43.21 -47.68
CA TYR B 304 -15.11 42.03 -48.17
C TYR B 304 -15.98 40.79 -48.14
N GLU B 305 -15.66 39.85 -49.02
CA GLU B 305 -16.34 38.56 -49.07
C GLU B 305 -15.73 37.64 -48.03
N ALA B 306 -16.56 37.12 -47.14
CA ALA B 306 -16.10 36.35 -45.98
C ALA B 306 -15.31 35.10 -46.34
N GLU B 307 -15.74 34.40 -47.38
CA GLU B 307 -15.11 33.16 -47.79
C GLU B 307 -13.74 33.39 -48.43
N THR B 308 -13.60 34.50 -49.14
CA THR B 308 -12.45 34.71 -50.01
C THR B 308 -11.57 35.91 -49.64
N GLN B 309 -12.04 36.76 -48.73
CA GLN B 309 -11.40 38.04 -48.46
C GLN B 309 -11.27 38.93 -49.69
N ARG B 310 -12.14 38.73 -50.67
CA ARG B 310 -12.15 39.57 -51.86
C ARG B 310 -12.90 40.87 -51.58
N LEU B 311 -12.37 41.97 -52.14
CA LEU B 311 -13.00 43.27 -52.01
C LEU B 311 -14.21 43.39 -52.93
N ILE B 312 -15.40 43.37 -52.35
CA ILE B 312 -16.63 43.45 -53.15
C ILE B 312 -17.35 44.78 -52.96
N GLY B 313 -16.84 45.60 -52.05
CA GLY B 313 -17.45 46.91 -51.83
C GLY B 313 -16.47 48.02 -51.51
N ILE B 314 -16.62 49.15 -52.20
CA ILE B 314 -15.86 50.36 -51.85
C ILE B 314 -16.83 51.54 -51.77
N LYS B 315 -17.07 52.02 -50.56
CA LYS B 315 -18.07 53.07 -50.39
C LYS B 315 -17.46 54.35 -49.79
N THR B 316 -17.35 55.38 -50.61
CA THR B 316 -16.87 56.68 -50.15
C THR B 316 -18.08 57.58 -50.01
N GLU B 317 -18.25 58.14 -48.82
CA GLU B 317 -19.44 58.95 -48.56
C GLU B 317 -19.19 60.07 -47.55
N ARG B 318 -19.97 61.14 -47.67
CA ARG B 318 -20.12 62.06 -46.56
C ARG B 318 -21.20 61.44 -45.69
N PRO B 319 -20.84 61.06 -44.45
CA PRO B 319 -21.75 60.36 -43.54
C PRO B 319 -22.82 61.27 -42.97
N ASN B 320 -23.77 60.67 -42.25
CA ASN B 320 -24.84 61.42 -41.62
C ASN B 320 -24.26 62.45 -40.66
N GLY B 321 -24.81 63.66 -40.71
CA GLY B 321 -24.35 64.73 -39.85
C GLY B 321 -23.16 65.49 -40.38
N HIS B 322 -22.78 65.22 -41.62
CA HIS B 322 -21.66 65.95 -42.22
C HIS B 322 -22.08 67.38 -42.52
N ALA B 323 -21.15 68.31 -42.36
CA ALA B 323 -21.41 69.73 -42.53
C ALA B 323 -21.94 70.07 -43.93
N ALA B 324 -21.50 69.32 -44.93
CA ALA B 324 -21.88 69.55 -46.32
C ALA B 324 -23.02 68.64 -46.77
N GLY B 325 -23.60 67.93 -45.80
CA GLY B 325 -24.73 67.07 -46.09
C GLY B 325 -24.31 65.63 -46.30
N ALA B 326 -25.20 64.69 -45.96
CA ALA B 326 -24.91 63.28 -46.17
C ALA B 326 -25.05 62.95 -47.66
N LYS B 327 -24.08 62.23 -48.21
CA LYS B 327 -24.11 61.86 -49.62
C LYS B 327 -23.13 60.73 -49.93
N VAL B 328 -23.61 59.71 -50.64
CA VAL B 328 -22.74 58.66 -51.14
C VAL B 328 -22.02 59.21 -52.38
N LEU B 329 -20.71 59.38 -52.26
CA LEU B 329 -19.90 59.91 -53.36
C LEU B 329 -19.60 58.82 -54.36
N GLN B 330 -19.33 57.62 -53.86
CA GLN B 330 -19.04 56.47 -54.68
C GLN B 330 -19.43 55.18 -53.96
N ASP B 331 -20.05 54.24 -54.68
CA ASP B 331 -20.39 52.95 -54.08
C ASP B 331 -20.13 51.82 -55.07
N LEU B 332 -18.87 51.43 -55.19
CA LEU B 332 -18.48 50.38 -56.12
C LEU B 332 -18.78 48.98 -55.58
N ARG B 333 -19.52 48.22 -56.37
CA ARG B 333 -19.88 46.85 -56.03
C ARG B 333 -19.34 45.89 -57.09
N TYR B 334 -18.51 44.94 -56.64
CA TYR B 334 -17.82 44.01 -57.55
C TYR B 334 -18.42 42.60 -57.50
N GLU B 335 -18.67 42.05 -58.68
CA GLU B 335 -19.08 40.65 -58.80
C GLU B 335 -18.01 39.89 -59.58
N TYR B 336 -17.59 38.77 -59.01
CA TYR B 336 -16.49 37.96 -59.53
C TYR B 336 -16.97 36.59 -60.01
N ASP B 337 -16.17 35.98 -60.89
CA ASP B 337 -16.36 34.59 -61.25
C ASP B 337 -15.67 33.77 -60.16
N PRO B 338 -15.88 32.44 -60.14
CA PRO B 338 -15.28 31.64 -59.07
C PRO B 338 -13.76 31.79 -58.98
N VAL B 339 -13.11 32.12 -60.09
CA VAL B 339 -11.65 32.22 -60.12
C VAL B 339 -11.18 33.60 -59.64
N GLY B 340 -12.05 34.60 -59.76
CA GLY B 340 -11.77 35.92 -59.23
C GLY B 340 -11.60 37.01 -60.27
N ASN B 341 -12.10 36.77 -61.48
CA ASN B 341 -12.13 37.81 -62.50
C ASN B 341 -13.29 38.74 -62.18
N VAL B 342 -13.12 40.04 -62.41
CA VAL B 342 -14.20 40.98 -62.20
C VAL B 342 -15.22 40.82 -63.31
N LEU B 343 -16.39 40.29 -62.98
CA LEU B 343 -17.44 40.11 -63.97
C LEU B 343 -18.26 41.38 -64.10
N SER B 344 -18.53 42.03 -62.97
CA SER B 344 -19.31 43.26 -63.05
C SER B 344 -19.00 44.28 -61.96
N ILE B 345 -19.29 45.54 -62.27
CA ILE B 345 -19.13 46.65 -61.34
C ILE B 345 -20.39 47.51 -61.38
N THR B 346 -20.94 47.85 -60.20
CA THR B 346 -22.04 48.81 -60.15
C THR B 346 -21.65 49.98 -59.24
N ASN B 347 -22.25 51.14 -59.48
CA ASN B 347 -22.01 52.32 -58.66
C ASN B 347 -23.34 52.96 -58.26
N ASP B 348 -23.57 53.11 -56.95
CA ASP B 348 -24.82 53.72 -56.49
C ASP B 348 -24.64 55.21 -56.20
N ALA B 349 -25.66 55.99 -56.53
CA ALA B 349 -25.61 57.45 -56.35
C ALA B 349 -27.00 58.06 -56.49
N VAL B 361 -27.60 52.25 -60.89
CA VAL B 361 -27.95 51.98 -62.29
C VAL B 361 -26.76 51.80 -63.24
N PRO B 362 -25.73 52.67 -63.17
CA PRO B 362 -24.60 52.43 -64.09
C PRO B 362 -23.93 51.09 -63.79
N GLU B 363 -23.55 50.37 -64.84
CA GLU B 363 -22.99 49.03 -64.68
C GLU B 363 -21.99 48.69 -65.77
N ASN B 364 -20.83 48.20 -65.35
CA ASN B 364 -19.83 47.69 -66.26
C ASN B 364 -19.84 46.17 -66.23
N ALA B 365 -19.97 45.56 -67.40
CA ALA B 365 -19.97 44.11 -67.50
C ALA B 365 -18.72 43.67 -68.25
N TYR B 366 -18.20 42.51 -67.89
CA TYR B 366 -16.95 42.05 -68.45
C TYR B 366 -17.01 40.58 -68.85
N ARG B 367 -16.44 40.27 -70.01
CA ARG B 367 -16.35 38.89 -70.43
C ARG B 367 -14.90 38.58 -70.76
N TYR B 368 -14.51 37.36 -70.40
CA TYR B 368 -13.15 36.87 -70.53
C TYR B 368 -13.14 35.57 -71.33
N ASP B 369 -11.98 35.22 -71.87
CA ASP B 369 -11.79 33.91 -72.48
C ASP B 369 -11.33 32.90 -71.42
N SER B 370 -11.15 31.64 -71.82
CA SER B 370 -10.77 30.59 -70.88
C SER B 370 -9.37 30.81 -70.29
N LEU B 371 -8.65 31.78 -70.84
CA LEU B 371 -7.32 32.13 -70.36
C LEU B 371 -7.41 33.37 -69.47
N TYR B 372 -8.64 33.78 -69.21
CA TYR B 372 -8.93 34.94 -68.36
C TYR B 372 -8.35 36.21 -68.96
N GLN B 373 -8.40 36.28 -70.30
CA GLN B 373 -8.09 37.51 -71.01
C GLN B 373 -9.38 38.27 -71.27
N LEU B 374 -9.34 39.58 -71.03
CA LEU B 374 -10.52 40.42 -71.18
C LEU B 374 -10.89 40.58 -72.65
N VAL B 375 -12.03 40.02 -73.05
CA VAL B 375 -12.47 40.09 -74.44
C VAL B 375 -13.62 41.06 -74.67
N SER B 376 -14.39 41.37 -73.62
CA SER B 376 -15.43 42.37 -73.78
C SER B 376 -15.65 43.20 -72.53
N ALA B 377 -15.91 44.49 -72.73
CA ALA B 377 -16.11 45.41 -71.62
C ALA B 377 -17.16 46.45 -71.95
N SER B 378 -18.18 46.56 -71.11
CA SER B 378 -19.19 47.57 -71.30
C SER B 378 -18.96 48.69 -70.30
N GLY B 379 -19.29 49.91 -70.67
CA GLY B 379 -19.08 51.03 -69.78
C GLY B 379 -19.78 52.27 -70.29
N ARG B 380 -19.48 53.41 -69.70
CA ARG B 380 -20.03 54.67 -70.18
C ARG B 380 -18.91 55.69 -70.40
N GLU B 381 -19.12 56.60 -71.34
CA GLU B 381 -18.16 57.65 -71.63
C GLU B 381 -18.94 58.92 -71.92
N VAL B 382 -18.28 60.06 -71.86
CA VAL B 382 -18.94 61.28 -72.29
C VAL B 382 -18.89 61.25 -73.80
N ALA B 383 -20.05 60.98 -74.41
CA ALA B 383 -20.17 60.96 -75.86
C ALA B 383 -20.80 62.28 -76.31
N GLY B 384 -20.33 62.81 -77.45
CA GLY B 384 -19.30 62.15 -78.23
C GLY B 384 -17.90 62.69 -78.03
N ALA B 385 -17.04 61.80 -77.55
CA ALA B 385 -15.66 62.15 -77.22
C ALA B 385 -14.79 62.25 -78.48
N GLY B 386 -14.86 61.21 -79.31
CA GLY B 386 -13.99 61.08 -80.47
C GLY B 386 -13.08 59.87 -80.29
N GLN B 387 -12.29 59.56 -81.30
CA GLN B 387 -11.43 58.38 -81.25
C GLN B 387 -10.30 58.52 -80.23
N GLN B 388 -10.18 57.52 -79.35
CA GLN B 388 -9.17 57.54 -78.29
C GLN B 388 -7.76 57.64 -78.84
N GLY B 389 -6.97 58.53 -78.25
CA GLY B 389 -5.57 58.68 -78.59
C GLY B 389 -4.76 58.91 -77.33
N SER B 390 -3.66 59.63 -77.46
CA SER B 390 -2.79 59.90 -76.32
C SER B 390 -3.38 60.99 -75.41
N ASP B 391 -4.31 61.78 -75.96
CA ASP B 391 -4.86 62.92 -75.23
C ASP B 391 -5.96 62.53 -74.24
N LEU B 392 -6.10 63.34 -73.19
CA LEU B 392 -7.24 63.28 -72.30
C LEU B 392 -8.40 63.95 -73.04
N PRO B 393 -9.64 63.52 -72.77
CA PRO B 393 -10.79 64.26 -73.28
C PRO B 393 -10.80 65.67 -72.68
N SER B 394 -11.46 66.63 -73.33
CA SER B 394 -11.64 67.92 -72.69
C SER B 394 -12.53 67.71 -71.47
N PRO B 395 -12.13 68.29 -70.33
CA PRO B 395 -12.88 68.08 -69.09
C PRO B 395 -14.30 68.65 -69.17
N LEU B 396 -15.27 67.87 -68.70
CA LEU B 396 -16.64 68.33 -68.58
C LEU B 396 -16.75 69.19 -67.32
N VAL B 397 -17.07 70.46 -67.52
CA VAL B 397 -17.17 71.43 -66.42
C VAL B 397 -18.52 72.12 -66.51
N PRO B 398 -19.24 72.23 -65.39
CA PRO B 398 -18.88 71.68 -64.09
C PRO B 398 -19.36 70.23 -63.96
N LEU B 399 -19.54 69.77 -62.72
CA LEU B 399 -20.00 68.40 -62.51
C LEU B 399 -21.44 68.19 -63.00
N PRO B 400 -21.63 67.14 -63.81
CA PRO B 400 -22.94 66.80 -64.37
C PRO B 400 -24.01 66.60 -63.31
N SER B 401 -25.23 67.05 -63.62
CA SER B 401 -26.37 66.89 -62.72
C SER B 401 -27.23 65.79 -63.30
N ASP B 402 -27.12 65.63 -64.62
CA ASP B 402 -27.89 64.65 -65.37
C ASP B 402 -26.92 63.62 -65.95
N SER B 403 -27.37 62.38 -66.09
CA SER B 403 -26.49 61.29 -66.51
C SER B 403 -26.67 60.97 -67.98
N SER B 404 -27.65 61.64 -68.59
CA SER B 404 -27.88 61.52 -70.02
C SER B 404 -26.67 62.07 -70.77
N VAL B 405 -25.83 62.82 -70.05
CA VAL B 405 -24.62 63.41 -70.60
C VAL B 405 -23.61 62.31 -70.94
N TYR B 406 -23.86 61.11 -70.44
CA TYR B 406 -23.01 59.96 -70.69
C TYR B 406 -23.72 59.07 -71.69
N THR B 407 -22.96 58.32 -72.49
CA THR B 407 -23.55 57.26 -73.29
C THR B 407 -22.79 55.97 -73.06
N ASN B 408 -23.50 54.87 -73.24
CA ASN B 408 -22.91 53.55 -73.06
C ASN B 408 -22.07 53.15 -74.27
N TYR B 409 -20.93 52.51 -73.98
CA TYR B 409 -20.07 51.94 -75.00
C TYR B 409 -19.83 50.47 -74.68
N THR B 410 -19.39 49.76 -75.71
CA THR B 410 -18.97 48.37 -75.57
C THR B 410 -17.67 48.22 -76.37
N ARG B 411 -16.64 47.72 -75.73
CA ARG B 411 -15.37 47.46 -76.39
C ARG B 411 -15.13 45.96 -76.48
N THR B 412 -14.54 45.55 -77.60
CA THR B 412 -14.15 44.17 -77.82
C THR B 412 -12.63 44.09 -78.01
N TYR B 413 -12.02 43.04 -77.47
CA TYR B 413 -10.57 42.93 -77.49
C TYR B 413 -10.15 41.66 -78.23
N THR B 414 -9.15 41.77 -79.09
CA THR B 414 -8.71 40.66 -79.90
C THR B 414 -7.22 40.44 -79.73
N TYR B 415 -6.88 39.24 -79.26
CA TYR B 415 -5.52 38.81 -78.96
C TYR B 415 -5.06 37.69 -79.88
N ASP B 416 -3.75 37.57 -80.06
CA ASP B 416 -3.18 36.47 -80.82
C ASP B 416 -2.71 35.33 -79.90
N SER B 417 -2.08 34.32 -80.48
CA SER B 417 -1.65 33.14 -79.72
C SER B 417 -0.58 33.44 -78.67
N ALA B 418 0.13 34.56 -78.85
CA ALA B 418 1.19 34.94 -77.92
C ALA B 418 0.74 36.03 -76.96
N GLY B 419 -0.57 36.30 -76.94
CA GLY B 419 -1.13 37.25 -75.99
C GLY B 419 -1.02 38.70 -76.42
N ASN B 420 -0.57 38.94 -77.65
CA ASN B 420 -0.52 40.30 -78.16
C ASN B 420 -1.93 40.81 -78.44
N LEU B 421 -2.26 41.95 -77.83
CA LEU B 421 -3.52 42.61 -78.10
C LEU B 421 -3.44 43.23 -79.48
N MET B 422 -4.21 42.70 -80.43
CA MET B 422 -4.17 43.17 -81.81
C MET B 422 -5.26 44.20 -82.08
N ARG B 423 -6.43 44.02 -81.46
CA ARG B 423 -7.57 44.86 -81.82
C ARG B 423 -8.40 45.34 -80.62
N ILE B 424 -8.69 46.64 -80.57
CA ILE B 424 -9.71 47.17 -79.66
C ILE B 424 -10.84 47.79 -80.47
N ARG B 425 -11.98 47.13 -80.50
CA ARG B 425 -13.12 47.61 -81.26
C ARG B 425 -14.09 48.36 -80.36
N HIS B 426 -14.10 49.68 -80.50
CA HIS B 426 -14.97 50.55 -79.72
C HIS B 426 -16.31 50.74 -80.42
N SER B 427 -17.38 50.44 -79.70
CA SER B 427 -18.73 50.54 -80.24
C SER B 427 -19.60 51.41 -79.35
N ALA B 428 -19.88 52.62 -79.81
CA ALA B 428 -20.81 53.52 -79.11
C ALA B 428 -21.94 53.88 -80.06
N PRO B 429 -22.92 52.98 -80.20
CA PRO B 429 -23.97 53.07 -81.21
C PRO B 429 -24.80 54.35 -81.20
N ALA B 430 -25.31 54.75 -80.04
CA ALA B 430 -26.24 55.88 -79.95
C ALA B 430 -25.70 57.21 -80.46
N THR B 431 -24.43 57.47 -80.21
CA THR B 431 -23.84 58.75 -80.61
C THR B 431 -22.98 58.53 -81.84
N ASN B 432 -23.04 57.30 -82.35
CA ASN B 432 -22.21 56.87 -83.47
C ASN B 432 -20.77 57.32 -83.28
N ASN B 433 -20.18 56.86 -82.19
CA ASN B 433 -18.77 57.12 -81.87
C ASN B 433 -18.00 55.82 -82.02
N ASN B 434 -18.12 55.21 -83.20
CA ASN B 434 -17.53 53.90 -83.44
C ASN B 434 -16.17 53.93 -84.14
N TYR B 435 -15.22 53.18 -83.58
CA TYR B 435 -13.87 53.10 -84.12
C TYR B 435 -13.16 51.83 -83.69
N THR B 436 -12.06 51.54 -84.36
CA THR B 436 -11.27 50.35 -84.08
C THR B 436 -9.81 50.75 -84.02
N LEU B 437 -9.20 50.51 -82.87
CA LEU B 437 -7.77 50.71 -82.69
C LEU B 437 -7.06 49.41 -83.04
N ASN B 438 -6.26 49.43 -84.09
CA ASN B 438 -5.54 48.23 -84.50
C ASN B 438 -4.08 48.29 -84.10
N ILE B 439 -3.59 47.19 -83.55
CA ILE B 439 -2.18 47.07 -83.29
C ILE B 439 -1.58 46.07 -84.26
N THR B 440 -0.56 46.53 -84.98
CA THR B 440 0.18 45.74 -85.94
C THR B 440 1.33 45.08 -85.21
N VAL B 441 1.36 43.75 -85.27
CA VAL B 441 2.35 42.95 -84.57
C VAL B 441 3.35 42.39 -85.57
N SER B 442 4.63 42.39 -85.22
CA SER B 442 5.66 41.75 -86.03
C SER B 442 5.38 40.26 -86.20
N GLU B 443 5.97 39.66 -87.23
CA GLU B 443 5.76 38.23 -87.47
C GLU B 443 6.92 37.42 -86.93
N ARG B 444 7.89 38.11 -86.34
CA ARG B 444 9.08 37.43 -85.83
C ARG B 444 9.42 37.93 -84.41
N SER B 445 8.48 38.64 -83.80
CA SER B 445 8.63 39.10 -82.43
C SER B 445 7.28 39.52 -81.83
N ASN B 446 7.33 40.02 -80.58
CA ASN B 446 6.13 40.53 -79.93
C ASN B 446 6.05 42.04 -80.05
N ARG B 447 7.01 42.65 -80.74
CA ARG B 447 6.98 44.08 -81.02
C ARG B 447 5.71 44.44 -81.80
N GLY B 448 5.01 45.47 -81.33
CA GLY B 448 3.76 45.87 -81.94
C GLY B 448 3.53 47.35 -81.76
N VAL B 449 2.98 47.98 -82.80
CA VAL B 449 2.69 49.41 -82.73
C VAL B 449 1.30 49.68 -83.31
N MET B 450 0.74 50.84 -83.02
CA MET B 450 -0.56 51.19 -83.59
C MET B 450 -0.46 51.31 -85.11
N SER B 451 -1.53 50.95 -85.81
CA SER B 451 -1.52 50.87 -87.26
C SER B 451 -1.15 52.19 -87.95
N SER B 452 -1.37 53.31 -87.26
CA SER B 452 -1.05 54.62 -87.80
C SER B 452 0.45 54.80 -88.02
N LEU B 453 1.24 53.97 -87.34
CA LEU B 453 2.69 53.99 -87.51
C LEU B 453 3.09 53.10 -88.69
N THR B 454 2.53 51.89 -88.71
CA THR B 454 2.62 51.01 -89.88
C THR B 454 1.58 49.90 -89.77
N GLU B 455 1.13 49.43 -90.93
CA GLU B 455 0.18 48.32 -90.97
C GLU B 455 0.89 47.06 -91.45
N ASN B 456 2.18 47.20 -91.74
CA ASN B 456 2.97 46.07 -92.21
C ASN B 456 3.81 45.46 -91.09
N PRO B 457 3.48 44.21 -90.73
CA PRO B 457 4.18 43.45 -89.69
C PRO B 457 5.69 43.44 -89.91
N ALA B 458 6.11 43.44 -91.17
CA ALA B 458 7.52 43.37 -91.51
C ALA B 458 8.29 44.67 -91.23
N ASP B 459 7.59 45.74 -90.89
CA ASP B 459 8.28 47.00 -90.64
C ASP B 459 8.22 47.42 -89.17
N VAL B 460 7.60 46.57 -88.34
CA VAL B 460 7.42 46.88 -86.93
C VAL B 460 8.75 46.89 -86.16
N ASP B 461 9.59 45.87 -86.39
CA ASP B 461 10.84 45.72 -85.63
C ASP B 461 11.84 46.86 -85.81
N ALA B 462 11.78 47.52 -86.98
CA ALA B 462 12.70 48.62 -87.25
C ALA B 462 12.34 49.83 -86.38
N LEU B 463 11.10 49.87 -85.91
CA LEU B 463 10.60 50.96 -85.08
C LEU B 463 11.04 50.82 -83.62
N PHE B 464 11.83 49.79 -83.34
CA PHE B 464 12.35 49.58 -81.98
C PHE B 464 13.88 49.56 -81.99
N THR B 465 14.48 49.69 -80.81
CA THR B 465 15.92 49.56 -80.67
C THR B 465 16.29 48.07 -80.72
N ALA B 466 17.56 47.76 -80.58
CA ALA B 466 17.97 46.37 -80.48
C ALA B 466 17.50 45.80 -79.15
N SER B 467 17.40 46.65 -78.14
CA SER B 467 16.91 46.24 -76.82
C SER B 467 15.40 46.02 -76.79
N GLY B 468 14.70 46.50 -77.81
CA GLY B 468 13.25 46.35 -77.87
C GLY B 468 12.49 47.54 -77.34
N SER B 469 13.15 48.70 -77.29
CA SER B 469 12.52 49.93 -76.83
C SER B 469 12.02 50.72 -78.04
N GLN B 470 10.75 51.12 -78.00
CA GLN B 470 10.09 51.82 -79.11
C GLN B 470 10.73 53.18 -79.43
N LYS B 471 10.95 53.43 -80.72
CA LYS B 471 11.67 54.64 -81.16
C LYS B 471 10.73 55.76 -81.62
N CYS B 472 9.50 55.40 -81.97
CA CYS B 472 8.50 56.40 -82.35
C CYS B 472 7.21 56.14 -81.59
N LEU B 473 6.77 57.15 -80.86
CA LEU B 473 5.55 57.08 -80.07
C LEU B 473 4.34 57.18 -81.00
N GLN B 474 4.26 58.29 -81.73
CA GLN B 474 3.24 58.49 -82.75
C GLN B 474 3.94 58.92 -84.04
N GLN B 475 3.17 59.45 -85.00
CA GLN B 475 3.71 59.76 -86.32
C GLN B 475 4.86 60.77 -86.35
N GLY B 476 4.66 61.92 -85.70
CA GLY B 476 5.69 62.95 -85.68
C GLY B 476 6.55 62.91 -84.44
N GLN B 477 6.30 61.93 -83.58
CA GLN B 477 6.92 61.87 -82.26
C GLN B 477 7.94 60.74 -82.11
N SER B 478 9.18 61.10 -81.79
CA SER B 478 10.27 60.13 -81.69
C SER B 478 10.71 59.91 -80.23
N LEU B 479 11.35 58.77 -79.98
CA LEU B 479 11.73 58.38 -78.62
C LEU B 479 13.24 58.11 -78.53
N ILE B 480 13.89 58.77 -77.59
CA ILE B 480 15.32 58.58 -77.36
C ILE B 480 15.47 57.88 -76.01
N TRP B 481 16.40 56.93 -75.94
CA TRP B 481 16.55 56.12 -74.73
C TRP B 481 17.95 56.21 -74.15
N THR B 482 18.06 56.02 -72.83
CA THR B 482 19.35 55.95 -72.16
C THR B 482 19.96 54.58 -72.40
N PRO B 483 21.28 54.45 -72.20
CA PRO B 483 21.95 53.15 -72.32
C PRO B 483 21.37 52.07 -71.40
N ARG B 484 20.77 52.45 -70.28
CA ARG B 484 20.17 51.50 -69.36
C ARG B 484 18.77 51.13 -69.80
N GLY B 485 18.29 51.77 -70.86
CA GLY B 485 16.96 51.52 -71.37
C GLY B 485 15.91 52.35 -70.66
N GLU B 486 16.35 53.47 -70.08
CA GLU B 486 15.42 54.43 -69.47
C GLU B 486 14.97 55.42 -70.53
N LEU B 487 13.73 55.91 -70.43
CA LEU B 487 13.23 56.86 -71.41
C LEU B 487 13.85 58.24 -71.19
N ARG B 488 14.57 58.72 -72.20
CA ARG B 488 15.34 59.95 -72.07
C ARG B 488 14.60 61.19 -72.59
N THR B 489 14.07 61.12 -73.81
CA THR B 489 13.44 62.28 -74.43
C THR B 489 12.25 61.89 -75.30
N VAL B 490 11.13 62.57 -75.10
CA VAL B 490 9.98 62.42 -75.99
C VAL B 490 9.92 63.67 -76.87
N LEU B 491 10.20 63.48 -78.16
CA LEU B 491 10.19 64.58 -79.11
C LEU B 491 8.76 64.78 -79.63
N LEU B 492 8.07 65.78 -79.08
CA LEU B 492 6.65 65.99 -79.36
C LEU B 492 6.39 66.71 -80.68
N VAL B 493 7.07 67.83 -80.89
CA VAL B 493 6.95 68.55 -82.16
C VAL B 493 8.33 68.90 -82.67
N ALA B 494 8.77 68.18 -83.69
CA ALA B 494 10.10 68.39 -84.27
C ALA B 494 10.07 69.54 -85.26
N ARG B 495 11.04 70.44 -85.14
CA ARG B 495 11.15 71.59 -86.03
C ARG B 495 12.54 71.66 -86.65
N GLY B 496 13.08 70.49 -87.01
CA GLY B 496 14.36 70.41 -87.68
C GLY B 496 15.48 70.98 -86.86
N GLU B 497 15.75 72.27 -87.08
CA GLU B 497 16.81 72.97 -86.37
C GLU B 497 16.34 74.36 -85.94
N THR B 498 16.25 74.59 -84.62
CA THR B 498 16.44 73.54 -83.62
C THR B 498 15.55 73.80 -82.41
N ALA B 499 14.29 74.17 -82.65
CA ALA B 499 13.39 74.48 -81.54
C ALA B 499 12.23 73.52 -81.48
N ASP B 500 12.33 72.51 -80.62
CA ASP B 500 11.38 71.41 -80.62
C ASP B 500 10.53 71.34 -79.35
N ASP B 501 9.26 70.98 -79.50
CA ASP B 501 8.44 70.73 -78.34
C ASP B 501 8.87 69.34 -77.83
N SER B 502 9.42 69.29 -76.63
CA SER B 502 9.92 68.03 -76.09
C SER B 502 9.79 67.93 -74.58
N GLU B 503 9.99 66.73 -74.07
CA GLU B 503 9.95 66.46 -72.64
C GLU B 503 11.03 65.45 -72.30
N SER B 504 11.92 65.82 -71.40
CA SER B 504 13.04 64.95 -71.05
C SER B 504 12.92 64.44 -69.63
N TYR B 505 13.71 63.42 -69.33
CA TYR B 505 13.63 62.77 -68.02
C TYR B 505 15.02 62.45 -67.49
N ARG B 506 15.12 62.38 -66.17
CA ARG B 506 16.36 62.01 -65.50
C ARG B 506 16.01 60.97 -64.43
N TYR B 507 16.94 60.05 -64.19
CA TYR B 507 16.69 58.97 -63.24
C TYR B 507 17.83 58.86 -62.24
N ASP B 508 17.54 58.35 -61.04
CA ASP B 508 18.59 58.07 -60.07
C ASP B 508 19.22 56.71 -60.38
N GLY B 509 20.22 56.31 -59.59
CA GLY B 509 20.93 55.06 -59.81
C GLY B 509 20.04 53.82 -59.82
N SER B 510 18.92 53.91 -59.12
CA SER B 510 17.95 52.84 -59.06
C SER B 510 16.96 52.93 -60.22
N SER B 511 17.28 53.78 -61.19
CA SER B 511 16.44 54.02 -62.36
C SER B 511 15.06 54.59 -62.00
N GLN B 512 15.00 55.32 -60.88
CA GLN B 512 13.76 55.98 -60.52
C GLN B 512 13.80 57.43 -60.95
N ARG B 513 12.70 57.91 -61.50
CA ARG B 513 12.67 59.25 -62.07
C ARG B 513 12.86 60.30 -60.97
N ILE B 514 13.71 61.28 -61.26
CA ILE B 514 14.04 62.33 -60.32
C ILE B 514 13.70 63.68 -60.94
N LEU B 515 13.73 63.75 -62.27
CA LEU B 515 13.54 65.03 -62.95
C LEU B 515 12.81 64.90 -64.30
N LYS B 516 11.83 65.79 -64.53
CA LYS B 516 11.11 65.84 -65.80
C LYS B 516 11.05 67.26 -66.34
N ILE B 517 11.50 67.47 -67.57
CA ILE B 517 11.53 68.81 -68.15
C ILE B 517 10.80 68.89 -69.50
N SER B 518 9.69 69.62 -69.53
CA SER B 518 8.87 69.78 -70.72
C SER B 518 9.16 71.15 -71.32
N SER B 519 9.25 71.22 -72.64
CA SER B 519 9.51 72.49 -73.31
C SER B 519 8.59 72.67 -74.51
N GLN B 520 7.95 73.84 -74.59
CA GLN B 520 7.04 74.14 -75.69
C GLN B 520 7.29 75.54 -76.26
N GLN B 521 7.25 75.67 -77.59
CA GLN B 521 7.48 76.97 -78.21
C GLN B 521 6.18 77.78 -78.26
N THR B 522 6.25 79.05 -77.89
CA THR B 522 5.10 79.95 -77.96
C THR B 522 5.47 81.22 -78.72
N SER B 525 8.63 83.16 -75.43
CA SER B 525 9.95 82.67 -75.79
C SER B 525 9.99 81.13 -75.73
N ALA B 526 9.64 80.59 -74.58
CA ALA B 526 9.57 79.14 -74.37
C ALA B 526 8.90 78.82 -73.04
N ARG B 527 7.83 78.03 -73.10
CA ARG B 527 7.14 77.53 -71.92
C ARG B 527 7.87 76.29 -71.39
N VAL B 528 8.53 76.43 -70.25
CA VAL B 528 9.31 75.33 -69.66
C VAL B 528 8.71 74.87 -68.33
N GLN B 529 8.33 73.58 -68.27
CA GLN B 529 7.71 73.02 -67.08
C GLN B 529 8.61 71.96 -66.47
N ARG B 530 9.10 72.22 -65.25
CA ARG B 530 10.04 71.36 -64.55
C ARG B 530 9.38 70.63 -63.38
N ALA B 531 9.71 69.35 -63.21
CA ALA B 531 9.15 68.53 -62.14
C ALA B 531 10.28 67.79 -61.43
N LEU B 532 10.50 68.14 -60.16
CA LEU B 532 11.55 67.52 -59.37
C LEU B 532 10.94 66.60 -58.33
N TYR B 533 11.24 65.31 -58.45
CA TYR B 533 10.64 64.31 -57.57
C TYR B 533 11.56 63.98 -56.39
N LEU B 534 11.05 64.22 -55.19
CA LEU B 534 11.79 64.01 -53.94
C LEU B 534 10.88 63.23 -52.97
N PRO B 535 11.46 62.70 -51.89
CA PRO B 535 10.66 61.96 -50.91
C PRO B 535 9.44 62.73 -50.41
N GLY B 536 8.25 62.21 -50.72
CA GLY B 536 7.02 62.84 -50.28
C GLY B 536 6.76 64.20 -50.90
N LEU B 537 7.38 64.48 -52.05
CA LEU B 537 7.33 65.83 -52.59
C LEU B 537 7.52 65.91 -54.11
N GLU B 538 6.71 66.75 -54.75
CA GLU B 538 6.91 67.09 -56.16
C GLU B 538 7.10 68.60 -56.29
N TRP B 539 8.27 69.02 -56.77
CA TRP B 539 8.55 70.43 -56.93
C TRP B 539 8.42 70.83 -58.40
N ARG B 540 7.30 71.47 -58.73
CA ARG B 540 6.96 71.80 -60.11
C ARG B 540 6.99 73.30 -60.41
N THR B 541 7.87 73.70 -61.32
CA THR B 541 7.97 75.08 -61.77
C THR B 541 7.43 75.23 -63.20
N MET B 542 6.87 76.40 -63.49
CA MET B 542 6.36 76.70 -64.83
C MET B 542 6.88 78.09 -65.24
N THR B 543 7.59 78.15 -66.36
CA THR B 543 8.15 79.43 -66.83
C THR B 543 7.77 79.69 -68.29
N GLY B 544 7.90 80.94 -68.72
CA GLY B 544 7.53 81.32 -70.07
C GLY B 544 6.29 82.21 -70.12
N ALA B 549 5.50 82.95 -64.01
CA ALA B 549 6.25 81.91 -63.30
C ALA B 549 5.41 81.32 -62.16
N GLU B 550 5.26 79.99 -62.18
CA GLU B 550 4.52 79.30 -61.14
C GLU B 550 5.47 78.40 -60.36
N ASN B 551 5.44 78.51 -59.04
CA ASN B 551 6.27 77.66 -58.19
C ASN B 551 5.40 76.85 -57.26
N LEU B 552 5.22 75.58 -57.60
CA LEU B 552 4.29 74.71 -56.89
C LEU B 552 5.02 73.60 -56.15
N GLN B 553 4.67 73.42 -54.88
CA GLN B 553 5.17 72.30 -54.11
C GLN B 553 4.00 71.38 -53.74
N VAL B 554 4.08 70.15 -54.24
CA VAL B 554 3.05 69.14 -54.04
C VAL B 554 3.47 68.16 -52.94
N ILE B 555 2.79 68.24 -51.81
CA ILE B 555 3.05 67.36 -50.69
C ILE B 555 2.31 66.06 -50.93
N CYS B 556 3.05 64.96 -51.04
CA CYS B 556 2.46 63.66 -51.28
C CYS B 556 2.37 62.88 -49.98
N ILE B 557 1.14 62.52 -49.60
CA ILE B 557 0.85 61.91 -48.31
C ILE B 557 0.24 60.52 -48.46
N GLY B 558 0.94 59.53 -47.92
CA GLY B 558 0.57 58.13 -48.02
C GLY B 558 1.51 57.45 -49.02
N GLU B 559 1.40 56.12 -49.11
CA GLU B 559 2.20 55.37 -50.08
C GLU B 559 1.67 53.94 -50.25
N ALA B 563 -0.01 59.76 -54.46
CA ALA B 563 -0.14 58.86 -53.30
C ALA B 563 -1.28 59.30 -52.39
N GLN B 564 -2.41 58.62 -52.50
CA GLN B 564 -3.63 58.93 -51.73
C GLN B 564 -3.96 60.42 -51.54
N VAL B 565 -3.31 61.10 -50.60
CA VAL B 565 -3.68 62.48 -50.35
C VAL B 565 -2.60 63.46 -50.81
N ARG B 566 -2.99 64.51 -51.53
CA ARG B 566 -2.01 65.43 -52.10
C ARG B 566 -2.33 66.89 -51.72
N VAL B 567 -1.31 67.68 -51.39
CA VAL B 567 -1.55 69.06 -51.00
C VAL B 567 -0.77 70.03 -51.89
N LEU B 568 -1.49 71.02 -52.43
CA LEU B 568 -0.91 71.96 -53.37
C LEU B 568 -0.56 73.25 -52.64
N HIS B 569 0.74 73.50 -52.48
CA HIS B 569 1.23 74.71 -51.84
C HIS B 569 2.00 75.56 -52.82
N TRP B 570 1.47 76.72 -53.16
CA TRP B 570 2.17 77.64 -54.05
C TRP B 570 3.10 78.58 -53.29
N GLU B 571 4.32 78.71 -53.78
CA GLU B 571 5.21 79.76 -53.32
C GLU B 571 5.08 80.95 -54.26
N SER B 572 4.54 80.68 -55.45
CA SER B 572 4.36 81.70 -56.47
C SER B 572 3.41 81.23 -57.58
N GLY B 573 2.63 82.16 -58.10
CA GLY B 573 1.76 81.89 -59.23
C GLY B 573 0.51 81.11 -58.91
N LYS B 574 0.00 81.24 -57.68
CA LYS B 574 -1.26 80.61 -57.34
C LYS B 574 -2.37 81.24 -58.17
N PRO B 575 -3.05 80.42 -58.99
CA PRO B 575 -4.17 80.87 -59.81
C PRO B 575 -5.38 81.19 -58.94
N ASP B 576 -6.21 82.13 -59.38
CA ASP B 576 -7.46 82.39 -58.68
C ASP B 576 -8.37 81.19 -58.83
N GLY B 577 -9.28 80.99 -57.88
CA GLY B 577 -10.18 79.86 -57.93
C GLY B 577 -9.78 78.73 -57.00
N ILE B 578 -8.48 78.68 -56.67
CA ILE B 578 -7.97 77.66 -55.75
C ILE B 578 -7.24 78.29 -54.55
N ILE B 579 -7.68 77.97 -53.34
CA ILE B 579 -7.02 78.41 -52.11
C ILE B 579 -5.66 77.73 -51.97
N ASN B 580 -4.70 78.43 -51.37
CA ASN B 580 -3.37 77.85 -51.19
C ASN B 580 -3.42 76.73 -50.17
N ASP B 581 -2.42 75.85 -50.22
CA ASP B 581 -2.36 74.68 -49.36
C ASP B 581 -3.63 73.85 -49.53
N GLN B 582 -4.03 73.62 -50.78
CA GLN B 582 -5.26 72.86 -51.02
C GLN B 582 -5.06 71.36 -50.83
N ILE B 583 -5.92 70.76 -50.00
CA ILE B 583 -5.84 69.31 -49.80
C ILE B 583 -6.81 68.59 -50.73
N ARG B 584 -6.27 67.61 -51.46
CA ARG B 584 -7.03 66.76 -52.37
C ARG B 584 -6.92 65.29 -51.97
N TRP B 585 -8.02 64.76 -51.44
CA TRP B 585 -8.13 63.33 -51.20
C TRP B 585 -8.37 62.61 -52.52
N SER B 586 -7.71 61.48 -52.71
CA SER B 586 -7.95 60.64 -53.87
C SER B 586 -8.67 59.38 -53.41
N TYR B 587 -9.71 58.98 -54.15
CA TYR B 587 -10.42 57.74 -53.85
C TYR B 587 -10.39 56.81 -55.05
N ASP B 588 -9.90 55.59 -54.81
CA ASP B 588 -9.56 54.70 -55.90
C ASP B 588 -10.61 53.62 -56.11
N ASN B 589 -10.33 52.72 -57.05
CA ASN B 589 -11.12 51.53 -57.24
C ASN B 589 -10.30 50.30 -56.87
N LEU B 590 -10.74 49.14 -57.32
CA LEU B 590 -10.05 47.88 -57.03
C LEU B 590 -8.59 47.90 -57.47
N THR B 591 -8.31 48.50 -58.63
CA THR B 591 -6.96 48.49 -59.20
C THR B 591 -6.22 49.81 -58.96
N CYS B 592 -6.63 50.52 -57.91
CA CYS B 592 -5.91 51.70 -57.41
C CYS B 592 -5.96 52.93 -58.34
N SER B 593 -6.93 52.96 -59.26
CA SER B 593 -7.09 54.09 -60.16
C SER B 593 -7.76 55.25 -59.46
N SER B 594 -7.14 56.43 -59.55
CA SER B 594 -7.68 57.65 -58.93
C SER B 594 -8.99 58.06 -59.60
N GLY B 595 -10.11 57.87 -58.90
CA GLY B 595 -11.42 58.17 -59.46
C GLY B 595 -12.00 59.50 -59.01
N LEU B 596 -11.88 59.80 -57.72
CA LEU B 596 -12.42 61.04 -57.18
C LEU B 596 -11.36 61.89 -56.48
N GLU B 597 -11.32 63.18 -56.81
CA GLU B 597 -10.59 64.15 -56.02
C GLU B 597 -11.61 64.85 -55.14
N VAL B 598 -11.31 64.99 -53.85
CA VAL B 598 -12.22 65.62 -52.90
C VAL B 598 -11.44 66.58 -52.01
N ASP B 599 -11.97 67.78 -51.79
CA ASP B 599 -11.28 68.81 -51.01
C ASP B 599 -11.43 68.67 -49.49
N GLY B 600 -10.84 69.60 -48.75
CA GLY B 600 -10.88 69.57 -47.30
C GLY B 600 -12.26 69.75 -46.69
N ASP B 601 -13.21 70.22 -47.50
CA ASP B 601 -14.58 70.40 -47.02
C ASP B 601 -15.43 69.17 -47.36
N GLY B 602 -14.83 68.21 -48.06
CA GLY B 602 -15.54 66.99 -48.39
C GLY B 602 -16.33 67.15 -49.67
N LEU B 603 -15.94 68.10 -50.50
CA LEU B 603 -16.67 68.36 -51.74
C LEU B 603 -15.91 67.82 -52.93
N VAL B 604 -16.63 67.20 -53.86
CA VAL B 604 -16.01 66.61 -55.03
C VAL B 604 -15.42 67.71 -55.93
N ILE B 605 -14.13 67.59 -56.22
CA ILE B 605 -13.40 68.49 -57.09
C ILE B 605 -13.44 67.95 -58.52
N SER B 606 -13.01 66.69 -58.69
CA SER B 606 -13.08 66.05 -60.00
C SER B 606 -13.51 64.59 -59.89
N MET B 607 -13.94 64.04 -61.02
CA MET B 607 -14.32 62.64 -61.13
C MET B 607 -13.76 62.14 -62.45
N GLU B 608 -13.24 60.92 -62.46
CA GLU B 608 -12.61 60.37 -63.64
C GLU B 608 -12.84 58.87 -63.76
N GLU B 609 -13.27 58.43 -64.94
CA GLU B 609 -13.46 57.02 -65.20
C GLU B 609 -12.54 56.59 -66.33
N TYR B 610 -12.21 55.30 -66.35
CA TYR B 610 -11.20 54.79 -67.26
C TYR B 610 -11.69 53.65 -68.13
N TYR B 611 -11.20 53.59 -69.36
CA TYR B 611 -11.34 52.41 -70.19
C TYR B 611 -10.43 51.37 -69.56
N PRO B 612 -10.79 50.08 -69.70
CA PRO B 612 -10.09 48.97 -69.04
C PRO B 612 -8.57 49.06 -69.10
N TYR B 613 -8.03 49.46 -70.24
CA TYR B 613 -6.58 49.51 -70.40
C TYR B 613 -5.96 50.87 -70.14
N GLY B 614 -6.72 51.77 -69.52
CA GLY B 614 -6.14 53.01 -69.04
C GLY B 614 -6.67 54.31 -69.62
N GLY B 615 -7.18 54.26 -70.85
CA GLY B 615 -7.70 55.47 -71.47
C GLY B 615 -8.78 56.09 -70.61
N THR B 616 -8.85 57.42 -70.60
CA THR B 616 -9.86 58.12 -69.81
C THR B 616 -11.16 58.24 -70.60
N ALA B 617 -12.23 57.67 -70.04
CA ALA B 617 -13.53 57.66 -70.70
C ALA B 617 -14.37 58.82 -70.22
N VAL B 618 -14.19 59.18 -68.96
CA VAL B 618 -14.92 60.27 -68.33
C VAL B 618 -13.94 61.16 -67.55
N TRP B 619 -14.05 62.47 -67.77
CA TRP B 619 -13.19 63.44 -67.08
C TRP B 619 -13.98 64.70 -66.80
N ALA B 620 -14.33 64.91 -65.53
CA ALA B 620 -15.16 66.04 -65.12
C ALA B 620 -14.60 66.74 -63.89
N ALA B 621 -14.93 68.02 -63.75
CA ALA B 621 -14.49 68.82 -62.61
C ALA B 621 -15.44 69.97 -62.34
N ARG B 622 -15.36 70.52 -61.13
CA ARG B 622 -16.22 71.64 -60.73
C ARG B 622 -15.71 72.97 -61.32
N SER B 623 -14.46 72.97 -61.80
CA SER B 623 -13.88 74.15 -62.44
C SER B 623 -12.82 73.70 -63.46
N HIS B 624 -12.55 74.55 -64.44
CA HIS B 624 -11.52 74.25 -65.42
C HIS B 624 -10.14 74.32 -64.77
N ILE B 625 -9.96 75.30 -63.89
CA ILE B 625 -8.64 75.56 -63.32
C ILE B 625 -8.12 74.43 -62.44
N GLU B 626 -9.03 73.71 -61.78
CA GLU B 626 -8.62 72.65 -60.88
C GLU B 626 -8.20 71.38 -61.62
N THR B 627 -8.46 71.34 -62.92
CA THR B 627 -8.19 70.14 -63.71
C THR B 627 -6.70 69.95 -63.95
N ALA B 628 -5.98 71.07 -64.09
CA ALA B 628 -4.57 71.01 -64.48
C ALA B 628 -3.66 70.50 -63.36
N TYR B 629 -4.21 70.28 -62.18
CA TYR B 629 -3.41 69.92 -61.03
C TYR B 629 -3.61 68.45 -60.61
N LYS B 630 -4.35 67.71 -61.41
CA LYS B 630 -4.37 66.25 -61.25
C LYS B 630 -3.39 65.63 -62.24
N THR B 631 -2.44 64.86 -61.69
CA THR B 631 -1.40 64.24 -62.49
C THR B 631 -1.49 62.71 -62.40
N VAL B 632 -1.91 62.23 -61.23
CA VAL B 632 -2.05 60.80 -60.96
C VAL B 632 -3.45 60.32 -61.31
N ARG B 633 -3.55 59.31 -62.18
CA ARG B 633 -4.86 58.84 -62.65
C ARG B 633 -5.02 57.32 -62.60
N TYR B 634 -4.59 56.67 -63.68
CA TYR B 634 -4.81 55.23 -63.86
C TYR B 634 -3.81 54.43 -63.05
N SER B 635 -4.30 53.43 -62.33
CA SER B 635 -3.47 52.58 -61.47
C SER B 635 -2.61 53.35 -60.47
N GLY B 636 -3.05 54.54 -60.10
CA GLY B 636 -2.30 55.37 -59.17
C GLY B 636 -0.98 55.81 -59.75
N LYS B 637 -0.92 55.86 -61.08
CA LYS B 637 0.30 56.28 -61.76
C LYS B 637 0.11 57.64 -62.42
N GLU B 638 1.21 58.35 -62.61
CA GLU B 638 1.17 59.66 -63.25
C GLU B 638 1.06 59.53 -64.76
N ARG B 639 0.12 60.27 -65.34
CA ARG B 639 0.07 60.41 -66.79
C ARG B 639 0.81 61.68 -67.14
N ASP B 640 1.89 61.56 -67.90
CA ASP B 640 2.62 62.74 -68.33
C ASP B 640 1.87 63.39 -69.49
N ALA B 641 2.30 64.59 -69.87
CA ALA B 641 1.63 65.32 -70.94
C ALA B 641 1.74 64.58 -72.28
N THR B 642 2.72 63.69 -72.36
CA THR B 642 2.95 62.86 -73.54
C THR B 642 1.85 61.84 -73.75
N GLY B 643 1.08 61.58 -72.70
CA GLY B 643 0.03 60.57 -72.75
C GLY B 643 0.49 59.27 -72.16
N LEU B 644 1.79 59.15 -71.90
CA LEU B 644 2.35 57.94 -71.31
C LEU B 644 2.12 57.92 -69.81
N TYR B 645 1.94 56.71 -69.27
CA TYR B 645 1.87 56.55 -67.83
C TYR B 645 3.25 56.07 -67.40
N TYR B 646 3.84 56.76 -66.43
CA TYR B 646 5.13 56.37 -65.88
C TYR B 646 4.95 55.49 -64.65
N TYR B 647 5.35 54.23 -64.77
CA TYR B 647 5.19 53.27 -63.68
C TYR B 647 6.41 53.15 -62.77
N GLY B 648 7.59 53.46 -63.31
CA GLY B 648 8.82 53.38 -62.54
C GLY B 648 9.98 52.88 -63.37
N PHE B 649 9.78 51.72 -63.97
CA PHE B 649 10.80 51.12 -64.82
C PHE B 649 10.41 51.18 -66.29
N ARG B 650 9.11 51.22 -66.57
CA ARG B 650 8.65 51.34 -67.94
C ARG B 650 7.50 52.33 -68.09
N TYR B 651 7.38 52.88 -69.29
CA TYR B 651 6.26 53.76 -69.61
C TYR B 651 5.18 52.92 -70.26
N TYR B 652 3.93 53.32 -70.07
CA TYR B 652 2.81 52.54 -70.54
C TYR B 652 1.96 53.34 -71.53
N GLN B 653 1.50 52.68 -72.57
CA GLN B 653 0.65 53.31 -73.58
C GLN B 653 -0.77 52.84 -73.37
N PRO B 654 -1.59 53.69 -72.71
CA PRO B 654 -2.99 53.30 -72.44
C PRO B 654 -3.83 53.15 -73.70
N TRP B 655 -3.38 53.70 -74.82
CA TRP B 655 -4.13 53.63 -76.07
C TRP B 655 -3.81 52.39 -76.91
N ALA B 656 -2.70 51.73 -76.60
CA ALA B 656 -2.28 50.54 -77.33
C ALA B 656 -2.37 49.27 -76.47
N GLY B 657 -2.63 49.46 -75.18
CA GLY B 657 -2.76 48.34 -74.26
C GLY B 657 -1.49 47.52 -74.04
N ARG B 658 -0.34 48.18 -74.09
CA ARG B 658 0.95 47.49 -73.94
C ARG B 658 2.06 48.43 -73.49
N TRP B 659 3.18 47.85 -73.04
CA TRP B 659 4.32 48.64 -72.59
C TRP B 659 5.09 49.29 -73.74
N LEU B 660 5.85 50.34 -73.43
CA LEU B 660 6.57 51.10 -74.44
C LEU B 660 7.92 50.44 -74.74
N SER B 661 8.29 49.48 -73.91
CA SER B 661 9.55 48.76 -74.06
C SER B 661 9.44 47.34 -73.48
N ALA B 662 10.45 46.51 -73.73
CA ALA B 662 10.45 45.13 -73.26
C ALA B 662 10.73 45.05 -71.76
N ASP B 663 10.09 44.08 -71.07
CA ASP B 663 10.24 43.89 -69.63
C ASP B 663 11.70 43.70 -69.23
N PRO B 664 12.23 44.65 -68.44
CA PRO B 664 13.63 44.56 -68.00
C PRO B 664 13.84 43.39 -67.04
N ALA B 665 12.76 42.88 -66.47
CA ALA B 665 12.83 41.74 -65.56
C ALA B 665 12.86 40.44 -66.35
N GLY B 666 12.60 40.53 -67.64
CA GLY B 666 12.63 39.37 -68.52
C GLY B 666 11.38 38.51 -68.47
N THR B 667 11.57 37.20 -68.38
CA THR B 667 10.47 36.25 -68.52
C THR B 667 9.74 35.92 -67.22
N VAL B 668 9.82 36.82 -66.24
CA VAL B 668 9.14 36.56 -64.96
C VAL B 668 7.61 36.48 -65.07
N ASP B 669 7.05 37.13 -66.09
CA ASP B 669 5.60 37.13 -66.28
C ASP B 669 5.22 36.65 -67.69
N GLY B 670 5.84 35.58 -68.13
CA GLY B 670 5.56 35.03 -69.45
C GLY B 670 6.60 35.42 -70.49
N LEU B 671 6.49 34.82 -71.67
CA LEU B 671 7.47 35.06 -72.73
C LEU B 671 7.28 36.42 -73.40
N ASN B 672 6.03 36.88 -73.47
CA ASN B 672 5.74 38.16 -74.08
C ASN B 672 6.20 39.30 -73.16
N LEU B 673 7.18 40.08 -73.63
CA LEU B 673 7.81 41.11 -72.80
C LEU B 673 7.11 42.47 -72.95
N TYR B 674 5.99 42.47 -73.66
CA TYR B 674 5.20 43.69 -73.86
C TYR B 674 3.80 43.54 -73.28
N ARG B 675 3.39 42.31 -72.98
CA ARG B 675 2.03 42.04 -72.52
C ARG B 675 1.73 42.79 -71.22
N MET B 676 0.54 43.38 -71.15
CA MET B 676 0.16 44.23 -70.03
C MET B 676 -0.72 43.49 -69.05
N VAL B 677 -0.21 43.34 -67.82
CA VAL B 677 -0.90 42.63 -66.73
C VAL B 677 -1.70 41.40 -67.17
N ARG B 678 -1.08 40.59 -68.01
CA ARG B 678 -1.67 39.34 -68.50
C ARG B 678 -3.04 39.52 -69.17
N ASN B 679 -3.24 40.70 -69.76
CA ASN B 679 -4.49 41.03 -70.44
C ASN B 679 -5.73 40.96 -69.56
N ASN B 680 -5.55 41.24 -68.28
CA ASN B 680 -6.66 41.35 -67.33
C ASN B 680 -6.46 42.57 -66.44
N PRO B 681 -6.70 43.77 -66.99
CA PRO B 681 -6.41 45.02 -66.28
C PRO B 681 -7.49 45.47 -65.29
N LEU B 682 -8.49 44.64 -65.06
CA LEU B 682 -9.56 44.97 -64.12
C LEU B 682 -9.38 44.25 -62.79
N ARG B 683 -8.59 43.19 -62.83
CA ARG B 683 -8.30 42.39 -61.66
C ARG B 683 -6.88 42.69 -61.22
N LEU B 684 -6.00 42.79 -62.21
CA LEU B 684 -4.57 42.95 -61.98
C LEU B 684 -4.09 44.39 -62.12
N THR B 685 -3.03 44.72 -61.38
CA THR B 685 -2.33 45.99 -61.49
C THR B 685 -0.82 45.74 -61.51
N ASP B 686 -0.08 46.67 -62.11
CA ASP B 686 1.38 46.57 -62.18
C ASP B 686 1.99 47.64 -61.28
N PRO B 687 2.90 47.24 -60.38
CA PRO B 687 3.42 48.24 -59.45
C PRO B 687 4.52 49.14 -60.03
N ASP B 688 5.35 48.64 -60.94
CA ASP B 688 6.54 49.37 -61.38
C ASP B 688 6.79 49.36 -62.89
N GLY B 689 6.39 48.29 -63.57
CA GLY B 689 6.83 48.06 -64.93
C GLY B 689 7.70 46.81 -65.00
N MET B 690 8.86 46.86 -64.33
CA MET B 690 9.73 45.70 -64.09
C MET B 690 8.99 44.41 -63.67
N MET C 8 1.63 -32.18 54.06
CA MET C 8 1.95 -32.18 52.63
C MET C 8 1.17 -33.27 51.89
N ALA C 9 0.83 -32.97 50.63
CA ALA C 9 0.07 -33.90 49.78
C ALA C 9 0.97 -35.01 49.24
N ILE C 10 0.43 -36.22 49.22
CA ILE C 10 1.16 -37.37 48.71
C ILE C 10 1.03 -37.50 47.19
N THR C 11 2.17 -37.66 46.52
CA THR C 11 2.24 -37.72 45.06
C THR C 11 1.46 -38.91 44.49
N THR C 12 0.51 -38.61 43.61
CA THR C 12 -0.34 -39.64 43.01
C THR C 12 -0.32 -39.56 41.48
N LEU C 13 0.08 -40.66 40.84
CA LEU C 13 0.09 -40.73 39.40
C LEU C 13 -1.32 -40.94 38.86
N SER C 14 -1.79 -40.02 38.01
CA SER C 14 -3.10 -40.17 37.38
C SER C 14 -3.09 -39.56 35.98
N LEU C 15 -3.90 -40.10 35.08
CA LEU C 15 -4.02 -39.52 33.75
C LEU C 15 -4.81 -38.22 33.82
N PRO C 16 -4.49 -37.27 32.92
CA PRO C 16 -5.20 -35.99 32.89
C PRO C 16 -6.69 -36.22 32.67
N LYS C 17 -7.46 -36.15 33.75
CA LYS C 17 -8.89 -36.40 33.71
C LYS C 17 -9.65 -35.09 33.72
N GLY C 18 -9.87 -34.52 32.54
CA GLY C 18 -10.59 -33.27 32.42
C GLY C 18 -11.10 -33.04 31.00
N GLY C 19 -11.32 -31.78 30.65
CA GLY C 19 -11.80 -31.45 29.31
C GLY C 19 -13.20 -30.90 29.38
N GLY C 20 -13.48 -29.92 28.53
CA GLY C 20 -14.80 -29.34 28.45
C GLY C 20 -14.76 -27.82 28.39
N ALA C 21 -14.20 -27.21 29.43
CA ALA C 21 -14.16 -25.76 29.52
C ALA C 21 -13.17 -25.16 28.51
N ILE C 22 -13.40 -23.92 28.13
CA ILE C 22 -12.51 -23.21 27.21
C ILE C 22 -12.18 -21.85 27.79
N ASN C 23 -10.90 -21.64 28.10
CA ASN C 23 -10.47 -20.34 28.58
C ASN C 23 -9.34 -19.83 27.70
N GLY C 24 -8.56 -18.88 28.21
CA GLY C 24 -7.44 -18.34 27.46
C GLY C 24 -6.13 -18.61 28.16
N MET C 25 -5.23 -17.62 28.11
CA MET C 25 -3.90 -17.76 28.67
C MET C 25 -3.81 -17.24 30.09
N GLY C 26 -4.95 -16.86 30.65
CA GLY C 26 -4.98 -16.29 31.98
C GLY C 26 -4.72 -14.80 31.93
N GLU C 27 -4.97 -14.21 30.78
CA GLU C 27 -4.78 -12.78 30.60
C GLU C 27 -5.78 -12.00 31.46
N SER C 28 -5.41 -10.80 31.86
CA SER C 28 -6.29 -9.99 32.71
C SER C 28 -5.97 -8.50 32.61
N VAL C 29 -7.01 -7.68 32.82
CA VAL C 29 -6.82 -6.24 32.97
C VAL C 29 -6.49 -6.01 34.43
N GLY C 30 -5.67 -5.01 34.73
CA GLY C 30 -5.32 -4.74 36.10
C GLY C 30 -6.44 -4.03 36.82
N GLN C 31 -6.57 -4.28 38.12
CA GLN C 31 -7.56 -3.56 38.93
C GLN C 31 -7.12 -2.09 38.95
N ALA C 32 -8.10 -1.18 38.90
CA ALA C 32 -7.77 0.24 38.89
C ALA C 32 -7.09 0.65 40.21
N GLY C 33 -5.96 1.34 40.09
CA GLY C 33 -5.16 1.69 41.25
C GLY C 33 -4.89 3.18 41.37
N PRO C 34 -4.20 3.57 42.45
CA PRO C 34 -3.89 4.97 42.76
C PRO C 34 -2.99 5.68 41.74
N ASP C 35 -2.39 4.95 40.80
CA ASP C 35 -1.60 5.61 39.76
C ASP C 35 -2.45 6.00 38.56
N GLY C 36 -3.65 5.41 38.47
CA GLY C 36 -4.59 5.78 37.42
C GLY C 36 -4.29 5.22 36.04
N MET C 37 -3.26 4.39 35.94
CA MET C 37 -2.84 3.82 34.68
C MET C 37 -3.62 2.56 34.30
N VAL C 38 -3.84 2.36 33.00
CA VAL C 38 -4.42 1.12 32.52
C VAL C 38 -3.29 0.11 32.35
N THR C 39 -3.41 -1.05 33.00
CA THR C 39 -2.41 -2.11 32.80
C THR C 39 -3.08 -3.37 32.25
N PHE C 40 -2.29 -4.16 31.52
CA PHE C 40 -2.76 -5.46 31.06
C PHE C 40 -1.63 -6.46 31.26
N SER C 41 -1.97 -7.74 31.41
CA SER C 41 -0.94 -8.74 31.62
C SER C 41 -1.30 -10.07 30.98
N ILE C 42 -0.35 -10.64 30.25
CA ILE C 42 -0.54 -11.95 29.62
C ILE C 42 0.60 -12.87 30.02
N PRO C 43 0.30 -13.85 30.88
CA PRO C 43 1.29 -14.86 31.27
C PRO C 43 1.69 -15.67 30.05
N LEU C 44 2.99 -15.87 29.83
CA LEU C 44 3.44 -16.60 28.66
C LEU C 44 3.07 -18.08 28.71
N PRO C 45 2.38 -18.54 27.65
CA PRO C 45 1.82 -19.90 27.56
C PRO C 45 2.88 -20.94 27.23
N PHE C 46 3.91 -21.05 28.05
CA PHE C 46 4.97 -22.02 27.83
C PHE C 46 5.28 -22.82 29.09
N SER C 47 5.98 -23.94 28.93
CA SER C 47 6.14 -24.90 30.02
C SER C 47 6.97 -24.36 31.18
N ALA C 48 6.69 -24.87 32.37
CA ALA C 48 7.44 -24.52 33.57
C ALA C 48 8.60 -25.50 33.74
N GLY C 49 8.69 -26.43 32.80
CA GLY C 49 9.74 -27.43 32.80
C GLY C 49 9.70 -28.28 34.07
N ARG C 50 10.85 -28.39 34.73
CA ARG C 50 10.94 -29.10 36.00
C ARG C 50 10.24 -28.35 37.13
N GLY C 51 10.01 -27.05 36.92
CA GLY C 51 9.44 -26.20 37.95
C GLY C 51 10.21 -24.89 38.09
N VAL C 52 11.49 -24.93 37.74
CA VAL C 52 12.29 -23.70 37.72
C VAL C 52 12.38 -23.20 36.28
N ALA C 53 11.68 -22.10 36.02
CA ALA C 53 11.51 -21.61 34.65
C ALA C 53 11.39 -20.08 34.67
N PRO C 54 11.58 -19.44 33.51
CA PRO C 54 11.25 -18.02 33.42
C PRO C 54 9.75 -17.82 33.61
N ALA C 55 9.35 -16.94 34.51
CA ALA C 55 7.94 -16.69 34.75
C ALA C 55 7.61 -15.34 34.17
N LEU C 56 7.71 -15.24 32.85
CA LEU C 56 7.55 -13.97 32.18
C LEU C 56 6.11 -13.68 31.78
N SER C 57 5.76 -12.41 31.83
CA SER C 57 4.48 -11.94 31.33
C SER C 57 4.69 -10.82 30.32
N LEU C 58 3.88 -10.82 29.27
CA LEU C 58 3.81 -9.72 28.33
C LEU C 58 2.79 -8.71 28.86
N SER C 59 3.27 -7.55 29.30
CA SER C 59 2.42 -6.61 30.01
C SER C 59 2.36 -5.21 29.38
N TYR C 60 1.20 -4.58 29.49
CA TYR C 60 0.97 -3.26 28.95
C TYR C 60 0.72 -2.24 30.05
N SER C 61 1.19 -1.01 29.82
CA SER C 61 0.92 0.12 30.70
C SER C 61 0.68 1.39 29.89
N SER C 62 -0.43 2.08 30.17
CA SER C 62 -0.78 3.28 29.44
C SER C 62 0.24 4.41 29.67
N GLY C 63 1.02 4.29 30.74
CA GLY C 63 2.03 5.27 31.04
C GLY C 63 3.37 4.90 30.42
N ALA C 64 3.50 3.67 29.95
CA ALA C 64 4.73 3.18 29.34
C ALA C 64 4.92 3.71 27.93
N GLY C 65 6.16 3.82 27.48
CA GLY C 65 6.45 4.29 26.13
C GLY C 65 6.66 3.16 25.14
N ASN C 66 7.41 3.43 24.06
CA ASN C 66 7.61 2.45 23.00
C ASN C 66 8.75 1.48 23.30
N GLY C 67 8.75 0.34 22.61
CA GLY C 67 9.75 -0.68 22.84
C GLY C 67 9.62 -1.85 21.87
N PRO C 68 10.30 -2.96 22.17
CA PRO C 68 10.39 -4.13 21.28
C PRO C 68 9.11 -4.96 21.22
N PHE C 69 8.09 -4.53 21.96
CA PHE C 69 6.80 -5.20 21.93
C PHE C 69 5.68 -4.23 21.58
N GLY C 70 6.05 -3.06 21.06
CA GLY C 70 5.07 -2.05 20.70
C GLY C 70 4.86 -1.02 21.78
N MET C 71 4.10 0.02 21.46
CA MET C 71 3.86 1.12 22.38
C MET C 71 3.15 0.64 23.64
N GLY C 72 3.79 0.91 24.79
CA GLY C 72 3.19 0.62 26.08
C GLY C 72 3.41 -0.79 26.62
N TRP C 73 3.93 -1.68 25.78
CA TRP C 73 4.12 -3.07 26.19
C TRP C 73 5.55 -3.32 26.66
N GLN C 74 5.73 -4.42 27.36
CA GLN C 74 7.05 -4.80 27.85
C GLN C 74 7.04 -6.26 28.26
N CYS C 75 8.16 -6.93 28.00
CA CYS C 75 8.37 -8.30 28.48
C CYS C 75 9.84 -8.47 28.79
N SER C 76 10.23 -8.06 29.99
CA SER C 76 11.63 -7.99 30.35
C SER C 76 11.90 -8.74 31.64
N ALA C 77 13.17 -8.98 31.91
CA ALA C 77 13.55 -9.59 33.17
C ALA C 77 14.15 -8.52 34.05
N MET C 78 14.62 -8.96 35.21
CA MET C 78 15.27 -8.12 36.21
C MET C 78 16.43 -7.34 35.58
N SER C 79 16.70 -6.13 36.07
CA SER C 79 17.84 -5.36 35.57
C SER C 79 18.26 -4.26 36.55
N ILE C 80 19.52 -3.84 36.44
CA ILE C 80 20.01 -2.70 37.22
C ILE C 80 20.58 -1.65 36.29
N SER C 81 20.10 -0.42 36.41
CA SER C 81 20.56 0.66 35.55
C SER C 81 21.04 1.86 36.36
N ARG C 82 21.81 2.72 35.72
CA ARG C 82 22.18 3.98 36.34
C ARG C 82 20.97 4.89 36.39
N ARG C 83 20.94 5.78 37.38
CA ARG C 83 19.84 6.74 37.49
C ARG C 83 19.94 7.78 36.40
N THR C 84 18.81 8.13 35.79
CA THR C 84 18.77 9.13 34.71
C THR C 84 17.77 10.24 35.00
N GLN C 85 16.84 10.00 35.91
CA GLN C 85 15.69 10.88 36.09
C GLN C 85 16.04 12.18 36.82
N LYS C 86 17.19 12.19 37.48
CA LYS C 86 17.66 13.37 38.20
C LYS C 86 19.05 13.76 37.76
N GLY C 87 19.25 13.87 36.45
CA GLY C 87 20.54 14.20 35.89
C GLY C 87 21.08 13.09 35.00
N VAL C 88 21.78 13.47 33.94
CA VAL C 88 22.35 12.51 33.01
C VAL C 88 23.65 11.96 33.57
N PRO C 89 23.78 10.63 33.65
CA PRO C 89 25.00 10.00 34.18
C PRO C 89 26.22 10.37 33.34
N GLN C 90 27.40 10.37 33.95
CA GLN C 90 28.63 10.73 33.24
C GLN C 90 29.67 9.63 33.39
N TYR C 91 29.24 8.50 33.94
CA TYR C 91 30.08 7.32 34.11
C TYR C 91 31.33 7.67 34.94
N ASN C 92 31.10 8.50 35.96
CA ASN C 92 32.08 8.81 36.99
C ASN C 92 31.55 8.30 38.32
N GLU C 93 32.13 8.75 39.44
CA GLU C 93 31.73 8.22 40.74
C GLU C 93 30.49 8.90 41.32
N ASP C 94 30.03 9.97 40.68
CA ASP C 94 28.83 10.66 41.10
C ASP C 94 27.56 9.99 40.57
N ASP C 95 27.72 8.97 39.74
CA ASP C 95 26.58 8.26 39.19
C ASP C 95 25.83 7.49 40.28
N GLU C 96 24.52 7.35 40.11
CA GLU C 96 23.72 6.56 41.05
C GLU C 96 23.15 5.34 40.35
N PHE C 97 22.76 4.34 41.14
CA PHE C 97 22.21 3.11 40.59
C PHE C 97 20.80 2.84 41.07
N LEU C 98 19.98 2.30 40.17
CA LEU C 98 18.61 1.96 40.52
C LEU C 98 18.52 0.47 40.73
N SER C 99 17.70 0.07 41.69
CA SER C 99 17.36 -1.32 41.90
C SER C 99 16.37 -1.72 40.81
N PRO C 100 16.15 -3.03 40.62
CA PRO C 100 15.11 -3.48 39.68
C PRO C 100 13.74 -2.89 39.98
N SER C 101 13.52 -2.44 41.23
CA SER C 101 12.25 -1.82 41.60
C SER C 101 12.19 -0.36 41.15
N GLY C 102 13.32 0.15 40.68
CA GLY C 102 13.39 1.51 40.19
C GLY C 102 13.79 2.49 41.26
N GLU C 103 14.10 1.95 42.43
CA GLU C 103 14.47 2.79 43.57
C GLU C 103 15.97 3.08 43.54
N VAL C 104 16.37 4.29 43.91
CA VAL C 104 17.79 4.65 43.99
C VAL C 104 18.48 3.86 45.09
N MET C 105 19.67 3.36 44.79
CA MET C 105 20.42 2.60 45.79
C MET C 105 21.53 3.45 46.38
N ALA C 106 21.97 3.06 47.57
CA ALA C 106 23.12 3.71 48.21
C ALA C 106 24.00 2.62 48.81
N ILE C 107 25.28 2.92 49.01
CA ILE C 107 26.16 1.96 49.66
C ILE C 107 25.68 1.69 51.08
N ALA C 108 25.52 0.41 51.40
CA ALA C 108 24.96 -0.01 52.68
C ALA C 108 25.99 0.10 53.80
N LEU C 109 25.50 0.09 55.04
CA LEU C 109 26.38 0.03 56.20
C LEU C 109 26.55 -1.43 56.63
N ASN C 110 27.73 -1.75 57.14
CA ASN C 110 27.95 -3.03 57.78
C ASN C 110 27.53 -2.94 59.24
N ASP C 111 27.81 -3.97 60.01
CA ASP C 111 27.49 -3.95 61.44
C ASP C 111 28.50 -3.09 62.21
N SER C 112 29.69 -2.95 61.66
CA SER C 112 30.77 -2.18 62.29
C SER C 112 30.58 -0.68 62.10
N GLY C 113 29.57 -0.29 61.31
CA GLY C 113 29.24 1.11 61.13
C GLY C 113 29.96 1.76 59.96
N PHE C 114 30.70 0.96 59.20
CA PHE C 114 31.44 1.46 58.05
C PHE C 114 30.73 1.10 56.75
N GLU C 115 31.27 1.56 55.62
CA GLU C 115 30.74 1.17 54.33
C GLU C 115 30.92 -0.34 54.11
N ASP C 116 29.84 -1.03 53.73
CA ASP C 116 29.93 -2.47 53.51
C ASP C 116 30.67 -2.76 52.21
N VAL C 117 31.99 -2.71 52.26
CA VAL C 117 32.82 -3.01 51.11
C VAL C 117 33.81 -4.10 51.49
N ARG C 118 34.11 -5.01 50.57
CA ARG C 118 35.05 -6.09 50.88
C ARG C 118 35.80 -6.49 49.61
N THR C 119 36.84 -7.30 49.76
CA THR C 119 37.51 -7.84 48.59
C THR C 119 37.29 -9.34 48.49
N ALA C 120 37.19 -9.84 47.26
CA ALA C 120 36.91 -11.24 47.03
C ALA C 120 37.59 -11.76 45.77
N ASN C 121 37.96 -13.03 45.80
CA ASN C 121 38.48 -13.75 44.65
C ASN C 121 37.74 -15.08 44.53
N ARG C 122 36.74 -15.23 45.40
CA ARG C 122 35.87 -16.40 45.39
C ARG C 122 34.42 -15.95 45.31
N LEU C 123 33.58 -16.76 44.68
CA LEU C 123 32.15 -16.50 44.61
C LEU C 123 31.43 -17.84 44.51
N GLN C 124 30.51 -18.07 45.44
CA GLN C 124 29.78 -19.34 45.54
C GLN C 124 30.76 -20.51 45.61
N GLY C 125 31.90 -20.27 46.27
CA GLY C 125 32.93 -21.28 46.37
C GLY C 125 33.77 -21.42 45.10
N ILE C 126 33.40 -20.70 44.05
CA ILE C 126 34.10 -20.79 42.77
C ILE C 126 35.20 -19.75 42.71
N PRO C 127 36.44 -20.20 42.47
CA PRO C 127 37.60 -19.31 42.39
C PRO C 127 37.52 -18.39 41.17
N LEU C 128 37.84 -17.11 41.39
CA LEU C 128 37.77 -16.11 40.33
C LEU C 128 39.16 -15.83 39.75
N PRO C 129 39.23 -15.52 38.45
CA PRO C 129 40.50 -15.27 37.75
C PRO C 129 41.28 -14.12 38.38
N PHE C 130 40.58 -13.18 39.01
CA PHE C 130 41.22 -12.06 39.68
C PHE C 130 40.38 -11.57 40.85
N SER C 131 40.88 -10.56 41.56
CA SER C 131 40.19 -10.05 42.74
C SER C 131 39.12 -9.02 42.41
N TYR C 132 38.07 -8.99 43.21
CA TYR C 132 36.97 -8.06 43.04
C TYR C 132 36.73 -7.26 44.32
N LYS C 133 36.30 -6.01 44.13
CA LYS C 133 35.74 -5.20 45.17
C LYS C 133 34.22 -5.39 45.12
N VAL C 134 33.68 -5.90 46.22
CA VAL C 134 32.27 -6.19 46.33
C VAL C 134 31.62 -5.21 47.29
N THR C 135 30.67 -4.43 46.77
CA THR C 135 30.02 -3.39 47.55
C THR C 135 28.55 -3.70 47.71
N ARG C 136 28.06 -3.67 48.95
CA ARG C 136 26.66 -3.94 49.24
C ARG C 136 25.84 -2.67 49.00
N TYR C 137 24.82 -2.79 48.15
CA TYR C 137 23.93 -1.67 47.87
C TYR C 137 22.54 -1.92 48.44
N GLN C 138 21.88 -0.84 48.80
CA GLN C 138 20.58 -0.88 49.45
C GLN C 138 19.65 0.19 48.88
N PRO C 139 18.49 -0.24 48.38
CA PRO C 139 17.50 0.68 47.79
C PRO C 139 16.86 1.56 48.85
N ARG C 140 16.41 2.74 48.47
CA ARG C 140 15.80 3.67 49.41
C ARG C 140 14.53 3.09 50.01
N LEU C 141 13.80 2.33 49.20
CA LEU C 141 12.63 1.61 49.69
C LEU C 141 12.87 0.11 49.62
N ILE C 142 12.66 -0.55 50.75
CA ILE C 142 12.75 -2.00 50.85
C ILE C 142 11.37 -2.61 50.65
N GLN C 143 11.27 -3.55 49.71
CA GLN C 143 10.09 -4.39 49.60
C GLN C 143 10.48 -5.80 50.03
N ASP C 144 10.91 -6.61 49.08
CA ASP C 144 11.46 -7.92 49.37
C ASP C 144 12.89 -7.68 49.85
N PHE C 145 13.28 -8.29 50.96
CA PHE C 145 14.61 -8.07 51.52
C PHE C 145 15.72 -8.74 50.70
N ILE C 146 15.95 -8.21 49.51
CA ILE C 146 17.00 -8.72 48.64
C ILE C 146 18.37 -8.21 49.08
N LYS C 147 19.40 -8.95 48.72
CA LYS C 147 20.77 -8.59 49.02
C LYS C 147 21.45 -8.20 47.72
N ILE C 148 21.93 -6.97 47.60
CA ILE C 148 22.45 -6.49 46.32
C ILE C 148 23.95 -6.19 46.38
N GLU C 149 24.70 -6.78 45.46
CA GLU C 149 26.14 -6.56 45.40
C GLU C 149 26.61 -6.04 44.03
N TYR C 150 27.48 -5.04 44.09
CA TYR C 150 28.17 -4.52 42.92
C TYR C 150 29.56 -5.15 42.93
N TRP C 151 29.88 -5.84 41.84
CA TRP C 151 31.15 -6.56 41.71
C TRP C 151 32.08 -5.90 40.71
N GLN C 152 33.09 -5.18 41.20
CA GLN C 152 34.00 -4.46 40.32
C GLN C 152 35.38 -5.07 40.40
N PRO C 153 35.95 -5.44 39.24
CA PRO C 153 37.32 -5.95 39.29
C PRO C 153 38.27 -4.92 39.90
N VAL C 154 39.10 -5.34 40.87
CA VAL C 154 40.03 -4.43 41.53
C VAL C 154 40.92 -3.75 40.49
N LYS C 155 41.37 -4.55 39.51
CA LYS C 155 42.11 -4.02 38.39
C LYS C 155 41.13 -3.77 37.24
N GLN C 156 40.92 -2.50 36.94
CA GLN C 156 39.90 -2.05 36.00
C GLN C 156 40.06 -2.67 34.61
N THR C 157 41.28 -3.03 34.26
CA THR C 157 41.55 -3.62 32.95
C THR C 157 41.36 -5.13 32.92
N ASP C 158 41.20 -5.74 34.09
CA ASP C 158 41.00 -7.19 34.18
C ASP C 158 39.68 -7.63 33.57
N GLY C 159 38.70 -6.72 33.58
CA GLY C 159 37.40 -7.03 33.01
C GLY C 159 36.34 -6.04 33.42
N THR C 160 35.09 -6.38 33.15
CA THR C 160 33.95 -5.51 33.40
C THR C 160 33.28 -5.84 34.72
N PRO C 161 32.60 -4.84 35.32
CA PRO C 161 31.85 -5.09 36.55
C PRO C 161 30.47 -5.67 36.25
N PHE C 162 29.87 -6.29 37.26
CA PHE C 162 28.53 -6.89 37.12
C PHE C 162 27.78 -6.82 38.45
N TRP C 163 26.52 -7.24 38.46
CA TRP C 163 25.76 -7.21 39.69
C TRP C 163 25.30 -8.61 40.12
N ILE C 164 25.20 -8.81 41.43
CA ILE C 164 24.62 -10.01 41.99
C ILE C 164 23.43 -9.61 42.87
N ILE C 165 22.28 -10.27 42.67
CA ILE C 165 21.11 -10.05 43.50
C ILE C 165 20.73 -11.37 44.14
N TYR C 166 20.83 -11.42 45.47
CA TYR C 166 20.39 -12.58 46.22
C TYR C 166 18.94 -12.35 46.61
N SER C 167 18.08 -13.21 46.09
CA SER C 167 16.66 -13.15 46.37
C SER C 167 16.42 -13.96 47.66
N PRO C 168 15.52 -13.48 48.52
CA PRO C 168 15.22 -14.07 49.84
C PRO C 168 14.73 -15.51 49.77
N ASP C 169 14.41 -16.00 48.56
CA ASP C 169 13.96 -17.37 48.38
C ASP C 169 15.14 -18.33 48.19
N GLY C 170 16.35 -17.80 48.34
CA GLY C 170 17.55 -18.63 48.21
C GLY C 170 18.08 -18.66 46.80
N GLN C 171 17.41 -17.95 45.88
CA GLN C 171 17.86 -17.88 44.50
C GLN C 171 18.93 -16.79 44.34
N THR C 172 19.90 -17.05 43.47
CA THR C 172 20.99 -16.12 43.21
C THR C 172 20.95 -15.68 41.75
N HIS C 173 21.01 -14.37 41.53
CA HIS C 173 20.87 -13.79 40.19
C HIS C 173 22.09 -12.98 39.80
N ILE C 174 22.62 -13.22 38.60
CA ILE C 174 23.74 -12.44 38.11
C ILE C 174 23.33 -11.67 36.87
N LEU C 175 23.70 -10.38 36.90
CA LEU C 175 23.28 -9.40 35.91
C LEU C 175 24.49 -8.76 35.24
N GLY C 176 24.48 -8.81 33.91
CA GLY C 176 25.47 -8.15 33.07
C GLY C 176 26.87 -8.71 33.16
N LYS C 177 27.01 -10.03 33.30
CA LYS C 177 28.33 -10.62 33.43
C LYS C 177 29.07 -10.62 32.09
N ASN C 178 28.36 -10.95 31.02
CA ASN C 178 28.94 -10.89 29.68
C ASN C 178 28.33 -9.76 28.86
N SER C 179 28.95 -9.43 27.72
CA SER C 179 28.61 -8.20 27.00
C SER C 179 27.21 -8.21 26.38
N HIS C 180 26.65 -9.40 26.18
CA HIS C 180 25.31 -9.49 25.60
C HIS C 180 24.24 -9.01 26.59
N SER C 181 24.47 -9.20 27.88
CA SER C 181 23.51 -8.75 28.90
C SER C 181 23.83 -7.36 29.44
N ARG C 182 24.66 -6.62 28.72
CA ARG C 182 24.98 -5.24 29.11
C ARG C 182 24.59 -4.25 28.03
N VAL C 183 23.88 -3.19 28.43
CA VAL C 183 23.61 -2.08 27.54
C VAL C 183 24.70 -1.06 27.82
N ALA C 184 25.54 -0.78 26.83
CA ALA C 184 26.69 0.07 27.04
C ALA C 184 26.94 0.97 25.86
N ASN C 185 27.71 2.04 26.08
CA ASN C 185 28.08 2.97 25.03
C ASN C 185 28.65 2.26 23.80
N ALA C 186 28.13 2.63 22.63
CA ALA C 186 28.58 2.04 21.38
C ALA C 186 30.04 2.40 21.13
N GLU C 187 30.46 3.52 21.71
CA GLU C 187 31.81 4.04 21.55
C GLU C 187 32.74 3.60 22.68
N ASN C 188 32.16 3.29 23.84
CA ASN C 188 32.96 2.91 25.01
C ASN C 188 32.26 1.86 25.86
N PRO C 189 32.59 0.58 25.62
CA PRO C 189 32.04 -0.57 26.34
C PRO C 189 32.20 -0.50 27.85
N SER C 190 33.12 0.34 28.32
CA SER C 190 33.35 0.51 29.75
C SER C 190 32.22 1.28 30.40
N GLN C 191 31.59 2.14 29.60
CA GLN C 191 30.49 2.97 30.08
C GLN C 191 29.17 2.21 30.00
N ILE C 192 28.85 1.49 31.09
CA ILE C 192 27.66 0.64 31.13
C ILE C 192 26.46 1.41 31.69
N ALA C 193 25.37 1.38 30.93
CA ALA C 193 24.13 2.04 31.29
C ALA C 193 23.21 1.08 32.05
N SER C 194 23.29 -0.21 31.69
CA SER C 194 22.40 -1.19 32.29
C SER C 194 22.95 -2.61 32.26
N TRP C 195 22.81 -3.31 33.39
CA TRP C 195 23.15 -4.73 33.49
C TRP C 195 21.84 -5.52 33.50
N LEU C 196 21.66 -6.38 32.50
CA LEU C 196 20.45 -7.18 32.41
C LEU C 196 20.68 -8.54 33.04
N LEU C 197 19.61 -9.13 33.57
CA LEU C 197 19.70 -10.45 34.20
C LEU C 197 20.22 -11.44 33.16
N GLU C 198 21.27 -12.17 33.54
CA GLU C 198 21.86 -13.15 32.64
C GLU C 198 21.70 -14.58 33.17
N GLU C 199 21.87 -14.77 34.47
CA GLU C 199 21.68 -16.13 34.99
C GLU C 199 21.08 -16.19 36.39
N THR C 200 20.16 -17.12 36.61
CA THR C 200 19.57 -17.38 37.91
C THR C 200 19.87 -18.83 38.31
N VAL C 201 20.29 -19.04 39.55
CA VAL C 201 20.49 -20.39 40.08
C VAL C 201 19.74 -20.58 41.40
N THR C 202 19.18 -21.76 41.61
CA THR C 202 18.40 -22.08 42.80
C THR C 202 19.17 -23.03 43.71
N PRO C 203 18.74 -23.14 44.98
CA PRO C 203 19.36 -24.10 45.92
C PRO C 203 19.23 -25.55 45.47
N THR C 204 18.33 -25.82 44.53
CA THR C 204 18.17 -27.17 43.98
C THR C 204 19.18 -27.47 42.87
N GLY C 205 19.97 -26.48 42.49
CA GLY C 205 20.92 -26.63 41.40
C GLY C 205 20.27 -26.50 40.04
N GLU C 206 19.16 -25.76 40.00
CA GLU C 206 18.45 -25.52 38.74
C GLU C 206 18.72 -24.10 38.23
N HIS C 207 18.90 -23.98 36.93
CA HIS C 207 19.35 -22.72 36.33
C HIS C 207 18.37 -22.16 35.30
N ILE C 208 18.41 -20.84 35.14
CA ILE C 208 17.74 -20.19 34.03
C ILE C 208 18.74 -19.20 33.44
N TYR C 209 19.07 -19.39 32.17
CA TYR C 209 20.02 -18.51 31.50
C TYR C 209 19.29 -17.62 30.50
N TYR C 210 19.69 -16.35 30.43
CA TYR C 210 19.05 -15.40 29.54
C TYR C 210 20.07 -14.89 28.51
N GLN C 211 19.82 -15.22 27.25
CA GLN C 211 20.67 -14.81 26.14
C GLN C 211 20.02 -13.66 25.37
N TYR C 212 20.79 -12.60 25.17
CA TYR C 212 20.33 -11.40 24.47
C TYR C 212 21.03 -11.23 23.12
N SER C 213 20.40 -10.47 22.24
CA SER C 213 20.99 -10.08 20.95
C SER C 213 21.19 -8.57 20.93
N GLY C 214 22.37 -8.14 20.50
CA GLY C 214 22.67 -6.71 20.44
C GLY C 214 22.12 -6.08 19.18
N GLU C 215 21.76 -4.80 19.26
CA GLU C 215 21.24 -4.10 18.10
C GLU C 215 22.31 -4.03 17.02
N ASN C 216 21.89 -4.12 15.76
CA ASN C 216 22.80 -4.04 14.65
C ASN C 216 22.21 -3.35 13.43
N GLN C 217 22.82 -3.57 12.28
CA GLN C 217 22.46 -2.83 11.08
C GLN C 217 21.70 -3.68 10.08
N VAL C 218 21.39 -4.92 10.47
CA VAL C 218 20.66 -5.84 9.61
C VAL C 218 19.34 -5.25 9.12
N ASN C 219 19.11 -5.37 7.83
CA ASN C 219 17.88 -4.90 7.18
C ASN C 219 17.59 -3.40 7.34
N CYS C 220 18.63 -2.60 7.59
CA CYS C 220 18.49 -1.15 7.70
C CYS C 220 18.86 -0.45 6.39
N THR C 221 18.18 0.65 6.10
CA THR C 221 18.52 1.45 4.92
C THR C 221 19.86 2.15 5.12
N ASP C 222 20.49 2.55 4.02
CA ASP C 222 21.77 3.23 4.06
C ASP C 222 21.66 4.56 4.80
N ALA C 223 20.54 5.24 4.61
CA ALA C 223 20.28 6.52 5.26
C ALA C 223 20.18 6.36 6.78
N GLU C 224 19.52 5.30 7.23
CA GLU C 224 19.43 4.99 8.65
C GLU C 224 20.81 4.72 9.24
N ILE C 225 21.66 4.02 8.49
CA ILE C 225 23.01 3.73 8.93
C ILE C 225 23.82 5.03 9.05
N ALA C 226 23.65 5.91 8.07
CA ALA C 226 24.39 7.17 8.05
C ALA C 226 23.95 8.09 9.18
N LEU C 227 22.67 8.07 9.49
CA LEU C 227 22.11 8.96 10.51
C LEU C 227 22.38 8.48 11.94
N HIS C 228 22.60 7.18 12.10
CA HIS C 228 22.76 6.62 13.44
C HIS C 228 23.87 5.57 13.52
N PRO C 229 25.13 6.03 13.40
CA PRO C 229 26.29 5.11 13.51
C PRO C 229 26.43 4.47 14.88
N GLN C 230 26.18 5.22 15.95
CA GLN C 230 26.25 4.66 17.30
C GLN C 230 24.95 3.93 17.60
N ASP C 231 24.91 2.63 17.31
CA ASP C 231 23.65 1.90 17.28
C ASP C 231 23.71 0.55 18.00
N SER C 232 24.88 0.23 18.56
CA SER C 232 25.12 -1.11 19.07
C SER C 232 24.72 -1.30 20.52
N ALA C 233 24.21 -0.24 21.15
CA ALA C 233 23.93 -0.26 22.59
C ALA C 233 22.79 -1.18 23.01
N GLN C 234 21.65 -1.06 22.33
CA GLN C 234 20.42 -1.73 22.80
C GLN C 234 20.51 -3.25 22.79
N ARG C 235 19.76 -3.86 23.71
CA ARG C 235 19.70 -5.32 23.79
C ARG C 235 18.27 -5.81 23.64
N TYR C 236 18.15 -7.03 23.11
CA TYR C 236 16.85 -7.65 22.95
C TYR C 236 16.90 -9.07 23.50
N LEU C 237 15.89 -9.43 24.29
CA LEU C 237 15.80 -10.79 24.81
C LEU C 237 15.63 -11.71 23.61
N ALA C 238 16.54 -12.68 23.48
CA ALA C 238 16.58 -13.51 22.29
C ALA C 238 16.21 -14.96 22.62
N ARG C 239 16.78 -15.48 23.70
CA ARG C 239 16.52 -16.87 24.08
C ARG C 239 16.64 -17.05 25.59
N ILE C 240 15.79 -17.90 26.16
CA ILE C 240 15.94 -18.26 27.57
C ILE C 240 16.07 -19.77 27.68
N ASP C 241 17.13 -20.22 28.34
CA ASP C 241 17.38 -21.64 28.48
C ASP C 241 17.08 -22.09 29.91
N TYR C 242 16.37 -23.20 30.06
CA TYR C 242 16.09 -23.76 31.38
C TYR C 242 15.97 -25.28 31.35
N GLY C 243 15.83 -25.89 32.51
CA GLY C 243 15.84 -27.34 32.59
C GLY C 243 17.25 -27.81 32.29
N ASN C 244 18.21 -27.22 32.99
CA ASN C 244 19.61 -27.57 32.84
C ASN C 244 19.84 -29.04 33.18
N ILE C 245 20.51 -29.76 32.28
CA ILE C 245 20.69 -31.20 32.48
C ILE C 245 21.60 -31.49 33.68
N SER C 246 22.65 -30.69 33.84
CA SER C 246 23.60 -30.89 34.94
C SER C 246 23.22 -30.12 36.20
N PRO C 247 23.09 -30.82 37.32
CA PRO C 247 22.82 -30.13 38.58
C PRO C 247 24.09 -29.45 39.06
N GLN C 248 24.01 -28.14 39.32
CA GLN C 248 25.18 -27.39 39.78
C GLN C 248 24.74 -26.22 40.65
N ALA C 249 25.33 -26.13 41.85
CA ALA C 249 24.96 -25.10 42.80
C ALA C 249 25.48 -23.72 42.38
N SER C 250 26.57 -23.70 41.62
CA SER C 250 27.19 -22.44 41.21
C SER C 250 26.74 -21.99 39.81
N LEU C 251 26.73 -20.67 39.60
CA LEU C 251 26.40 -20.10 38.30
C LEU C 251 27.34 -20.60 37.20
N PHE C 252 26.77 -20.96 36.06
CA PHE C 252 27.55 -21.45 34.93
C PHE C 252 28.52 -20.39 34.41
N VAL C 253 28.17 -19.12 34.62
CA VAL C 253 29.00 -18.02 34.13
C VAL C 253 30.33 -17.93 34.88
N LEU C 254 30.41 -18.64 36.01
CA LEU C 254 31.63 -18.65 36.81
C LEU C 254 32.59 -19.76 36.32
N ASP C 255 32.07 -20.66 35.49
CA ASP C 255 32.88 -21.72 34.90
C ASP C 255 33.75 -21.16 33.79
N GLU C 256 34.72 -21.96 33.33
CA GLU C 256 35.60 -21.55 32.25
C GLU C 256 34.80 -21.31 30.96
N GLU C 257 33.79 -22.15 30.76
CA GLU C 257 32.93 -22.07 29.57
C GLU C 257 31.47 -22.33 29.93
N LEU C 258 30.55 -21.69 29.21
CA LEU C 258 29.12 -21.95 29.38
C LEU C 258 28.78 -23.34 28.90
N PRO C 259 27.78 -23.97 29.52
CA PRO C 259 27.38 -25.31 29.05
C PRO C 259 26.92 -25.25 27.60
N ASN C 260 27.09 -26.34 26.86
CA ASN C 260 26.63 -26.41 25.48
C ASN C 260 25.13 -26.22 25.42
N LEU C 261 24.64 -25.71 24.30
CA LEU C 261 23.22 -25.43 24.13
C LEU C 261 22.38 -26.71 24.30
N THR C 262 23.02 -27.87 24.08
CA THR C 262 22.34 -29.16 24.20
C THR C 262 22.03 -29.56 25.65
N GLN C 263 22.58 -28.82 26.60
CA GLN C 263 22.44 -29.18 28.02
C GLN C 263 21.28 -28.47 28.70
N TRP C 264 20.35 -27.97 27.89
CA TRP C 264 19.13 -27.35 28.38
C TRP C 264 17.92 -28.03 27.75
N LEU C 265 17.07 -28.60 28.60
CA LEU C 265 15.92 -29.38 28.13
C LEU C 265 14.85 -28.49 27.51
N PHE C 266 14.83 -27.22 27.91
CA PHE C 266 13.80 -26.32 27.43
C PHE C 266 14.37 -25.00 26.93
N HIS C 267 13.80 -24.50 25.84
CA HIS C 267 14.22 -23.24 25.25
C HIS C 267 13.02 -22.35 25.00
N LEU C 268 13.20 -21.06 25.19
CA LEU C 268 12.19 -20.07 24.84
C LEU C 268 12.83 -19.07 23.89
N VAL C 269 12.46 -19.15 22.61
CA VAL C 269 13.09 -18.33 21.58
C VAL C 269 12.25 -17.11 21.27
N PHE C 270 12.88 -15.95 21.16
CA PHE C 270 12.15 -14.74 20.80
C PHE C 270 12.51 -14.34 19.38
N ASP C 271 11.51 -14.30 18.51
CA ASP C 271 11.72 -14.01 17.10
C ASP C 271 11.40 -12.56 16.80
N TYR C 272 12.29 -11.90 16.07
CA TYR C 272 12.13 -10.50 15.75
C TYR C 272 11.94 -10.26 14.26
N GLY C 273 11.34 -11.24 13.59
CA GLY C 273 10.98 -11.11 12.18
C GLY C 273 11.73 -12.02 11.25
N GLU C 274 12.76 -12.69 11.77
CA GLU C 274 13.60 -13.54 10.92
C GLU C 274 12.88 -14.78 10.35
N ARG C 275 11.77 -15.17 10.97
CA ARG C 275 11.00 -16.33 10.51
C ARG C 275 9.70 -15.91 9.83
N ASP C 276 9.15 -16.82 9.03
CA ASP C 276 7.86 -16.61 8.39
C ASP C 276 6.78 -16.56 9.48
N ILE C 277 5.94 -15.54 9.43
CA ILE C 277 4.94 -15.32 10.47
C ILE C 277 3.73 -16.22 10.26
N SER C 278 3.65 -16.79 9.06
CA SER C 278 2.51 -17.64 8.69
C SER C 278 2.35 -18.84 9.61
N ILE C 279 1.10 -19.16 9.94
CA ILE C 279 0.81 -20.32 10.79
C ILE C 279 1.07 -21.62 10.04
N ASN C 280 1.17 -21.53 8.72
CA ASN C 280 1.38 -22.72 7.88
C ASN C 280 2.83 -23.14 7.74
N LYS C 281 3.75 -22.28 8.18
CA LYS C 281 5.17 -22.59 8.16
C LYS C 281 5.65 -22.81 9.60
N ILE C 282 6.06 -24.03 9.89
CA ILE C 282 6.47 -24.38 11.24
C ILE C 282 7.86 -23.83 11.57
N PRO C 283 7.94 -22.99 12.61
CA PRO C 283 9.19 -22.35 13.04
C PRO C 283 10.25 -23.38 13.42
N THR C 284 11.49 -23.13 13.01
CA THR C 284 12.60 -23.99 13.42
C THR C 284 13.38 -23.33 14.55
N PHE C 285 14.11 -24.14 15.32
CA PHE C 285 14.95 -23.67 16.41
C PHE C 285 16.02 -22.71 15.87
N GLU C 286 16.46 -22.99 14.64
CA GLU C 286 17.42 -22.13 13.94
C GLU C 286 16.73 -20.94 13.27
N GLY C 287 17.33 -19.76 13.41
CA GLY C 287 16.74 -18.54 12.90
C GLY C 287 16.99 -18.22 11.44
N GLY C 288 17.67 -19.11 10.72
CA GLY C 288 17.87 -18.93 9.29
C GLY C 288 18.67 -17.69 8.92
N THR C 289 18.78 -17.40 7.62
CA THR C 289 19.61 -16.30 7.14
C THR C 289 18.87 -15.02 6.79
N THR C 290 17.56 -14.99 6.98
CA THR C 290 16.76 -13.82 6.59
C THR C 290 17.06 -12.57 7.43
N GLY C 291 17.51 -12.78 8.67
CA GLY C 291 17.82 -11.69 9.58
C GLY C 291 16.57 -11.04 10.13
N TRP C 292 16.67 -10.41 11.31
CA TRP C 292 15.50 -9.76 11.92
C TRP C 292 15.05 -8.50 11.17
N LEU C 293 13.76 -8.23 11.21
CA LEU C 293 13.19 -7.12 10.46
C LEU C 293 13.49 -5.79 11.14
N ALA C 294 13.43 -4.73 10.34
CA ALA C 294 13.58 -3.38 10.85
C ALA C 294 12.19 -2.78 11.00
N ARG C 295 11.89 -2.29 12.20
CA ARG C 295 10.59 -1.65 12.43
C ARG C 295 10.51 -0.35 11.66
N PRO C 296 9.28 0.09 11.35
CA PRO C 296 9.16 1.37 10.66
C PRO C 296 9.43 2.55 11.60
N ASP C 297 9.06 2.40 12.88
CA ASP C 297 9.20 3.48 13.86
C ASP C 297 10.45 3.30 14.71
N MET C 298 11.61 3.42 14.07
CA MET C 298 12.87 3.35 14.78
C MET C 298 12.99 4.58 15.67
N PHE C 299 13.56 4.42 16.86
CA PHE C 299 13.67 5.56 17.76
C PHE C 299 14.90 5.50 18.66
N SER C 300 15.41 6.66 19.06
CA SER C 300 16.57 6.71 19.94
C SER C 300 16.18 7.26 21.31
N ARG C 301 16.93 6.87 22.34
CA ARG C 301 16.77 7.54 23.63
C ARG C 301 18.14 8.02 24.12
N TYR C 302 18.16 9.10 24.90
CA TYR C 302 19.43 9.73 25.26
C TYR C 302 19.56 10.00 26.76
N ASP C 303 18.83 9.22 27.55
CA ASP C 303 18.80 9.39 29.00
C ASP C 303 20.16 9.13 29.64
N PHE C 304 20.91 8.18 29.09
CA PHE C 304 22.18 7.76 29.68
C PHE C 304 23.41 8.52 29.15
N GLY C 305 23.18 9.59 28.39
CA GLY C 305 24.29 10.36 27.84
C GLY C 305 24.97 9.67 26.66
N ILE C 306 24.34 8.59 26.20
CA ILE C 306 24.76 7.87 25.01
C ILE C 306 23.52 7.63 24.15
N GLU C 307 23.71 7.36 22.87
CA GLU C 307 22.56 7.03 22.04
C GLU C 307 22.21 5.55 22.19
N ILE C 308 20.92 5.27 22.33
CA ILE C 308 20.42 3.89 22.30
C ILE C 308 19.39 3.80 21.20
N ARG C 309 19.73 3.06 20.14
CA ARG C 309 18.86 2.95 18.97
C ARG C 309 17.97 1.71 19.05
N ASN C 310 16.70 1.89 18.72
CA ASN C 310 15.72 0.81 18.78
C ASN C 310 15.06 0.61 17.42
N ARG C 311 15.26 -0.58 16.86
CA ARG C 311 14.83 -0.94 15.50
C ARG C 311 14.06 -2.26 15.42
N ARG C 312 13.94 -2.96 16.53
CA ARG C 312 13.42 -4.34 16.49
C ARG C 312 12.10 -4.54 17.23
N LEU C 313 11.24 -5.38 16.66
CA LEU C 313 9.98 -5.77 17.28
C LEU C 313 9.91 -7.28 17.38
N CYS C 314 9.44 -7.78 18.51
CA CYS C 314 9.29 -9.22 18.69
C CYS C 314 7.99 -9.69 18.03
N HIS C 315 8.12 -10.62 17.09
CA HIS C 315 6.95 -11.08 16.34
C HIS C 315 6.47 -12.44 16.83
N GLN C 316 7.36 -13.22 17.41
CA GLN C 316 7.03 -14.56 17.87
C GLN C 316 7.79 -14.92 19.14
N VAL C 317 7.13 -15.66 20.02
CA VAL C 317 7.78 -16.32 21.14
C VAL C 317 7.51 -17.81 20.96
N LEU C 318 8.54 -18.64 21.07
CA LEU C 318 8.43 -20.04 20.65
C LEU C 318 8.96 -20.95 21.75
N GLY C 319 8.25 -22.03 22.02
CA GLY C 319 8.70 -22.99 23.02
C GLY C 319 9.30 -24.22 22.36
N PHE C 320 10.46 -24.63 22.87
CA PHE C 320 11.17 -25.78 22.33
C PHE C 320 11.53 -26.75 23.45
N HIS C 321 11.28 -28.03 23.21
CA HIS C 321 11.67 -29.08 24.16
C HIS C 321 12.60 -30.06 23.46
N ARG C 322 13.55 -30.62 24.20
CA ARG C 322 14.43 -31.66 23.68
C ARG C 322 13.83 -33.03 23.99
N LEU C 323 12.88 -33.44 23.15
CA LEU C 323 12.08 -34.63 23.40
C LEU C 323 12.93 -35.90 23.47
N GLU C 324 13.98 -35.97 22.66
CA GLU C 324 14.86 -37.13 22.68
C GLU C 324 15.59 -37.23 24.01
N ALA C 325 16.14 -36.10 24.46
CA ALA C 325 16.83 -36.08 25.73
C ALA C 325 15.86 -36.36 26.87
N LEU C 326 14.64 -35.82 26.76
CA LEU C 326 13.62 -35.98 27.78
C LEU C 326 13.07 -37.40 27.84
N ASN C 327 13.05 -38.08 26.70
CA ASN C 327 12.61 -39.47 26.63
C ASN C 327 13.81 -40.43 26.80
N ASP C 328 14.97 -39.86 27.12
CA ASP C 328 16.21 -40.63 27.30
C ASP C 328 16.56 -41.44 26.05
N ARG C 329 16.32 -40.86 24.88
CA ARG C 329 16.73 -41.47 23.62
C ARG C 329 18.05 -40.88 23.14
N ASP C 330 18.49 -41.32 21.96
CA ASP C 330 19.77 -40.88 21.41
C ASP C 330 19.74 -39.38 21.12
N VAL C 331 20.63 -38.65 21.79
CA VAL C 331 20.67 -37.19 21.72
C VAL C 331 21.43 -36.71 20.46
N THR C 332 22.20 -37.63 19.87
CA THR C 332 23.00 -37.31 18.67
C THR C 332 22.18 -36.67 17.56
N ASP C 333 22.60 -35.48 17.13
CA ASP C 333 21.95 -34.73 16.07
C ASP C 333 20.54 -34.27 16.42
N GLU C 334 20.20 -34.23 17.71
CA GLU C 334 18.85 -33.83 18.12
C GLU C 334 18.53 -32.39 17.70
N ILE C 335 17.36 -32.19 17.12
CA ILE C 335 16.84 -30.85 16.90
C ILE C 335 15.69 -30.67 17.88
N PRO C 336 15.72 -29.58 18.67
CA PRO C 336 14.61 -29.34 19.61
C PRO C 336 13.32 -29.16 18.84
N VAL C 337 12.20 -29.68 19.34
CA VAL C 337 10.95 -29.55 18.62
C VAL C 337 10.05 -28.46 19.22
N LEU C 338 9.34 -27.76 18.33
CA LEU C 338 8.44 -26.70 18.75
C LEU C 338 7.26 -27.30 19.49
N VAL C 339 6.91 -26.70 20.63
CA VAL C 339 5.75 -27.12 21.39
C VAL C 339 4.63 -26.10 21.21
N ASN C 340 4.79 -24.93 21.81
CA ASN C 340 3.82 -23.87 21.64
C ASN C 340 4.40 -22.69 20.88
N ARG C 341 3.55 -22.04 20.10
CA ARG C 341 3.97 -20.89 19.30
C ARG C 341 3.05 -19.71 19.60
N LEU C 342 3.65 -18.58 19.98
CA LEU C 342 2.88 -17.39 20.24
C LEU C 342 3.22 -16.35 19.19
N THR C 343 2.24 -16.03 18.34
CA THR C 343 2.43 -15.04 17.29
C THR C 343 1.98 -13.65 17.76
N LEU C 344 2.67 -12.63 17.27
CA LEU C 344 2.39 -11.23 17.61
C LEU C 344 2.19 -10.42 16.34
N ASP C 345 1.01 -9.82 16.18
CA ASP C 345 0.70 -8.95 15.05
C ASP C 345 0.73 -7.49 15.50
N TYR C 346 1.40 -6.68 14.68
CA TYR C 346 1.49 -5.24 14.90
C TYR C 346 0.81 -4.44 13.79
N ASP C 347 0.21 -3.32 14.16
CA ASP C 347 -0.16 -2.32 13.17
C ASP C 347 1.10 -1.47 12.98
N LEU C 348 1.91 -1.85 11.99
CA LEU C 348 3.19 -1.19 11.78
C LEU C 348 2.98 0.25 11.30
N ASN C 349 3.65 1.19 11.93
CA ASN C 349 3.44 2.60 11.65
C ASN C 349 4.72 3.40 11.81
N ASN C 350 4.97 4.29 10.87
CA ASN C 350 6.21 5.09 10.85
C ASN C 350 6.32 6.01 12.07
N SER C 351 5.19 6.34 12.67
CA SER C 351 5.19 7.16 13.88
C SER C 351 5.21 6.29 15.12
N VAL C 352 4.17 5.47 15.30
CA VAL C 352 4.05 4.57 16.45
C VAL C 352 3.40 3.25 16.07
N SER C 353 4.13 2.15 16.19
CA SER C 353 3.56 0.83 15.92
C SER C 353 2.87 0.24 17.15
N THR C 354 1.69 -0.34 16.95
CA THR C 354 0.90 -0.87 18.06
C THR C 354 0.71 -2.38 18.00
N LEU C 355 0.92 -3.05 19.13
CA LEU C 355 0.66 -4.49 19.23
C LEU C 355 -0.84 -4.71 19.18
N VAL C 356 -1.31 -5.37 18.11
CA VAL C 356 -2.73 -5.55 17.90
C VAL C 356 -3.24 -6.98 18.03
N ALA C 357 -2.33 -7.96 18.06
CA ALA C 357 -2.79 -9.34 18.25
C ALA C 357 -1.74 -10.27 18.85
N VAL C 358 -2.19 -11.18 19.73
CA VAL C 358 -1.35 -12.30 20.14
C VAL C 358 -2.17 -13.58 19.94
N ARG C 359 -1.52 -14.67 19.53
CA ARG C 359 -2.27 -15.88 19.22
C ARG C 359 -1.46 -17.14 19.46
N GLN C 360 -2.12 -18.13 20.04
CA GLN C 360 -1.48 -19.43 20.24
C GLN C 360 -1.69 -20.32 19.02
N VAL C 361 -0.61 -20.95 18.58
CA VAL C 361 -0.62 -21.89 17.48
C VAL C 361 0.21 -23.08 17.92
N ALA C 362 -0.24 -24.28 17.59
CA ALA C 362 0.53 -25.49 17.86
C ALA C 362 0.36 -26.44 16.69
N TYR C 363 1.08 -27.54 16.68
CA TYR C 363 1.07 -28.37 15.47
C TYR C 363 0.85 -29.85 15.71
N GLU C 364 0.03 -30.47 14.87
CA GLU C 364 -0.16 -31.92 14.89
C GLU C 364 1.05 -32.58 14.26
N THR C 365 1.19 -33.88 14.47
CA THR C 365 2.32 -34.62 13.93
C THR C 365 2.29 -34.59 12.40
N ASP C 366 1.10 -34.44 11.82
CA ASP C 366 0.96 -34.39 10.37
C ASP C 366 1.29 -33.01 9.82
N GLY C 367 1.64 -32.08 10.70
CA GLY C 367 2.04 -30.76 10.29
C GLY C 367 0.89 -29.77 10.28
N SER C 368 -0.30 -30.22 10.64
CA SER C 368 -1.44 -29.32 10.70
C SER C 368 -1.36 -28.36 11.88
N PRO C 369 -1.57 -27.06 11.59
CA PRO C 369 -1.65 -26.04 12.63
C PRO C 369 -3.01 -26.08 13.32
N ILE C 370 -3.01 -26.17 14.65
CA ILE C 370 -4.23 -25.96 15.40
C ILE C 370 -4.08 -24.66 16.17
N THR C 371 -5.11 -23.82 16.10
CA THR C 371 -5.00 -22.46 16.58
C THR C 371 -5.95 -22.15 17.72
N GLN C 372 -5.58 -21.19 18.55
CA GLN C 372 -6.50 -20.62 19.52
C GLN C 372 -7.01 -19.32 18.93
N PRO C 373 -8.16 -18.82 19.42
CA PRO C 373 -8.62 -17.52 18.92
C PRO C 373 -7.67 -16.42 19.38
N PRO C 374 -7.33 -15.49 18.49
CA PRO C 374 -6.36 -14.45 18.83
C PRO C 374 -6.88 -13.48 19.89
N LEU C 375 -5.98 -13.02 20.75
CA LEU C 375 -6.30 -11.97 21.71
C LEU C 375 -5.90 -10.66 21.07
N GLU C 376 -6.91 -9.86 20.73
CA GLU C 376 -6.72 -8.62 19.98
C GLU C 376 -6.78 -7.36 20.83
N PHE C 377 -6.03 -6.35 20.38
CA PHE C 377 -6.01 -5.05 21.02
C PHE C 377 -6.11 -3.96 19.96
N ASP C 378 -6.77 -2.86 20.31
CA ASP C 378 -6.68 -1.66 19.51
C ASP C 378 -6.67 -0.41 20.40
N TYR C 379 -6.34 0.70 19.76
CA TYR C 379 -5.90 1.88 20.47
C TYR C 379 -6.64 3.11 19.95
N GLN C 380 -6.69 4.14 20.78
CA GLN C 380 -7.18 5.43 20.33
C GLN C 380 -6.22 5.91 19.25
N ARG C 381 -6.76 6.34 18.12
CA ARG C 381 -5.89 6.72 17.01
C ARG C 381 -6.24 8.10 16.45
N PHE C 382 -5.20 8.80 16.02
CA PHE C 382 -5.35 10.08 15.34
C PHE C 382 -5.75 9.80 13.90
N ASP C 383 -6.78 10.49 13.42
CA ASP C 383 -7.26 10.26 12.07
C ASP C 383 -7.05 11.50 11.20
N THR C 384 -6.09 11.39 10.28
CA THR C 384 -5.68 12.51 9.44
C THR C 384 -6.77 13.00 8.49
N GLY C 385 -7.74 12.14 8.18
CA GLY C 385 -8.79 12.50 7.23
C GLY C 385 -10.05 13.12 7.82
N SER C 386 -10.31 12.83 9.09
CA SER C 386 -11.50 13.33 9.78
C SER C 386 -11.15 14.32 10.88
N ILE C 387 -10.22 15.23 10.59
CA ILE C 387 -9.86 16.29 11.51
C ILE C 387 -11.00 17.30 11.61
N PRO C 388 -11.44 17.59 12.85
CA PRO C 388 -12.51 18.56 13.13
C PRO C 388 -12.20 19.92 12.53
N GLY C 389 -13.21 20.65 12.09
CA GLY C 389 -13.01 21.97 11.51
C GLY C 389 -12.73 23.03 12.56
N TRP C 390 -12.82 24.29 12.16
CA TRP C 390 -12.67 25.40 13.09
C TRP C 390 -13.99 25.70 13.77
N GLN C 391 -13.91 26.17 15.00
CA GLN C 391 -15.11 26.66 15.68
C GLN C 391 -14.77 27.92 16.45
N GLU C 392 -15.79 28.74 16.68
CA GLU C 392 -15.58 30.03 17.33
C GLU C 392 -15.16 29.77 18.78
N MET C 393 -14.35 30.67 19.33
CA MET C 393 -13.92 30.55 20.71
C MET C 393 -14.43 31.75 21.50
N PRO C 394 -15.68 31.64 22.01
CA PRO C 394 -16.36 32.72 22.74
C PRO C 394 -15.63 33.10 24.01
N GLN C 395 -14.81 32.20 24.54
CA GLN C 395 -14.06 32.44 25.76
C GLN C 395 -13.08 33.61 25.60
N LEU C 396 -12.87 34.05 24.37
CA LEU C 396 -12.00 35.18 24.07
C LEU C 396 -12.79 36.43 23.62
N GLU C 397 -14.10 36.41 23.81
CA GLU C 397 -14.98 37.49 23.35
C GLU C 397 -14.61 38.86 23.91
N ALA C 398 -14.22 38.90 25.18
CA ALA C 398 -13.87 40.15 25.84
C ALA C 398 -12.59 40.72 25.26
N PHE C 399 -11.86 39.89 24.53
CA PHE C 399 -10.65 40.30 23.86
C PHE C 399 -11.01 40.79 22.46
N ASN C 400 -10.39 41.88 22.05
CA ASN C 400 -10.72 42.51 20.78
C ASN C 400 -9.66 43.54 20.43
N GLY C 401 -8.97 43.33 19.31
CA GLY C 401 -9.12 42.17 18.47
C GLY C 401 -7.72 42.04 17.92
N TYR C 402 -6.90 42.97 18.41
CA TYR C 402 -5.49 43.10 18.10
C TYR C 402 -4.73 42.79 19.39
N GLN C 403 -5.47 42.78 20.50
CA GLN C 403 -4.91 42.48 21.81
C GLN C 403 -4.23 41.11 21.87
N PRO C 404 -2.92 41.11 22.14
CA PRO C 404 -2.12 39.88 22.24
C PRO C 404 -2.40 39.15 23.56
N TYR C 405 -2.27 37.83 23.53
CA TYR C 405 -2.47 36.99 24.70
C TYR C 405 -1.72 35.67 24.48
N GLN C 406 -1.46 34.95 25.56
CA GLN C 406 -0.84 33.64 25.47
C GLN C 406 -1.63 32.60 26.25
N MET C 407 -1.90 31.50 25.58
CA MET C 407 -2.56 30.37 26.23
C MET C 407 -1.49 29.53 26.91
N ILE C 408 -1.31 29.75 28.21
CA ILE C 408 -0.26 29.05 28.95
C ILE C 408 -0.71 28.60 30.34
N ASP C 409 -0.16 27.47 30.79
CA ASP C 409 -0.42 26.92 32.11
C ASP C 409 0.46 27.62 33.13
N LEU C 410 0.02 28.79 33.59
CA LEU C 410 0.86 29.63 34.44
C LEU C 410 1.10 29.04 35.82
N TYR C 411 0.08 28.40 36.39
CA TYR C 411 0.16 27.91 37.76
C TYR C 411 0.54 26.43 37.86
N GLY C 412 0.45 25.72 36.74
CA GLY C 412 0.74 24.29 36.74
C GLY C 412 -0.47 23.45 37.07
N GLU C 413 -1.56 23.67 36.33
CA GLU C 413 -2.79 22.92 36.55
C GLU C 413 -3.01 21.82 35.49
N GLY C 414 -2.12 21.75 34.50
CA GLY C 414 -2.25 20.75 33.46
C GLY C 414 -3.08 21.29 32.29
N THR C 415 -3.70 22.44 32.53
CA THR C 415 -4.52 23.10 31.54
C THR C 415 -4.06 24.55 31.45
N PRO C 416 -3.92 25.06 30.22
CA PRO C 416 -3.48 26.45 30.05
C PRO C 416 -4.63 27.43 30.29
N GLY C 417 -4.29 28.60 30.83
CA GLY C 417 -5.25 29.67 30.98
C GLY C 417 -4.86 30.82 30.08
N ILE C 418 -5.37 32.01 30.34
CA ILE C 418 -5.06 33.15 29.47
C ILE C 418 -4.17 34.17 30.17
N LEU C 419 -2.99 34.39 29.60
CA LEU C 419 -2.06 35.38 30.11
C LEU C 419 -2.04 36.59 29.19
N TYR C 420 -2.31 37.77 29.74
CA TYR C 420 -2.34 38.98 28.90
C TYR C 420 -1.87 40.22 29.64
N GLN C 421 -1.60 41.26 28.87
CA GLN C 421 -1.19 42.55 29.42
C GLN C 421 -2.27 43.57 29.10
N GLU C 422 -2.90 44.16 30.12
CA GLU C 422 -4.00 45.08 29.84
C GLU C 422 -3.46 46.49 29.73
N THR C 423 -2.51 46.81 30.60
CA THR C 423 -1.81 48.09 30.56
C THR C 423 -0.36 47.81 30.21
N PRO C 424 0.41 48.83 29.82
CA PRO C 424 1.84 48.53 29.74
C PRO C 424 2.38 48.24 31.14
N GLY C 425 2.87 47.03 31.37
CA GLY C 425 3.47 46.68 32.64
C GLY C 425 2.67 45.77 33.55
N ALA C 426 1.34 45.80 33.45
CA ALA C 426 0.53 44.98 34.34
C ALA C 426 0.04 43.71 33.66
N TRP C 427 0.43 42.57 34.23
CA TRP C 427 0.06 41.27 33.68
C TRP C 427 -1.05 40.58 34.46
N TRP C 428 -2.02 40.05 33.72
CA TRP C 428 -3.15 39.39 34.31
C TRP C 428 -3.29 37.98 33.77
N TYR C 429 -3.85 37.11 34.60
CA TYR C 429 -4.02 35.71 34.24
C TYR C 429 -5.43 35.27 34.57
N LYS C 430 -6.03 34.51 33.65
CA LYS C 430 -7.32 33.91 33.88
C LYS C 430 -7.15 32.40 33.90
N SER C 431 -7.32 31.81 35.08
CA SER C 431 -7.14 30.37 35.28
C SER C 431 -8.16 29.56 34.51
N PRO C 432 -7.75 28.40 34.00
CA PRO C 432 -8.68 27.49 33.35
C PRO C 432 -9.67 26.97 34.38
N GLN C 433 -10.93 26.83 33.99
CA GLN C 433 -11.98 26.39 34.88
C GLN C 433 -12.97 25.51 34.16
N ARG C 434 -13.66 24.66 34.92
CA ARG C 434 -14.72 23.86 34.34
C ARG C 434 -15.87 24.77 33.95
N GLN C 435 -16.15 24.85 32.65
CA GLN C 435 -17.30 25.63 32.19
C GLN C 435 -18.54 24.94 32.74
N ILE C 436 -19.50 25.73 33.21
CA ILE C 436 -20.67 25.14 33.84
C ILE C 436 -21.83 25.07 32.85
N GLY C 437 -22.52 23.93 32.83
CA GLY C 437 -23.68 23.75 31.98
C GLY C 437 -23.34 23.14 30.62
N GLY C 438 -22.14 23.44 30.13
CA GLY C 438 -21.69 22.95 28.84
C GLY C 438 -21.34 21.47 28.87
N ASP C 439 -20.60 21.02 27.86
CA ASP C 439 -20.07 19.66 27.82
C ASP C 439 -19.18 19.43 29.06
N SER C 440 -19.03 18.16 29.47
CA SER C 440 -18.30 17.83 30.69
C SER C 440 -16.83 18.26 30.65
N ASN C 441 -16.28 18.44 29.46
CA ASN C 441 -14.89 18.83 29.32
C ASN C 441 -14.75 20.26 28.82
N ALA C 442 -15.85 21.01 28.83
CA ALA C 442 -15.81 22.40 28.38
C ALA C 442 -15.01 23.26 29.34
N VAL C 443 -14.13 24.09 28.81
CA VAL C 443 -13.23 24.89 29.62
C VAL C 443 -13.45 26.39 29.42
N THR C 444 -13.74 27.10 30.50
CA THR C 444 -13.81 28.56 30.45
C THR C 444 -12.69 29.14 31.29
N TYR C 445 -12.68 30.46 31.47
CA TYR C 445 -11.53 31.09 32.13
C TYR C 445 -11.96 32.04 33.25
N GLY C 446 -11.36 31.84 34.42
CA GLY C 446 -11.80 32.51 35.63
C GLY C 446 -11.49 33.99 35.71
N ALA C 447 -11.82 34.60 36.83
CA ALA C 447 -11.61 36.03 37.01
C ALA C 447 -10.14 36.36 36.88
N MET C 448 -9.85 37.52 36.31
CA MET C 448 -8.47 37.94 36.10
C MET C 448 -7.76 38.02 37.44
N LYS C 449 -6.44 37.87 37.42
CA LYS C 449 -5.66 38.01 38.64
C LYS C 449 -4.28 38.50 38.27
N ALA C 450 -3.84 39.54 38.95
CA ALA C 450 -2.59 40.19 38.61
C ALA C 450 -1.40 39.32 39.00
N LEU C 451 -0.48 39.13 38.06
CA LEU C 451 0.78 38.50 38.37
C LEU C 451 1.55 39.41 39.33
N PRO C 452 2.44 38.83 40.14
CA PRO C 452 3.31 39.68 40.98
C PRO C 452 4.18 40.58 40.11
N LYS C 453 4.80 41.58 40.73
CA LYS C 453 5.64 42.54 40.02
C LYS C 453 6.75 41.89 39.21
N ILE C 454 6.76 42.16 37.91
CA ILE C 454 7.80 41.66 37.01
C ILE C 454 9.08 42.43 37.32
N PRO C 455 10.16 41.70 37.63
CA PRO C 455 11.46 42.28 38.02
C PRO C 455 12.23 42.93 36.88
N ARG C 456 13.19 43.78 37.24
CA ARG C 456 14.14 44.39 36.31
C ARG C 456 14.74 43.35 35.37
N LEU C 457 14.57 43.55 34.07
CA LEU C 457 14.98 42.56 33.08
C LEU C 457 16.38 42.79 32.49
N GLN C 458 16.83 41.81 31.70
CA GLN C 458 18.22 41.74 31.20
C GLN C 458 19.25 41.46 32.29
N GLY C 460 19.20 39.32 29.13
CA GLY C 460 17.97 39.38 28.36
C GLY C 460 17.23 38.06 28.30
N ALA C 461 16.59 37.67 29.39
CA ALA C 461 16.43 38.55 30.55
C ALA C 461 16.48 37.82 31.89
N THR C 462 15.34 37.66 32.56
CA THR C 462 15.38 37.21 33.97
C THR C 462 14.49 36.05 34.37
N LEU C 463 14.75 35.49 35.54
CA LEU C 463 13.93 34.41 36.07
C LEU C 463 12.85 34.97 36.99
N MET C 464 11.80 34.18 37.21
CA MET C 464 10.68 34.63 38.04
C MET C 464 9.87 33.46 38.56
N ASP C 465 9.49 33.55 39.83
CA ASP C 465 8.59 32.58 40.42
C ASP C 465 7.20 33.22 40.50
N ILE C 466 6.21 32.57 39.89
CA ILE C 466 4.85 33.10 39.87
C ILE C 466 4.06 32.35 40.93
N ASN C 467 4.16 31.02 40.90
CA ASN C 467 3.45 30.14 41.82
C ASN C 467 3.66 30.48 43.30
N GLY C 468 4.91 30.68 43.68
CA GLY C 468 5.26 30.91 45.06
C GLY C 468 6.02 29.74 45.65
N ASP C 469 6.41 28.78 44.80
CA ASP C 469 7.14 27.60 45.23
C ASP C 469 8.47 27.95 45.89
N GLY C 470 9.04 29.07 45.45
CA GLY C 470 10.40 29.43 45.80
C GLY C 470 11.29 28.89 44.70
N ARG C 471 10.65 28.16 43.77
CA ARG C 471 11.32 27.69 42.56
C ARG C 471 11.06 28.68 41.43
N LEU C 472 12.12 29.27 40.91
CA LEU C 472 12.01 30.17 39.76
C LEU C 472 11.83 29.35 38.49
N ASP C 473 10.58 29.10 38.13
CA ASP C 473 10.26 28.24 36.98
C ASP C 473 9.91 29.02 35.72
N TRP C 474 10.09 30.33 35.74
CA TRP C 474 9.69 31.14 34.61
C TRP C 474 10.77 32.09 34.14
N VAL C 475 11.05 32.02 32.84
CA VAL C 475 12.04 32.87 32.21
C VAL C 475 11.31 33.93 31.39
N ILE C 476 11.49 35.18 31.78
CA ILE C 476 10.87 36.31 31.14
C ILE C 476 11.94 36.98 30.31
N THR C 477 11.60 37.31 29.07
CA THR C 477 12.53 37.95 28.17
C THR C 477 11.84 39.12 27.47
N SER C 478 12.62 39.90 26.74
CA SER C 478 12.11 41.06 26.02
C SER C 478 12.64 41.11 24.58
N ALA C 479 11.78 41.48 23.64
CA ALA C 479 12.19 41.61 22.24
C ALA C 479 13.23 42.72 22.07
N TRP C 493 6.20 42.61 23.34
CA TRP C 493 7.57 42.96 23.71
C TRP C 493 8.10 42.03 24.80
N THR C 494 7.26 41.72 25.78
CA THR C 494 7.68 40.88 26.90
C THR C 494 7.18 39.46 26.66
N HIS C 495 7.98 38.47 27.05
CA HIS C 495 7.64 37.07 26.80
C HIS C 495 7.80 36.18 28.03
N PHE C 496 6.87 35.25 28.21
CA PHE C 496 6.96 34.29 29.30
C PHE C 496 7.24 32.90 28.75
N THR C 497 8.26 32.26 29.31
CA THR C 497 8.72 30.96 28.82
C THR C 497 8.95 30.06 30.01
N PRO C 498 8.27 28.90 30.04
CA PRO C 498 8.45 27.92 31.11
C PRO C 498 9.88 27.40 31.13
N LEU C 499 10.51 27.36 32.31
CA LEU C 499 11.91 26.98 32.44
C LEU C 499 12.24 25.59 31.90
N ASN C 500 11.23 24.72 31.86
CA ASN C 500 11.40 23.33 31.41
C ASN C 500 11.38 23.17 29.88
N THR C 501 11.17 24.27 29.16
CA THR C 501 11.28 24.23 27.70
C THR C 501 12.74 24.48 27.33
N LEU C 502 13.55 24.81 28.33
CA LEU C 502 14.96 25.08 28.11
C LEU C 502 15.81 23.94 28.66
N PRO C 503 16.98 23.69 28.04
CA PRO C 503 17.94 22.72 28.55
C PRO C 503 18.33 23.05 29.98
N THR C 504 18.69 22.04 30.75
CA THR C 504 18.96 22.19 32.18
C THR C 504 20.04 23.23 32.46
N GLU C 505 21.04 23.29 31.59
CA GLU C 505 22.19 24.15 31.83
C GLU C 505 22.07 25.48 31.09
N TYR C 506 20.85 25.96 30.93
CA TYR C 506 20.63 27.16 30.12
C TYR C 506 21.36 28.39 30.70
N PHE C 507 21.28 28.57 32.01
CA PHE C 507 21.84 29.75 32.65
C PHE C 507 23.31 29.58 33.06
N HIS C 508 23.81 28.36 32.96
CA HIS C 508 25.22 28.07 33.17
C HIS C 508 25.68 27.12 32.07
N PRO C 509 25.71 27.62 30.83
CA PRO C 509 25.95 26.72 29.69
C PRO C 509 27.38 26.20 29.65
N LYS C 510 27.54 24.93 29.32
CA LYS C 510 28.84 24.33 29.10
C LYS C 510 28.82 23.65 27.72
N ALA C 511 29.99 23.31 27.21
CA ALA C 511 30.11 22.61 25.93
C ALA C 511 29.37 23.27 24.76
N GLN C 512 28.73 22.43 23.95
CA GLN C 512 28.09 22.88 22.71
C GLN C 512 27.05 23.95 22.97
N LEU C 513 26.36 23.86 24.11
CA LEU C 513 25.35 24.84 24.47
C LEU C 513 26.01 26.21 24.68
N ALA C 514 27.21 26.17 25.27
CA ALA C 514 27.98 27.38 25.51
C ALA C 514 28.46 27.95 24.17
N ASP C 515 28.85 27.08 23.25
CA ASP C 515 29.20 27.55 21.91
C ASP C 515 27.98 28.10 21.17
N LEU C 516 26.78 27.69 21.58
CA LEU C 516 25.56 28.10 20.90
C LEU C 516 25.05 29.45 21.38
N VAL C 517 25.05 29.67 22.68
CA VAL C 517 24.49 30.93 23.18
C VAL C 517 25.49 32.08 23.22
N GLY C 518 26.76 31.78 23.49
CA GLY C 518 27.76 32.82 23.59
C GLY C 518 27.42 33.83 24.67
N ALA C 519 27.37 35.10 24.28
CA ALA C 519 27.10 36.20 25.21
C ALA C 519 25.75 36.03 25.91
N GLY C 520 24.82 35.36 25.23
CA GLY C 520 23.49 35.15 25.75
C GLY C 520 22.47 35.44 24.67
N LEU C 521 21.29 34.84 24.77
CA LEU C 521 20.30 35.01 23.72
C LEU C 521 19.50 36.30 23.95
N SER C 522 19.13 36.96 22.86
CA SER C 522 18.35 38.19 22.95
C SER C 522 16.96 37.86 23.43
N ASP C 523 16.36 36.83 22.84
CA ASP C 523 14.97 36.55 23.15
C ASP C 523 14.58 35.07 23.01
N LEU C 524 13.48 34.70 23.67
CA LEU C 524 12.94 33.34 23.64
C LEU C 524 11.45 33.46 23.37
N VAL C 525 10.95 32.76 22.34
CA VAL C 525 9.52 32.85 22.03
C VAL C 525 8.89 31.47 21.87
N LEU C 526 7.94 31.17 22.76
CA LEU C 526 7.23 29.90 22.70
C LEU C 526 6.52 29.78 21.36
N ILE C 527 6.78 28.69 20.65
CA ILE C 527 6.12 28.42 19.38
C ILE C 527 5.36 27.09 19.48
N GLY C 528 4.91 26.78 20.69
CA GLY C 528 4.21 25.55 20.99
C GLY C 528 4.28 25.26 22.48
N PRO C 529 3.56 24.22 22.94
CA PRO C 529 3.45 23.88 24.37
C PRO C 529 4.81 23.70 25.05
N LYS C 530 5.73 23.03 24.38
CA LYS C 530 7.05 22.83 24.94
C LYS C 530 8.12 23.01 23.86
N SER C 531 7.98 24.09 23.09
CA SER C 531 8.95 24.44 22.05
C SER C 531 9.21 25.95 22.05
N VAL C 532 10.48 26.33 21.95
CA VAL C 532 10.88 27.73 22.07
C VAL C 532 11.91 28.18 21.02
N ARG C 533 11.55 29.23 20.28
CA ARG C 533 12.44 29.83 19.28
C ARG C 533 13.46 30.75 19.92
N LEU C 534 14.68 30.71 19.38
CA LEU C 534 15.81 31.44 19.94
C LEU C 534 16.14 32.69 19.13
N TYR C 535 16.57 33.74 19.83
CA TYR C 535 17.03 34.98 19.19
C TYR C 535 18.33 35.42 19.84
N ALA C 536 19.35 35.66 19.01
CA ALA C 536 20.71 35.89 19.49
C ALA C 536 21.11 37.36 19.61
N ASN C 537 21.30 38.02 18.46
CA ASN C 537 21.79 39.40 18.44
C ASN C 537 20.69 40.43 18.69
N GLN C 550 34.88 25.66 21.06
CA GLN C 550 35.35 25.34 22.41
C GLN C 550 35.12 23.85 22.75
N ALA C 551 34.02 23.29 22.27
CA ALA C 551 33.73 21.87 22.46
C ALA C 551 33.89 21.10 21.15
N GLU C 552 33.60 19.80 21.17
CA GLU C 552 33.64 18.98 19.96
C GLU C 552 32.73 19.58 18.89
N ASN C 553 33.21 19.67 17.66
CA ASN C 553 32.44 20.27 16.58
C ASN C 553 31.37 19.33 16.00
N VAL C 554 30.14 19.83 15.95
CA VAL C 554 29.00 19.09 15.46
C VAL C 554 28.27 20.06 14.55
N SER C 555 29.03 21.06 14.11
CA SER C 555 28.55 22.16 13.29
C SER C 555 27.20 22.70 13.75
N LEU C 556 27.23 23.46 14.83
CA LEU C 556 26.04 24.07 15.39
C LEU C 556 25.49 25.10 14.41
N PRO C 557 24.17 25.33 14.44
CA PRO C 557 23.61 26.38 13.58
C PRO C 557 23.98 27.74 14.16
N VAL C 558 23.94 28.80 13.36
CA VAL C 558 24.19 30.13 13.88
C VAL C 558 22.85 30.83 14.00
N ILE C 559 22.51 31.28 15.21
CA ILE C 559 21.22 31.92 15.46
C ILE C 559 21.24 33.36 14.97
N GLY C 560 20.40 33.66 13.97
CA GLY C 560 20.26 35.02 13.47
C GLY C 560 20.85 35.23 12.09
N ASP C 562 16.62 37.09 12.08
CA ASP C 562 17.35 38.01 11.22
C ASP C 562 17.65 37.39 9.85
N SER C 563 16.81 36.45 9.44
CA SER C 563 16.91 35.81 8.12
C SER C 563 15.70 34.93 7.83
N ARG C 564 15.86 33.98 6.92
CA ARG C 564 14.81 33.00 6.69
C ARG C 564 15.18 31.69 7.39
N GLN C 565 15.54 31.80 8.67
CA GLN C 565 15.97 30.63 9.42
C GLN C 565 15.23 30.61 10.76
N LEU C 566 15.10 29.43 11.35
CA LEU C 566 14.49 29.31 12.67
C LEU C 566 15.32 28.34 13.50
N VAL C 567 15.71 28.76 14.70
CA VAL C 567 16.39 27.85 15.62
C VAL C 567 15.57 27.74 16.89
N ALA C 568 15.41 26.53 17.41
CA ALA C 568 14.54 26.32 18.56
C ALA C 568 14.98 25.17 19.44
N PHE C 569 14.41 25.12 20.64
CA PHE C 569 14.54 23.97 21.51
C PHE C 569 13.22 23.20 21.44
N ALA C 570 13.30 21.94 21.03
CA ALA C 570 12.10 21.12 20.87
C ALA C 570 12.46 19.64 20.83
N ASP C 571 11.58 18.82 21.37
CA ASP C 571 11.75 17.37 21.31
C ASP C 571 11.28 16.88 19.94
N MET C 572 12.20 16.91 18.97
CA MET C 572 11.92 16.46 17.61
C MET C 572 12.21 14.96 17.48
N LEU C 573 12.72 14.38 18.55
CA LEU C 573 13.19 12.99 18.52
C LEU C 573 12.29 12.07 19.34
N GLY C 574 11.37 12.65 20.10
CA GLY C 574 10.43 11.88 20.90
C GLY C 574 11.11 11.17 22.07
N SER C 575 12.27 11.66 22.48
CA SER C 575 13.09 10.99 23.48
C SER C 575 12.91 11.57 24.89
N GLY C 576 12.30 12.75 24.99
CA GLY C 576 11.99 13.35 26.28
C GLY C 576 12.95 14.45 26.73
N GLN C 577 13.76 14.97 25.80
CA GLN C 577 14.65 16.07 26.12
C GLN C 577 14.47 17.24 25.16
N GLN C 578 14.89 18.43 25.60
CA GLN C 578 14.84 19.59 24.73
C GLN C 578 16.04 19.57 23.81
N HIS C 579 15.84 19.11 22.59
CA HIS C 579 16.90 19.01 21.60
C HIS C 579 17.01 20.33 20.84
N LEU C 580 18.04 20.45 20.02
CA LEU C 580 18.22 21.67 19.24
C LEU C 580 17.74 21.44 17.82
N VAL C 581 16.94 22.36 17.29
CA VAL C 581 16.45 22.18 15.92
C VAL C 581 16.65 23.44 15.07
N GLU C 582 17.11 23.23 13.85
CA GLU C 582 17.20 24.32 12.88
C GLU C 582 16.28 24.00 11.70
N ILE C 583 15.48 24.98 11.32
CA ILE C 583 14.56 24.84 10.22
C ILE C 583 14.76 25.98 9.22
N THR C 584 15.02 25.60 7.97
CA THR C 584 15.08 26.56 6.87
C THR C 584 14.01 26.20 5.86
N ALA C 585 14.09 26.78 4.66
CA ALA C 585 13.08 26.52 3.62
C ALA C 585 13.10 25.09 3.09
N ASP C 586 14.28 24.46 3.10
CA ASP C 586 14.41 23.13 2.55
C ASP C 586 15.05 22.09 3.49
N SER C 587 15.40 22.49 4.72
CA SER C 587 16.04 21.55 5.65
C SER C 587 15.52 21.64 7.11
N VAL C 588 15.56 20.49 7.78
CA VAL C 588 15.27 20.39 9.21
C VAL C 588 16.35 19.55 9.87
N LYS C 589 17.19 20.18 10.69
CA LYS C 589 18.26 19.46 11.41
C LYS C 589 18.01 19.44 12.91
N CYS C 590 18.33 18.32 13.55
CA CYS C 590 18.18 18.22 14.99
C CYS C 590 19.45 17.68 15.65
N TRP C 591 19.97 18.42 16.62
CA TRP C 591 21.11 17.98 17.41
C TRP C 591 20.56 17.47 18.73
N PRO C 592 20.89 16.21 19.05
CA PRO C 592 20.42 15.53 20.26
C PRO C 592 21.04 16.11 21.53
N ASN C 593 20.19 16.57 22.43
CA ASN C 593 20.61 16.97 23.77
C ASN C 593 21.17 15.75 24.49
N MET C 594 22.49 15.73 24.68
CA MET C 594 23.14 14.60 25.31
C MET C 594 23.39 14.85 26.80
N GLY C 595 22.92 15.98 27.29
CA GLY C 595 23.05 16.31 28.70
C GLY C 595 24.31 17.09 29.00
N HIS C 596 24.30 17.81 30.13
CA HIS C 596 25.47 18.54 30.62
C HIS C 596 26.03 19.55 29.60
N GLY C 597 25.14 20.07 28.76
CA GLY C 597 25.52 21.07 27.78
C GLY C 597 25.86 20.47 26.43
N ARG C 598 26.04 19.15 26.42
CA ARG C 598 26.46 18.45 25.21
C ARG C 598 25.34 18.24 24.18
N PHE C 599 25.66 18.49 22.91
CA PHE C 599 24.77 18.15 21.81
C PHE C 599 25.54 17.30 20.81
N GLY C 600 24.83 16.37 20.16
CA GLY C 600 25.50 15.39 19.30
C GLY C 600 25.50 15.80 17.85
N GLN C 601 25.91 14.88 16.98
CA GLN C 601 25.93 15.14 15.55
C GLN C 601 24.53 15.38 15.01
N PRO C 602 24.41 16.29 14.03
CA PRO C 602 23.11 16.68 13.46
C PRO C 602 22.39 15.54 12.74
N LEU C 603 21.08 15.46 12.94
CA LEU C 603 20.23 14.48 12.27
C LEU C 603 19.37 15.24 11.26
N THR C 604 19.16 14.66 10.08
CA THR C 604 18.27 15.30 9.11
C THR C 604 16.90 14.64 9.17
N LEU C 605 15.86 15.46 9.09
CA LEU C 605 14.49 14.97 9.03
C LEU C 605 13.84 15.46 7.74
N GLU C 606 13.82 14.60 6.73
CA GLU C 606 13.30 14.96 5.41
C GLU C 606 11.79 15.10 5.48
N GLY C 607 11.20 15.72 4.47
CA GLY C 607 9.76 15.86 4.38
C GLY C 607 9.25 17.28 4.36
N PHE C 608 10.06 18.22 4.86
CA PHE C 608 9.63 19.61 4.89
C PHE C 608 10.34 20.45 3.84
N SER C 609 9.53 21.16 3.04
CA SER C 609 10.06 22.05 2.01
C SER C 609 9.08 23.20 1.80
N GLN C 610 9.61 24.39 1.60
CA GLN C 610 8.81 25.57 1.31
C GLN C 610 9.64 26.40 0.35
N PRO C 611 8.97 27.12 -0.57
CA PRO C 611 9.72 27.93 -1.54
C PRO C 611 10.66 28.90 -0.83
N GLN C 612 11.89 28.99 -1.32
CA GLN C 612 12.93 29.80 -0.70
C GLN C 612 12.61 31.30 -0.71
N THR C 613 11.63 31.68 -1.53
CA THR C 613 11.19 33.07 -1.65
C THR C 613 10.03 33.41 -0.73
N SER C 614 9.35 32.38 -0.23
CA SER C 614 8.15 32.60 0.58
C SER C 614 8.25 32.03 2.01
N PHE C 615 9.32 31.29 2.30
CA PHE C 615 9.45 30.68 3.62
C PHE C 615 9.66 31.71 4.72
N ASN C 616 8.78 31.68 5.71
CA ASN C 616 8.84 32.62 6.82
C ASN C 616 8.84 31.90 8.16
N PRO C 617 9.98 31.96 8.86
CA PRO C 617 10.21 31.35 10.18
C PRO C 617 9.11 31.71 11.17
N ASP C 618 8.56 32.91 11.07
CA ASP C 618 7.48 33.37 11.94
C ASP C 618 6.24 32.48 11.84
N ARG C 619 6.08 31.81 10.71
CA ARG C 619 4.90 30.98 10.46
C ARG C 619 5.15 29.50 10.77
N VAL C 620 6.20 29.23 11.53
CA VAL C 620 6.53 27.86 11.93
C VAL C 620 6.20 27.63 13.40
N PHE C 621 5.41 26.61 13.67
CA PHE C 621 5.03 26.22 15.03
C PHE C 621 5.46 24.78 15.28
N LEU C 622 5.97 24.49 16.48
CA LEU C 622 6.47 23.16 16.77
C LEU C 622 5.71 22.53 17.93
N ALA C 623 4.92 21.50 17.63
CA ALA C 623 4.07 20.89 18.65
C ALA C 623 3.70 19.45 18.31
N ASP C 624 3.49 18.65 19.34
CA ASP C 624 3.02 17.28 19.19
C ASP C 624 1.50 17.30 18.95
N ILE C 625 1.10 17.10 17.70
CA ILE C 625 -0.30 17.18 17.31
C ILE C 625 -1.06 15.89 17.66
N ASP C 626 -0.43 14.74 17.41
CA ASP C 626 -1.09 13.45 17.61
C ASP C 626 -0.68 12.77 18.92
N GLY C 627 0.02 13.50 19.80
CA GLY C 627 0.47 12.92 21.05
C GLY C 627 1.47 11.78 20.88
N SER C 628 2.19 11.78 19.76
CA SER C 628 3.10 10.68 19.47
C SER C 628 4.34 10.73 20.35
N GLY C 629 4.65 11.93 20.86
CA GLY C 629 5.88 12.13 21.61
C GLY C 629 6.83 13.03 20.83
N THR C 630 6.66 13.10 19.51
CA THR C 630 7.47 13.97 18.66
C THR C 630 6.78 15.32 18.42
N ASN C 631 7.56 16.37 18.28
CA ASN C 631 7.01 17.65 17.89
C ASN C 631 6.89 17.72 16.38
N ASP C 632 5.69 18.05 15.91
CA ASP C 632 5.42 18.09 14.48
C ASP C 632 5.59 19.54 14.01
N ILE C 633 5.55 19.76 12.70
CA ILE C 633 5.66 21.11 12.18
C ILE C 633 4.30 21.61 11.73
N ILE C 634 3.94 22.82 12.15
CA ILE C 634 2.74 23.48 11.65
C ILE C 634 3.19 24.76 10.95
N TYR C 635 2.97 24.82 9.64
CA TYR C 635 3.34 25.99 8.87
C TYR C 635 2.09 26.73 8.40
N ALA C 636 2.04 28.03 8.64
CA ALA C 636 0.84 28.81 8.33
C ALA C 636 0.93 29.55 7.01
N HIS C 637 -0.02 29.28 6.12
CA HIS C 637 -0.18 30.05 4.89
C HIS C 637 -1.32 31.04 5.08
N SER C 638 -1.67 31.76 4.01
CA SER C 638 -2.71 32.79 4.09
C SER C 638 -4.11 32.19 4.23
N GLU C 639 -4.32 31.01 3.68
CA GLU C 639 -5.64 30.37 3.70
C GLU C 639 -5.58 28.93 4.19
N CYS C 640 -4.37 28.43 4.42
CA CYS C 640 -4.19 27.05 4.79
C CYS C 640 -3.11 26.92 5.87
N LEU C 641 -3.24 25.89 6.70
CA LEU C 641 -2.18 25.51 7.61
C LEU C 641 -1.74 24.13 7.18
N GLU C 642 -0.45 23.96 6.91
CA GLU C 642 0.08 22.66 6.55
C GLU C 642 0.68 22.01 7.78
N ILE C 643 0.33 20.75 8.03
CA ILE C 643 0.87 20.06 9.18
C ILE C 643 1.69 18.85 8.77
N TYR C 644 2.98 18.91 9.10
CA TYR C 644 3.92 17.84 8.78
C TYR C 644 4.13 17.03 10.06
N LEU C 645 3.57 15.82 10.08
CA LEU C 645 3.71 14.94 11.24
C LEU C 645 5.09 14.33 11.29
N ASN C 646 5.71 14.43 12.47
CA ASN C 646 7.05 13.92 12.70
C ASN C 646 7.00 12.41 12.91
N GLU C 647 7.54 11.66 11.95
CA GLU C 647 7.53 10.20 12.05
C GLU C 647 8.70 9.69 12.88
N SER C 648 8.48 9.63 14.20
CA SER C 648 9.45 9.04 15.13
C SER C 648 10.85 9.65 15.05
N GLY C 649 10.92 10.92 14.66
CA GLY C 649 12.18 11.65 14.62
C GLY C 649 13.04 11.34 13.42
N ASN C 650 12.43 10.69 12.43
CA ASN C 650 13.16 10.21 11.26
C ASN C 650 12.90 11.05 10.01
N ARG C 651 11.65 11.45 9.83
CA ARG C 651 11.25 12.26 8.68
C ARG C 651 9.85 12.82 8.94
N PHE C 652 9.33 13.59 7.99
CA PHE C 652 7.98 14.10 8.10
C PHE C 652 7.06 13.44 7.08
N SER C 653 5.79 13.29 7.45
CA SER C 653 4.79 12.77 6.54
C SER C 653 4.53 13.82 5.47
N LYS C 654 3.75 13.46 4.45
CA LYS C 654 3.28 14.46 3.52
C LYS C 654 2.27 15.31 4.30
N PRO C 655 2.26 16.62 4.03
CA PRO C 655 1.53 17.56 4.89
C PRO C 655 0.01 17.37 4.90
N ILE C 656 -0.58 17.52 6.08
CA ILE C 656 -2.04 17.57 6.22
C ILE C 656 -2.47 19.00 5.91
N SER C 657 -3.43 19.16 5.01
CA SER C 657 -3.90 20.50 4.67
C SER C 657 -5.11 20.82 5.52
N LEU C 658 -4.95 21.81 6.39
CA LEU C 658 -6.04 22.27 7.24
C LEU C 658 -6.50 23.61 6.72
N LEU C 659 -7.70 23.64 6.14
CA LEU C 659 -8.22 24.89 5.60
C LEU C 659 -8.70 25.81 6.71
N LEU C 660 -8.39 27.09 6.59
CA LEU C 660 -8.88 28.11 7.53
C LEU C 660 -10.37 28.34 7.33
N PRO C 661 -11.05 28.97 8.31
CA PRO C 661 -12.46 29.28 8.07
C PRO C 661 -12.63 30.28 6.92
N ASP C 662 -13.69 30.10 6.13
CA ASP C 662 -13.91 30.87 4.91
C ASP C 662 -14.04 32.36 5.16
N GLY C 663 -13.11 33.14 4.62
CA GLY C 663 -13.11 34.58 4.82
C GLY C 663 -11.81 35.03 5.44
N VAL C 664 -11.14 34.09 6.09
CA VAL C 664 -9.90 34.38 6.80
C VAL C 664 -8.67 34.40 5.89
N ASN C 665 -7.93 35.50 5.94
CA ASN C 665 -6.65 35.62 5.24
C ASN C 665 -5.56 35.90 6.27
N PHE C 666 -4.69 34.91 6.51
CA PHE C 666 -3.70 35.01 7.58
C PHE C 666 -2.52 35.93 7.24
N ASP C 667 -2.26 36.89 8.12
CA ASP C 667 -1.17 37.84 7.95
C ASP C 667 -0.43 38.10 9.26
N ASN C 668 0.32 39.19 9.31
CA ASN C 668 1.11 39.53 10.49
C ASN C 668 0.29 40.24 11.57
N THR C 669 -0.95 40.60 11.25
CA THR C 669 -1.84 41.22 12.22
C THR C 669 -2.63 40.13 12.93
N CYS C 670 -2.59 38.93 12.35
CA CYS C 670 -3.27 37.78 12.93
C CYS C 670 -2.40 37.15 14.00
N GLN C 671 -3.04 36.41 14.90
CA GLN C 671 -2.35 35.72 15.97
C GLN C 671 -2.60 34.23 15.83
N LEU C 672 -1.58 33.42 16.06
CA LEU C 672 -1.80 31.99 16.02
C LEU C 672 -0.88 31.33 17.04
N GLN C 673 -1.42 30.36 17.78
CA GLN C 673 -0.60 29.59 18.71
C GLN C 673 -1.09 28.15 18.87
N ALA C 674 -0.11 27.27 19.08
CA ALA C 674 -0.37 25.86 19.32
C ALA C 674 -0.31 25.63 20.81
N ALA C 675 -1.46 25.29 21.41
CA ALA C 675 -1.57 25.12 22.84
C ALA C 675 -2.48 23.96 23.21
N ASP C 676 -2.12 23.25 24.28
CA ASP C 676 -2.90 22.11 24.77
C ASP C 676 -4.09 22.60 25.58
N ILE C 677 -5.02 23.30 24.93
CA ILE C 677 -6.14 23.93 25.64
C ILE C 677 -7.15 22.95 26.19
N GLN C 678 -7.00 21.68 25.87
CA GLN C 678 -7.92 20.66 26.38
C GLN C 678 -7.33 19.96 27.59
N GLY C 679 -6.02 20.14 27.80
CA GLY C 679 -5.32 19.48 28.87
C GLY C 679 -5.15 18.00 28.55
N LEU C 680 -4.88 17.69 27.29
CA LEU C 680 -4.85 16.31 26.81
C LEU C 680 -3.47 15.85 26.33
N GLY C 681 -2.45 16.71 26.49
CA GLY C 681 -1.12 16.37 26.03
C GLY C 681 -0.99 16.49 24.51
N ILE C 682 -1.98 17.11 23.88
CA ILE C 682 -1.94 17.36 22.44
C ILE C 682 -2.27 18.81 22.13
N ALA C 683 -1.56 19.38 21.16
CA ALA C 683 -1.74 20.78 20.84
C ALA C 683 -2.94 20.99 19.94
N SER C 684 -3.80 21.92 20.33
CA SER C 684 -4.85 22.42 19.46
C SER C 684 -4.35 23.74 18.90
N LEU C 685 -5.16 24.42 18.12
CA LEU C 685 -4.73 25.66 17.49
C LEU C 685 -5.69 26.79 17.85
N VAL C 686 -5.16 27.89 18.38
CA VAL C 686 -5.99 29.05 18.65
C VAL C 686 -5.50 30.21 17.77
N MET C 687 -6.42 30.71 16.94
CA MET C 687 -6.13 31.76 15.98
C MET C 687 -7.01 32.97 16.25
N THR C 688 -6.42 34.16 16.13
CA THR C 688 -7.13 35.41 16.33
C THR C 688 -7.02 36.25 15.06
N VAL C 689 -8.16 36.55 14.45
CA VAL C 689 -8.20 37.33 13.22
C VAL C 689 -8.98 38.62 13.47
N PRO C 690 -8.27 39.76 13.50
CA PRO C 690 -8.83 41.08 13.86
C PRO C 690 -9.88 41.62 12.89
N HIS C 691 -9.74 41.33 11.61
CA HIS C 691 -10.66 41.82 10.58
C HIS C 691 -11.67 40.74 10.18
N MET C 692 -12.24 40.09 11.19
CA MET C 692 -13.13 38.97 10.97
C MET C 692 -14.03 38.78 12.17
N SER C 693 -15.34 38.67 11.92
CA SER C 693 -16.28 38.34 12.98
C SER C 693 -16.87 36.97 12.70
N PRO C 694 -16.75 36.03 13.67
CA PRO C 694 -16.10 36.22 14.98
C PRO C 694 -14.58 36.35 14.86
N THR C 695 -13.93 36.87 15.90
CA THR C 695 -12.50 37.19 15.85
C THR C 695 -11.61 36.05 16.31
N HIS C 696 -12.14 35.21 17.18
CA HIS C 696 -11.35 34.13 17.77
C HIS C 696 -11.81 32.75 17.35
N TRP C 697 -10.85 31.90 16.98
CA TRP C 697 -11.13 30.57 16.44
C TRP C 697 -10.24 29.53 17.10
N ARG C 698 -10.80 28.34 17.28
CA ARG C 698 -10.02 27.23 17.79
C ARG C 698 -10.22 26.04 16.87
N CYS C 699 -9.20 25.20 16.77
CA CYS C 699 -9.32 23.91 16.13
C CYS C 699 -8.66 22.87 17.01
N ASP C 700 -9.47 21.99 17.57
CA ASP C 700 -8.97 20.83 18.29
C ASP C 700 -8.84 19.71 17.26
N LEU C 701 -7.62 19.20 17.07
CA LEU C 701 -7.37 18.20 16.04
C LEU C 701 -7.67 16.79 16.55
N ALA C 702 -7.78 16.65 17.86
CA ALA C 702 -8.20 15.39 18.48
C ALA C 702 -8.89 15.64 19.82
N LEU C 703 -9.79 14.73 20.18
CA LEU C 703 -10.53 14.84 21.44
C LEU C 703 -10.03 13.82 22.45
N ASN C 704 -9.15 12.92 22.01
CA ASN C 704 -8.62 11.87 22.87
C ASN C 704 -7.13 11.71 22.60
N LYS C 705 -6.37 11.35 23.62
CA LYS C 705 -4.94 11.15 23.45
C LYS C 705 -4.68 9.85 22.71
N PRO C 706 -4.09 9.95 21.51
CA PRO C 706 -3.88 8.76 20.68
C PRO C 706 -2.81 7.85 21.24
N TRP C 707 -2.71 6.63 20.68
CA TRP C 707 -1.73 5.61 21.06
C TRP C 707 -2.01 4.94 22.39
N LEU C 708 -3.19 5.20 22.96
CA LEU C 708 -3.57 4.55 24.21
C LEU C 708 -4.50 3.38 23.94
N LEU C 709 -4.21 2.26 24.59
CA LEU C 709 -5.02 1.05 24.47
C LEU C 709 -6.44 1.30 24.94
N ASN C 710 -7.41 1.01 24.08
CA ASN C 710 -8.80 1.27 24.45
C ASN C 710 -9.78 0.13 24.16
N VAL C 711 -9.36 -0.87 23.38
CA VAL C 711 -10.20 -2.06 23.18
C VAL C 711 -9.40 -3.35 23.26
N MET C 712 -9.98 -4.35 23.94
CA MET C 712 -9.44 -5.70 23.99
C MET C 712 -10.56 -6.65 23.59
N ASN C 713 -10.23 -7.71 22.85
CA ASN C 713 -11.23 -8.71 22.52
C ASN C 713 -10.57 -10.09 22.39
N ASN C 714 -11.13 -11.10 23.04
CA ASN C 714 -10.50 -12.42 23.01
C ASN C 714 -11.10 -13.34 21.96
N ASN C 715 -11.99 -12.78 21.15
CA ASN C 715 -12.69 -13.51 20.09
C ASN C 715 -13.41 -14.76 20.61
N ARG C 716 -13.75 -14.76 21.89
CA ARG C 716 -14.46 -15.87 22.51
C ARG C 716 -15.79 -15.41 23.07
N GLY C 717 -16.08 -14.12 22.89
CA GLY C 717 -17.33 -13.54 23.33
C GLY C 717 -17.20 -12.41 24.33
N ALA C 718 -15.97 -12.05 24.67
CA ALA C 718 -15.74 -10.97 25.64
C ALA C 718 -14.97 -9.81 25.02
N GLU C 719 -15.52 -8.61 25.16
CA GLU C 719 -14.81 -7.41 24.70
C GLU C 719 -14.77 -6.33 25.79
N THR C 720 -13.61 -5.75 26.03
CA THR C 720 -13.52 -4.64 26.97
C THR C 720 -13.16 -3.35 26.25
N CYS C 721 -13.97 -2.31 26.42
CA CYS C 721 -13.69 -1.00 25.86
C CYS C 721 -13.21 -0.05 26.96
N LEU C 722 -12.10 0.65 26.72
CA LEU C 722 -11.56 1.55 27.74
C LEU C 722 -11.74 3.01 27.38
N PHE C 723 -11.77 3.85 28.41
CA PHE C 723 -11.94 5.29 28.23
C PHE C 723 -11.07 6.03 29.22
N TYR C 724 -10.34 7.01 28.70
CA TYR C 724 -9.40 7.79 29.49
C TYR C 724 -9.93 9.18 29.76
N ARG C 725 -9.47 9.77 30.85
CA ARG C 725 -9.75 11.16 31.14
C ARG C 725 -8.46 11.69 31.72
N SER C 726 -8.04 12.86 31.24
CA SER C 726 -6.77 13.43 31.67
C SER C 726 -6.87 13.89 33.12
N SER C 727 -5.73 13.87 33.81
CA SER C 727 -5.67 14.40 35.16
C SER C 727 -6.02 15.88 35.20
N ALA C 728 -5.85 16.57 34.06
CA ALA C 728 -6.14 17.99 33.97
C ALA C 728 -7.65 18.31 34.03
N GLN C 729 -8.43 17.54 33.29
CA GLN C 729 -9.87 17.74 33.28
CA GLN C 729 -9.88 17.70 33.25
C GLN C 729 -10.48 17.34 34.61
N PHE C 730 -10.00 16.22 35.15
CA PHE C 730 -10.38 15.76 36.48
C PHE C 730 -10.06 16.87 37.48
N TRP C 731 -8.91 17.51 37.28
CA TRP C 731 -8.52 18.63 38.14
C TRP C 731 -9.49 19.78 38.03
N LEU C 732 -9.97 20.08 36.83
CA LEU C 732 -10.95 21.15 36.68
C LEU C 732 -12.23 20.84 37.46
N ASP C 733 -12.69 19.59 37.36
CA ASP C 733 -13.88 19.20 38.13
C ASP C 733 -13.64 19.36 39.63
N GLU C 734 -12.50 18.83 40.08
CA GLU C 734 -12.14 18.83 41.50
C GLU C 734 -12.07 20.26 42.03
N LYS C 735 -11.46 21.14 41.24
CA LYS C 735 -11.30 22.55 41.60
C LYS C 735 -12.65 23.24 41.67
N GLN C 736 -13.55 22.87 40.77
CA GLN C 736 -14.89 23.43 40.81
C GLN C 736 -15.56 23.08 42.13
N LEU C 737 -15.56 21.78 42.47
CA LEU C 737 -16.20 21.38 43.73
C LEU C 737 -15.53 22.00 44.96
N VAL C 738 -14.20 22.07 44.96
CA VAL C 738 -13.46 22.65 46.08
C VAL C 738 -13.78 24.12 46.27
N GLU C 739 -13.83 24.87 45.16
CA GLU C 739 -14.16 26.28 45.22
C GLU C 739 -15.62 26.48 45.64
N ALA C 740 -16.47 25.53 45.28
CA ALA C 740 -17.87 25.61 45.67
C ALA C 740 -18.06 25.34 47.16
N ALA C 741 -17.07 24.71 47.78
CA ALA C 741 -17.15 24.39 49.20
C ALA C 741 -16.41 25.41 50.06
N GLY C 742 -16.10 26.56 49.46
CA GLY C 742 -15.47 27.65 50.18
C GLY C 742 -13.99 27.44 50.48
N GLN C 743 -13.51 26.22 50.31
CA GLN C 743 -12.11 25.92 50.62
C GLN C 743 -11.22 26.35 49.45
N GLN C 744 -9.92 26.36 49.66
CA GLN C 744 -9.01 26.85 48.62
C GLN C 744 -8.30 25.71 47.90
N PRO C 745 -8.41 25.71 46.57
CA PRO C 745 -7.82 24.65 45.74
C PRO C 745 -6.30 24.77 45.65
N GLU C 746 -5.61 23.64 45.84
CA GLU C 746 -4.18 23.58 45.69
C GLU C 746 -3.82 22.40 44.81
N CYS C 747 -3.40 22.69 43.58
CA CYS C 747 -3.05 21.65 42.62
C CYS C 747 -1.62 21.21 42.82
N HIS C 748 -1.40 19.89 42.81
CA HIS C 748 -0.07 19.34 42.96
C HIS C 748 0.31 18.42 41.81
N LEU C 749 -0.45 18.49 40.72
CA LEU C 749 -0.15 17.73 39.50
C LEU C 749 -0.12 18.69 38.32
N PRO C 750 1.10 19.08 37.89
CA PRO C 750 1.35 20.20 36.98
C PRO C 750 1.19 19.89 35.49
N PHE C 751 1.02 18.62 35.13
CA PHE C 751 0.92 18.26 33.71
C PHE C 751 -0.14 17.17 33.49
N PRO C 752 -0.67 17.07 32.25
CA PRO C 752 -1.73 16.08 32.01
C PRO C 752 -1.24 14.64 32.06
N MET C 753 -1.91 13.83 32.86
CA MET C 753 -1.69 12.39 32.87
C MET C 753 -2.99 11.70 32.44
N HIS C 754 -2.86 10.59 31.74
CA HIS C 754 -4.04 9.92 31.23
C HIS C 754 -4.50 8.81 32.15
N LEU C 755 -5.71 8.97 32.68
CA LEU C 755 -6.18 8.09 33.72
C LEU C 755 -7.26 7.16 33.19
N HIS C 756 -7.23 5.93 33.69
CA HIS C 756 -8.30 4.99 33.44
C HIS C 756 -9.57 5.59 34.03
N TRP C 757 -10.48 5.98 33.16
CA TRP C 757 -11.72 6.63 33.56
C TRP C 757 -12.88 5.63 33.54
N ARG C 758 -12.94 4.81 32.50
CA ARG C 758 -14.06 3.89 32.38
C ARG C 758 -13.71 2.59 31.67
N SER C 759 -14.29 1.51 32.15
CA SER C 759 -14.23 0.21 31.50
C SER C 759 -15.65 -0.22 31.16
N GLU C 760 -15.86 -0.60 29.91
CA GLU C 760 -17.13 -1.18 29.51
C GLU C 760 -16.83 -2.61 29.12
N ILE C 761 -17.17 -3.53 30.01
CA ILE C 761 -16.90 -4.95 29.80
C ILE C 761 -18.15 -5.59 29.23
N PHE C 762 -18.07 -6.06 27.99
CA PHE C 762 -19.23 -6.51 27.23
C PHE C 762 -19.20 -8.01 26.95
N ASP C 763 -20.32 -8.65 27.29
CA ASP C 763 -20.58 -10.06 27.04
C ASP C 763 -21.35 -10.15 25.74
N GLU C 764 -20.63 -10.46 24.67
CA GLU C 764 -21.20 -10.49 23.32
C GLU C 764 -22.29 -11.54 23.15
N ILE C 765 -22.27 -12.54 24.02
CA ILE C 765 -23.25 -13.63 23.96
C ILE C 765 -24.57 -13.28 24.64
N THR C 766 -24.50 -12.79 25.88
CA THR C 766 -25.71 -12.44 26.62
C THR C 766 -26.21 -11.06 26.26
N GLY C 767 -25.29 -10.18 25.87
CA GLY C 767 -25.65 -8.80 25.58
C GLY C 767 -25.58 -7.99 26.86
N ASN C 768 -25.09 -8.63 27.92
CA ASN C 768 -24.92 -7.95 29.20
C ASN C 768 -23.57 -7.25 29.27
N ARG C 769 -23.50 -6.19 30.07
CA ARG C 769 -22.26 -5.46 30.26
C ARG C 769 -22.03 -5.08 31.73
N LEU C 770 -20.80 -4.70 32.03
CA LEU C 770 -20.43 -4.18 33.33
C LEU C 770 -19.66 -2.91 33.10
N THR C 771 -20.16 -1.81 33.67
CA THR C 771 -19.49 -0.53 33.58
C THR C 771 -18.72 -0.30 34.87
N GLN C 772 -17.46 0.06 34.73
CA GLN C 772 -16.63 0.43 35.88
C GLN C 772 -16.09 1.83 35.67
N GLU C 773 -16.38 2.73 36.60
CA GLU C 773 -16.02 4.14 36.42
C GLU C 773 -15.13 4.60 37.55
N GLN C 774 -14.09 5.37 37.19
CA GLN C 774 -13.14 5.86 38.19
C GLN C 774 -13.09 7.37 38.24
N GLU C 775 -13.11 7.90 39.47
CA GLU C 775 -12.92 9.32 39.70
C GLU C 775 -11.68 9.50 40.56
N TYR C 776 -10.88 10.50 40.22
CA TYR C 776 -9.62 10.72 40.92
C TYR C 776 -9.60 12.08 41.59
N ALA C 777 -8.93 12.15 42.74
CA ALA C 777 -8.78 13.39 43.48
C ALA C 777 -7.46 13.38 44.21
N HIS C 778 -7.01 14.57 44.62
CA HIS C 778 -5.74 14.73 45.34
C HIS C 778 -4.58 14.17 44.54
N GLY C 779 -4.36 14.75 43.36
CA GLY C 779 -3.27 14.33 42.51
C GLY C 779 -1.96 14.81 43.07
N SER C 780 -0.98 13.91 43.15
CA SER C 780 0.30 14.26 43.74
C SER C 780 1.47 13.97 42.81
N TRP C 781 2.15 15.06 42.46
CA TRP C 781 3.42 15.01 41.76
C TRP C 781 4.45 15.69 42.66
N ASP C 782 5.61 15.08 42.82
CA ASP C 782 6.65 15.62 43.71
C ASP C 782 7.69 16.44 42.96
N GLY C 783 7.83 17.70 43.34
CA GLY C 783 8.78 18.60 42.70
C GLY C 783 10.24 18.36 43.08
N GLN C 784 10.47 18.08 44.35
CA GLN C 784 11.83 17.89 44.86
C GLN C 784 12.53 16.71 44.18
N GLU C 785 11.81 15.62 43.97
CA GLU C 785 12.41 14.44 43.37
C GLU C 785 11.94 14.20 41.94
N ARG C 786 11.16 15.13 41.41
CA ARG C 786 10.58 15.00 40.06
C ARG C 786 9.96 13.61 39.89
N GLU C 787 8.92 13.34 40.68
CA GLU C 787 8.40 11.98 40.84
C GLU C 787 6.89 12.00 40.99
N PHE C 788 6.21 11.07 40.34
CA PHE C 788 4.76 10.97 40.50
C PHE C 788 4.45 10.18 41.76
N ARG C 789 3.68 10.79 42.66
CA ARG C 789 3.32 10.12 43.91
C ARG C 789 1.99 9.40 43.79
N GLY C 790 1.08 9.93 42.98
CA GLY C 790 -0.16 9.22 42.75
C GLY C 790 -1.37 9.97 43.27
N PHE C 791 -2.53 9.32 43.24
CA PHE C 791 -3.74 9.98 43.69
C PHE C 791 -4.13 9.58 45.09
N GLY C 792 -4.57 10.57 45.87
CA GLY C 792 -4.90 10.37 47.27
C GLY C 792 -6.25 9.72 47.46
N ARG C 793 -7.18 10.02 46.54
CA ARG C 793 -8.51 9.42 46.56
C ARG C 793 -8.96 8.85 45.21
N LEU C 794 -9.45 7.62 45.25
CA LEU C 794 -9.95 6.92 44.08
C LEU C 794 -11.35 6.44 44.40
N ILE C 795 -12.33 6.89 43.61
CA ILE C 795 -13.70 6.42 43.77
C ILE C 795 -14.05 5.55 42.58
N GLN C 796 -14.66 4.39 42.83
CA GLN C 796 -15.02 3.49 41.73
C GLN C 796 -16.47 3.00 41.78
N ARG C 797 -17.20 3.19 40.69
CA ARG C 797 -18.57 2.72 40.61
C ARG C 797 -18.68 1.53 39.66
N ASP C 798 -19.43 0.52 40.08
CA ASP C 798 -19.64 -0.66 39.26
C ASP C 798 -21.14 -0.80 38.98
N THR C 799 -21.53 -0.80 37.70
CA THR C 799 -22.93 -0.86 37.31
C THR C 799 -23.21 -1.96 36.29
N ASP C 800 -24.20 -2.80 36.58
CA ASP C 800 -24.61 -3.83 35.64
C ASP C 800 -25.45 -3.21 34.55
N GLY C 801 -25.39 -3.81 33.36
CA GLY C 801 -26.21 -3.38 32.24
C GLY C 801 -26.78 -4.61 31.57
N PHE C 802 -28.00 -4.97 31.95
CA PHE C 802 -28.61 -6.19 31.46
C PHE C 802 -29.36 -5.99 30.14
N ALA C 803 -29.32 -7.01 29.29
CA ALA C 803 -30.04 -6.98 28.02
C ALA C 803 -31.55 -7.00 28.31
N GLN C 804 -31.90 -7.64 29.42
CA GLN C 804 -33.28 -7.72 29.91
C GLN C 804 -34.22 -8.35 28.89
N VAL C 807 -36.62 -5.22 31.75
CA VAL C 807 -36.06 -4.51 32.90
C VAL C 807 -36.33 -5.25 34.19
N ASP C 808 -36.64 -6.54 34.07
CA ASP C 808 -37.07 -7.38 35.20
C ASP C 808 -36.04 -7.53 36.32
N ILE C 809 -34.76 -7.29 36.01
CA ILE C 809 -33.70 -7.38 37.00
C ILE C 809 -33.11 -6.03 37.40
N PRO C 810 -33.40 -5.60 38.64
CA PRO C 810 -33.15 -4.30 39.26
C PRO C 810 -31.69 -4.15 39.71
N THR C 811 -30.88 -3.54 38.85
CA THR C 811 -29.48 -3.35 39.17
C THR C 811 -29.30 -2.09 39.99
N HIS C 812 -28.37 -2.14 40.93
CA HIS C 812 -27.97 -0.92 41.62
C HIS C 812 -26.46 -0.88 41.68
N PRO C 813 -25.87 0.29 41.34
CA PRO C 813 -24.42 0.42 41.30
C PRO C 813 -23.75 0.26 42.68
N SER C 814 -22.54 -0.29 42.72
CA SER C 814 -21.80 -0.31 43.96
C SER C 814 -20.77 0.81 43.86
N ARG C 815 -20.42 1.42 45.00
CA ARG C 815 -19.47 2.53 44.99
C ARG C 815 -18.40 2.31 46.04
N THR C 816 -17.14 2.34 45.64
CA THR C 816 -16.05 2.14 46.59
C THR C 816 -15.17 3.39 46.65
N VAL C 817 -15.11 4.02 47.82
CA VAL C 817 -14.26 5.19 48.02
C VAL C 817 -13.00 4.77 48.75
N SER C 818 -11.85 4.97 48.12
CA SER C 818 -10.58 4.55 48.71
C SER C 818 -9.59 5.71 48.83
N TRP C 819 -8.88 5.77 49.94
CA TRP C 819 -7.85 6.77 50.16
C TRP C 819 -6.49 6.10 50.30
N PHE C 820 -5.54 6.65 49.55
CA PHE C 820 -4.17 6.16 49.49
C PHE C 820 -3.25 7.30 49.91
N ALA C 821 -2.16 6.97 50.60
CA ALA C 821 -1.19 7.96 50.99
C ALA C 821 -0.42 8.41 49.76
N THR C 822 -0.13 9.70 49.67
CA THR C 822 0.67 10.24 48.58
C THR C 822 2.12 10.38 49.02
N GLY C 823 2.34 10.37 50.33
CA GLY C 823 3.67 10.57 50.88
C GLY C 823 3.97 12.05 51.09
N ILE C 824 3.02 12.90 50.71
CA ILE C 824 3.11 14.33 50.97
C ILE C 824 2.12 14.73 52.07
N PRO C 825 2.65 15.20 53.21
CA PRO C 825 1.85 15.56 54.40
C PRO C 825 0.80 16.63 54.11
N GLU C 826 1.11 17.63 53.31
CA GLU C 826 0.14 18.69 53.02
C GLU C 826 -1.10 18.16 52.31
N ILE C 827 -0.98 16.97 51.74
CA ILE C 827 -2.11 16.31 51.10
C ILE C 827 -2.67 15.23 52.01
N ASP C 828 -1.79 14.36 52.51
CA ASP C 828 -2.18 13.21 53.32
C ASP C 828 -2.92 13.61 54.59
N THR C 829 -2.52 14.70 55.22
CA THR C 829 -3.13 15.14 56.48
C THR C 829 -4.58 15.62 56.30
N THR C 830 -4.97 15.90 55.07
CA THR C 830 -6.30 16.41 54.77
C THR C 830 -7.31 15.32 54.38
N LEU C 831 -6.83 14.08 54.25
CA LEU C 831 -7.68 12.99 53.76
C LEU C 831 -8.72 12.50 54.75
N SER C 832 -8.34 12.41 56.03
CA SER C 832 -9.22 11.85 57.06
C SER C 832 -10.52 12.64 57.23
N ALA C 833 -10.50 13.91 56.80
CA ALA C 833 -11.66 14.78 56.88
C ALA C 833 -12.76 14.36 55.90
N GLU C 834 -12.38 13.60 54.87
CA GLU C 834 -13.32 13.17 53.85
C GLU C 834 -14.00 11.85 54.23
N PHE C 835 -13.46 11.17 55.25
CA PHE C 835 -13.98 9.88 55.70
C PHE C 835 -15.43 9.99 56.15
N TRP C 836 -16.17 8.89 56.03
CA TRP C 836 -17.55 8.86 56.51
C TRP C 836 -17.59 9.01 58.02
N ARG C 837 -18.42 9.93 58.50
CA ARG C 837 -18.49 10.19 59.94
C ARG C 837 -19.89 9.93 60.49
N GLY C 838 -20.68 9.16 59.77
CA GLY C 838 -22.05 8.90 60.18
C GLY C 838 -22.16 8.00 61.40
N ASP C 839 -21.02 7.51 61.86
CA ASP C 839 -20.96 6.75 63.11
C ASP C 839 -20.09 7.52 64.10
N ASP C 840 -20.73 8.29 64.97
CA ASP C 840 -20.01 9.14 65.93
C ASP C 840 -19.21 8.32 66.94
N GLN C 841 -19.50 7.04 67.02
CA GLN C 841 -18.86 6.14 67.98
C GLN C 841 -17.62 5.46 67.39
N ALA C 842 -17.39 5.66 66.09
CA ALA C 842 -16.24 5.06 65.42
C ALA C 842 -14.92 5.57 65.99
N PHE C 843 -13.92 4.70 66.08
CA PHE C 843 -12.61 5.09 66.59
C PHE C 843 -11.93 6.14 65.69
N SER C 844 -11.14 7.01 66.31
CA SER C 844 -10.44 8.07 65.57
C SER C 844 -9.48 7.46 64.56
N PRO C 845 -9.20 8.19 63.47
CA PRO C 845 -8.31 7.72 62.39
C PRO C 845 -6.94 7.26 62.87
N PHE C 846 -6.33 6.31 62.14
CA PHE C 846 -4.98 5.88 62.43
C PHE C 846 -4.00 6.98 62.01
N SER C 847 -2.83 6.99 62.66
CA SER C 847 -1.77 7.90 62.26
C SER C 847 -0.52 7.08 61.99
N PRO C 848 0.26 7.49 60.98
CA PRO C 848 1.50 6.79 60.63
C PRO C 848 2.52 6.76 61.77
N ARG C 849 3.26 5.66 61.88
CA ARG C 849 4.25 5.48 62.94
C ARG C 849 5.65 5.33 62.34
N PHE C 850 6.60 6.09 62.87
CA PHE C 850 7.96 6.01 62.37
C PHE C 850 8.88 5.43 63.43
N THR C 851 9.70 4.46 63.04
CA THR C 851 10.57 3.79 63.99
C THR C 851 12.01 3.74 63.51
N ARG C 852 12.93 3.59 64.44
CA ARG C 852 14.30 3.23 64.10
C ARG C 852 14.61 1.89 64.75
N TRP C 853 15.49 1.11 64.14
CA TRP C 853 15.82 -0.19 64.71
C TRP C 853 16.94 -0.03 65.72
N GLU C 854 16.63 -0.37 66.97
CA GLU C 854 17.65 -0.30 68.02
C GLU C 854 18.05 -1.70 68.47
N ASN C 855 19.36 -1.90 68.63
CA ASN C 855 19.84 -3.12 69.28
C ASN C 855 19.77 -2.93 70.79
N ASP C 856 19.59 -4.03 71.53
CA ASP C 856 19.25 -3.93 72.94
C ASP C 856 19.77 -5.09 73.77
N SER C 857 21.04 -5.46 73.57
CA SER C 857 21.65 -6.60 74.27
C SER C 857 20.77 -7.86 74.26
N GLU C 858 19.77 -7.87 73.37
CA GLU C 858 18.77 -8.94 73.30
C GLU C 858 18.42 -9.38 71.88
N ALA C 859 17.35 -8.80 71.34
CA ALA C 859 16.81 -9.21 70.06
C ALA C 859 16.70 -8.04 69.07
N GLY C 860 16.66 -6.82 69.61
CA GLY C 860 16.51 -5.65 68.77
C GLY C 860 15.03 -5.35 68.68
N SER C 861 14.68 -4.10 68.40
CA SER C 861 13.27 -3.70 68.34
C SER C 861 13.07 -2.42 67.56
N ASP C 862 11.84 -2.19 67.14
CA ASP C 862 11.47 -0.91 66.54
C ASP C 862 11.16 0.07 67.67
N VAL C 863 11.80 1.24 67.62
CA VAL C 863 11.60 2.27 68.61
C VAL C 863 11.04 3.50 67.93
N ALA C 864 9.83 3.89 68.33
CA ALA C 864 9.14 5.01 67.69
C ALA C 864 9.85 6.34 67.94
N PHE C 865 9.87 7.18 66.92
CA PHE C 865 10.49 8.50 67.01
C PHE C 865 9.83 9.50 66.04
N ILE C 866 10.05 10.79 66.27
CA ILE C 866 9.58 11.83 65.37
C ILE C 866 10.77 12.25 64.54
N PRO C 867 10.72 11.93 63.23
CA PRO C 867 11.85 12.25 62.34
C PRO C 867 12.00 13.74 62.10
N SER C 868 13.22 14.17 61.77
CA SER C 868 13.46 15.54 61.35
C SER C 868 12.74 15.80 60.04
N GLU C 869 12.57 17.07 59.68
CA GLU C 869 11.92 17.48 58.45
C GLU C 869 12.55 16.75 57.26
N HIS C 870 13.87 16.79 57.25
CA HIS C 870 14.65 16.20 56.18
CA HIS C 870 14.68 16.19 56.20
C HIS C 870 14.44 14.69 56.08
N ASP C 871 14.45 14.00 57.22
CA ASP C 871 14.21 12.56 57.23
C ASP C 871 12.73 12.30 56.92
N ALA C 872 11.86 13.16 57.46
CA ALA C 872 10.43 13.03 57.24
C ALA C 872 10.08 13.04 55.75
N PHE C 873 10.84 13.79 54.95
CA PHE C 873 10.56 13.74 53.51
C PHE C 873 10.63 12.30 52.96
N TRP C 874 11.71 11.59 53.26
CA TRP C 874 11.93 10.26 52.71
C TRP C 874 11.05 9.21 53.38
N LEU C 875 10.90 9.31 54.70
CA LEU C 875 10.07 8.37 55.44
C LEU C 875 8.60 8.49 55.06
N ASN C 876 8.15 9.73 54.82
CA ASN C 876 6.80 9.93 54.30
C ASN C 876 6.68 9.43 52.88
N ARG C 877 7.73 9.68 52.08
CA ARG C 877 7.75 9.19 50.70
C ARG C 877 7.58 7.67 50.68
N ALA C 878 8.10 6.99 51.69
CA ALA C 878 7.99 5.53 51.75
C ALA C 878 6.54 5.02 51.80
N MET C 879 5.61 5.88 52.20
CA MET C 879 4.22 5.45 52.31
C MET C 879 3.43 5.67 51.02
N LYS C 880 4.15 6.16 50.01
CA LYS C 880 3.67 6.33 48.65
C LYS C 880 2.76 5.19 48.18
N GLY C 881 1.52 5.51 47.85
CA GLY C 881 0.62 4.55 47.23
C GLY C 881 -0.04 3.55 48.17
N GLN C 882 0.29 3.60 49.46
CA GLN C 882 -0.28 2.67 50.42
C GLN C 882 -1.75 3.00 50.69
N LEU C 883 -2.59 1.97 50.70
CA LEU C 883 -4.03 2.12 50.96
C LEU C 883 -4.30 2.51 52.41
N LEU C 884 -4.96 3.63 52.61
CA LEU C 884 -5.23 4.13 53.96
C LEU C 884 -6.62 3.76 54.43
N ARG C 885 -7.61 3.85 53.52
CA ARG C 885 -8.98 3.56 53.93
C ARG C 885 -9.87 3.19 52.75
N SER C 886 -10.91 2.40 52.98
CA SER C 886 -11.85 2.02 51.95
C SER C 886 -13.26 1.90 52.50
N GLU C 887 -14.23 2.45 51.76
CA GLU C 887 -15.62 2.44 52.16
C GLU C 887 -16.47 1.89 51.01
N LEU C 888 -17.36 0.94 51.33
CA LEU C 888 -18.20 0.30 50.32
C LEU C 888 -19.68 0.66 50.47
N TYR C 889 -20.25 1.22 49.41
CA TYR C 889 -21.62 1.67 49.39
C TYR C 889 -22.43 0.97 48.32
N GLY C 890 -23.75 0.95 48.50
CA GLY C 890 -24.67 0.53 47.46
C GLY C 890 -25.53 1.72 47.11
N ASP C 891 -25.40 2.21 45.88
CA ASP C 891 -26.17 3.39 45.47
C ASP C 891 -27.52 2.99 44.88
N ASP C 892 -28.49 2.72 45.75
CA ASP C 892 -29.79 2.20 45.32
C ASP C 892 -30.97 3.12 45.65
N GLY C 893 -30.69 4.35 46.05
CA GLY C 893 -31.73 5.32 46.34
C GLY C 893 -32.55 5.06 47.59
N THR C 894 -32.25 3.96 48.30
CA THR C 894 -32.87 3.67 49.58
C THR C 894 -32.40 4.71 50.59
N PRO C 895 -33.15 4.89 51.69
CA PRO C 895 -32.72 5.84 52.73
C PRO C 895 -31.35 5.52 53.33
N GLU C 896 -30.96 4.25 53.35
CA GLU C 896 -29.70 3.86 53.98
C GLU C 896 -28.52 3.86 52.99
N ALA C 897 -28.76 4.37 51.80
CA ALA C 897 -27.74 4.32 50.75
C ALA C 897 -26.47 5.11 51.09
N GLU C 898 -26.59 6.12 51.95
CA GLU C 898 -25.41 6.90 52.31
C GLU C 898 -24.63 6.27 53.45
N ILE C 899 -25.11 5.13 53.92
CA ILE C 899 -24.40 4.40 54.96
C ILE C 899 -23.74 3.18 54.33
N PRO C 900 -22.42 3.04 54.53
CA PRO C 900 -21.62 1.98 53.90
C PRO C 900 -21.97 0.60 54.43
N TYR C 901 -21.74 -0.43 53.63
CA TYR C 901 -21.88 -1.80 54.06
C TYR C 901 -20.73 -2.11 55.01
N SER C 902 -19.55 -1.58 54.68
CA SER C 902 -18.34 -1.87 55.43
C SER C 902 -17.30 -0.77 55.29
N VAL C 903 -16.42 -0.68 56.28
CA VAL C 903 -15.34 0.30 56.29
C VAL C 903 -14.05 -0.39 56.72
N THR C 904 -12.95 -0.10 56.04
CA THR C 904 -11.67 -0.68 56.42
C THR C 904 -10.59 0.40 56.43
N GLU C 905 -9.76 0.42 57.46
CA GLU C 905 -8.70 1.43 57.55
C GLU C 905 -7.37 0.83 57.99
N MET C 906 -6.27 1.42 57.59
CA MET C 906 -4.96 0.87 57.92
C MET C 906 -4.01 1.87 58.55
N ARG C 907 -3.13 1.36 59.40
CA ARG C 907 -2.06 2.13 59.98
C ARG C 907 -0.75 1.54 59.50
N HIS C 908 0.08 2.41 58.95
CA HIS C 908 1.35 2.03 58.37
C HIS C 908 2.50 2.47 59.26
N GLN C 909 3.55 1.66 59.27
CA GLN C 909 4.78 1.98 59.98
C GLN C 909 5.94 2.02 59.01
N VAL C 910 6.79 3.04 59.14
CA VAL C 910 8.02 3.12 58.35
C VAL C 910 9.24 3.02 59.26
N ARG C 911 10.07 2.00 59.01
CA ARG C 911 11.33 1.85 59.73
C ARG C 911 12.42 2.56 58.93
N ALA C 912 13.03 3.56 59.55
CA ALA C 912 14.12 4.28 58.90
C ALA C 912 15.38 3.44 58.96
N LEU C 913 16.07 3.31 57.83
CA LEU C 913 17.26 2.49 57.80
C LEU C 913 18.44 3.30 57.26
N PRO C 914 19.42 3.58 58.13
CA PRO C 914 20.60 4.36 57.74
C PRO C 914 21.52 3.62 56.77
N THR C 915 22.00 4.34 55.77
CA THR C 915 23.02 3.82 54.87
C THR C 915 24.25 4.71 54.97
N THR C 916 25.14 4.64 53.99
CA THR C 916 26.31 5.52 53.94
C THR C 916 25.90 6.93 53.53
N ASP C 917 24.67 7.08 53.04
CA ASP C 917 24.12 8.38 52.69
C ASP C 917 23.78 9.16 53.97
N ALA C 918 24.44 10.30 54.16
CA ALA C 918 24.25 11.05 55.40
C ALA C 918 22.89 11.74 55.46
N THR C 919 22.34 12.06 54.29
CA THR C 919 21.12 12.86 54.21
C THR C 919 19.84 12.07 53.89
N VAL C 920 20.00 10.85 53.36
CA VAL C 920 18.84 10.05 52.95
C VAL C 920 18.78 8.71 53.65
N PRO C 921 17.81 8.51 54.55
CA PRO C 921 17.60 7.21 55.17
C PRO C 921 16.94 6.25 54.18
N SER C 922 17.26 4.97 54.29
CA SER C 922 16.54 3.93 53.55
C SER C 922 15.32 3.63 54.42
N ALA C 923 14.34 2.92 53.89
CA ALA C 923 13.11 2.70 54.65
C ALA C 923 12.42 1.40 54.32
N TRP C 924 11.68 0.87 55.29
CA TRP C 924 10.80 -0.27 55.06
C TRP C 924 9.43 0.05 55.63
N CYS C 925 8.43 0.01 54.75
CA CYS C 925 7.05 0.32 55.12
C CYS C 925 6.27 -0.96 55.34
N SER C 926 5.37 -0.95 56.31
CA SER C 926 4.50 -2.10 56.57
C SER C 926 3.15 -1.65 57.14
N THR C 927 2.12 -2.44 56.90
CA THR C 927 0.81 -2.17 57.49
C THR C 927 0.79 -2.84 58.84
N ILE C 928 0.88 -2.04 59.91
CA ILE C 928 0.92 -2.59 61.25
C ILE C 928 -0.45 -2.78 61.82
N GLU C 929 -1.40 -1.96 61.38
CA GLU C 929 -2.76 -2.10 61.90
C GLU C 929 -3.79 -2.11 60.78
N THR C 930 -4.81 -2.95 60.94
CA THR C 930 -5.94 -3.00 60.02
C THR C 930 -7.20 -3.09 60.87
N ARG C 931 -8.17 -2.22 60.61
CA ARG C 931 -9.44 -2.23 61.32
C ARG C 931 -10.60 -2.29 60.36
N SER C 932 -11.53 -3.21 60.62
CA SER C 932 -12.67 -3.42 59.76
C SER C 932 -13.95 -3.31 60.54
N TYR C 933 -14.88 -2.53 60.00
CA TYR C 933 -16.22 -2.39 60.53
C TYR C 933 -17.18 -3.00 59.52
N GLN C 934 -18.08 -3.85 60.02
CA GLN C 934 -19.21 -4.31 59.23
C GLN C 934 -20.45 -3.57 59.70
N TYR C 935 -20.90 -2.62 58.89
CA TYR C 935 -22.09 -1.83 59.24
C TYR C 935 -23.37 -2.45 58.68
N GLN C 936 -23.27 -3.00 57.47
CA GLN C 936 -24.43 -3.47 56.73
C GLN C 936 -25.48 -2.37 56.69
N ARG C 937 -25.01 -1.14 56.53
CA ARG C 937 -25.86 0.04 56.35
C ARG C 937 -26.70 0.42 57.59
N VAL C 938 -26.28 -0.06 58.76
CA VAL C 938 -26.86 0.38 60.02
C VAL C 938 -25.73 0.96 60.86
N ALA C 939 -25.71 2.30 60.96
CA ALA C 939 -24.56 3.01 61.52
C ALA C 939 -24.29 2.73 62.99
N ALA C 940 -25.33 2.39 63.74
CA ALA C 940 -25.25 2.30 65.20
C ALA C 940 -24.81 0.96 65.78
N ASP C 941 -24.99 -0.13 65.02
CA ASP C 941 -24.73 -1.46 65.55
C ASP C 941 -23.77 -2.27 64.68
N PRO C 942 -22.54 -1.76 64.51
CA PRO C 942 -21.62 -2.43 63.58
C PRO C 942 -20.87 -3.57 64.25
N GLN C 943 -20.21 -4.39 63.44
CA GLN C 943 -19.24 -5.35 63.95
C GLN C 943 -17.88 -4.70 63.78
N CYS C 944 -16.90 -5.09 64.59
CA CYS C 944 -15.57 -4.50 64.46
C CYS C 944 -14.46 -5.49 64.81
N SER C 945 -13.47 -5.61 63.92
CA SER C 945 -12.28 -6.40 64.19
C SER C 945 -11.01 -5.60 63.86
N GLN C 946 -9.89 -5.96 64.49
CA GLN C 946 -8.65 -5.24 64.26
C GLN C 946 -7.44 -6.17 64.37
N GLN C 947 -6.62 -6.21 63.33
CA GLN C 947 -5.42 -7.04 63.35
C GLN C 947 -4.21 -6.12 63.47
N VAL C 948 -3.30 -6.46 64.39
CA VAL C 948 -2.16 -5.61 64.64
C VAL C 948 -0.86 -6.41 64.61
N VAL C 949 0.09 -5.99 63.77
CA VAL C 949 1.43 -6.56 63.80
C VAL C 949 2.23 -5.73 64.80
N ILE C 950 2.54 -6.34 65.94
CA ILE C 950 3.12 -5.64 67.08
C ILE C 950 4.64 -5.57 67.03
N LYS C 951 5.26 -6.69 66.69
CA LYS C 951 6.71 -6.77 66.55
C LYS C 951 7.06 -7.43 65.23
N ALA C 952 8.02 -6.86 64.51
CA ALA C 952 8.57 -7.51 63.31
C ALA C 952 10.10 -7.54 63.44
N ASP C 953 10.73 -8.58 62.91
CA ASP C 953 12.18 -8.69 63.05
C ASP C 953 12.90 -7.83 62.01
N ARG C 954 14.21 -7.97 61.95
CA ARG C 954 15.03 -7.12 61.08
C ARG C 954 14.76 -7.30 59.59
N TYR C 955 14.14 -8.41 59.22
CA TYR C 955 13.87 -8.68 57.82
C TYR C 955 12.38 -8.52 57.52
N GLY C 956 11.67 -7.89 58.45
CA GLY C 956 10.27 -7.57 58.25
C GLY C 956 9.28 -8.67 58.56
N SER C 957 9.79 -9.80 59.06
CA SER C 957 8.94 -10.93 59.41
C SER C 957 8.26 -10.70 60.76
N PRO C 958 6.94 -10.97 60.82
CA PRO C 958 6.15 -10.76 62.03
C PRO C 958 6.56 -11.71 63.15
N LEU C 959 6.88 -11.16 64.32
CA LEU C 959 7.24 -11.97 65.48
C LEU C 959 6.05 -12.09 66.42
N LEU C 960 5.33 -10.98 66.56
CA LEU C 960 4.22 -10.87 67.50
C LEU C 960 3.05 -10.14 66.85
N SER C 961 1.90 -10.80 66.78
CA SER C 961 0.71 -10.19 66.19
C SER C 961 -0.52 -10.53 67.02
N VAL C 962 -1.58 -9.76 66.84
CA VAL C 962 -2.80 -9.99 67.61
C VAL C 962 -4.03 -9.75 66.74
N ALA C 963 -5.01 -10.63 66.87
CA ALA C 963 -6.31 -10.44 66.23
C ALA C 963 -7.29 -10.00 67.30
N ILE C 964 -8.10 -8.98 67.02
CA ILE C 964 -9.02 -8.43 68.01
C ILE C 964 -10.45 -8.47 67.50
N ASN C 965 -11.34 -9.02 68.33
CA ASN C 965 -12.77 -8.99 68.06
C ASN C 965 -13.48 -8.19 69.15
N TYR C 966 -13.99 -7.03 68.74
CA TYR C 966 -14.63 -6.11 69.67
C TYR C 966 -16.01 -6.62 70.06
N PRO C 967 -16.44 -6.29 71.28
CA PRO C 967 -17.79 -6.66 71.70
C PRO C 967 -18.82 -5.84 70.94
N ARG C 968 -20.07 -6.28 70.98
CA ARG C 968 -21.15 -5.54 70.37
C ARG C 968 -21.41 -4.30 71.21
N ARG C 969 -21.87 -3.23 70.57
CA ARG C 969 -22.18 -2.00 71.29
C ARG C 969 -23.37 -2.13 72.22
N LYS C 970 -23.50 -1.17 73.14
CA LYS C 970 -24.58 -1.19 74.11
C LYS C 970 -25.91 -1.13 73.37
N LYS C 971 -26.84 -1.96 73.79
CA LYS C 971 -28.16 -2.02 73.17
C LYS C 971 -28.86 -0.67 73.29
N PRO C 972 -29.39 -0.16 72.16
CA PRO C 972 -30.12 1.11 72.14
C PRO C 972 -31.54 0.93 72.68
N GLU C 973 -32.29 2.02 72.80
CA GLU C 973 -33.65 1.95 73.31
C GLU C 973 -34.61 1.34 72.29
N LYS C 974 -34.34 1.60 71.01
CA LYS C 974 -35.20 1.14 69.93
C LYS C 974 -34.41 0.44 68.82
N SER C 975 -35.09 -0.42 68.07
CA SER C 975 -34.47 -1.15 66.98
C SER C 975 -34.18 -0.23 65.78
N PRO C 976 -32.92 -0.25 65.31
CA PRO C 976 -32.51 0.49 64.11
C PRO C 976 -32.80 -0.35 62.87
N TYR C 977 -33.37 -1.53 63.10
CA TYR C 977 -33.68 -2.47 62.05
C TYR C 977 -35.15 -2.33 61.67
N PRO C 978 -35.53 -2.76 60.45
CA PRO C 978 -36.90 -2.51 59.97
C PRO C 978 -37.99 -3.02 60.90
N ASP C 979 -39.15 -2.37 60.89
CA ASP C 979 -40.29 -2.80 61.69
C ASP C 979 -41.02 -3.90 60.92
N ASP C 980 -40.33 -4.34 59.86
CA ASP C 980 -40.78 -5.40 58.97
C ASP C 980 -40.54 -6.77 59.61
N LEU C 981 -39.63 -6.79 60.58
CA LEU C 981 -39.24 -8.02 61.27
C LEU C 981 -40.19 -8.36 62.43
N PRO C 982 -40.04 -9.56 63.02
CA PRO C 982 -40.83 -9.83 64.23
C PRO C 982 -40.46 -8.83 65.32
N GLU C 983 -41.43 -8.42 66.12
CA GLU C 983 -41.20 -7.37 67.11
C GLU C 983 -40.27 -7.80 68.23
N THR C 984 -40.00 -9.11 68.31
CA THR C 984 -39.16 -9.65 69.36
C THR C 984 -37.70 -9.85 68.92
N LEU C 985 -37.46 -9.76 67.61
CA LEU C 985 -36.14 -10.09 67.05
C LEU C 985 -35.04 -9.18 67.58
N PHE C 986 -35.36 -7.91 67.74
CA PHE C 986 -34.39 -6.93 68.26
C PHE C 986 -33.77 -7.39 69.59
N ASP C 987 -34.60 -7.68 70.59
CA ASP C 987 -34.12 -8.14 71.89
C ASP C 987 -33.45 -9.51 71.79
N SER C 988 -34.04 -10.41 71.01
CA SER C 988 -33.56 -11.79 70.93
C SER C 988 -32.28 -11.91 70.10
N SER C 989 -31.86 -10.81 69.48
CA SER C 989 -30.62 -10.80 68.70
C SER C 989 -29.40 -10.60 69.59
N TYR C 990 -29.64 -10.22 70.84
CA TYR C 990 -28.54 -10.00 71.78
C TYR C 990 -28.19 -11.25 72.56
N ASP C 991 -26.90 -11.56 72.60
CA ASP C 991 -26.39 -12.75 73.29
C ASP C 991 -25.12 -12.38 74.02
N THR C 992 -24.94 -12.91 75.21
CA THR C 992 -23.85 -12.54 76.10
C THR C 992 -22.48 -12.78 75.43
N GLN C 993 -22.44 -13.75 74.52
CA GLN C 993 -21.24 -14.06 73.77
C GLN C 993 -20.84 -12.92 72.83
N GLN C 994 -21.77 -12.01 72.53
CA GLN C 994 -21.48 -10.84 71.69
C GLN C 994 -20.81 -9.71 72.46
N GLN C 995 -20.69 -9.86 73.78
CA GLN C 995 -20.20 -8.77 74.63
C GLN C 995 -18.79 -9.07 75.14
N GLN C 996 -18.26 -10.23 74.81
CA GLN C 996 -16.95 -10.62 75.27
C GLN C 996 -15.86 -10.12 74.32
N LEU C 997 -14.96 -9.30 74.85
CA LEU C 997 -13.81 -8.83 74.09
C LEU C 997 -12.85 -9.98 73.84
N HIS C 998 -12.54 -10.24 72.57
CA HIS C 998 -11.63 -11.35 72.25
C HIS C 998 -10.30 -10.84 71.69
N LEU C 999 -9.20 -11.38 72.19
CA LEU C 999 -7.89 -11.09 71.64
C LEU C 999 -7.12 -12.39 71.47
N THR C 1000 -6.68 -12.66 70.24
CA THR C 1000 -5.94 -13.86 69.93
C THR C 1000 -4.50 -13.50 69.58
N LYS C 1001 -3.58 -13.88 70.46
CA LYS C 1001 -2.16 -13.57 70.30
C LYS C 1001 -1.43 -14.67 69.51
N GLN C 1002 -0.55 -14.22 68.62
CA GLN C 1002 0.25 -15.12 67.77
C GLN C 1002 1.74 -14.76 67.80
N GLN C 1003 2.54 -15.68 68.34
CA GLN C 1003 3.99 -15.55 68.34
C GLN C 1003 4.55 -16.45 67.26
N GLN C 1004 5.62 -16.01 66.60
CA GLN C 1004 6.32 -16.84 65.63
C GLN C 1004 7.77 -16.40 65.42
N ASN C 1005 8.64 -17.38 65.17
CA ASN C 1005 10.03 -17.13 64.85
C ASN C 1005 10.41 -17.78 63.52
N TYR C 1006 11.64 -17.57 63.08
CA TYR C 1006 12.02 -18.02 61.74
C TYR C 1006 13.47 -18.50 61.68
N PHE C 1007 13.79 -19.21 60.60
CA PHE C 1007 15.17 -19.52 60.28
C PHE C 1007 15.63 -18.58 59.17
N HIS C 1008 16.74 -17.88 59.41
CA HIS C 1008 17.30 -16.98 58.42
C HIS C 1008 18.72 -17.43 58.11
N LEU C 1009 18.94 -17.87 56.87
CA LEU C 1009 20.27 -18.30 56.47
C LEU C 1009 20.99 -17.14 55.76
N THR C 1010 21.90 -16.51 56.51
CA THR C 1010 22.61 -15.33 56.03
C THR C 1010 24.11 -15.56 56.09
N ASN C 1011 24.51 -16.73 56.57
CA ASN C 1011 25.92 -17.07 56.69
C ASN C 1011 26.57 -17.17 55.32
N ASP C 1012 27.86 -16.83 55.25
CA ASP C 1012 28.60 -16.82 53.99
C ASP C 1012 27.88 -16.03 52.89
N ASP C 1013 27.87 -16.55 51.67
CA ASP C 1013 27.19 -15.85 50.58
C ASP C 1013 25.88 -16.51 50.15
N ASN C 1014 25.10 -16.94 51.14
CA ASN C 1014 23.73 -17.38 50.86
C ASN C 1014 22.71 -16.53 51.60
N TRP C 1015 21.50 -16.46 51.06
CA TRP C 1015 20.52 -15.49 51.49
C TRP C 1015 19.13 -16.10 51.38
N LEU C 1016 18.68 -16.70 52.47
CA LEU C 1016 17.37 -17.32 52.53
C LEU C 1016 16.70 -16.92 53.85
N LEU C 1017 15.65 -16.11 53.73
CA LEU C 1017 14.99 -15.51 54.89
C LEU C 1017 13.58 -16.07 55.09
N GLY C 1018 13.09 -16.01 56.32
CA GLY C 1018 11.70 -16.31 56.61
C GLY C 1018 11.29 -17.77 56.61
N LEU C 1019 12.24 -18.67 56.80
CA LEU C 1019 11.90 -20.09 56.87
C LEU C 1019 11.08 -20.37 58.13
N PRO C 1020 9.93 -21.02 57.96
CA PRO C 1020 9.03 -21.40 59.06
C PRO C 1020 9.75 -22.18 60.14
N LYS C 1021 9.58 -21.76 61.39
CA LYS C 1021 10.21 -22.41 62.52
C LYS C 1021 9.16 -22.78 63.56
N GLU C 1022 8.85 -21.85 64.46
CA GLU C 1022 7.89 -22.12 65.51
C GLU C 1022 6.78 -21.06 65.51
N GLN C 1023 5.62 -21.46 66.01
CA GLN C 1023 4.47 -20.59 66.12
C GLN C 1023 3.64 -21.04 67.31
N ARG C 1024 3.01 -20.09 67.98
CA ARG C 1024 2.14 -20.40 69.10
C ARG C 1024 1.00 -19.40 69.19
N ASN C 1025 -0.20 -19.89 69.48
CA ASN C 1025 -1.35 -19.03 69.66
C ASN C 1025 -1.99 -19.19 71.03
N ASP C 1026 -2.32 -18.05 71.63
CA ASP C 1026 -2.90 -18.01 72.96
C ASP C 1026 -4.13 -17.10 72.97
N GLY C 1027 -5.15 -17.46 73.75
CA GLY C 1027 -6.39 -16.71 73.80
C GLY C 1027 -6.61 -15.87 75.04
N TYR C 1028 -7.20 -14.69 74.83
CA TYR C 1028 -7.51 -13.77 75.91
C TYR C 1028 -8.95 -13.31 75.75
N GLN C 1029 -9.71 -13.36 76.83
CA GLN C 1029 -11.11 -12.96 76.80
C GLN C 1029 -11.45 -12.03 77.97
N TYR C 1030 -12.11 -10.91 77.66
CA TYR C 1030 -12.39 -9.93 78.69
C TYR C 1030 -13.85 -9.48 78.64
N ASP C 1031 -14.29 -8.82 79.71
CA ASP C 1031 -15.63 -8.24 79.78
CA ASP C 1031 -15.64 -8.28 79.72
C ASP C 1031 -15.64 -6.93 79.01
N GLN C 1032 -16.81 -6.50 78.53
CA GLN C 1032 -16.93 -5.27 77.73
C GLN C 1032 -16.24 -4.06 78.37
N GLU C 1033 -16.26 -4.00 79.70
CA GLU C 1033 -15.71 -2.87 80.45
C GLU C 1033 -14.20 -2.69 80.26
N ARG C 1034 -13.52 -3.77 79.92
CA ARG C 1034 -12.07 -3.75 79.80
C ARG C 1034 -11.63 -3.26 78.42
N ALA C 1035 -12.61 -3.02 77.55
CA ALA C 1035 -12.34 -2.52 76.22
C ALA C 1035 -12.05 -1.01 76.29
N PRO C 1036 -10.87 -0.60 75.82
CA PRO C 1036 -10.48 0.82 75.83
C PRO C 1036 -11.47 1.70 75.07
N ALA C 1037 -11.68 2.93 75.53
CA ALA C 1037 -12.72 3.79 74.96
C ALA C 1037 -12.47 4.17 73.49
N ASN C 1038 -11.21 4.39 73.14
CA ASN C 1038 -10.88 4.73 71.75
C ASN C 1038 -10.39 3.50 71.01
N GLY C 1039 -10.40 2.35 71.66
CA GLY C 1039 -9.99 1.12 71.02
C GLY C 1039 -8.50 0.88 71.15
N PHE C 1040 -8.01 -0.20 70.53
CA PHE C 1040 -6.61 -0.55 70.67
C PHE C 1040 -5.74 0.08 69.59
N THR C 1041 -4.49 0.35 69.96
CA THR C 1041 -3.45 0.68 69.02
C THR C 1041 -2.27 -0.22 69.37
N LEU C 1042 -1.20 -0.16 68.59
CA LEU C 1042 0.00 -0.93 68.87
C LEU C 1042 0.55 -0.54 70.24
N GLU C 1043 0.49 0.76 70.53
CA GLU C 1043 0.99 1.31 71.78
C GLU C 1043 0.20 0.74 72.97
N THR C 1044 -1.12 0.72 72.84
CA THR C 1044 -2.00 0.12 73.84
C THR C 1044 -1.62 -1.35 74.11
N LEU C 1045 -1.13 -2.02 73.07
CA LEU C 1045 -0.82 -3.45 73.16
C LEU C 1045 0.58 -3.78 73.66
N ILE C 1046 1.56 -2.89 73.47
CA ILE C 1046 2.90 -3.12 74.04
C ILE C 1046 3.11 -2.45 75.37
N ALA C 1047 2.11 -1.70 75.83
CA ALA C 1047 2.17 -1.04 77.13
C ALA C 1047 2.34 -2.07 78.22
N SER C 1048 2.93 -1.66 79.35
CA SER C 1048 3.20 -2.58 80.45
C SER C 1048 1.93 -3.21 81.02
N ASN C 1049 0.82 -2.47 80.93
CA ASN C 1049 -0.47 -2.94 81.43
C ASN C 1049 -1.31 -3.59 80.33
N SER C 1050 -0.65 -4.14 79.31
CA SER C 1050 -1.37 -4.68 78.17
C SER C 1050 -2.34 -5.82 78.53
N LEU C 1051 -3.42 -5.94 77.76
CA LEU C 1051 -4.38 -7.03 77.95
C LEU C 1051 -3.80 -8.35 77.46
N ILE C 1052 -2.68 -8.28 76.76
CA ILE C 1052 -1.98 -9.48 76.32
C ILE C 1052 -0.59 -9.54 76.94
N GLY C 1053 -0.38 -8.75 78.00
CA GLY C 1053 0.90 -8.74 78.68
C GLY C 1053 1.18 -10.07 79.34
N SER C 1054 2.44 -10.28 79.72
CA SER C 1054 2.87 -11.54 80.32
C SER C 1054 2.15 -11.81 81.64
N ASN C 1055 1.62 -10.74 82.22
CA ASN C 1055 0.92 -10.82 83.48
C ASN C 1055 -0.43 -11.51 83.35
N GLN C 1056 -1.07 -11.32 82.21
CA GLN C 1056 -2.48 -11.69 82.05
C GLN C 1056 -2.72 -13.19 81.86
N PRO C 1057 -3.81 -13.71 82.46
CA PRO C 1057 -4.23 -15.11 82.30
C PRO C 1057 -4.66 -15.35 80.86
N PHE C 1058 -4.51 -16.58 80.38
CA PHE C 1058 -4.76 -16.89 78.98
C PHE C 1058 -5.19 -18.34 78.73
N THR C 1059 -5.75 -18.57 77.55
CA THR C 1059 -6.05 -19.93 77.13
C THR C 1059 -5.11 -20.33 76.00
N TYR C 1060 -4.28 -21.32 76.28
CA TYR C 1060 -3.38 -21.88 75.26
C TYR C 1060 -4.23 -22.42 74.11
N LEU C 1061 -3.97 -21.90 72.92
CA LEU C 1061 -4.77 -22.28 71.74
C LEU C 1061 -3.97 -23.29 70.92
N GLY C 1062 -2.66 -23.31 71.13
CA GLY C 1062 -1.86 -24.32 70.47
C GLY C 1062 -0.54 -23.82 69.92
N GLN C 1063 0.11 -24.68 69.14
CA GLN C 1063 1.43 -24.37 68.59
C GLN C 1063 1.73 -25.19 67.34
N SER C 1064 2.79 -24.80 66.64
CA SER C 1064 3.21 -25.43 65.40
C SER C 1064 4.72 -25.29 65.27
N ARG C 1065 5.39 -26.33 64.81
CA ARG C 1065 6.84 -26.32 64.68
C ARG C 1065 7.20 -26.99 63.36
N VAL C 1066 8.23 -26.49 62.69
CA VAL C 1066 8.71 -27.13 61.48
C VAL C 1066 10.11 -27.68 61.76
N ALA C 1067 10.28 -28.97 61.48
CA ALA C 1067 11.58 -29.60 61.64
C ALA C 1067 12.14 -30.00 60.27
N TYR C 1068 13.41 -29.68 60.08
CA TYR C 1068 14.09 -29.88 58.80
C TYR C 1068 15.10 -31.01 58.87
N GLN C 1069 15.67 -31.34 57.72
CA GLN C 1069 16.67 -32.41 57.63
C GLN C 1069 17.86 -32.07 56.75
N GLY C 1070 19.06 -32.37 57.25
CA GLY C 1070 20.29 -32.37 56.49
C GLY C 1070 21.00 -31.12 55.99
N GLY C 1071 21.17 -30.08 56.80
CA GLY C 1071 20.65 -29.98 58.14
C GLY C 1071 21.61 -30.17 59.30
N VAL C 1072 21.75 -29.13 60.12
CA VAL C 1072 22.37 -29.28 61.44
C VAL C 1072 21.23 -29.57 62.41
N ASP C 1073 21.28 -30.72 63.08
CA ASP C 1073 20.16 -31.18 63.90
C ASP C 1073 18.89 -31.16 63.07
N GLU C 1074 17.90 -30.37 63.51
CA GLU C 1074 16.66 -30.20 62.76
C GLU C 1074 16.57 -28.78 62.19
N GLN C 1075 17.72 -28.13 62.05
CA GLN C 1075 17.78 -26.81 61.44
C GLN C 1075 17.93 -26.98 59.94
N PRO C 1076 17.44 -25.99 59.18
CA PRO C 1076 17.42 -26.08 57.72
C PRO C 1076 18.77 -25.79 57.06
N SER C 1077 19.03 -26.49 55.96
CA SER C 1077 20.13 -26.14 55.07
C SER C 1077 19.52 -25.25 53.99
N LEU C 1078 20.31 -24.87 53.00
CA LEU C 1078 19.82 -23.97 51.96
C LEU C 1078 18.71 -24.65 51.16
N GLN C 1079 18.71 -25.97 51.15
CA GLN C 1079 17.70 -26.74 50.43
C GLN C 1079 16.38 -26.78 51.20
N ALA C 1080 16.45 -26.40 52.47
CA ALA C 1080 15.26 -26.27 53.32
C ALA C 1080 14.40 -27.53 53.31
N LEU C 1081 15.04 -28.68 53.47
CA LEU C 1081 14.34 -29.96 53.46
C LEU C 1081 13.65 -30.20 54.80
N VAL C 1082 12.31 -30.22 54.80
CA VAL C 1082 11.56 -30.42 56.03
C VAL C 1082 11.51 -31.91 56.41
N ALA C 1083 11.81 -32.19 57.67
CA ALA C 1083 11.74 -33.56 58.18
C ALA C 1083 10.30 -33.88 58.51
N TYR C 1084 9.66 -32.99 59.26
CA TYR C 1084 8.25 -33.14 59.59
C TYR C 1084 7.67 -31.83 60.12
N GLY C 1085 6.34 -31.77 60.18
CA GLY C 1085 5.66 -30.68 60.84
C GLY C 1085 5.09 -31.23 62.13
N GLU C 1086 5.09 -30.42 63.19
CA GLU C 1086 4.69 -30.88 64.52
C GLU C 1086 3.67 -29.92 65.12
N THR C 1087 2.43 -30.36 65.29
CA THR C 1087 1.39 -29.47 65.81
C THR C 1087 0.78 -29.97 67.12
N ALA C 1088 0.46 -29.05 68.02
CA ALA C 1088 -0.12 -29.41 69.32
C ALA C 1088 -1.59 -29.84 69.19
N ILE C 1089 -1.97 -30.88 69.92
CA ILE C 1089 -3.30 -31.47 69.85
C ILE C 1089 -3.99 -31.35 71.21
N LEU C 1090 -3.27 -31.70 72.27
CA LEU C 1090 -3.80 -31.68 73.63
C LEU C 1090 -2.84 -31.02 74.62
N ASP C 1091 -3.42 -30.32 75.59
CA ASP C 1091 -2.69 -29.79 76.75
C ASP C 1091 -3.46 -30.22 78.00
N GLU C 1092 -3.05 -29.72 79.15
CA GLU C 1092 -3.65 -30.16 80.42
C GLU C 1092 -5.14 -29.83 80.51
N LYS C 1093 -5.56 -28.79 79.79
CA LYS C 1093 -6.97 -28.38 79.81
C LYS C 1093 -7.85 -29.27 78.92
N THR C 1094 -7.39 -29.55 77.71
CA THR C 1094 -8.17 -30.40 76.81
C THR C 1094 -8.12 -31.88 77.23
N LEU C 1095 -7.09 -32.27 77.96
CA LEU C 1095 -6.98 -33.65 78.46
C LEU C 1095 -8.12 -33.96 79.43
N GLN C 1096 -8.73 -32.90 79.96
CA GLN C 1096 -9.89 -33.04 80.84
C GLN C 1096 -11.06 -33.72 80.14
N ALA C 1097 -10.95 -33.89 78.81
CA ALA C 1097 -11.99 -34.62 78.08
C ALA C 1097 -12.00 -36.10 78.45
N PHE C 1098 -10.93 -36.58 79.09
CA PHE C 1098 -10.82 -38.00 79.43
C PHE C 1098 -11.20 -38.35 80.87
N VAL C 1099 -11.48 -37.34 81.69
CA VAL C 1099 -11.57 -37.52 83.15
C VAL C 1099 -12.46 -38.63 83.67
N GLY C 1100 -13.76 -38.54 83.41
CA GLY C 1100 -14.71 -39.50 83.96
C GLY C 1100 -14.78 -40.82 83.21
N VAL C 1101 -13.85 -41.02 82.28
CA VAL C 1101 -13.92 -42.16 81.36
C VAL C 1101 -12.69 -43.07 81.41
N LEU C 1102 -11.50 -42.48 81.39
CA LEU C 1102 -10.27 -43.27 81.43
C LEU C 1102 -9.31 -42.69 82.47
N ASP C 1103 -8.52 -43.55 83.10
CA ASP C 1103 -7.51 -43.08 84.04
C ASP C 1103 -6.23 -42.70 83.31
N SER C 1104 -5.30 -42.09 84.04
CA SER C 1104 -4.11 -41.48 83.43
C SER C 1104 -3.26 -42.45 82.62
N LYS C 1105 -2.97 -43.61 83.20
CA LYS C 1105 -2.14 -44.61 82.53
C LYS C 1105 -2.79 -45.02 81.21
N THR C 1106 -4.08 -45.34 81.28
CA THR C 1106 -4.84 -45.79 80.11
C THR C 1106 -4.92 -44.70 79.05
N ARG C 1107 -5.16 -43.47 79.50
CA ARG C 1107 -5.25 -42.32 78.61
C ARG C 1107 -3.95 -42.15 77.84
N ASP C 1108 -2.86 -42.15 78.59
CA ASP C 1108 -1.53 -41.95 78.01
C ASP C 1108 -1.12 -43.05 77.05
N GLU C 1109 -1.34 -44.31 77.41
CA GLU C 1109 -0.97 -45.38 76.49
C GLU C 1109 -1.91 -45.42 75.28
N LEU C 1110 -3.12 -44.91 75.46
CA LEU C 1110 -4.05 -44.75 74.35
C LEU C 1110 -3.51 -43.73 73.34
N LEU C 1111 -3.17 -42.54 73.85
CA LEU C 1111 -2.60 -41.48 73.01
C LEU C 1111 -1.34 -41.94 72.31
N PHE C 1112 -0.45 -42.59 73.05
CA PHE C 1112 0.79 -43.14 72.50
C PHE C 1112 0.50 -44.17 71.40
N SER C 1113 -0.53 -44.99 71.61
CA SER C 1113 -0.90 -46.00 70.61
C SER C 1113 -1.42 -45.32 69.34
N ALA C 1114 -1.97 -44.13 69.49
CA ALA C 1114 -2.59 -43.42 68.38
C ALA C 1114 -1.63 -42.49 67.62
N GLY C 1115 -0.33 -42.59 67.89
CA GLY C 1115 0.65 -41.85 67.12
C GLY C 1115 1.03 -40.51 67.72
N TYR C 1116 0.42 -40.14 68.84
CA TYR C 1116 0.74 -38.89 69.51
C TYR C 1116 1.94 -39.04 70.43
N GLN C 1117 2.65 -37.94 70.66
CA GLN C 1117 3.81 -37.95 71.54
C GLN C 1117 3.93 -36.61 72.27
N LEU C 1118 4.68 -36.61 73.37
CA LEU C 1118 4.86 -35.40 74.16
C LEU C 1118 6.06 -34.61 73.66
N ALA C 1119 5.89 -33.29 73.59
CA ALA C 1119 6.96 -32.40 73.13
C ALA C 1119 6.92 -31.13 73.96
N PRO C 1120 8.06 -30.41 74.03
CA PRO C 1120 8.07 -29.17 74.81
C PRO C 1120 7.06 -28.14 74.30
N ARG C 1121 6.45 -27.40 75.21
CA ARG C 1121 5.59 -26.29 74.83
C ARG C 1121 6.47 -25.13 74.36
N LEU C 1122 6.10 -24.54 73.22
CA LEU C 1122 6.87 -23.45 72.62
C LEU C 1122 6.55 -22.12 73.30
N PHE C 1123 7.52 -21.20 73.25
CA PHE C 1123 7.40 -19.89 73.89
C PHE C 1123 6.93 -20.06 75.33
N ARG C 1124 7.58 -21.00 76.01
CA ARG C 1124 7.16 -21.48 77.32
C ARG C 1124 7.33 -20.41 78.39
N VAL C 1125 6.32 -20.30 79.25
CA VAL C 1125 6.36 -19.41 80.41
C VAL C 1125 6.34 -20.25 81.67
N GLU C 1126 6.89 -19.70 82.76
CA GLU C 1126 6.93 -20.37 84.06
C GLU C 1126 7.38 -21.82 83.89
N SER C 1127 6.55 -22.75 84.35
CA SER C 1127 6.84 -24.17 84.21
C SER C 1127 5.71 -24.85 83.45
N GLU C 1128 5.36 -24.32 82.28
CA GLU C 1128 4.30 -24.91 81.47
C GLU C 1128 4.65 -26.33 81.03
N PRO C 1129 3.69 -27.25 81.15
CA PRO C 1129 3.87 -28.67 80.86
C PRO C 1129 4.06 -28.94 79.38
N ASP C 1130 4.74 -30.04 79.07
CA ASP C 1130 4.85 -30.47 77.70
C ASP C 1130 3.46 -30.76 77.15
N VAL C 1131 3.32 -30.71 75.83
CA VAL C 1131 2.01 -30.87 75.20
C VAL C 1131 2.00 -32.11 74.31
N TRP C 1132 0.82 -32.68 74.09
CA TRP C 1132 0.67 -33.79 73.16
C TRP C 1132 0.66 -33.22 71.76
N VAL C 1133 1.51 -33.76 70.90
CA VAL C 1133 1.63 -33.24 69.55
C VAL C 1133 1.48 -34.36 68.53
N ALA C 1134 1.28 -33.97 67.28
CA ALA C 1134 1.30 -34.91 66.17
C ALA C 1134 2.35 -34.45 65.17
N ARG C 1135 3.20 -35.38 64.77
CA ARG C 1135 4.21 -35.10 63.76
C ARG C 1135 3.75 -35.75 62.46
N GLN C 1136 3.64 -34.94 61.41
CA GLN C 1136 3.14 -35.40 60.12
C GLN C 1136 4.03 -34.91 58.97
N GLY C 1137 3.85 -35.51 57.80
CA GLY C 1137 4.49 -35.03 56.60
C GLY C 1137 5.97 -35.36 56.51
N TYR C 1138 6.26 -36.65 56.47
CA TYR C 1138 7.64 -37.11 56.34
C TYR C 1138 7.99 -37.38 54.89
N SER C 1139 9.05 -36.73 54.42
CA SER C 1139 9.55 -37.01 53.08
C SER C 1139 11.04 -37.28 53.13
N GLU C 1140 11.48 -38.19 52.28
CA GLU C 1140 12.91 -38.40 52.07
C GLU C 1140 13.25 -37.78 50.73
N PHE C 1141 14.44 -37.16 50.66
CA PHE C 1141 14.85 -36.52 49.43
C PHE C 1141 16.16 -37.12 48.90
N GLY C 1142 16.41 -36.93 47.62
CA GLY C 1142 17.66 -37.36 47.02
C GLY C 1142 18.76 -36.35 47.31
N ASP C 1143 19.92 -36.55 46.69
CA ASP C 1143 21.05 -35.65 46.87
C ASP C 1143 21.04 -34.56 45.79
N TYR C 1144 22.17 -33.86 45.66
CA TYR C 1144 22.26 -32.76 44.70
C TYR C 1144 22.12 -33.29 43.27
N SER C 1145 22.54 -34.53 43.03
CA SER C 1145 22.53 -35.08 41.68
C SER C 1145 21.13 -35.45 41.23
N GLN C 1146 20.21 -35.51 42.19
CA GLN C 1146 18.82 -35.83 41.88
C GLN C 1146 17.97 -34.58 42.08
N PHE C 1147 18.64 -33.43 42.07
CA PHE C 1147 17.97 -32.15 42.20
C PHE C 1147 17.14 -32.05 43.49
N TRP C 1148 17.57 -32.77 44.53
CA TRP C 1148 16.93 -32.75 45.84
C TRP C 1148 15.44 -33.13 45.78
N ARG C 1149 15.09 -33.99 44.83
CA ARG C 1149 13.70 -34.39 44.62
CA ARG C 1149 13.70 -34.38 44.62
C ARG C 1149 13.23 -35.41 45.64
N PRO C 1150 11.92 -35.40 45.94
CA PRO C 1150 11.39 -36.38 46.90
C PRO C 1150 11.55 -37.80 46.34
N LEU C 1151 11.99 -38.73 47.18
CA LEU C 1151 12.14 -40.14 46.76
C LEU C 1151 11.14 -41.03 47.48
N SER C 1152 10.75 -40.60 48.67
CA SER C 1152 9.72 -41.29 49.41
C SER C 1152 8.86 -40.29 50.17
N GLN C 1153 7.60 -40.65 50.35
CA GLN C 1153 6.61 -39.81 51.03
C GLN C 1153 5.88 -40.65 52.07
N ARG C 1154 5.46 -39.99 53.13
CA ARG C 1154 4.80 -40.68 54.22
C ARG C 1154 4.00 -39.68 55.03
N SER C 1155 2.78 -40.04 55.39
CA SER C 1155 1.92 -39.12 56.12
C SER C 1155 2.37 -39.01 57.58
N THR C 1156 2.44 -40.15 58.26
CA THR C 1156 2.95 -40.22 59.63
C THR C 1156 3.86 -41.44 59.73
N LEU C 1157 4.26 -41.78 60.95
CA LEU C 1157 5.07 -42.97 61.16
C LEU C 1157 4.20 -44.20 61.45
N LEU C 1158 2.87 -44.02 61.43
CA LEU C 1158 1.93 -45.13 61.63
C LEU C 1158 1.78 -46.00 60.39
N THR C 1159 2.15 -45.45 59.24
CA THR C 1159 2.05 -46.19 57.99
C THR C 1159 3.40 -46.29 57.28
N GLY C 1160 3.45 -47.08 56.21
CA GLY C 1160 4.68 -47.28 55.47
C GLY C 1160 4.86 -46.21 54.41
N LYS C 1161 6.02 -46.21 53.77
CA LYS C 1161 6.36 -45.20 52.79
C LYS C 1161 5.78 -45.47 51.42
N THR C 1162 5.57 -44.40 50.66
CA THR C 1162 5.35 -44.53 49.23
C THR C 1162 6.60 -44.05 48.51
N THR C 1163 7.09 -44.90 47.62
CA THR C 1163 8.34 -44.67 46.90
C THR C 1163 8.06 -43.97 45.58
N LEU C 1164 8.88 -42.98 45.25
CA LEU C 1164 8.79 -42.28 43.99
C LEU C 1164 10.03 -42.56 43.16
N LYS C 1165 9.84 -42.93 41.90
CA LYS C 1165 10.94 -43.07 40.97
C LYS C 1165 10.72 -42.11 39.82
N TRP C 1166 11.73 -41.28 39.60
CA TRP C 1166 11.72 -40.20 38.63
C TRP C 1166 12.25 -40.64 37.26
N ASP C 1167 12.03 -39.79 36.26
CA ASP C 1167 12.56 -40.03 34.94
C ASP C 1167 14.04 -39.66 34.86
N LYS C 1168 14.60 -39.75 33.66
CA LYS C 1168 16.03 -39.55 33.45
C LYS C 1168 16.57 -38.24 34.01
N HIS C 1169 15.85 -37.15 33.78
CA HIS C 1169 16.34 -35.83 34.16
C HIS C 1169 15.55 -35.21 35.30
N TYR C 1170 14.89 -36.06 36.08
CA TYR C 1170 14.17 -35.64 37.28
C TYR C 1170 13.17 -34.51 37.01
N CYS C 1171 12.41 -34.67 35.93
CA CYS C 1171 11.34 -33.74 35.59
C CYS C 1171 10.03 -34.19 36.19
N VAL C 1172 9.71 -35.46 36.00
CA VAL C 1172 8.44 -36.02 36.46
C VAL C 1172 8.64 -37.38 37.12
N VAL C 1173 7.63 -37.82 37.88
CA VAL C 1173 7.67 -39.15 38.49
C VAL C 1173 7.01 -40.16 37.57
N ILE C 1174 7.73 -41.25 37.31
CA ILE C 1174 7.28 -42.25 36.33
C ILE C 1174 6.84 -43.51 37.04
N GLU C 1175 7.13 -43.61 38.32
CA GLU C 1175 6.67 -44.78 39.06
C GLU C 1175 6.44 -44.48 40.53
N THR C 1176 5.36 -45.02 41.08
CA THR C 1176 5.11 -44.97 42.51
C THR C 1176 4.95 -46.40 43.01
N GLN C 1177 5.43 -46.65 44.22
CA GLN C 1177 5.24 -47.96 44.83
C GLN C 1177 4.83 -47.76 46.29
N ASP C 1178 3.61 -48.15 46.63
CA ASP C 1178 3.12 -47.89 47.99
C ASP C 1178 3.68 -48.86 49.02
N ALA C 1179 3.05 -48.87 50.20
CA ALA C 1179 3.56 -49.63 51.32
C ALA C 1179 3.07 -51.07 51.29
N ALA C 1180 2.28 -51.40 50.27
CA ALA C 1180 1.86 -52.77 50.03
C ALA C 1180 2.48 -53.27 48.74
N GLN C 1181 3.55 -52.59 48.31
CA GLN C 1181 4.31 -52.97 47.10
C GLN C 1181 3.51 -52.85 45.80
N LEU C 1182 2.41 -52.13 45.86
CA LEU C 1182 1.61 -51.85 44.67
C LEU C 1182 2.34 -50.85 43.77
N VAL C 1183 2.45 -51.18 42.48
CA VAL C 1183 3.22 -50.36 41.55
C VAL C 1183 2.34 -49.67 40.52
N THR C 1184 2.51 -48.36 40.40
CA THR C 1184 1.85 -47.57 39.36
C THR C 1184 2.93 -46.98 38.48
N GLN C 1185 2.80 -47.14 37.17
CA GLN C 1185 3.81 -46.64 36.25
C GLN C 1185 3.18 -45.65 35.28
N ALA C 1186 3.93 -44.62 34.91
CA ALA C 1186 3.42 -43.63 33.98
C ALA C 1186 4.42 -43.34 32.86
N ARG C 1187 3.90 -43.09 31.66
CA ARG C 1187 4.70 -42.63 30.55
C ARG C 1187 4.14 -41.29 30.14
N TYR C 1188 5.05 -40.34 29.88
CA TYR C 1188 4.69 -38.94 29.72
C TYR C 1188 4.78 -38.41 28.29
N ASP C 1189 3.86 -37.50 27.97
CA ASP C 1189 3.96 -36.68 26.76
C ASP C 1189 4.84 -35.51 27.16
N TYR C 1190 6.08 -35.51 26.69
CA TYR C 1190 7.06 -34.53 27.16
C TYR C 1190 6.90 -33.17 26.48
N ARG C 1191 5.86 -33.03 25.66
CA ARG C 1191 5.52 -31.72 25.12
C ARG C 1191 4.88 -30.86 26.20
N PHE C 1192 4.32 -31.52 27.21
CA PHE C 1192 3.63 -30.83 28.30
C PHE C 1192 4.07 -31.33 29.67
N LEU C 1193 4.83 -32.42 29.66
CA LEU C 1193 5.24 -33.09 30.89
C LEU C 1193 4.01 -33.52 31.71
N THR C 1194 2.99 -34.01 31.00
CA THR C 1194 1.86 -34.71 31.62
C THR C 1194 1.83 -36.16 31.12
N PRO C 1195 1.36 -37.10 31.96
CA PRO C 1195 1.38 -38.51 31.55
C PRO C 1195 0.36 -38.81 30.46
N TYR C 1196 0.69 -39.72 29.54
CA TYR C 1196 -0.25 -40.11 28.51
C TYR C 1196 -0.61 -41.58 28.67
N SER C 1197 0.19 -42.28 29.48
CA SER C 1197 -0.04 -43.70 29.71
C SER C 1197 0.14 -44.05 31.18
N LEU C 1198 -0.70 -44.96 31.68
CA LEU C 1198 -0.65 -45.38 33.07
C LEU C 1198 -0.88 -46.89 33.17
N THR C 1199 0.06 -47.59 33.79
CA THR C 1199 -0.11 -49.00 34.10
C THR C 1199 -0.41 -49.09 35.58
N ASP C 1200 -1.55 -49.68 35.93
CA ASP C 1200 -1.98 -49.73 37.32
C ASP C 1200 -1.43 -50.92 38.09
N ALA C 1201 -1.79 -51.02 39.36
CA ALA C 1201 -1.27 -52.07 40.23
C ALA C 1201 -1.70 -53.47 39.80
N ASN C 1202 -2.71 -53.55 38.95
CA ASN C 1202 -3.19 -54.82 38.43
C ASN C 1202 -2.78 -55.04 36.98
N ASP C 1203 -1.74 -54.33 36.55
CA ASP C 1203 -1.18 -54.43 35.20
C ASP C 1203 -2.21 -54.13 34.12
N ASN C 1204 -3.11 -53.19 34.40
CA ASN C 1204 -4.03 -52.71 33.39
C ASN C 1204 -3.52 -51.39 32.82
N GLN C 1205 -3.81 -51.18 31.54
CA GLN C 1205 -3.37 -50.01 30.81
C GLN C 1205 -4.48 -48.98 30.70
N HIS C 1206 -4.09 -47.73 30.89
CA HIS C 1206 -4.98 -46.60 30.73
C HIS C 1206 -4.22 -45.64 29.83
N TYR C 1207 -4.93 -45.06 28.88
CA TYR C 1207 -4.31 -44.42 27.74
C TYR C 1207 -5.10 -43.18 27.34
N VAL C 1208 -4.39 -42.10 27.06
CA VAL C 1208 -5.00 -40.91 26.47
C VAL C 1208 -4.14 -40.41 25.31
N VAL C 1209 -4.77 -39.78 24.33
CA VAL C 1209 -4.03 -39.07 23.29
C VAL C 1209 -4.29 -37.59 23.52
N LEU C 1210 -3.22 -36.80 23.49
CA LEU C 1210 -3.32 -35.37 23.76
C LEU C 1210 -3.15 -34.57 22.49
N ASN C 1211 -4.01 -33.55 22.33
CA ASN C 1211 -3.89 -32.65 21.20
C ASN C 1211 -2.69 -31.71 21.44
N PRO C 1212 -2.31 -30.93 20.42
CA PRO C 1212 -1.11 -30.09 20.62
C PRO C 1212 -1.26 -28.95 21.64
N PHE C 1213 -2.41 -28.86 22.31
CA PHE C 1213 -2.58 -27.93 23.43
C PHE C 1213 -2.80 -28.68 24.75
N GLY C 1214 -2.43 -29.95 24.77
CA GLY C 1214 -2.45 -30.74 25.99
C GLY C 1214 -3.82 -31.22 26.46
N GLU C 1215 -4.82 -31.03 25.61
CA GLU C 1215 -6.16 -31.46 25.95
C GLU C 1215 -6.41 -32.91 25.52
N VAL C 1216 -7.06 -33.69 26.38
CA VAL C 1216 -7.40 -35.07 26.08
C VAL C 1216 -8.50 -35.11 25.00
N ILE C 1217 -8.16 -35.68 23.85
CA ILE C 1217 -9.09 -35.77 22.73
C ILE C 1217 -9.45 -37.20 22.36
N ALA C 1218 -8.88 -38.15 23.08
CA ALA C 1218 -9.24 -39.56 23.00
C ALA C 1218 -8.68 -40.29 24.22
N SER C 1219 -9.41 -41.29 24.70
CA SER C 1219 -8.92 -42.10 25.82
C SER C 1219 -9.49 -43.50 25.75
N ARG C 1220 -8.70 -44.48 26.20
CA ARG C 1220 -9.14 -45.85 26.23
C ARG C 1220 -8.40 -46.58 27.33
N PHE C 1221 -8.83 -47.80 27.62
CA PHE C 1221 -8.16 -48.60 28.65
C PHE C 1221 -8.39 -50.08 28.37
N TRP C 1222 -7.47 -50.91 28.87
CA TRP C 1222 -7.52 -52.34 28.63
C TRP C 1222 -6.69 -53.09 29.67
N GLY C 1223 -6.72 -54.41 29.61
CA GLY C 1223 -6.07 -55.27 30.59
C GLY C 1223 -6.69 -56.65 30.57
N THR C 1224 -6.92 -57.19 31.77
CA THR C 1224 -7.50 -58.53 31.87
C THR C 1224 -8.67 -58.57 32.84
N GLU C 1225 -9.61 -59.46 32.57
CA GLU C 1225 -10.73 -59.71 33.46
C GLU C 1225 -10.94 -61.22 33.50
N ALA C 1226 -10.82 -61.80 34.70
CA ALA C 1226 -10.94 -63.24 34.89
C ALA C 1226 -9.94 -63.99 34.02
N GLY C 1227 -8.71 -63.47 33.95
CA GLY C 1227 -7.68 -64.06 33.13
C GLY C 1227 -7.79 -63.70 31.66
N LYS C 1228 -8.99 -63.82 31.10
CA LYS C 1228 -9.25 -63.46 29.71
C LYS C 1228 -9.03 -61.95 29.48
N ASP C 1229 -8.58 -61.59 28.29
CA ASP C 1229 -8.31 -60.18 27.97
C ASP C 1229 -9.60 -59.36 27.81
N ALA C 1230 -9.50 -58.06 28.08
CA ALA C 1230 -10.65 -57.15 27.98
C ALA C 1230 -10.07 -55.75 28.08
N GLY C 1231 -10.75 -54.69 27.61
CA GLY C 1231 -11.94 -54.77 26.80
C GLY C 1231 -11.76 -53.95 25.53
N TYR C 1232 -11.31 -52.71 25.67
CA TYR C 1232 -11.06 -51.87 24.49
C TYR C 1232 -9.86 -52.36 23.69
N SER C 1233 -9.98 -52.29 22.36
CA SER C 1233 -8.87 -52.65 21.49
C SER C 1233 -7.71 -51.71 21.74
N THR C 1234 -6.49 -52.26 21.80
CA THR C 1234 -5.31 -51.44 21.99
C THR C 1234 -5.15 -50.48 20.80
N PRO C 1235 -4.49 -49.33 21.03
CA PRO C 1235 -4.22 -48.38 19.95
C PRO C 1235 -3.48 -49.09 18.82
N GLN C 1236 -2.60 -50.00 19.20
CA GLN C 1236 -1.87 -50.81 18.25
C GLN C 1236 -2.83 -51.65 17.41
N ALA C 1237 -3.82 -52.24 18.06
CA ALA C 1237 -4.74 -53.16 17.39
C ALA C 1237 -5.77 -52.45 16.51
N LYS C 1238 -6.29 -51.33 16.99
CA LYS C 1238 -7.29 -50.58 16.23
C LYS C 1238 -7.08 -49.08 16.48
N PRO C 1239 -6.18 -48.47 15.71
CA PRO C 1239 -5.93 -47.03 15.80
C PRO C 1239 -7.22 -46.26 15.62
N PHE C 1240 -7.33 -45.08 16.23
CA PHE C 1240 -8.52 -44.26 16.07
C PHE C 1240 -8.17 -42.84 15.72
N VAL C 1241 -8.79 -42.35 14.66
CA VAL C 1241 -8.61 -40.99 14.20
C VAL C 1241 -9.81 -40.17 14.64
N VAL C 1242 -9.59 -39.23 15.55
CA VAL C 1242 -10.66 -38.35 15.99
C VAL C 1242 -11.13 -37.48 14.83
N PRO C 1243 -12.44 -37.50 14.54
CA PRO C 1243 -13.02 -36.71 13.45
C PRO C 1243 -12.66 -35.23 13.58
N ALA C 1244 -12.52 -34.55 12.45
CA ALA C 1244 -12.10 -33.16 12.46
C ALA C 1244 -13.25 -32.21 12.76
N THR C 1245 -14.49 -32.68 12.56
CA THR C 1245 -15.66 -31.86 12.82
C THR C 1245 -16.65 -32.54 13.77
N ILE C 1246 -17.46 -31.72 14.42
CA ILE C 1246 -18.51 -32.20 15.32
C ILE C 1246 -19.59 -32.92 14.54
N GLU C 1247 -19.91 -32.40 13.36
CA GLU C 1247 -20.91 -33.02 12.49
C GLU C 1247 -20.52 -34.45 12.12
N ALA C 1248 -19.25 -34.66 11.83
CA ALA C 1248 -18.77 -35.99 11.48
C ALA C 1248 -18.79 -36.90 12.69
N ALA C 1249 -18.40 -36.35 13.85
CA ALA C 1249 -18.36 -37.13 15.09
C ALA C 1249 -19.75 -37.58 15.54
N LEU C 1250 -20.75 -36.73 15.33
CA LEU C 1250 -22.14 -37.04 15.69
C LEU C 1250 -22.68 -38.17 14.84
N ALA C 1251 -22.15 -38.28 13.62
CA ALA C 1251 -22.62 -39.27 12.67
C ALA C 1251 -21.82 -40.56 12.75
N LEU C 1252 -20.99 -40.67 13.80
CA LEU C 1252 -20.18 -41.86 13.99
C LEU C 1252 -21.05 -43.10 14.24
N SER C 1253 -20.54 -44.26 13.83
CA SER C 1253 -21.22 -45.52 14.03
C SER C 1253 -20.53 -46.28 15.16
N PRO C 1254 -21.24 -47.23 15.78
CA PRO C 1254 -20.67 -48.01 16.89
C PRO C 1254 -19.42 -48.77 16.46
N GLY C 1255 -18.63 -49.22 17.42
CA GLY C 1255 -17.45 -50.01 17.12
C GLY C 1255 -16.18 -49.18 17.19
N ILE C 1256 -16.22 -48.08 17.94
CA ILE C 1256 -15.01 -47.29 18.17
C ILE C 1256 -14.29 -47.78 19.43
N PRO C 1257 -12.96 -47.92 19.33
CA PRO C 1257 -12.13 -48.53 20.38
C PRO C 1257 -11.64 -47.51 21.41
N VAL C 1258 -12.44 -46.48 21.65
CA VAL C 1258 -12.08 -45.47 22.64
C VAL C 1258 -13.19 -45.37 23.69
N ALA C 1259 -12.82 -45.07 24.92
CA ALA C 1259 -13.81 -44.84 25.97
C ALA C 1259 -14.38 -43.45 25.79
N HIS C 1260 -13.48 -42.51 25.48
CA HIS C 1260 -13.86 -41.13 25.22
C HIS C 1260 -13.13 -40.61 24.01
N CYS C 1261 -13.72 -39.64 23.34
CA CYS C 1261 -12.99 -38.82 22.40
C CYS C 1261 -13.56 -37.39 22.44
N ALA C 1262 -12.73 -36.39 22.18
CA ALA C 1262 -13.18 -35.01 22.33
C ALA C 1262 -12.79 -34.11 21.16
N ILE C 1263 -13.67 -33.18 20.83
CA ILE C 1263 -13.41 -32.16 19.82
C ILE C 1263 -13.60 -30.78 20.43
N PHE C 1264 -12.53 -29.99 20.41
CA PHE C 1264 -12.57 -28.66 21.00
C PHE C 1264 -12.67 -27.60 19.93
N GLU C 1265 -13.62 -26.67 20.08
CA GLU C 1265 -13.77 -25.60 19.09
C GLU C 1265 -13.84 -24.23 19.74
N PRO C 1266 -12.67 -23.69 20.11
CA PRO C 1266 -12.54 -22.44 20.85
C PRO C 1266 -12.70 -21.21 19.97
N GLU C 1267 -12.80 -21.40 18.65
CA GLU C 1267 -12.88 -20.26 17.73
C GLU C 1267 -14.27 -20.12 17.11
N SER C 1268 -15.21 -20.88 17.60
CA SER C 1268 -16.55 -20.94 17.00
C SER C 1268 -17.31 -19.62 17.08
N TRP C 1269 -16.88 -18.72 17.95
CA TRP C 1269 -17.55 -17.42 18.06
C TRP C 1269 -17.05 -16.46 16.97
N MET C 1270 -15.94 -16.82 16.34
CA MET C 1270 -15.43 -16.05 15.21
C MET C 1270 -16.09 -16.57 13.97
N GLN C 1271 -16.70 -15.69 13.19
CA GLN C 1271 -17.33 -16.10 11.95
C GLN C 1271 -16.30 -16.69 11.00
N LYS C 1272 -16.68 -17.78 10.33
CA LYS C 1272 -15.78 -18.46 9.43
C LYS C 1272 -15.90 -17.86 8.03
N LEU C 1273 -14.77 -17.45 7.46
CA LEU C 1273 -14.76 -16.85 6.13
C LEU C 1273 -13.64 -17.49 5.34
N THR C 1274 -13.95 -18.02 4.17
CA THR C 1274 -12.94 -18.67 3.34
C THR C 1274 -12.56 -17.85 2.12
N GLN C 1275 -11.36 -18.14 1.62
CA GLN C 1275 -10.85 -17.55 0.39
C GLN C 1275 -11.87 -17.75 -0.73
N HIS C 1276 -12.41 -18.96 -0.78
CA HIS C 1276 -13.36 -19.34 -1.83
C HIS C 1276 -14.64 -18.52 -1.76
N ASP C 1277 -15.18 -18.34 -0.57
CA ASP C 1277 -16.44 -17.61 -0.41
C ASP C 1277 -16.29 -16.16 -0.85
N VAL C 1278 -15.22 -15.54 -0.40
CA VAL C 1278 -14.94 -14.14 -0.73
C VAL C 1278 -14.66 -13.97 -2.22
N SER C 1279 -13.85 -14.85 -2.79
CA SER C 1279 -13.54 -14.77 -4.22
C SER C 1279 -14.76 -15.04 -5.11
N GLU C 1280 -15.63 -15.92 -4.65
CA GLU C 1280 -16.86 -16.26 -5.36
C GLU C 1280 -17.88 -15.13 -5.28
N ARG C 1281 -17.91 -14.47 -4.12
CA ARG C 1281 -18.85 -13.40 -3.86
C ARG C 1281 -18.43 -12.13 -4.59
N MET C 1282 -17.13 -11.86 -4.55
CA MET C 1282 -16.57 -10.62 -5.06
C MET C 1282 -16.12 -10.73 -6.51
N ALA C 1283 -15.86 -11.95 -6.95
CA ALA C 1283 -15.44 -12.24 -8.32
C ALA C 1283 -14.20 -11.44 -8.76
N ASP C 1284 -13.19 -11.41 -7.90
CA ASP C 1284 -11.99 -10.62 -8.14
C ASP C 1284 -10.77 -11.53 -8.18
N ASN C 1285 -11.04 -12.83 -8.21
CA ASN C 1285 -10.02 -13.86 -8.24
C ASN C 1285 -9.02 -13.82 -7.08
N GLY C 1286 -9.50 -13.38 -5.92
CA GLY C 1286 -8.74 -13.43 -4.68
C GLY C 1286 -8.15 -12.13 -4.18
N THR C 1287 -8.37 -11.03 -4.91
CA THR C 1287 -7.76 -9.75 -4.53
C THR C 1287 -8.21 -9.30 -3.15
N LEU C 1288 -9.53 -9.17 -2.98
CA LEU C 1288 -10.08 -8.72 -1.70
C LEU C 1288 -9.73 -9.69 -0.59
N TRP C 1289 -9.78 -10.98 -0.88
CA TRP C 1289 -9.35 -11.97 0.10
C TRP C 1289 -7.92 -11.71 0.55
N ASN C 1290 -7.02 -11.56 -0.41
CA ASN C 1290 -5.61 -11.29 -0.09
C ASN C 1290 -5.45 -10.03 0.74
N ALA C 1291 -6.22 -8.99 0.43
CA ALA C 1291 -6.15 -7.74 1.19
C ALA C 1291 -6.65 -7.90 2.64
N LEU C 1292 -7.76 -8.62 2.80
CA LEU C 1292 -8.34 -8.84 4.12
C LEU C 1292 -7.45 -9.72 4.98
N LEU C 1293 -6.82 -10.70 4.35
CA LEU C 1293 -5.90 -11.60 5.04
C LEU C 1293 -4.68 -10.80 5.48
N GLN C 1294 -4.14 -10.02 4.55
CA GLN C 1294 -2.97 -9.21 4.81
C GLN C 1294 -3.14 -8.28 6.03
N ALA C 1295 -4.35 -7.73 6.18
CA ALA C 1295 -4.61 -6.79 7.28
C ALA C 1295 -5.08 -7.52 8.53
N ARG C 1296 -5.16 -8.84 8.44
CA ARG C 1296 -5.67 -9.70 9.51
C ARG C 1296 -7.11 -9.32 9.90
N PHE C 1297 -7.89 -8.95 8.89
CA PHE C 1297 -9.34 -8.89 8.99
C PHE C 1297 -9.79 -10.31 9.27
N VAL C 1298 -9.12 -11.26 8.61
CA VAL C 1298 -9.40 -12.68 8.75
C VAL C 1298 -8.05 -13.38 8.91
N THR C 1299 -8.04 -14.49 9.63
CA THR C 1299 -6.85 -15.30 9.82
C THR C 1299 -6.61 -16.21 8.62
N GLU C 1300 -5.44 -16.84 8.58
CA GLU C 1300 -5.07 -17.74 7.48
C GLU C 1300 -5.93 -19.00 7.46
N ASP C 1301 -6.41 -19.39 8.64
CA ASP C 1301 -7.29 -20.57 8.75
C ASP C 1301 -8.76 -20.19 8.65
N GLY C 1302 -9.02 -18.94 8.25
CA GLY C 1302 -10.35 -18.53 7.85
C GLY C 1302 -11.32 -18.07 8.93
N TYR C 1303 -10.80 -17.49 10.00
CA TYR C 1303 -11.66 -16.94 11.04
C TYR C 1303 -11.58 -15.39 11.04
N VAL C 1304 -12.76 -14.76 11.04
CA VAL C 1304 -12.85 -13.30 11.04
C VAL C 1304 -12.48 -12.74 12.41
N CYS C 1305 -11.50 -11.83 12.44
CA CYS C 1305 -11.07 -11.20 13.68
C CYS C 1305 -11.93 -9.97 13.98
N ALA C 1306 -12.44 -9.89 15.20
CA ALA C 1306 -13.34 -8.78 15.55
C ALA C 1306 -12.67 -7.42 15.36
N LEU C 1307 -11.53 -7.23 16.04
CA LEU C 1307 -10.88 -5.93 16.04
C LEU C 1307 -10.23 -5.60 14.69
N GLY C 1308 -9.68 -6.63 14.05
CA GLY C 1308 -9.08 -6.45 12.73
C GLY C 1308 -10.14 -6.03 11.74
N ARG C 1309 -11.32 -6.60 11.91
CA ARG C 1309 -12.48 -6.25 11.08
C ARG C 1309 -12.90 -4.81 11.32
N ARG C 1310 -13.00 -4.42 12.59
CA ARG C 1310 -13.39 -3.04 12.92
C ARG C 1310 -12.40 -2.02 12.35
N ARG C 1311 -11.11 -2.33 12.47
CA ARG C 1311 -10.02 -1.51 11.97
C ARG C 1311 -10.12 -1.37 10.45
N TRP C 1312 -10.33 -2.51 9.80
CA TRP C 1312 -10.48 -2.54 8.35
C TRP C 1312 -11.65 -1.68 7.90
N MET C 1313 -12.79 -1.83 8.56
CA MET C 1313 -13.98 -1.08 8.23
C MET C 1313 -13.71 0.41 8.41
N ALA C 1314 -12.89 0.72 9.42
CA ALA C 1314 -12.55 2.11 9.71
C ALA C 1314 -11.62 2.69 8.65
N ARG C 1315 -10.84 1.84 7.99
CA ARG C 1315 -9.86 2.34 7.01
C ARG C 1315 -10.28 2.26 5.54
N HIS C 1316 -11.21 1.36 5.22
CA HIS C 1316 -11.51 1.07 3.82
C HIS C 1316 -13.01 0.86 3.59
N GLY C 1317 -13.78 0.75 4.66
CA GLY C 1317 -15.18 0.42 4.55
C GLY C 1317 -15.30 -1.00 4.04
N LEU C 1318 -16.48 -1.39 3.58
CA LEU C 1318 -16.65 -2.75 3.05
C LEU C 1318 -17.89 -2.87 2.17
N SER C 1319 -17.76 -3.62 1.07
CA SER C 1319 -18.85 -3.80 0.10
C SER C 1319 -20.13 -4.37 0.70
N VAL C 1320 -21.26 -4.03 0.07
CA VAL C 1320 -22.56 -4.52 0.52
C VAL C 1320 -22.66 -6.04 0.28
N LEU C 1321 -21.87 -6.53 -0.67
CA LEU C 1321 -21.81 -7.94 -0.96
C LEU C 1321 -21.15 -8.65 0.22
N MET C 1322 -20.07 -8.05 0.71
CA MET C 1322 -19.38 -8.60 1.87
C MET C 1322 -20.20 -8.46 3.14
N LEU C 1323 -20.92 -7.34 3.28
CA LEU C 1323 -21.78 -7.14 4.45
C LEU C 1323 -22.93 -8.15 4.49
N THR C 1324 -23.57 -8.36 3.35
CA THR C 1324 -24.65 -9.34 3.24
C THR C 1324 -24.11 -10.73 3.54
N LEU C 1325 -22.99 -11.06 2.89
CA LEU C 1325 -22.35 -12.35 3.07
C LEU C 1325 -22.05 -12.63 4.53
N LEU C 1326 -21.39 -11.68 5.19
CA LEU C 1326 -21.04 -11.79 6.60
C LEU C 1326 -22.29 -11.87 7.49
N ALA C 1327 -23.35 -11.18 7.09
CA ALA C 1327 -24.59 -11.21 7.85
C ALA C 1327 -25.22 -12.59 7.77
N GLU C 1328 -24.94 -13.30 6.68
CA GLU C 1328 -25.40 -14.68 6.58
C GLU C 1328 -24.62 -15.65 7.47
N ILE C 1329 -23.41 -15.29 7.88
CA ILE C 1329 -22.53 -16.24 8.57
C ILE C 1329 -22.69 -16.22 10.08
N PRO C 1330 -23.06 -17.37 10.66
CA PRO C 1330 -23.40 -17.53 12.08
C PRO C 1330 -22.21 -17.67 13.01
N ARG C 1331 -22.45 -17.33 14.28
CA ARG C 1331 -21.51 -17.54 15.38
C ARG C 1331 -22.07 -18.61 16.28
N THR C 1332 -21.21 -19.16 17.13
CA THR C 1332 -21.63 -20.15 18.11
C THR C 1332 -20.65 -20.06 19.27
N PRO C 1333 -21.17 -20.00 20.50
CA PRO C 1333 -20.28 -19.87 21.66
C PRO C 1333 -19.24 -20.99 21.67
N PRO C 1334 -18.02 -20.69 22.16
CA PRO C 1334 -16.95 -21.68 22.23
C PRO C 1334 -17.46 -22.93 22.91
N HIS C 1335 -17.23 -24.09 22.30
CA HIS C 1335 -17.85 -25.31 22.80
C HIS C 1335 -16.97 -26.52 22.56
N SER C 1336 -17.26 -27.58 23.29
CA SER C 1336 -16.55 -28.85 23.12
C SER C 1336 -17.54 -30.00 23.03
N LEU C 1337 -17.18 -31.02 22.26
CA LEU C 1337 -17.94 -32.26 22.18
C LEU C 1337 -17.15 -33.37 22.82
N THR C 1338 -17.77 -34.06 23.76
CA THR C 1338 -17.19 -35.27 24.34
C THR C 1338 -18.10 -36.46 24.07
N ILE C 1339 -17.55 -37.43 23.38
CA ILE C 1339 -18.24 -38.69 23.12
C ILE C 1339 -17.75 -39.72 24.13
N THR C 1340 -18.70 -40.42 24.75
CA THR C 1340 -18.44 -41.46 25.75
C THR C 1340 -19.06 -42.79 25.33
N THR C 1341 -18.24 -43.83 25.19
CA THR C 1341 -18.76 -45.13 24.77
C THR C 1341 -19.31 -45.96 25.92
N ASP C 1342 -20.28 -46.80 25.57
CA ASP C 1342 -21.09 -47.57 26.50
C ASP C 1342 -20.42 -48.91 26.82
N ARG C 1343 -19.86 -49.52 25.78
CA ARG C 1343 -19.23 -50.83 25.90
C ARG C 1343 -17.90 -50.81 25.14
N TYR C 1344 -17.13 -51.88 25.29
CA TYR C 1344 -15.92 -52.07 24.51
C TYR C 1344 -16.29 -52.25 23.04
N ASP C 1345 -15.36 -51.93 22.14
CA ASP C 1345 -15.65 -51.93 20.71
C ASP C 1345 -16.02 -53.29 20.13
N SER C 1346 -15.69 -54.36 20.86
CA SER C 1346 -16.04 -55.70 20.43
C SER C 1346 -17.53 -55.98 20.67
N ASP C 1347 -18.16 -55.15 21.49
CA ASP C 1347 -19.56 -55.31 21.86
C ASP C 1347 -20.43 -54.52 20.87
N ASP C 1348 -21.33 -55.21 20.18
CA ASP C 1348 -22.13 -54.57 19.15
C ASP C 1348 -23.28 -53.74 19.74
N GLN C 1349 -23.42 -53.79 21.06
CA GLN C 1349 -24.44 -52.99 21.75
C GLN C 1349 -23.89 -51.62 22.15
N GLN C 1350 -22.64 -51.34 21.79
CA GLN C 1350 -21.97 -50.10 22.16
C GLN C 1350 -22.73 -48.89 21.66
N GLN C 1351 -22.94 -47.92 22.54
CA GLN C 1351 -23.54 -46.65 22.13
C GLN C 1351 -22.55 -45.51 22.31
N LEU C 1352 -22.69 -44.46 21.51
CA LEU C 1352 -21.83 -43.29 21.60
C LEU C 1352 -22.62 -42.15 22.23
N ARG C 1353 -22.46 -41.98 23.53
CA ARG C 1353 -23.08 -40.88 24.25
C ARG C 1353 -22.43 -39.57 23.81
N GLN C 1354 -23.24 -38.54 23.71
CA GLN C 1354 -22.79 -37.26 23.18
C GLN C 1354 -23.07 -36.14 24.16
N ARG C 1355 -22.03 -35.43 24.55
CA ARG C 1355 -22.20 -34.31 25.48
C ARG C 1355 -21.46 -33.07 24.98
N ILE C 1356 -22.18 -31.96 24.86
CA ILE C 1356 -21.56 -30.72 24.39
C ILE C 1356 -21.58 -29.62 25.45
N LEU C 1357 -20.40 -29.11 25.76
CA LEU C 1357 -20.24 -28.07 26.79
C LEU C 1357 -20.03 -26.71 26.16
N PHE C 1358 -20.82 -25.73 26.61
CA PHE C 1358 -20.63 -24.36 26.10
C PHE C 1358 -19.93 -23.47 27.11
N SER C 1359 -18.99 -22.67 26.62
CA SER C 1359 -18.29 -21.70 27.47
C SER C 1359 -18.48 -20.31 26.90
N ASP C 1360 -18.42 -19.29 27.76
CA ASP C 1360 -18.49 -17.90 27.30
C ASP C 1360 -17.10 -17.30 27.14
N GLY C 1361 -17.06 -15.99 26.85
CA GLY C 1361 -15.80 -15.29 26.65
C GLY C 1361 -15.03 -15.03 27.95
N PHE C 1362 -15.56 -15.57 29.05
CA PHE C 1362 -14.97 -15.34 30.35
C PHE C 1362 -14.58 -16.67 30.98
N GLY C 1363 -14.70 -17.74 30.19
CA GLY C 1363 -14.29 -19.05 30.65
C GLY C 1363 -15.34 -19.75 31.48
N ARG C 1364 -16.53 -19.14 31.54
CA ARG C 1364 -17.62 -19.68 32.34
C ARG C 1364 -18.44 -20.72 31.60
N LEU C 1365 -18.94 -21.70 32.36
CA LEU C 1365 -19.80 -22.75 31.80
C LEU C 1365 -21.20 -22.18 31.50
N LEU C 1366 -21.57 -22.11 30.23
CA LEU C 1366 -22.85 -21.55 29.83
C LEU C 1366 -23.97 -22.57 30.00
N GLN C 1367 -23.77 -23.74 29.40
CA GLN C 1367 -24.76 -24.81 29.48
C GLN C 1367 -24.13 -26.14 29.08
N SER C 1368 -24.88 -27.21 29.32
CA SER C 1368 -24.45 -28.55 28.96
C SER C 1368 -25.59 -29.24 28.20
N ALA C 1369 -25.29 -29.80 27.03
CA ALA C 1369 -26.28 -30.49 26.23
C ALA C 1369 -25.98 -31.97 26.13
N GLN C 1370 -26.94 -32.82 26.50
CA GLN C 1370 -26.75 -34.26 26.42
C GLN C 1370 -27.65 -34.87 25.36
N ARG C 1371 -27.09 -35.69 24.48
CA ARG C 1371 -27.91 -36.36 23.48
C ARG C 1371 -28.84 -37.36 24.17
N VAL C 1372 -30.14 -37.21 23.94
CA VAL C 1372 -31.12 -38.10 24.55
C VAL C 1372 -31.91 -38.86 23.48
N GLU C 1373 -32.75 -39.79 23.93
CA GLU C 1373 -33.58 -40.58 23.03
C GLU C 1373 -34.56 -39.69 22.27
N ALA C 1374 -35.00 -40.15 21.11
CA ALA C 1374 -35.88 -39.35 20.24
C ALA C 1374 -37.21 -39.04 20.92
N GLY C 1375 -37.83 -37.91 20.56
CA GLY C 1375 -39.08 -37.53 21.19
C GLY C 1375 -39.50 -36.09 21.04
N GLU C 1376 -40.39 -35.65 21.93
CA GLU C 1376 -40.99 -34.32 21.81
C GLU C 1376 -40.02 -33.27 22.36
N SER C 1377 -39.97 -32.14 21.67
CA SER C 1377 -39.01 -31.10 22.00
C SER C 1377 -39.41 -29.74 21.44
N TRP C 1378 -38.74 -28.70 21.94
CA TRP C 1378 -38.82 -27.35 21.41
C TRP C 1378 -37.95 -27.29 20.16
N GLN C 1379 -38.15 -26.26 19.33
CA GLN C 1379 -37.54 -26.24 18.02
C GLN C 1379 -36.65 -25.01 17.85
N ARG C 1380 -35.37 -25.25 17.54
CA ARG C 1380 -34.41 -24.16 17.40
C ARG C 1380 -34.33 -23.73 15.95
N SER C 1381 -34.44 -22.42 15.71
CA SER C 1381 -34.33 -21.87 14.37
C SER C 1381 -32.85 -21.71 14.00
N GLU C 1382 -32.58 -21.30 12.77
CA GLU C 1382 -31.20 -21.12 12.32
C GLU C 1382 -30.59 -19.85 12.92
N ASP C 1383 -31.45 -18.89 13.25
CA ASP C 1383 -31.01 -17.61 13.81
C ASP C 1383 -30.79 -17.70 15.32
N SER C 1384 -30.78 -18.94 15.83
CA SER C 1384 -30.62 -19.26 17.24
C SER C 1384 -31.84 -18.96 18.12
N SER C 1385 -32.95 -18.57 17.51
CA SER C 1385 -34.19 -18.30 18.25
C SER C 1385 -35.11 -19.52 18.26
N LEU C 1386 -36.15 -19.48 19.09
CA LEU C 1386 -37.14 -20.54 19.12
C LEU C 1386 -38.18 -20.39 18.01
N VAL C 1387 -38.59 -21.50 17.41
CA VAL C 1387 -39.68 -21.46 16.46
C VAL C 1387 -41.02 -21.40 17.19
N VAL C 1388 -41.73 -20.29 17.00
CA VAL C 1388 -43.00 -20.04 17.67
C VAL C 1388 -44.08 -19.74 16.63
N ASN C 1389 -45.34 -20.04 16.95
CA ASN C 1389 -46.45 -19.64 16.10
C ASN C 1389 -46.74 -18.13 16.24
N VAL C 1390 -47.71 -17.64 15.47
CA VAL C 1390 -48.07 -16.23 15.48
C VAL C 1390 -48.46 -15.72 16.87
N SER C 1391 -49.14 -16.57 17.64
CA SER C 1391 -49.61 -16.19 18.96
C SER C 1391 -48.46 -15.96 19.90
N GLY C 1392 -47.36 -16.69 19.67
CA GLY C 1392 -46.16 -16.52 20.46
C GLY C 1392 -45.76 -17.82 21.14
N THR C 1393 -46.58 -18.84 20.94
CA THR C 1393 -46.34 -20.12 21.59
C THR C 1393 -45.30 -20.93 20.84
N PRO C 1394 -44.24 -21.35 21.54
CA PRO C 1394 -43.17 -22.20 21.01
C PRO C 1394 -43.73 -23.51 20.50
N ALA C 1395 -43.31 -23.93 19.31
CA ALA C 1395 -43.83 -25.15 18.70
C ALA C 1395 -43.22 -26.40 19.32
N LEU C 1396 -44.03 -27.45 19.42
CA LEU C 1396 -43.57 -28.74 19.92
C LEU C 1396 -43.53 -29.75 18.80
N VAL C 1397 -42.35 -30.31 18.54
CA VAL C 1397 -42.20 -31.27 17.45
C VAL C 1397 -41.52 -32.53 17.97
N VAL C 1398 -41.58 -33.61 17.19
CA VAL C 1398 -40.89 -34.83 17.57
C VAL C 1398 -39.66 -34.97 16.69
N THR C 1399 -38.51 -35.20 17.30
CA THR C 1399 -37.27 -35.26 16.55
C THR C 1399 -36.42 -36.46 16.95
N ASP C 1400 -35.50 -36.82 16.06
CA ASP C 1400 -34.52 -37.86 16.33
C ASP C 1400 -33.17 -37.20 16.59
N ASN C 1401 -33.20 -35.88 16.71
CA ASN C 1401 -32.03 -35.10 17.07
C ASN C 1401 -32.32 -34.29 18.34
N ARG C 1402 -32.70 -34.99 19.39
CA ARG C 1402 -33.11 -34.32 20.63
C ARG C 1402 -31.99 -34.26 21.67
N TRP C 1403 -31.92 -33.13 22.36
CA TRP C 1403 -30.90 -32.86 23.36
C TRP C 1403 -31.55 -32.33 24.65
N ALA C 1404 -30.97 -32.71 25.78
CA ALA C 1404 -31.38 -32.21 27.08
C ALA C 1404 -30.37 -31.16 27.53
N VAL C 1405 -30.82 -29.92 27.68
CA VAL C 1405 -29.93 -28.83 28.08
C VAL C 1405 -30.07 -28.54 29.57
N SER C 1406 -29.00 -28.77 30.33
CA SER C 1406 -29.00 -28.56 31.78
C SER C 1406 -27.90 -27.57 32.19
N GLY C 1407 -28.11 -26.94 33.34
CA GLY C 1407 -27.15 -26.01 33.90
C GLY C 1407 -27.02 -24.72 33.11
N ARG C 1408 -28.03 -24.38 32.30
CA ARG C 1408 -27.95 -23.14 31.54
C ARG C 1408 -28.06 -21.95 32.47
N THR C 1409 -27.10 -21.04 32.35
CA THR C 1409 -27.00 -19.92 33.27
C THR C 1409 -26.67 -18.61 32.54
N GLU C 1410 -27.37 -17.55 32.92
CA GLU C 1410 -27.04 -16.19 32.49
C GLU C 1410 -26.31 -15.49 33.63
N TYR C 1411 -25.06 -15.09 33.34
CA TYR C 1411 -24.17 -14.43 34.30
C TYR C 1411 -24.19 -12.91 34.17
N ASP C 1412 -23.65 -12.23 35.19
CA ASP C 1412 -23.36 -10.80 35.14
C ASP C 1412 -21.88 -10.57 34.86
N GLY C 1413 -21.44 -9.33 35.02
CA GLY C 1413 -20.06 -8.97 34.78
C GLY C 1413 -19.10 -9.58 35.79
N LYS C 1414 -19.65 -10.04 36.92
CA LYS C 1414 -18.84 -10.58 38.01
C LYS C 1414 -18.91 -12.10 38.08
N GLY C 1415 -19.51 -12.72 37.07
CA GLY C 1415 -19.54 -14.18 36.99
C GLY C 1415 -20.58 -14.82 37.90
N GLN C 1416 -21.57 -14.05 38.31
CA GLN C 1416 -22.61 -14.58 39.18
C GLN C 1416 -23.85 -14.89 38.36
N GLY C 1417 -24.43 -16.05 38.60
CA GLY C 1417 -25.57 -16.51 37.82
C GLY C 1417 -26.87 -15.85 38.19
N ILE C 1418 -27.28 -14.83 37.43
CA ILE C 1418 -28.52 -14.14 37.75
C ILE C 1418 -29.67 -15.01 37.28
N ARG C 1419 -29.47 -15.74 36.19
CA ARG C 1419 -30.58 -16.57 35.72
C ARG C 1419 -30.18 -18.03 35.61
N VAL C 1420 -30.78 -18.86 36.46
CA VAL C 1420 -30.54 -20.29 36.42
C VAL C 1420 -31.74 -21.00 35.80
N TYR C 1421 -31.53 -21.61 34.64
CA TYR C 1421 -32.64 -22.16 33.85
C TYR C 1421 -32.99 -23.61 34.17
N GLN C 1422 -34.27 -23.94 34.05
CA GLN C 1422 -34.70 -25.33 34.15
C GLN C 1422 -34.15 -26.11 32.97
N PRO C 1423 -33.89 -27.41 33.18
CA PRO C 1423 -33.49 -28.27 32.07
C PRO C 1423 -34.55 -28.23 30.97
N TYR C 1424 -34.16 -28.38 29.71
CA TYR C 1424 -35.11 -28.36 28.62
C TYR C 1424 -34.65 -29.18 27.41
N PHE C 1425 -35.63 -29.60 26.61
CA PHE C 1425 -35.33 -30.35 25.39
C PHE C 1425 -35.21 -29.40 24.22
N LEU C 1426 -34.31 -29.72 23.28
CA LEU C 1426 -34.19 -28.92 22.07
C LEU C 1426 -33.84 -29.85 20.91
N ASP C 1427 -34.22 -29.46 19.70
CA ASP C 1427 -34.00 -30.28 18.51
C ASP C 1427 -32.64 -30.01 17.89
N ASP C 1428 -31.70 -29.60 18.72
CA ASP C 1428 -30.34 -29.28 18.29
C ASP C 1428 -29.42 -29.14 19.51
N TRP C 1429 -28.14 -29.45 19.31
CA TRP C 1429 -27.13 -29.24 20.36
C TRP C 1429 -26.75 -27.77 20.37
N ARG C 1430 -27.10 -27.07 19.31
CA ARG C 1430 -26.71 -25.68 19.12
C ARG C 1430 -27.36 -24.72 20.12
N TYR C 1431 -26.61 -23.67 20.43
CA TYR C 1431 -26.97 -22.69 21.46
C TYR C 1431 -28.23 -21.89 21.12
N LEU C 1432 -29.24 -22.00 21.98
CA LEU C 1432 -30.46 -21.20 21.85
C LEU C 1432 -30.17 -19.80 22.36
N SER C 1433 -30.68 -18.79 21.66
CA SER C 1433 -30.39 -17.39 22.00
C SER C 1433 -30.89 -17.03 23.40
N ASP C 1434 -30.17 -16.13 24.06
CA ASP C 1434 -30.54 -15.72 25.41
C ASP C 1434 -31.87 -14.96 25.42
N ASP C 1435 -32.15 -14.25 24.33
CA ASP C 1435 -33.41 -13.54 24.18
C ASP C 1435 -34.59 -14.52 24.27
N SER C 1436 -34.51 -15.57 23.46
CA SER C 1436 -35.55 -16.59 23.42
C SER C 1436 -35.65 -17.34 24.73
N ALA C 1437 -34.52 -17.54 25.40
CA ALA C 1437 -34.50 -18.23 26.68
C ALA C 1437 -35.20 -17.40 27.75
N ARG C 1438 -34.94 -16.11 27.75
CA ARG C 1438 -35.55 -15.18 28.70
C ARG C 1438 -37.05 -15.11 28.47
N THR C 1439 -37.46 -15.20 27.19
CA THR C 1439 -38.89 -15.10 26.90
C THR C 1439 -39.67 -16.40 27.14
N ASP C 1440 -39.08 -17.54 26.83
CA ASP C 1440 -39.82 -18.79 26.75
C ASP C 1440 -39.38 -19.92 27.68
N LEU C 1441 -38.27 -19.72 28.40
CA LEU C 1441 -37.78 -20.77 29.29
C LEU C 1441 -37.90 -20.38 30.76
N PHE C 1442 -38.20 -21.37 31.60
CA PHE C 1442 -38.31 -21.14 33.03
C PHE C 1442 -36.95 -21.08 33.71
N ALA C 1443 -36.80 -20.07 34.57
CA ALA C 1443 -35.55 -19.88 35.29
C ALA C 1443 -35.85 -19.22 36.62
N ASP C 1444 -34.98 -19.46 37.59
CA ASP C 1444 -34.99 -18.68 38.81
C ASP C 1444 -34.02 -17.53 38.61
N THR C 1445 -34.43 -16.31 38.96
CA THR C 1445 -33.54 -15.17 38.88
C THR C 1445 -32.90 -14.90 40.24
N HIS C 1446 -31.61 -14.60 40.24
CA HIS C 1446 -30.86 -14.39 41.47
C HIS C 1446 -30.28 -12.96 41.53
N ILE C 1447 -30.58 -12.27 42.62
CA ILE C 1447 -30.15 -10.88 42.83
C ILE C 1447 -29.16 -10.82 43.99
N TYR C 1448 -27.97 -10.31 43.66
CA TYR C 1448 -26.80 -10.25 44.53
C TYR C 1448 -26.52 -8.82 44.99
N ASP C 1449 -25.98 -8.68 46.20
CA ASP C 1449 -25.62 -7.37 46.73
C ASP C 1449 -24.20 -6.97 46.32
N PRO C 1450 -23.79 -5.70 46.56
CA PRO C 1450 -22.43 -5.28 46.21
C PRO C 1450 -21.32 -6.14 46.78
N LEU C 1451 -21.63 -6.95 47.79
CA LEU C 1451 -20.65 -7.86 48.38
C LEU C 1451 -20.68 -9.22 47.67
N GLY C 1452 -21.50 -9.31 46.63
CA GLY C 1452 -21.66 -10.55 45.89
C GLY C 1452 -22.38 -11.60 46.69
N ARG C 1453 -23.25 -11.16 47.60
CA ARG C 1453 -24.08 -12.09 48.35
C ARG C 1453 -25.49 -12.11 47.78
N GLU C 1454 -26.00 -13.31 47.57
CA GLU C 1454 -27.37 -13.49 47.10
C GLU C 1454 -28.29 -12.99 48.21
N TYR C 1455 -29.18 -12.07 47.87
CA TYR C 1455 -30.13 -11.57 48.84
C TYR C 1455 -31.56 -11.69 48.34
N GLN C 1456 -31.73 -11.97 47.05
CA GLN C 1456 -33.08 -12.19 46.56
C GLN C 1456 -33.14 -13.25 45.45
N VAL C 1457 -34.19 -14.05 45.46
CA VAL C 1457 -34.42 -15.04 44.41
C VAL C 1457 -35.88 -15.00 43.98
N ILE C 1458 -36.13 -14.78 42.68
CA ILE C 1458 -37.47 -14.88 42.13
C ILE C 1458 -37.57 -16.21 41.40
N THR C 1459 -38.40 -17.11 41.90
CA THR C 1459 -38.54 -18.43 41.27
C THR C 1459 -39.29 -18.33 39.97
N ALA C 1460 -39.21 -19.38 39.14
CA ALA C 1460 -39.90 -19.39 37.86
C ALA C 1460 -41.41 -19.16 38.03
N LYS C 1461 -41.99 -19.80 39.04
CA LYS C 1461 -43.41 -19.63 39.34
C LYS C 1461 -43.72 -18.20 39.80
N GLY C 1462 -42.71 -17.49 40.32
CA GLY C 1462 -42.90 -16.11 40.70
C GLY C 1462 -42.85 -15.81 42.18
N TYR C 1463 -42.59 -16.82 42.98
CA TYR C 1463 -42.44 -16.62 44.43
C TYR C 1463 -41.07 -16.05 44.75
N ARG C 1464 -40.88 -15.62 45.98
CA ARG C 1464 -39.65 -14.95 46.35
C ARG C 1464 -39.00 -15.59 47.57
N ARG C 1465 -37.67 -15.65 47.53
CA ARG C 1465 -36.89 -15.95 48.73
C ARG C 1465 -36.06 -14.69 48.98
N GLU C 1466 -35.99 -14.28 50.24
CA GLU C 1466 -35.26 -13.06 50.57
C GLU C 1466 -34.30 -13.31 51.73
N ARG C 1467 -33.19 -12.56 51.72
CA ARG C 1467 -32.21 -12.69 52.78
C ARG C 1467 -31.70 -11.32 53.20
N GLN C 1468 -31.79 -11.04 54.49
CA GLN C 1468 -31.32 -9.76 55.02
C GLN C 1468 -30.07 -9.94 55.83
N TYR C 1469 -29.03 -9.19 55.50
CA TYR C 1469 -27.79 -9.26 56.25
C TYR C 1469 -27.70 -8.09 57.22
N THR C 1470 -27.55 -8.40 58.49
CA THR C 1470 -27.24 -7.40 59.51
C THR C 1470 -25.95 -7.88 60.13
N PRO C 1471 -25.23 -6.98 60.80
CA PRO C 1471 -23.93 -7.38 61.37
C PRO C 1471 -24.04 -8.52 62.36
N TRP C 1472 -25.15 -8.60 63.09
CA TRP C 1472 -25.29 -9.54 64.20
C TRP C 1472 -26.27 -10.70 63.95
N PHE C 1473 -27.03 -10.61 62.87
CA PHE C 1473 -27.93 -11.71 62.49
C PHE C 1473 -28.29 -11.69 61.00
N VAL C 1474 -28.54 -12.88 60.44
CA VAL C 1474 -29.03 -12.97 59.06
C VAL C 1474 -30.47 -13.51 59.05
N VAL C 1475 -31.34 -12.81 58.32
CA VAL C 1475 -32.77 -13.14 58.29
C VAL C 1475 -33.14 -13.85 56.99
N ASN C 1476 -33.76 -15.02 57.11
CA ASN C 1476 -34.11 -15.85 55.97
C ASN C 1476 -35.61 -16.00 55.76
N GLN C 1477 -36.09 -15.57 54.59
CA GLN C 1477 -37.50 -15.66 54.25
C GLN C 1477 -37.71 -16.54 53.01
N ASP C 1478 -38.55 -17.57 53.15
CA ASP C 1478 -38.83 -18.48 52.04
C ASP C 1478 -40.05 -18.07 51.22
N GLU C 1479 -40.51 -18.98 50.37
CA GLU C 1479 -41.62 -18.70 49.46
C GLU C 1479 -42.95 -18.44 50.17
N ASN C 1480 -43.21 -19.16 51.26
CA ASN C 1480 -44.43 -18.94 52.03
C ASN C 1480 -44.39 -17.62 52.82
N ASP C 1481 -43.22 -17.32 53.38
CA ASP C 1481 -43.02 -16.11 54.19
C ASP C 1481 -43.29 -14.82 53.42
N THR C 1482 -42.92 -14.80 52.14
CA THR C 1482 -43.02 -13.60 51.29
C THR C 1482 -44.33 -13.50 50.52
N ALA C 1483 -45.08 -14.59 50.46
CA ALA C 1483 -46.30 -14.69 49.63
C ALA C 1483 -47.39 -13.67 49.93
N ALA C 1484 -47.37 -13.07 51.12
CA ALA C 1484 -48.40 -12.10 51.49
C ALA C 1484 -48.04 -10.67 51.08
N ASN C 1485 -46.89 -10.50 50.43
CA ASN C 1485 -46.47 -9.19 49.96
C ASN C 1485 -46.51 -9.08 48.44
N GLN D 4 -50.64 -13.34 55.89
CA GLN D 4 -51.17 -14.70 56.02
C GLN D 4 -50.67 -15.40 57.28
N LEU D 5 -50.54 -16.72 57.23
CA LEU D 5 -50.10 -17.48 58.41
C LEU D 5 -48.57 -17.47 58.56
N PHE D 6 -47.87 -17.15 57.48
CA PHE D 6 -46.41 -17.25 57.48
C PHE D 6 -45.76 -15.87 57.49
N SER D 7 -46.59 -14.83 57.52
CA SER D 7 -46.11 -13.46 57.58
C SER D 7 -45.33 -13.29 58.88
N LYS D 8 -44.14 -12.70 58.77
CA LYS D 8 -43.26 -12.52 59.92
C LYS D 8 -42.87 -13.83 60.60
N THR D 9 -42.64 -14.87 59.80
CA THR D 9 -42.07 -16.11 60.33
C THR D 9 -40.79 -16.43 59.56
N PRO D 10 -39.76 -15.57 59.68
CA PRO D 10 -38.56 -15.92 58.94
C PRO D 10 -37.72 -16.88 59.78
N SER D 11 -36.60 -17.32 59.22
CA SER D 11 -35.62 -18.08 59.96
C SER D 11 -34.48 -17.12 60.21
N VAL D 12 -33.96 -17.09 61.43
CA VAL D 12 -32.90 -16.15 61.77
C VAL D 12 -31.71 -16.87 62.39
N THR D 13 -30.49 -16.49 61.98
CA THR D 13 -29.29 -16.98 62.63
C THR D 13 -28.58 -15.81 63.30
N VAL D 14 -28.27 -15.98 64.58
CA VAL D 14 -27.66 -14.92 65.38
C VAL D 14 -26.21 -15.26 65.68
N PHE D 15 -25.35 -14.30 65.39
CA PHE D 15 -23.89 -14.44 65.48
C PHE D 15 -23.31 -13.76 66.69
N ASP D 16 -22.14 -14.21 67.14
CA ASP D 16 -21.37 -13.49 68.15
C ASP D 16 -20.40 -12.56 67.44
N ASN D 17 -19.36 -12.12 68.15
CA ASN D 17 -18.38 -11.22 67.56
C ASN D 17 -17.23 -11.94 66.84
N ARG D 18 -17.36 -13.26 66.67
CA ARG D 18 -16.32 -14.04 66.01
C ARG D 18 -16.85 -14.89 64.85
N GLY D 19 -17.93 -14.45 64.21
CA GLY D 19 -18.45 -15.15 63.06
C GLY D 19 -19.04 -16.50 63.42
N LEU D 20 -19.43 -16.68 64.68
CA LEU D 20 -19.98 -17.94 65.14
C LEU D 20 -21.49 -17.87 65.36
N SER D 21 -22.19 -18.93 64.98
CA SER D 21 -23.65 -18.97 65.09
C SER D 21 -24.09 -19.36 66.50
N VAL D 22 -24.56 -18.39 67.27
CA VAL D 22 -24.91 -18.65 68.66
C VAL D 22 -26.40 -18.87 68.87
N ARG D 23 -27.23 -18.40 67.95
CA ARG D 23 -28.68 -18.64 68.09
C ARG D 23 -29.40 -19.02 66.79
N ASP D 24 -30.25 -20.04 66.84
CA ASP D 24 -31.16 -20.34 65.73
C ASP D 24 -32.57 -19.93 66.15
N ILE D 25 -33.17 -18.98 65.46
CA ILE D 25 -34.50 -18.52 65.82
C ILE D 25 -35.55 -18.85 64.76
N ALA D 26 -36.56 -19.60 65.19
CA ALA D 26 -37.71 -19.91 64.35
C ALA D 26 -38.96 -19.29 64.95
N TYR D 27 -40.02 -19.21 64.17
CA TYR D 27 -41.25 -18.60 64.62
C TYR D 27 -42.42 -19.53 64.35
N ARG D 28 -42.89 -20.19 65.41
CA ARG D 28 -43.93 -21.19 65.25
C ARG D 28 -45.31 -20.60 65.42
N ARG D 29 -46.15 -20.80 64.41
CA ARG D 29 -47.52 -20.32 64.43
C ARG D 29 -48.45 -21.38 63.89
N HIS D 30 -49.47 -21.70 64.69
CA HIS D 30 -50.46 -22.70 64.30
C HIS D 30 -51.61 -22.04 63.57
N PRO D 31 -52.13 -22.69 62.51
CA PRO D 31 -53.24 -22.16 61.71
C PRO D 31 -54.55 -22.03 62.50
N ASP D 32 -54.68 -22.80 63.58
CA ASP D 32 -55.85 -22.71 64.45
C ASP D 32 -55.77 -21.49 65.35
N THR D 33 -54.55 -21.08 65.68
CA THR D 33 -54.33 -19.93 66.57
C THR D 33 -53.38 -18.92 65.93
N PRO D 34 -53.83 -18.26 64.84
CA PRO D 34 -52.97 -17.43 64.00
C PRO D 34 -52.60 -16.08 64.61
N LYS D 35 -53.11 -15.78 65.79
CA LYS D 35 -52.75 -14.56 66.48
C LYS D 35 -51.58 -14.81 67.45
N VAL D 36 -51.34 -16.08 67.73
CA VAL D 36 -50.26 -16.48 68.64
C VAL D 36 -49.03 -16.96 67.88
N THR D 37 -47.89 -16.32 68.12
CA THR D 37 -46.63 -16.72 67.50
C THR D 37 -45.56 -17.03 68.55
N GLU D 38 -45.07 -18.28 68.52
CA GLU D 38 -44.03 -18.70 69.45
C GLU D 38 -42.64 -18.47 68.90
N GLU D 39 -41.81 -17.76 69.67
CA GLU D 39 -40.42 -17.59 69.31
C GLU D 39 -39.63 -18.78 69.83
N CYS D 40 -39.22 -19.66 68.93
CA CYS D 40 -38.42 -20.82 69.31
C CYS D 40 -36.95 -20.50 69.15
N ILE D 41 -36.21 -20.50 70.26
CA ILE D 41 -34.79 -20.19 70.20
C ILE D 41 -33.90 -21.39 70.58
N THR D 42 -33.04 -21.77 69.65
CA THR D 42 -32.03 -22.81 69.84
C THR D 42 -30.73 -22.10 70.17
N TYR D 43 -30.05 -22.55 71.22
CA TYR D 43 -28.85 -21.87 71.71
C TYR D 43 -27.58 -22.66 71.41
N HIS D 44 -26.53 -21.94 71.02
CA HIS D 44 -25.23 -22.54 70.79
C HIS D 44 -24.15 -21.73 71.51
N GLN D 45 -23.44 -22.38 72.42
CA GLN D 45 -22.40 -21.75 73.22
C GLN D 45 -21.02 -22.28 72.83
N PHE D 46 -20.12 -21.33 72.59
CA PHE D 46 -18.77 -21.64 72.14
C PHE D 46 -17.72 -21.29 73.21
N ASP D 47 -16.63 -22.06 73.22
CA ASP D 47 -15.62 -21.94 74.26
C ASP D 47 -14.55 -20.90 73.96
N PHE D 48 -13.52 -20.86 74.81
CA PHE D 48 -12.40 -19.93 74.67
C PHE D 48 -11.62 -20.16 73.38
N ARG D 49 -11.76 -21.34 72.79
CA ARG D 49 -11.00 -21.69 71.58
C ARG D 49 -11.84 -21.55 70.32
N GLY D 50 -13.06 -21.04 70.49
CA GLY D 50 -13.95 -20.81 69.37
C GLY D 50 -14.71 -22.04 68.89
N PHE D 51 -14.69 -23.10 69.69
CA PHE D 51 -15.36 -24.33 69.31
C PHE D 51 -16.68 -24.56 70.07
N LEU D 52 -17.56 -25.35 69.47
CA LEU D 52 -18.88 -25.57 70.03
C LEU D 52 -18.79 -26.33 71.34
N ALA D 53 -19.43 -25.78 72.38
CA ALA D 53 -19.37 -26.36 73.71
C ALA D 53 -20.73 -26.82 74.20
N GLN D 54 -21.76 -26.05 73.94
CA GLN D 54 -23.11 -26.44 74.35
C GLN D 54 -24.15 -26.15 73.29
N SER D 55 -25.14 -27.02 73.17
CA SER D 55 -26.30 -26.78 72.32
C SER D 55 -27.57 -27.09 73.10
N LEU D 56 -28.56 -26.20 73.01
CA LEU D 56 -29.78 -26.36 73.79
C LEU D 56 -31.01 -26.08 72.93
N ASP D 57 -31.98 -27.00 72.95
CA ASP D 57 -33.24 -26.75 72.24
C ASP D 57 -34.08 -25.76 73.04
N PRO D 58 -35.11 -25.16 72.43
CA PRO D 58 -35.93 -24.17 73.14
C PRO D 58 -36.61 -24.70 74.39
N ARG D 59 -36.98 -25.98 74.40
CA ARG D 59 -37.71 -26.57 75.52
C ARG D 59 -36.82 -26.82 76.74
N LEU D 60 -35.74 -27.57 76.55
CA LEU D 60 -34.89 -27.96 77.68
C LEU D 60 -34.15 -26.79 78.30
N ASN D 61 -33.74 -25.83 77.48
CA ASN D 61 -33.03 -24.65 77.97
C ASN D 61 -33.85 -23.92 79.03
N HIS D 62 -35.16 -23.84 78.79
CA HIS D 62 -36.09 -23.20 79.71
C HIS D 62 -36.14 -23.96 81.04
N LYS D 63 -35.71 -25.22 81.01
CA LYS D 63 -35.69 -26.07 82.19
C LYS D 63 -34.25 -26.31 82.68
N GLU D 64 -33.33 -25.47 82.20
CA GLU D 64 -31.93 -25.50 82.61
C GLU D 64 -31.30 -26.90 82.48
N VAL D 65 -31.45 -27.51 81.31
CA VAL D 65 -30.80 -28.78 80.99
C VAL D 65 -30.14 -28.66 79.62
N THR D 66 -28.94 -29.22 79.46
CA THR D 66 -28.17 -29.03 78.24
C THR D 66 -28.26 -30.23 77.30
N ASN D 67 -28.86 -30.03 76.13
CA ASN D 67 -29.00 -31.11 75.14
C ASN D 67 -27.66 -31.77 74.84
N PHE D 68 -26.65 -30.95 74.55
CA PHE D 68 -25.33 -31.44 74.17
C PHE D 68 -24.20 -30.66 74.81
N SER D 69 -23.20 -31.39 75.32
CA SER D 69 -21.97 -30.77 75.81
C SER D 69 -20.78 -31.39 75.08
N TYR D 70 -19.82 -30.55 74.70
CA TYR D 70 -18.67 -31.07 73.96
C TYR D 70 -17.34 -30.66 74.57
N LEU D 71 -16.38 -31.59 74.52
CA LEU D 71 -14.99 -31.33 74.89
C LEU D 71 -14.13 -31.81 73.73
N THR D 72 -13.26 -30.92 73.25
CA THR D 72 -12.50 -31.14 72.02
C THR D 72 -11.00 -31.09 72.28
N ASP D 73 -10.22 -31.41 71.24
CA ASP D 73 -8.79 -31.16 71.30
C ASP D 73 -8.52 -29.69 70.91
N LEU D 74 -7.25 -29.34 70.80
CA LEU D 74 -6.86 -27.96 70.50
C LEU D 74 -7.24 -27.52 69.08
N ASN D 75 -7.66 -28.46 68.24
CA ASN D 75 -8.05 -28.15 66.88
C ASN D 75 -9.55 -28.20 66.64
N GLY D 76 -10.29 -28.52 67.71
CA GLY D 76 -11.75 -28.48 67.68
C GLY D 76 -12.40 -29.82 67.42
N ASN D 77 -11.59 -30.87 67.27
CA ASN D 77 -12.12 -32.20 67.06
C ASN D 77 -12.74 -32.73 68.34
N ILE D 78 -14.00 -33.14 68.26
CA ILE D 78 -14.73 -33.61 69.44
C ILE D 78 -14.15 -34.91 69.98
N ILE D 79 -13.82 -34.90 71.27
CA ILE D 79 -13.35 -36.11 71.95
C ILE D 79 -14.46 -36.65 72.85
N TYR D 80 -15.02 -35.77 73.67
CA TYR D 80 -16.03 -36.19 74.62
C TYR D 80 -17.37 -35.45 74.41
N THR D 81 -18.46 -36.20 74.45
CA THR D 81 -19.80 -35.64 74.23
C THR D 81 -20.76 -36.09 75.32
N GLN D 82 -21.58 -35.17 75.82
CA GLN D 82 -22.68 -35.50 76.73
C GLN D 82 -24.00 -35.20 76.04
N SER D 83 -24.75 -36.27 75.76
CA SER D 83 -26.05 -36.17 75.10
C SER D 83 -27.16 -36.68 76.02
N VAL D 84 -28.26 -35.94 76.10
CA VAL D 84 -29.41 -36.40 76.86
C VAL D 84 -30.23 -37.44 76.09
N ASP D 85 -30.06 -37.45 74.77
CA ASP D 85 -30.77 -38.41 73.94
C ASP D 85 -29.89 -39.64 73.68
N ALA D 86 -28.62 -39.42 73.36
CA ALA D 86 -27.74 -40.52 72.95
C ALA D 86 -26.78 -40.95 74.04
N GLY D 87 -26.85 -40.27 75.19
CA GLY D 87 -25.97 -40.57 76.30
C GLY D 87 -24.57 -40.03 76.06
N ASN D 88 -23.66 -40.32 76.98
CA ASN D 88 -22.30 -39.80 76.87
C ASN D 88 -21.43 -40.71 76.02
N THR D 89 -20.52 -40.12 75.26
CA THR D 89 -19.64 -40.87 74.40
C THR D 89 -18.25 -40.26 74.34
N LEU D 90 -17.25 -41.10 74.05
CA LEU D 90 -15.88 -40.61 73.94
C LEU D 90 -15.28 -41.22 72.69
N VAL D 91 -14.74 -40.39 71.81
CA VAL D 91 -14.10 -40.91 70.60
C VAL D 91 -12.70 -40.33 70.46
N LEU D 92 -11.84 -41.05 69.73
CA LEU D 92 -10.51 -40.54 69.41
C LEU D 92 -10.02 -41.05 68.05
N ASN D 93 -9.39 -40.16 67.31
CA ASN D 93 -8.75 -40.52 66.04
C ASN D 93 -7.24 -40.50 66.21
N ASP D 94 -6.53 -41.22 65.33
CA ASP D 94 -5.07 -41.21 65.38
C ASP D 94 -4.49 -40.03 64.58
N THR D 95 -3.17 -39.99 64.46
CA THR D 95 -2.50 -38.92 63.75
C THR D 95 -2.72 -39.05 62.25
N GLU D 96 -3.20 -40.22 61.83
CA GLU D 96 -3.50 -40.47 60.43
C GLU D 96 -4.96 -40.14 60.13
N GLY D 97 -5.67 -39.69 61.16
CA GLY D 97 -7.07 -39.30 61.01
C GLY D 97 -8.01 -40.47 61.18
N ARG D 98 -7.46 -41.63 61.52
CA ARG D 98 -8.25 -42.87 61.61
C ARG D 98 -8.84 -43.03 63.01
N SER D 99 -10.08 -43.55 63.07
CA SER D 99 -10.75 -43.83 64.33
C SER D 99 -10.01 -44.95 65.06
N VAL D 100 -9.74 -44.78 66.35
CA VAL D 100 -9.05 -45.82 67.11
C VAL D 100 -9.85 -46.32 68.31
N ILE D 101 -10.67 -45.43 68.89
CA ILE D 101 -11.51 -45.82 70.01
C ILE D 101 -12.83 -45.04 70.03
N ALA D 102 -13.89 -45.75 70.43
CA ALA D 102 -15.22 -45.18 70.60
C ALA D 102 -15.91 -45.87 71.78
N MET D 103 -16.15 -45.12 72.85
CA MET D 103 -16.82 -45.64 74.02
C MET D 103 -18.22 -45.05 74.12
N THR D 104 -19.21 -45.94 74.15
CA THR D 104 -20.62 -45.56 74.08
C THR D 104 -21.45 -46.25 75.17
N ASN D 105 -22.75 -45.92 75.18
CA ASN D 105 -23.68 -46.42 76.20
C ASN D 105 -23.23 -46.07 77.61
N ILE D 106 -23.02 -44.78 77.84
CA ILE D 106 -22.55 -44.29 79.13
C ILE D 106 -23.51 -43.22 79.62
N SER D 107 -23.87 -43.31 80.90
CA SER D 107 -24.77 -42.32 81.52
C SER D 107 -24.09 -41.71 82.75
N ARG D 108 -24.84 -40.87 83.48
CA ARG D 108 -24.30 -40.19 84.66
C ARG D 108 -24.65 -40.93 85.95
N ASN D 111 -23.23 -40.57 91.51
CA ASN D 111 -24.21 -39.50 91.62
C ASN D 111 -23.76 -38.24 90.88
N GLY D 112 -22.57 -38.32 90.30
CA GLY D 112 -21.99 -37.20 89.57
C GLY D 112 -21.19 -37.67 88.36
N LYS D 113 -20.29 -38.61 88.59
CA LYS D 113 -19.37 -39.07 87.56
C LYS D 113 -20.05 -39.99 86.54
N ASP D 114 -19.29 -40.41 85.52
CA ASP D 114 -19.85 -41.24 84.45
C ASP D 114 -19.98 -42.72 84.81
N ASP D 115 -21.16 -43.28 84.54
CA ASP D 115 -21.43 -44.68 84.80
C ASP D 115 -21.04 -45.51 83.59
N LEU D 116 -19.97 -46.30 83.75
CA LEU D 116 -19.43 -47.10 82.66
C LEU D 116 -19.77 -48.59 82.79
N SER D 117 -20.71 -48.92 83.68
CA SER D 117 -21.06 -50.31 83.99
C SER D 117 -21.53 -51.10 82.77
N LEU D 118 -22.16 -50.39 81.81
CA LEU D 118 -22.65 -51.02 80.60
C LEU D 118 -22.03 -50.35 79.38
N ALA D 119 -20.89 -49.69 79.59
CA ALA D 119 -20.22 -48.96 78.52
C ALA D 119 -19.70 -49.91 77.45
N VAL D 120 -19.86 -49.53 76.19
CA VAL D 120 -19.38 -50.34 75.09
C VAL D 120 -18.12 -49.70 74.50
N THR D 121 -17.02 -50.46 74.47
CA THR D 121 -15.75 -49.94 73.99
C THR D 121 -15.34 -50.63 72.70
N ARG D 122 -15.42 -49.89 71.60
CA ARG D 122 -15.00 -50.39 70.30
C ARG D 122 -13.65 -49.81 69.93
N THR D 123 -12.72 -50.68 69.55
CA THR D 123 -11.39 -50.25 69.12
C THR D 123 -11.10 -50.73 67.71
N PHE D 124 -10.28 -49.96 67.01
CA PHE D 124 -9.98 -50.26 65.61
C PHE D 124 -8.48 -50.50 65.47
N GLN D 125 -8.14 -51.60 64.81
CA GLN D 125 -6.74 -51.96 64.64
C GLN D 125 -6.35 -51.90 63.16
N TYR D 126 -5.15 -51.38 62.91
CA TYR D 126 -4.67 -51.20 61.55
C TYR D 126 -3.33 -51.89 61.35
N GLU D 127 -2.99 -52.12 60.09
CA GLU D 127 -1.70 -52.68 59.71
C GLU D 127 -0.60 -51.82 60.32
N ASN D 128 0.40 -52.47 60.91
CA ASN D 128 1.55 -51.74 61.44
C ASN D 128 2.58 -51.50 60.34
N ALA D 129 3.47 -50.54 60.54
CA ALA D 129 4.52 -50.25 59.57
C ALA D 129 5.35 -51.52 59.36
N PRO D 130 5.87 -51.73 58.14
CA PRO D 130 5.86 -50.83 56.98
C PRO D 130 4.65 -50.97 56.06
N LEU D 131 3.54 -51.52 56.55
CA LEU D 131 2.34 -51.63 55.73
C LEU D 131 1.59 -50.30 55.66
N PRO D 132 0.76 -50.10 54.62
CA PRO D 132 0.10 -48.80 54.45
C PRO D 132 -0.97 -48.47 55.51
N GLY D 133 -1.10 -49.31 56.53
CA GLY D 133 -1.98 -49.03 57.65
C GLY D 133 -3.47 -49.11 57.36
N ARG D 134 -3.85 -50.04 56.48
CA ARG D 134 -5.26 -50.28 56.19
C ARG D 134 -5.96 -50.91 57.38
N PRO D 135 -7.30 -50.80 57.43
CA PRO D 135 -8.05 -51.45 58.52
C PRO D 135 -7.70 -52.92 58.65
N LEU D 136 -7.32 -53.34 59.85
CA LEU D 136 -6.92 -54.72 60.08
C LEU D 136 -8.08 -55.45 60.76
N SER D 137 -8.59 -54.87 61.84
CA SER D 137 -9.64 -55.54 62.59
C SER D 137 -10.46 -54.57 63.44
N VAL D 138 -11.64 -55.03 63.88
CA VAL D 138 -12.47 -54.25 64.78
C VAL D 138 -12.85 -55.08 65.99
N THR D 139 -12.49 -54.55 67.17
CA THR D 139 -12.70 -55.21 68.45
C THR D 139 -13.81 -54.51 69.22
N GLU D 140 -14.61 -55.30 69.91
CA GLU D 140 -15.80 -54.82 70.61
C GLU D 140 -15.80 -55.41 72.02
N GLN D 141 -15.86 -54.56 73.04
CA GLN D 141 -15.84 -55.07 74.41
C GLN D 141 -16.82 -54.35 75.32
N VAL D 142 -17.77 -55.11 75.86
CA VAL D 142 -18.72 -54.57 76.82
C VAL D 142 -18.04 -54.61 78.17
N ASN D 143 -18.32 -53.61 79.02
CA ASN D 143 -17.67 -53.51 80.32
C ASN D 143 -17.87 -54.75 81.17
N GLY D 144 -16.76 -55.28 81.70
CA GLY D 144 -16.82 -56.46 82.56
C GLY D 144 -16.84 -57.75 81.78
N GLU D 145 -16.88 -57.66 80.45
CA GLU D 145 -16.89 -58.86 79.63
C GLU D 145 -15.61 -58.98 78.80
N ASN D 146 -15.47 -60.10 78.11
CA ASN D 146 -14.30 -60.31 77.26
C ASN D 146 -14.46 -59.60 75.93
N ALA D 147 -13.35 -59.20 75.33
CA ALA D 147 -13.39 -58.51 74.05
C ALA D 147 -13.64 -59.51 72.94
N ARG D 148 -14.57 -59.19 72.04
CA ARG D 148 -14.74 -59.98 70.84
C ARG D 148 -14.23 -59.17 69.65
N ILE D 149 -13.57 -59.84 68.73
CA ILE D 149 -13.11 -59.21 67.50
C ILE D 149 -14.18 -59.39 66.44
N THR D 150 -14.96 -58.34 66.21
CA THR D 150 -16.14 -58.42 65.34
C THR D 150 -15.80 -58.29 63.87
N GLU D 151 -14.62 -57.72 63.57
CA GLU D 151 -14.20 -57.58 62.17
C GLU D 151 -12.73 -57.94 61.92
N HIS D 152 -12.46 -58.50 60.75
CA HIS D 152 -11.08 -58.74 60.32
C HIS D 152 -10.94 -58.61 58.80
N PHE D 153 -9.87 -57.99 58.36
CA PHE D 153 -9.64 -57.73 56.94
C PHE D 153 -8.41 -58.44 56.40
N VAL D 154 -8.55 -59.05 55.22
CA VAL D 154 -7.42 -59.63 54.52
C VAL D 154 -7.39 -59.06 53.11
N TYR D 155 -6.20 -58.61 52.71
CA TYR D 155 -5.98 -57.92 51.44
C TYR D 155 -5.15 -58.77 50.49
N ALA D 156 -5.47 -58.72 49.20
CA ALA D 156 -4.73 -59.50 48.22
C ALA D 156 -3.35 -58.89 47.93
N GLY D 157 -2.44 -59.71 47.43
CA GLY D 157 -1.09 -59.27 47.14
C GLY D 157 -0.93 -58.90 45.69
N ASN D 158 0.29 -59.06 45.17
CA ASN D 158 0.63 -58.59 43.84
C ASN D 158 0.84 -59.70 42.82
N THR D 159 0.57 -60.95 43.21
CA THR D 159 0.84 -62.10 42.35
C THR D 159 0.07 -61.99 41.04
N PRO D 160 0.63 -62.53 39.94
CA PRO D 160 -0.04 -62.53 38.65
C PRO D 160 -1.46 -63.10 38.74
N GLN D 161 -1.63 -64.09 39.61
CA GLN D 161 -2.94 -64.70 39.83
C GLN D 161 -3.93 -63.65 40.35
N GLU D 162 -3.47 -62.83 41.30
CA GLU D 162 -4.32 -61.82 41.90
C GLU D 162 -4.57 -60.64 40.96
N LYS D 163 -3.54 -60.27 40.20
CA LYS D 163 -3.63 -59.17 39.25
C LYS D 163 -4.59 -59.49 38.09
N ASN D 164 -4.55 -60.73 37.61
CA ASN D 164 -5.44 -61.13 36.52
C ASN D 164 -6.92 -61.04 36.91
N LEU D 165 -7.18 -61.06 38.21
CA LEU D 165 -8.53 -60.91 38.73
C LEU D 165 -8.76 -59.47 39.20
N ASN D 166 -7.75 -58.62 39.01
CA ASN D 166 -7.81 -57.21 39.43
C ASN D 166 -8.02 -57.03 40.93
N LEU D 167 -7.36 -57.87 41.72
CA LEU D 167 -7.58 -57.90 43.17
C LEU D 167 -6.46 -57.23 43.98
N ALA D 168 -5.39 -56.81 43.30
CA ALA D 168 -4.23 -56.23 44.00
C ALA D 168 -4.64 -55.02 44.84
N GLY D 169 -4.36 -55.09 46.14
CA GLY D 169 -4.69 -54.00 47.03
C GLY D 169 -6.15 -54.02 47.49
N GLN D 170 -6.91 -55.04 47.10
CA GLN D 170 -8.30 -55.12 47.50
C GLN D 170 -8.49 -55.96 48.75
N CYS D 171 -9.40 -55.53 49.60
CA CYS D 171 -9.83 -56.37 50.71
C CYS D 171 -10.59 -57.53 50.09
N VAL D 172 -9.92 -58.66 49.95
CA VAL D 172 -10.52 -59.83 49.34
C VAL D 172 -11.27 -60.66 50.35
N SER D 173 -10.91 -60.52 51.63
CA SER D 173 -11.61 -61.30 52.65
C SER D 173 -12.05 -60.44 53.83
N TYR D 174 -13.37 -60.35 54.02
CA TYR D 174 -13.93 -59.53 55.07
C TYR D 174 -14.73 -60.38 56.04
N TYR D 175 -14.19 -60.54 57.25
CA TYR D 175 -14.86 -61.31 58.28
C TYR D 175 -15.63 -60.34 59.17
N ASP D 176 -16.96 -60.46 59.17
CA ASP D 176 -17.81 -59.60 60.01
C ASP D 176 -18.60 -60.38 61.05
N ALA D 177 -19.62 -59.73 61.60
CA ALA D 177 -20.43 -60.33 62.64
C ALA D 177 -21.27 -61.50 62.15
N ALA D 178 -21.47 -61.55 60.83
CA ALA D 178 -22.33 -62.58 60.23
C ALA D 178 -21.52 -63.73 59.63
N GLY D 179 -20.25 -63.50 59.36
CA GLY D 179 -19.40 -64.51 58.77
C GLY D 179 -18.35 -63.96 57.84
N LEU D 180 -18.43 -64.32 56.57
CA LEU D 180 -17.37 -63.99 55.61
C LEU D 180 -17.91 -63.46 54.28
N ILE D 181 -17.34 -62.35 53.84
CA ILE D 181 -17.60 -61.85 52.50
C ILE D 181 -16.29 -61.92 51.72
N GLN D 182 -16.26 -62.74 50.69
CA GLN D 182 -15.07 -62.87 49.87
C GLN D 182 -15.33 -62.15 48.56
N THR D 183 -14.35 -61.39 48.08
CA THR D 183 -14.45 -60.77 46.78
C THR D 183 -13.62 -61.61 45.82
N ASP D 184 -14.30 -62.28 44.90
CA ASP D 184 -13.66 -63.30 44.09
C ASP D 184 -12.94 -62.65 42.91
N SER D 185 -13.61 -61.68 42.28
CA SER D 185 -13.09 -61.06 41.07
C SER D 185 -13.53 -59.60 40.97
N VAL D 186 -12.67 -58.77 40.39
CA VAL D 186 -12.95 -57.34 40.22
C VAL D 186 -12.88 -56.97 38.74
N SER D 187 -13.79 -56.09 38.31
CA SER D 187 -13.84 -55.64 36.92
C SER D 187 -12.66 -54.74 36.55
N LEU D 188 -12.52 -54.49 35.26
CA LEU D 188 -11.50 -53.58 34.74
C LEU D 188 -11.80 -52.17 35.21
N THR D 189 -13.07 -51.92 35.50
CA THR D 189 -13.54 -50.61 35.96
C THR D 189 -13.57 -50.52 37.48
N GLY D 190 -12.89 -51.46 38.14
CA GLY D 190 -12.77 -51.45 39.59
C GLY D 190 -14.01 -51.91 40.33
N LYS D 191 -14.94 -52.53 39.61
CA LYS D 191 -16.19 -52.97 40.20
C LYS D 191 -16.15 -54.46 40.52
N PRO D 192 -16.83 -54.86 41.61
CA PRO D 192 -16.92 -56.28 41.97
C PRO D 192 -17.70 -57.09 40.95
N LEU D 193 -17.11 -58.19 40.47
CA LEU D 193 -17.76 -59.05 39.49
C LEU D 193 -18.31 -60.32 40.12
N SER D 194 -17.75 -60.69 41.26
CA SER D 194 -18.17 -61.89 41.97
C SER D 194 -17.85 -61.79 43.46
N VAL D 195 -18.88 -61.76 44.29
CA VAL D 195 -18.68 -61.81 45.74
C VAL D 195 -19.43 -63.01 46.31
N SER D 196 -18.92 -63.56 47.39
CA SER D 196 -19.51 -64.75 47.98
C SER D 196 -19.65 -64.56 49.47
N ARG D 197 -20.85 -64.80 49.97
CA ARG D 197 -21.11 -64.73 51.41
C ARG D 197 -21.17 -66.13 52.00
N LYS D 198 -20.46 -66.32 53.10
CA LYS D 198 -20.59 -67.52 53.89
C LYS D 198 -21.09 -67.10 55.26
N LEU D 199 -22.04 -67.85 55.80
CA LEU D 199 -22.62 -67.53 57.08
C LEU D 199 -21.84 -68.19 58.20
N LEU D 200 -21.84 -67.55 59.36
CA LEU D 200 -21.31 -68.17 60.56
C LEU D 200 -22.16 -69.39 60.88
N LYS D 201 -21.52 -70.49 61.31
CA LYS D 201 -22.26 -71.70 61.65
C LYS D 201 -23.13 -71.45 62.89
N ASN D 202 -24.38 -71.92 62.84
CA ASN D 202 -25.33 -71.73 63.93
C ASN D 202 -25.62 -70.27 64.20
N LEU D 203 -25.70 -69.49 63.12
CA LEU D 203 -26.05 -68.07 63.23
C LEU D 203 -27.50 -67.90 63.66
N ASP D 204 -28.28 -68.97 63.48
CA ASP D 204 -29.67 -69.03 63.92
C ASP D 204 -29.76 -68.90 65.44
N ASP D 205 -28.72 -69.38 66.12
CA ASP D 205 -28.61 -69.29 67.59
C ASP D 205 -28.13 -67.90 68.01
N THR D 206 -28.96 -67.21 68.78
CA THR D 206 -28.71 -65.82 69.15
C THR D 206 -27.55 -65.69 70.15
N ASN D 207 -27.14 -66.81 70.74
CA ASN D 207 -26.02 -66.82 71.68
C ASN D 207 -24.69 -66.99 70.95
N ILE D 208 -24.77 -67.32 69.66
CA ILE D 208 -23.57 -67.45 68.85
C ILE D 208 -23.12 -66.07 68.37
N LEU D 209 -21.86 -65.75 68.61
CA LEU D 209 -21.33 -64.42 68.27
C LEU D 209 -20.00 -64.58 67.58
N ALA D 210 -19.75 -63.72 66.59
CA ALA D 210 -18.48 -63.73 65.88
C ALA D 210 -17.33 -63.35 66.80
N ASP D 211 -16.17 -63.96 66.58
CA ASP D 211 -14.97 -63.61 67.35
C ASP D 211 -13.74 -64.11 66.59
N TRP D 212 -13.26 -63.30 65.66
CA TRP D 212 -12.15 -63.71 64.80
C TRP D 212 -10.81 -63.49 65.49
N GLN D 213 -10.41 -64.48 66.28
CA GLN D 213 -9.18 -64.39 67.03
C GLN D 213 -7.98 -64.83 66.21
N GLY D 214 -6.83 -64.21 66.46
CA GLY D 214 -5.59 -64.57 65.81
C GLY D 214 -5.46 -64.01 64.41
N ASN D 215 -4.53 -64.55 63.65
CA ASN D 215 -4.29 -64.11 62.27
C ASN D 215 -4.18 -65.29 61.31
N ASP D 216 -5.01 -66.31 61.51
CA ASP D 216 -5.07 -67.47 60.62
C ASP D 216 -6.50 -67.72 60.14
N THR D 217 -6.71 -67.59 58.83
CA THR D 217 -8.04 -67.73 58.24
C THR D 217 -8.51 -69.19 58.31
N SER D 218 -7.54 -70.08 58.46
CA SER D 218 -7.79 -71.53 58.52
C SER D 218 -8.71 -71.89 59.67
N ALA D 219 -8.44 -71.33 60.84
CA ALA D 219 -9.23 -71.63 62.03
C ALA D 219 -10.61 -70.98 61.96
N TRP D 220 -10.74 -69.95 61.13
CA TRP D 220 -12.00 -69.21 61.02
C TRP D 220 -12.97 -69.86 60.06
N ASN D 221 -12.46 -70.31 58.91
CA ASN D 221 -13.33 -70.95 57.93
C ASN D 221 -14.00 -72.18 58.55
N SER D 222 -13.36 -72.73 59.57
CA SER D 222 -13.90 -73.87 60.32
C SER D 222 -15.14 -73.46 61.10
N LEU D 223 -15.28 -72.17 61.33
CA LEU D 223 -16.40 -71.64 62.10
C LEU D 223 -17.59 -71.27 61.20
N LEU D 224 -17.38 -71.34 59.90
CA LEU D 224 -18.42 -70.97 58.94
C LEU D 224 -19.25 -72.16 58.50
N ALA D 225 -20.53 -71.92 58.25
CA ALA D 225 -21.39 -72.93 57.67
C ALA D 225 -20.95 -73.18 56.22
N THR D 226 -21.28 -74.35 55.68
CA THR D 226 -20.71 -74.78 54.40
C THR D 226 -21.29 -74.07 53.17
N GLU D 227 -22.55 -73.65 53.24
CA GLU D 227 -23.20 -73.04 52.07
C GLU D 227 -22.50 -71.74 51.66
N ILE D 228 -22.37 -71.52 50.35
CA ILE D 228 -21.79 -70.31 49.82
C ILE D 228 -22.81 -69.59 48.94
N TYR D 229 -23.06 -68.32 49.24
CA TYR D 229 -24.03 -67.53 48.50
C TYR D 229 -23.31 -66.53 47.61
N THR D 230 -23.18 -66.87 46.33
CA THR D 230 -22.36 -66.08 45.43
C THR D 230 -23.21 -65.25 44.47
N THR D 231 -22.96 -63.94 44.50
CA THR D 231 -23.59 -62.99 43.59
C THR D 231 -22.55 -62.60 42.55
N VAL D 232 -22.94 -62.72 41.28
CA VAL D 232 -22.04 -62.46 40.17
C VAL D 232 -22.53 -61.24 39.40
N THR D 233 -21.63 -60.29 39.16
CA THR D 233 -22.01 -59.04 38.52
C THR D 233 -21.27 -58.92 37.20
N ARG D 234 -21.93 -58.35 36.20
CA ARG D 234 -21.26 -58.00 34.96
C ARG D 234 -21.59 -56.56 34.62
N THR D 235 -20.53 -55.76 34.48
CA THR D 235 -20.63 -54.31 34.32
C THR D 235 -20.25 -53.87 32.92
N ASP D 236 -20.68 -52.68 32.53
CA ASP D 236 -20.34 -52.11 31.22
C ASP D 236 -19.03 -51.33 31.28
N ALA D 237 -18.68 -50.68 30.17
CA ALA D 237 -17.42 -49.96 30.08
C ALA D 237 -17.36 -48.79 31.07
N ALA D 238 -18.53 -48.26 31.41
CA ALA D 238 -18.61 -47.10 32.30
C ALA D 238 -18.82 -47.52 33.75
N GLY D 239 -18.67 -48.81 34.02
CA GLY D 239 -18.73 -49.31 35.38
C GLY D 239 -20.13 -49.54 35.90
N ALA D 240 -21.12 -49.40 35.03
CA ALA D 240 -22.50 -49.62 35.44
C ALA D 240 -22.87 -51.10 35.35
N VAL D 241 -23.65 -51.58 36.30
CA VAL D 241 -24.08 -52.98 36.33
C VAL D 241 -25.08 -53.28 35.21
N LEU D 242 -24.75 -54.26 34.38
CA LEU D 242 -25.65 -54.71 33.30
C LEU D 242 -26.38 -55.98 33.72
N THR D 243 -25.64 -57.02 34.09
CA THR D 243 -26.29 -58.26 34.51
C THR D 243 -25.94 -58.63 35.94
N THR D 244 -26.87 -59.29 36.63
CA THR D 244 -26.65 -59.74 38.00
C THR D 244 -27.22 -61.15 38.17
N ILE D 245 -26.38 -62.10 38.54
CA ILE D 245 -26.81 -63.46 38.83
C ILE D 245 -26.78 -63.68 40.34
N ASP D 246 -27.93 -63.95 40.94
CA ASP D 246 -28.01 -64.10 42.40
C ASP D 246 -27.40 -65.40 42.91
N ALA D 247 -27.54 -65.64 44.21
CA ALA D 247 -26.94 -66.82 44.83
C ALA D 247 -27.61 -68.13 44.42
N VAL D 248 -28.84 -68.05 43.93
CA VAL D 248 -29.57 -69.24 43.47
C VAL D 248 -29.71 -69.33 41.96
N GLY D 249 -29.14 -68.36 41.24
CA GLY D 249 -29.00 -68.48 39.80
C GLY D 249 -29.98 -67.73 38.92
N ASN D 250 -30.79 -66.85 39.51
CA ASN D 250 -31.66 -66.00 38.70
C ASN D 250 -30.86 -64.83 38.18
N GLN D 251 -31.20 -64.37 36.98
CA GLN D 251 -30.51 -63.24 36.38
C GLN D 251 -31.43 -62.04 36.22
N GLN D 252 -30.95 -60.89 36.65
CA GLN D 252 -31.57 -59.62 36.33
C GLN D 252 -30.71 -58.98 35.26
N ARG D 253 -31.35 -58.37 34.26
CA ARG D 253 -30.61 -57.72 33.20
C ARG D 253 -31.14 -56.32 32.99
N VAL D 254 -30.27 -55.34 32.76
CA VAL D 254 -30.74 -54.00 32.44
C VAL D 254 -30.06 -53.47 31.17
N ALA D 255 -30.69 -52.46 30.56
CA ALA D 255 -30.11 -51.77 29.42
C ALA D 255 -30.37 -50.27 29.55
N PHE D 256 -29.42 -49.48 29.05
CA PHE D 256 -29.47 -48.03 29.16
C PHE D 256 -29.69 -47.36 27.81
N ASP D 257 -30.23 -46.14 27.85
CA ASP D 257 -30.45 -45.37 26.63
C ASP D 257 -29.17 -44.66 26.21
N ILE D 258 -29.28 -43.80 25.20
CA ILE D 258 -28.14 -43.07 24.66
C ILE D 258 -27.55 -42.09 25.69
N ALA D 259 -28.34 -41.75 26.70
CA ALA D 259 -27.89 -40.84 27.76
C ALA D 259 -27.46 -41.59 29.01
N GLY D 260 -27.37 -42.92 28.91
CA GLY D 260 -26.91 -43.75 30.00
C GLY D 260 -27.93 -43.96 31.11
N GLN D 261 -29.19 -43.66 30.85
CA GLN D 261 -30.25 -43.87 31.83
C GLN D 261 -30.88 -45.24 31.65
N LEU D 262 -31.26 -45.87 32.77
CA LEU D 262 -31.97 -47.16 32.76
C LEU D 262 -33.14 -47.08 31.79
N SER D 263 -33.12 -47.94 30.77
CA SER D 263 -34.11 -47.88 29.71
C SER D 263 -34.94 -49.15 29.61
N ALA D 264 -34.40 -50.26 30.11
CA ALA D 264 -35.14 -51.53 30.05
C ALA D 264 -34.58 -52.53 31.05
N SER D 265 -35.42 -53.47 31.49
CA SER D 265 -34.96 -54.54 32.37
C SER D 265 -35.68 -55.86 32.11
N TRP D 266 -34.96 -56.95 32.38
CA TRP D 266 -35.44 -58.31 32.13
C TRP D 266 -35.11 -59.22 33.31
N LEU D 267 -35.80 -60.36 33.36
CA LEU D 267 -35.56 -61.37 34.37
C LEU D 267 -35.48 -62.75 33.72
N THR D 268 -34.48 -63.53 34.12
CA THR D 268 -34.36 -64.91 33.69
C THR D 268 -34.17 -65.80 34.92
N LEU D 269 -35.27 -66.38 35.39
CA LEU D 269 -35.22 -67.32 36.51
C LEU D 269 -34.33 -68.49 36.09
N LYS D 270 -33.70 -69.17 37.06
CA LYS D 270 -32.86 -70.30 36.72
C LYS D 270 -33.66 -71.36 35.99
N GLY D 271 -33.19 -71.73 34.79
CA GLY D 271 -33.88 -72.72 33.98
C GLY D 271 -34.97 -72.12 33.11
N GLY D 272 -35.24 -70.83 33.27
CA GLY D 272 -36.31 -70.19 32.52
C GLY D 272 -35.82 -69.41 31.32
N GLN D 273 -36.76 -68.79 30.61
CA GLN D 273 -36.41 -67.92 29.49
C GLN D 273 -36.51 -66.47 29.94
N GLU D 274 -35.79 -65.59 29.25
CA GLU D 274 -35.77 -64.18 29.64
C GLU D 274 -37.14 -63.56 29.40
N GLN D 275 -37.63 -62.82 30.40
CA GLN D 275 -38.89 -62.10 30.27
C GLN D 275 -38.72 -60.63 30.64
N VAL D 276 -39.60 -59.79 30.12
CA VAL D 276 -39.50 -58.35 30.33
C VAL D 276 -40.03 -57.91 31.70
N ILE D 277 -39.24 -57.11 32.42
CA ILE D 277 -39.71 -56.46 33.63
C ILE D 277 -40.04 -55.01 33.29
N ILE D 278 -39.06 -54.30 32.72
CA ILE D 278 -39.32 -52.96 32.22
C ILE D 278 -39.12 -52.93 30.72
N LYS D 279 -40.18 -52.61 29.98
CA LYS D 279 -40.12 -52.64 28.52
C LYS D 279 -39.52 -51.37 27.97
N VAL D 280 -40.11 -50.24 28.33
CA VAL D 280 -39.61 -48.94 27.89
C VAL D 280 -39.75 -47.94 29.05
N LEU D 281 -38.76 -47.09 29.20
CA LEU D 281 -38.73 -46.13 30.30
C LEU D 281 -38.16 -44.80 29.80
N THR D 282 -39.01 -43.77 29.80
CA THR D 282 -38.61 -42.46 29.32
C THR D 282 -38.42 -41.45 30.47
N TYR D 283 -37.74 -40.35 30.18
CA TYR D 283 -37.40 -39.38 31.21
C TYR D 283 -37.74 -37.94 30.84
N SER D 284 -37.87 -37.09 31.85
CA SER D 284 -38.01 -35.65 31.62
C SER D 284 -36.63 -35.09 31.29
N ALA D 285 -36.58 -33.83 30.91
CA ALA D 285 -35.30 -33.18 30.61
C ALA D 285 -34.43 -33.15 31.87
N ALA D 286 -35.07 -33.13 33.03
CA ALA D 286 -34.36 -33.13 34.30
C ALA D 286 -34.02 -34.55 34.77
N GLY D 287 -34.30 -35.53 33.91
CA GLY D 287 -33.94 -36.91 34.20
C GLY D 287 -34.85 -37.63 35.17
N GLN D 288 -36.05 -37.11 35.35
CA GLN D 288 -37.06 -37.75 36.20
C GLN D 288 -37.83 -38.76 35.38
N LYS D 289 -38.28 -39.84 36.02
CA LYS D 289 -39.13 -40.81 35.35
C LYS D 289 -40.35 -40.11 34.75
N LEU D 290 -40.64 -40.42 33.50
CA LEU D 290 -41.73 -39.77 32.78
C LEU D 290 -42.82 -40.76 32.43
N ARG D 291 -42.46 -41.74 31.61
CA ARG D 291 -43.37 -42.81 31.21
C ARG D 291 -42.66 -44.15 31.37
N GLU D 292 -43.31 -45.08 32.05
CA GLU D 292 -42.72 -46.38 32.35
C GLU D 292 -43.71 -47.50 32.00
N GLU D 293 -43.35 -48.32 31.01
CA GLU D 293 -44.20 -49.42 30.59
C GLU D 293 -43.58 -50.74 31.07
N GLY D 294 -44.35 -51.56 31.76
CA GLY D 294 -43.83 -52.81 32.28
C GLY D 294 -44.17 -54.03 31.42
N GLY D 295 -43.67 -55.20 31.84
CA GLY D 295 -43.91 -56.43 31.11
C GLY D 295 -45.34 -56.92 31.24
N ASN D 296 -46.04 -56.38 32.24
CA ASN D 296 -47.45 -56.70 32.45
C ASN D 296 -48.33 -55.74 31.66
N GLY D 297 -47.68 -54.89 30.87
CA GLY D 297 -48.38 -53.97 29.99
C GLY D 297 -48.92 -52.70 30.62
N VAL D 298 -48.85 -52.59 31.95
CA VAL D 298 -49.33 -51.37 32.58
C VAL D 298 -48.31 -50.23 32.43
N VAL D 299 -48.84 -49.03 32.27
CA VAL D 299 -48.03 -47.84 32.04
C VAL D 299 -48.24 -46.84 33.17
N THR D 300 -47.13 -46.39 33.75
CA THR D 300 -47.15 -45.30 34.72
C THR D 300 -46.64 -44.03 34.06
N THR D 301 -47.43 -42.97 34.16
CA THR D 301 -47.06 -41.69 33.58
C THR D 301 -46.90 -40.70 34.73
N TYR D 302 -45.74 -40.04 34.75
CA TYR D 302 -45.45 -39.06 35.77
C TYR D 302 -45.61 -37.68 35.19
N THR D 303 -46.42 -36.85 35.85
CA THR D 303 -46.62 -35.48 35.39
C THR D 303 -45.92 -34.54 36.36
N TYR D 304 -45.16 -33.61 35.79
CA TYR D 304 -44.39 -32.67 36.58
C TYR D 304 -44.82 -31.23 36.32
N GLU D 305 -44.59 -30.37 37.31
CA GLU D 305 -44.86 -28.95 37.19
C GLU D 305 -43.69 -28.28 36.49
N ALA D 306 -43.96 -27.60 35.38
CA ALA D 306 -42.90 -27.05 34.54
C ALA D 306 -42.01 -26.06 35.30
N GLU D 307 -42.61 -25.25 36.16
CA GLU D 307 -41.87 -24.22 36.88
C GLU D 307 -40.94 -24.78 37.97
N THR D 308 -41.36 -25.87 38.61
CA THR D 308 -40.66 -26.36 39.80
C THR D 308 -40.06 -27.76 39.61
N GLN D 309 -40.44 -28.41 38.51
CA GLN D 309 -40.12 -29.83 38.28
C GLN D 309 -40.64 -30.74 39.40
N ARG D 310 -41.69 -30.29 40.08
CA ARG D 310 -42.32 -31.09 41.13
C ARG D 310 -43.27 -32.14 40.57
N LEU D 311 -43.27 -33.30 41.19
CA LEU D 311 -44.16 -34.38 40.80
C LEU D 311 -45.57 -34.08 41.27
N ILE D 312 -46.44 -33.74 40.32
CA ILE D 312 -47.83 -33.40 40.63
C ILE D 312 -48.81 -34.44 40.12
N GLY D 313 -48.30 -35.43 39.37
CA GLY D 313 -49.15 -36.49 38.86
C GLY D 313 -48.50 -37.85 38.81
N ILE D 314 -49.19 -38.87 39.32
CA ILE D 314 -48.75 -40.25 39.14
C ILE D 314 -49.94 -41.09 38.65
N LYS D 315 -49.91 -41.50 37.39
CA LYS D 315 -51.03 -42.23 36.82
C LYS D 315 -50.61 -43.62 36.36
N THR D 316 -51.04 -44.65 37.07
CA THR D 316 -50.79 -46.03 36.70
C THR D 316 -52.06 -46.63 36.08
N GLU D 317 -51.94 -47.15 34.87
CA GLU D 317 -53.12 -47.65 34.17
C GLU D 317 -52.79 -48.82 33.25
N ARG D 318 -53.79 -49.66 33.00
CA ARG D 318 -53.74 -50.56 31.85
C ARG D 318 -54.22 -49.73 30.68
N PRO D 319 -53.36 -49.50 29.68
CA PRO D 319 -53.74 -48.60 28.59
C PRO D 319 -54.79 -49.25 27.68
N ASN D 320 -55.37 -48.48 26.77
CA ASN D 320 -56.35 -49.00 25.83
C ASN D 320 -55.74 -50.07 24.94
N GLY D 321 -56.48 -51.16 24.72
CA GLY D 321 -55.99 -52.26 23.92
C GLY D 321 -55.23 -53.27 24.75
N HIS D 322 -55.25 -53.10 26.07
CA HIS D 322 -54.62 -54.05 26.96
C HIS D 322 -55.42 -55.34 26.98
N ALA D 323 -54.73 -56.47 27.08
CA ALA D 323 -55.37 -57.77 27.01
C ALA D 323 -56.40 -57.98 28.12
N ALA D 324 -56.17 -57.37 29.28
CA ALA D 324 -57.06 -57.53 30.42
C ALA D 324 -58.02 -56.35 30.56
N GLY D 325 -58.03 -55.48 29.56
CA GLY D 325 -58.93 -54.34 29.53
C GLY D 325 -58.34 -53.05 30.05
N ALA D 326 -58.78 -51.93 29.50
CA ALA D 326 -58.30 -50.62 29.95
C ALA D 326 -58.96 -50.23 31.26
N LYS D 327 -58.14 -49.78 32.22
CA LYS D 327 -58.64 -49.31 33.51
C LYS D 327 -57.54 -48.53 34.22
N VAL D 328 -57.90 -47.36 34.73
CA VAL D 328 -56.99 -46.55 35.52
C VAL D 328 -56.86 -47.12 36.92
N LEU D 329 -55.64 -47.58 37.26
CA LEU D 329 -55.39 -48.18 38.56
C LEU D 329 -55.17 -47.11 39.63
N GLN D 330 -54.46 -46.04 39.27
CA GLN D 330 -54.30 -44.92 40.19
C GLN D 330 -54.04 -43.61 39.44
N ASP D 331 -54.63 -42.53 39.94
CA ASP D 331 -54.42 -41.20 39.38
C ASP D 331 -54.22 -40.23 40.53
N LEU D 332 -53.00 -40.24 41.06
CA LEU D 332 -52.64 -39.37 42.17
C LEU D 332 -52.32 -37.96 41.66
N ARG D 333 -53.01 -36.98 42.25
CA ARG D 333 -52.79 -35.58 41.90
C ARG D 333 -52.35 -34.83 43.15
N TYR D 334 -51.20 -34.18 43.06
CA TYR D 334 -50.60 -33.49 44.20
C TYR D 334 -50.71 -31.97 44.10
N GLU D 335 -51.17 -31.35 45.19
CA GLU D 335 -51.25 -29.91 45.29
CA GLU D 335 -51.23 -29.90 45.28
C GLU D 335 -50.32 -29.42 46.39
N TYR D 336 -49.46 -28.46 46.06
CA TYR D 336 -48.44 -27.92 46.96
C TYR D 336 -48.66 -26.46 47.33
N ASP D 337 -48.07 -26.08 48.46
CA ASP D 337 -47.91 -24.68 48.85
C ASP D 337 -46.62 -24.18 48.18
N PRO D 338 -46.37 -22.86 48.21
CA PRO D 338 -45.20 -22.33 47.51
C PRO D 338 -43.86 -22.96 47.91
N VAL D 339 -43.75 -23.42 49.14
CA VAL D 339 -42.49 -23.95 49.64
C VAL D 339 -42.29 -25.42 49.28
N GLY D 340 -43.40 -26.13 49.01
CA GLY D 340 -43.32 -27.51 48.57
C GLY D 340 -43.88 -28.53 49.54
N ASN D 341 -44.70 -28.07 50.48
CA ASN D 341 -45.44 -28.99 51.34
C ASN D 341 -46.64 -29.50 50.56
N VAL D 342 -46.99 -30.77 50.77
CA VAL D 342 -48.18 -31.32 50.14
C VAL D 342 -49.44 -30.78 50.81
N LEU D 343 -50.21 -29.97 50.09
CA LEU D 343 -51.46 -29.47 50.64
C LEU D 343 -52.58 -30.48 50.42
N SER D 344 -52.60 -31.11 49.24
CA SER D 344 -53.64 -32.12 49.01
C SER D 344 -53.28 -33.24 48.02
N ILE D 345 -53.96 -34.37 48.15
CA ILE D 345 -53.80 -35.49 47.23
C ILE D 345 -55.18 -35.97 46.82
N THR D 346 -55.40 -36.15 45.52
CA THR D 346 -56.64 -36.75 45.04
C THR D 346 -56.38 -38.00 44.19
N ASN D 347 -57.34 -38.92 44.14
CA ASN D 347 -57.20 -40.13 43.34
C ASN D 347 -58.43 -40.38 42.46
N ASP D 348 -58.19 -40.45 41.16
CA ASP D 348 -59.24 -40.71 40.17
C ASP D 348 -59.26 -42.16 39.72
N ALA D 349 -60.45 -42.65 39.34
CA ALA D 349 -60.62 -44.03 38.90
C ALA D 349 -61.94 -44.18 38.14
N PRO D 362 -62.16 -39.49 46.31
CA PRO D 362 -61.48 -39.51 47.62
C PRO D 362 -60.38 -38.46 47.68
N GLU D 363 -60.22 -37.80 48.83
CA GLU D 363 -59.25 -36.71 48.92
C GLU D 363 -58.62 -36.57 50.30
N ASN D 364 -57.30 -36.42 50.31
CA ASN D 364 -56.57 -36.12 51.54
C ASN D 364 -56.14 -34.66 51.56
N ALA D 365 -56.46 -33.97 52.65
CA ALA D 365 -56.06 -32.57 52.82
C ALA D 365 -55.08 -32.44 53.98
N TYR D 366 -54.16 -31.49 53.88
CA TYR D 366 -53.11 -31.37 54.88
C TYR D 366 -52.88 -29.92 55.30
N ARG D 367 -52.69 -29.71 56.61
CA ARG D 367 -52.34 -28.39 57.14
C ARG D 367 -51.07 -28.48 57.99
N TYR D 368 -50.24 -27.44 57.86
CA TYR D 368 -48.93 -27.41 58.51
C TYR D 368 -48.80 -26.13 59.33
N ASP D 369 -47.87 -26.12 60.29
CA ASP D 369 -47.54 -24.90 61.01
C ASP D 369 -46.45 -24.12 60.25
N SER D 370 -46.09 -22.95 60.76
CA SER D 370 -45.12 -22.09 60.10
C SER D 370 -43.71 -22.71 60.04
N LEU D 371 -43.52 -23.81 60.75
CA LEU D 371 -42.27 -24.56 60.76
C LEU D 371 -42.42 -25.77 59.86
N TYR D 372 -43.53 -25.81 59.13
CA TYR D 372 -43.82 -26.88 58.17
C TYR D 372 -43.90 -28.25 58.84
N GLN D 373 -44.46 -28.26 60.05
CA GLN D 373 -44.79 -29.51 60.72
C GLN D 373 -46.24 -29.86 60.42
N LEU D 374 -46.50 -31.11 60.09
CA LEU D 374 -47.87 -31.53 59.76
C LEU D 374 -48.73 -31.53 61.01
N VAL D 375 -49.70 -30.62 61.06
CA VAL D 375 -50.56 -30.53 62.23
C VAL D 375 -51.96 -31.09 61.98
N SER D 376 -52.36 -31.20 60.72
CA SER D 376 -53.64 -31.84 60.43
C SER D 376 -53.66 -32.60 59.10
N ALA D 377 -54.33 -33.74 59.09
CA ALA D 377 -54.41 -34.59 57.91
C ALA D 377 -55.77 -35.28 57.79
N SER D 378 -56.45 -35.11 56.66
CA SER D 378 -57.72 -35.80 56.44
C SER D 378 -57.50 -36.96 55.49
N GLY D 379 -58.31 -38.01 55.64
CA GLY D 379 -58.17 -39.18 54.80
C GLY D 379 -59.34 -40.13 54.93
N ARG D 380 -59.18 -41.34 54.43
CA ARG D 380 -60.22 -42.35 54.58
C ARG D 380 -59.64 -43.61 55.21
N GLU D 381 -60.50 -44.33 55.92
CA GLU D 381 -60.09 -45.59 56.52
C GLU D 381 -61.27 -46.57 56.44
N VAL D 382 -60.98 -47.84 56.68
CA VAL D 382 -61.99 -48.88 56.77
C VAL D 382 -62.74 -48.73 58.07
N ALA D 383 -64.04 -48.51 58.00
CA ALA D 383 -64.83 -48.36 59.22
C ALA D 383 -65.45 -49.68 59.63
N GLY D 384 -65.42 -49.97 60.93
CA GLY D 384 -64.79 -49.11 61.92
C GLY D 384 -63.43 -49.72 62.23
N ALA D 385 -62.36 -48.98 62.01
CA ALA D 385 -61.03 -49.57 62.10
C ALA D 385 -60.63 -49.91 63.52
N GLY D 386 -60.72 -48.95 64.43
CA GLY D 386 -60.29 -49.18 65.78
C GLY D 386 -59.03 -48.39 66.07
N GLN D 387 -58.57 -48.43 67.31
CA GLN D 387 -57.37 -47.68 67.67
C GLN D 387 -56.13 -48.30 67.01
N GLN D 388 -55.38 -47.48 66.28
CA GLN D 388 -54.17 -47.94 65.60
C GLN D 388 -53.14 -48.45 66.60
N GLY D 389 -52.55 -49.60 66.29
CA GLY D 389 -51.47 -50.15 67.10
C GLY D 389 -50.39 -50.74 66.20
N SER D 390 -49.70 -51.75 66.68
CA SER D 390 -48.61 -52.37 65.93
C SER D 390 -49.07 -53.32 64.82
N ASP D 391 -50.30 -53.81 64.93
CA ASP D 391 -50.82 -54.78 63.97
C ASP D 391 -51.33 -54.11 62.70
N LEU D 392 -51.30 -54.86 61.60
CA LEU D 392 -52.02 -54.47 60.40
C LEU D 392 -53.49 -54.76 60.62
N PRO D 393 -54.37 -53.95 60.03
CA PRO D 393 -55.80 -54.24 60.01
C PRO D 393 -56.05 -55.56 59.28
N SER D 394 -57.19 -56.20 59.52
CA SER D 394 -57.57 -57.37 58.74
C SER D 394 -57.79 -56.95 57.31
N PRO D 395 -57.26 -57.73 56.35
CA PRO D 395 -57.38 -57.41 54.93
C PRO D 395 -58.82 -57.48 54.44
N LEU D 396 -59.26 -56.48 53.68
CA LEU D 396 -60.57 -56.52 53.05
C LEU D 396 -60.49 -57.42 51.82
N VAL D 397 -61.23 -58.53 51.84
CA VAL D 397 -61.19 -59.48 50.74
C VAL D 397 -62.61 -59.75 50.22
N PRO D 398 -62.80 -59.65 48.89
CA PRO D 398 -61.78 -59.26 47.92
C PRO D 398 -61.71 -57.74 47.79
N LEU D 399 -61.25 -57.24 46.65
CA LEU D 399 -61.17 -55.79 46.44
C LEU D 399 -62.56 -55.16 46.49
N PRO D 400 -62.71 -54.10 47.30
CA PRO D 400 -63.99 -53.40 47.48
C PRO D 400 -64.59 -52.97 46.14
N SER D 401 -65.92 -53.02 46.02
CA SER D 401 -66.58 -52.71 44.76
C SER D 401 -67.21 -51.31 44.77
N ASP D 402 -67.61 -50.86 45.94
CA ASP D 402 -68.21 -49.53 46.11
C ASP D 402 -67.34 -48.72 47.09
N SER D 403 -67.89 -47.59 47.56
CA SER D 403 -67.15 -46.74 48.48
C SER D 403 -67.66 -46.78 49.93
N SER D 404 -68.77 -47.46 50.19
CA SER D 404 -69.35 -47.51 51.55
C SER D 404 -68.47 -48.21 52.57
N VAL D 405 -67.49 -48.98 52.12
CA VAL D 405 -66.59 -49.68 53.02
C VAL D 405 -65.67 -48.71 53.75
N TYR D 406 -65.60 -47.47 53.26
CA TYR D 406 -64.76 -46.45 53.86
C TYR D 406 -65.54 -45.39 54.64
N THR D 407 -64.89 -44.81 55.65
CA THR D 407 -65.38 -43.59 56.28
C THR D 407 -64.24 -42.59 56.36
N ASN D 408 -64.60 -41.31 56.42
CA ASN D 408 -63.63 -40.24 56.51
C ASN D 408 -63.06 -40.09 57.92
N TYR D 409 -61.75 -39.83 58.00
CA TYR D 409 -61.13 -39.53 59.27
C TYR D 409 -60.36 -38.21 59.15
N THR D 410 -60.08 -37.62 60.30
CA THR D 410 -59.24 -36.44 60.40
C THR D 410 -58.33 -36.65 61.60
N ARG D 411 -57.02 -36.48 61.38
CA ARG D 411 -56.07 -36.58 62.47
C ARG D 411 -55.44 -35.22 62.73
N THR D 412 -55.23 -34.92 64.00
CA THR D 412 -54.51 -33.69 64.36
C THR D 412 -53.26 -34.08 65.13
N TYR D 413 -52.20 -33.32 64.92
CA TYR D 413 -50.91 -33.64 65.51
C TYR D 413 -50.43 -32.51 66.43
N THR D 414 -49.93 -32.88 67.60
CA THR D 414 -49.49 -31.91 68.59
C THR D 414 -48.06 -32.19 68.98
N TYR D 415 -47.21 -31.20 68.71
CA TYR D 415 -45.77 -31.25 68.95
C TYR D 415 -45.38 -30.25 70.03
N ASP D 416 -44.28 -30.52 70.73
CA ASP D 416 -43.75 -29.56 71.70
C ASP D 416 -42.66 -28.69 71.08
N SER D 417 -41.99 -27.90 71.91
CA SER D 417 -40.97 -26.95 71.44
C SER D 417 -39.74 -27.62 70.82
N ALA D 418 -39.53 -28.90 71.13
CA ALA D 418 -38.39 -29.63 70.58
C ALA D 418 -38.79 -30.56 69.44
N GLY D 419 -40.02 -30.39 68.96
CA GLY D 419 -40.48 -31.15 67.82
C GLY D 419 -40.94 -32.56 68.15
N ASN D 420 -40.99 -32.90 69.43
CA ASN D 420 -41.54 -34.20 69.83
C ASN D 420 -43.05 -34.20 69.60
N LEU D 421 -43.52 -35.14 68.79
CA LEU D 421 -44.95 -35.31 68.58
C LEU D 421 -45.56 -35.93 69.82
N MET D 422 -46.37 -35.16 70.52
CA MET D 422 -46.94 -35.59 71.80
C MET D 422 -48.30 -36.22 71.62
N ARG D 423 -49.08 -35.73 70.65
CA ARG D 423 -50.44 -36.22 70.53
C ARG D 423 -50.87 -36.46 69.09
N ILE D 424 -51.45 -37.64 68.84
CA ILE D 424 -52.15 -37.90 67.59
C ILE D 424 -53.63 -38.10 67.91
N ARG D 425 -54.45 -37.13 67.54
CA ARG D 425 -55.88 -37.20 67.81
C ARG D 425 -56.65 -37.64 66.57
N HIS D 426 -57.13 -38.88 66.61
CA HIS D 426 -57.91 -39.47 65.53
C HIS D 426 -59.40 -39.20 65.72
N SER D 427 -60.02 -38.61 64.70
CA SER D 427 -61.42 -38.24 64.72
C SER D 427 -62.13 -38.84 63.52
N ALA D 428 -62.99 -39.83 63.78
CA ALA D 428 -63.78 -40.47 62.74
C ALA D 428 -65.25 -40.24 63.03
N PRO D 429 -65.77 -39.08 62.61
CA PRO D 429 -67.10 -38.57 62.96
C PRO D 429 -68.25 -39.53 62.67
N ALA D 430 -68.30 -40.09 61.47
CA ALA D 430 -69.41 -40.94 61.03
C ALA D 430 -69.62 -42.16 61.93
N THR D 431 -68.52 -42.72 62.42
CA THR D 431 -68.59 -43.91 63.27
C THR D 431 -68.33 -43.60 64.74
N ASN D 432 -68.18 -42.31 65.05
CA ASN D 432 -67.80 -41.83 66.39
C ASN D 432 -66.68 -42.70 66.95
N ASN D 433 -65.59 -42.78 66.20
CA ASN D 433 -64.42 -43.56 66.59
C ASN D 433 -63.28 -42.64 66.97
N ASN D 434 -63.52 -41.82 67.99
CA ASN D 434 -62.53 -40.84 68.39
C ASN D 434 -61.61 -41.42 69.44
N TYR D 435 -60.30 -41.27 69.24
CA TYR D 435 -59.31 -41.75 70.18
C TYR D 435 -58.03 -40.94 70.06
N THR D 436 -57.14 -41.06 71.04
CA THR D 436 -55.91 -40.28 71.05
C THR D 436 -54.70 -41.12 71.41
N LEU D 437 -53.72 -41.15 70.51
CA LEU D 437 -52.45 -41.81 70.77
C LEU D 437 -51.56 -40.78 71.43
N ASN D 438 -51.25 -41.00 72.70
CA ASN D 438 -50.44 -40.08 73.47
C ASN D 438 -49.01 -40.57 73.63
N ILE D 439 -48.06 -39.68 73.39
CA ILE D 439 -46.66 -39.99 73.67
C ILE D 439 -46.21 -39.15 74.86
N THR D 440 -45.71 -39.85 75.87
CA THR D 440 -45.16 -39.24 77.06
C THR D 440 -43.69 -39.00 76.79
N VAL D 441 -43.30 -37.74 76.90
CA VAL D 441 -41.94 -37.29 76.63
C VAL D 441 -41.29 -36.92 77.94
N SER D 442 -40.01 -37.25 78.09
CA SER D 442 -39.22 -36.83 79.26
C SER D 442 -39.19 -35.31 79.42
N GLU D 443 -38.87 -34.85 80.63
CA GLU D 443 -38.78 -33.42 80.88
C GLU D 443 -37.33 -32.97 80.82
N ARG D 444 -36.45 -33.95 80.58
CA ARG D 444 -35.00 -33.73 80.55
C ARG D 444 -34.32 -34.42 79.37
N SER D 445 -35.12 -34.89 78.42
CA SER D 445 -34.61 -35.50 77.18
C SER D 445 -35.72 -35.55 76.14
N ASN D 446 -35.40 -36.08 74.97
CA ASN D 446 -36.37 -36.25 73.89
C ASN D 446 -36.91 -37.67 73.89
N ARG D 447 -36.47 -38.48 74.85
CA ARG D 447 -37.00 -39.84 74.99
C ARG D 447 -38.51 -39.78 75.20
N GLY D 448 -39.23 -40.59 74.43
CA GLY D 448 -40.68 -40.59 74.49
C GLY D 448 -41.24 -41.95 74.14
N VAL D 449 -42.28 -42.36 74.86
CA VAL D 449 -42.91 -43.65 74.60
C VAL D 449 -44.42 -43.46 74.67
N MET D 450 -45.18 -44.42 74.14
CA MET D 450 -46.65 -44.34 74.23
C MET D 450 -47.13 -44.44 75.67
N SER D 451 -48.23 -43.75 75.97
CA SER D 451 -48.74 -43.64 77.35
C SER D 451 -49.05 -44.99 77.97
N SER D 452 -49.26 -46.00 77.14
CA SER D 452 -49.52 -47.35 77.62
C SER D 452 -48.32 -47.92 78.37
N LEU D 453 -47.14 -47.37 78.12
CA LEU D 453 -45.94 -47.77 78.86
C LEU D 453 -45.80 -46.96 80.15
N THR D 454 -45.95 -45.65 80.04
CA THR D 454 -46.03 -44.77 81.20
C THR D 454 -46.60 -43.41 80.80
N GLU D 455 -47.30 -42.78 81.75
CA GLU D 455 -47.86 -41.45 81.53
C GLU D 455 -47.05 -40.40 82.30
N ASN D 456 -46.05 -40.87 83.04
CA ASN D 456 -45.17 -40.00 83.80
C ASN D 456 -43.83 -39.80 83.12
N PRO D 457 -43.55 -38.55 82.70
CA PRO D 457 -42.31 -38.15 82.03
C PRO D 457 -41.05 -38.57 82.79
N ALA D 458 -41.10 -38.56 84.12
CA ALA D 458 -39.93 -38.86 84.95
C ALA D 458 -39.56 -40.33 84.90
N ASP D 459 -40.41 -41.13 84.25
CA ASP D 459 -40.20 -42.57 84.15
C ASP D 459 -39.89 -42.99 82.72
N VAL D 460 -39.84 -42.03 81.81
CA VAL D 460 -39.57 -42.29 80.39
C VAL D 460 -38.13 -42.73 80.13
N ASP D 461 -37.18 -42.00 80.70
CA ASP D 461 -35.76 -42.23 80.42
C ASP D 461 -35.27 -43.61 80.90
N ALA D 462 -35.91 -44.14 81.93
CA ALA D 462 -35.53 -45.45 82.47
C ALA D 462 -35.87 -46.55 81.48
N LEU D 463 -36.81 -46.25 80.58
CA LEU D 463 -37.24 -47.23 79.58
C LEU D 463 -36.25 -47.33 78.43
N PHE D 464 -35.17 -46.56 78.50
CA PHE D 464 -34.17 -46.58 77.45
C PHE D 464 -32.81 -47.00 78.02
N THR D 465 -31.93 -47.43 77.13
CA THR D 465 -30.54 -47.74 77.48
C THR D 465 -29.79 -46.43 77.65
N ALA D 466 -28.50 -46.52 77.97
CA ALA D 466 -27.66 -45.34 78.04
C ALA D 466 -27.41 -44.76 76.64
N SER D 467 -27.42 -45.62 75.63
CA SER D 467 -27.24 -45.17 74.24
C SER D 467 -28.46 -44.44 73.72
N GLY D 468 -29.58 -44.56 74.43
CA GLY D 468 -30.81 -43.92 73.99
C GLY D 468 -31.70 -44.84 73.19
N SER D 469 -31.50 -46.15 73.36
CA SER D 469 -32.29 -47.16 72.67
C SER D 469 -33.43 -47.70 73.53
N GLN D 470 -34.64 -47.72 72.98
CA GLN D 470 -35.85 -48.14 73.69
C GLN D 470 -35.79 -49.62 74.09
N LYS D 471 -36.10 -49.91 75.35
CA LYS D 471 -35.97 -51.27 75.88
C LYS D 471 -37.30 -52.04 75.87
N CYS D 472 -38.39 -51.30 75.75
CA CYS D 472 -39.72 -51.91 75.71
C CYS D 472 -40.49 -51.41 74.51
N LEU D 473 -40.90 -52.32 73.64
CA LEU D 473 -41.69 -51.92 72.48
C LEU D 473 -43.11 -51.63 72.94
N GLN D 474 -43.76 -52.65 73.50
CA GLN D 474 -45.08 -52.52 74.09
C GLN D 474 -45.05 -53.10 75.50
N GLN D 475 -46.22 -53.37 76.07
CA GLN D 475 -46.33 -53.76 77.46
C GLN D 475 -45.57 -55.03 77.84
N GLY D 476 -45.78 -56.11 77.09
CA GLY D 476 -45.10 -57.36 77.37
C GLY D 476 -43.87 -57.57 76.51
N GLN D 477 -43.56 -56.59 75.68
CA GLN D 477 -42.54 -56.77 74.65
C GLN D 477 -41.26 -56.01 74.98
N SER D 478 -40.16 -56.75 75.13
CA SER D 478 -38.88 -56.17 75.52
C SER D 478 -37.89 -56.16 74.35
N LEU D 479 -36.92 -55.26 74.42
CA LEU D 479 -35.99 -55.06 73.32
C LEU D 479 -34.55 -55.21 73.81
N ILE D 480 -33.79 -56.06 73.12
CA ILE D 480 -32.38 -56.25 73.42
C ILE D 480 -31.57 -55.71 72.25
N TRP D 481 -30.43 -55.08 72.54
CA TRP D 481 -29.63 -54.43 71.51
C TRP D 481 -28.19 -54.95 71.45
N THR D 482 -27.58 -54.82 70.27
CA THR D 482 -26.17 -55.12 70.11
C THR D 482 -25.40 -53.94 70.68
N PRO D 483 -24.12 -54.15 70.99
CA PRO D 483 -23.26 -53.04 71.42
C PRO D 483 -23.22 -51.90 70.40
N ARG D 484 -23.46 -52.22 69.13
CA ARG D 484 -23.46 -51.22 68.06
C ARG D 484 -24.78 -50.44 67.96
N GLY D 485 -25.75 -50.80 68.80
CA GLY D 485 -27.04 -50.12 68.80
C GLY D 485 -27.96 -50.69 67.74
N GLU D 486 -27.68 -51.91 67.32
CA GLU D 486 -28.54 -52.60 66.38
C GLU D 486 -29.58 -53.39 67.15
N LEU D 487 -30.78 -53.51 66.58
CA LEU D 487 -31.84 -54.25 67.26
C LEU D 487 -31.54 -55.74 67.16
N ARG D 488 -31.35 -56.36 68.33
CA ARG D 488 -30.95 -57.75 68.38
C ARG D 488 -32.16 -58.68 68.56
N THR D 489 -33.00 -58.37 69.53
CA THR D 489 -34.12 -59.26 69.84
C THR D 489 -35.38 -58.50 70.25
N VAL D 490 -36.49 -58.86 69.63
CA VAL D 490 -37.81 -58.40 70.05
C VAL D 490 -38.52 -59.56 70.73
N LEU D 491 -38.71 -59.45 72.05
CA LEU D 491 -39.40 -60.47 72.82
C LEU D 491 -40.91 -60.24 72.78
N LEU D 492 -41.61 -61.01 71.96
CA LEU D 492 -43.04 -60.76 71.76
C LEU D 492 -43.89 -61.34 72.89
N VAL D 493 -43.74 -62.63 73.17
CA VAL D 493 -44.43 -63.24 74.29
C VAL D 493 -43.48 -64.10 75.11
N ALA D 494 -43.10 -63.56 76.27
CA ALA D 494 -42.25 -64.27 77.21
C ALA D 494 -43.14 -65.16 78.05
N ARG D 495 -42.73 -66.39 78.28
CA ARG D 495 -43.57 -67.32 79.03
C ARG D 495 -42.89 -67.87 80.29
N GLY D 496 -41.57 -67.89 80.30
CA GLY D 496 -40.85 -68.31 81.49
C GLY D 496 -40.70 -69.81 81.53
N GLU D 497 -39.50 -70.30 81.83
CA GLU D 497 -39.20 -71.73 81.86
C GLU D 497 -39.39 -72.34 80.47
N THR D 498 -39.63 -71.46 79.50
CA THR D 498 -39.82 -71.80 78.11
C THR D 498 -40.00 -70.48 77.36
N ALA D 499 -39.16 -69.51 77.67
CA ALA D 499 -39.18 -68.16 77.06
C ALA D 499 -39.34 -68.31 75.55
N ASP D 500 -40.53 -68.03 75.06
CA ASP D 500 -40.90 -68.52 73.74
C ASP D 500 -40.97 -67.54 72.55
N ASP D 501 -42.05 -66.77 72.44
CA ASP D 501 -42.23 -65.97 71.23
C ASP D 501 -41.32 -64.75 71.11
N SER D 502 -40.43 -64.80 70.13
CA SER D 502 -39.48 -63.72 69.88
C SER D 502 -39.05 -63.66 68.41
N GLU D 503 -38.37 -62.57 68.05
CA GLU D 503 -37.82 -62.41 66.72
C GLU D 503 -36.45 -61.74 66.84
N SER D 504 -35.42 -62.41 66.32
CA SER D 504 -34.05 -61.91 66.46
C SER D 504 -33.44 -61.53 65.11
N TYR D 505 -32.34 -60.77 65.15
CA TYR D 505 -31.75 -60.23 63.94
C TYR D 505 -30.22 -60.30 63.90
N ARG D 506 -29.67 -60.31 62.69
CA ARG D 506 -28.23 -60.32 62.47
C ARG D 506 -27.85 -59.27 61.43
N TYR D 507 -26.68 -58.66 61.59
CA TYR D 507 -26.25 -57.58 60.70
C TYR D 507 -24.82 -57.81 60.19
N ASP D 508 -24.50 -57.25 59.02
CA ASP D 508 -23.13 -57.28 58.53
C ASP D 508 -22.31 -56.16 59.15
N GLY D 509 -21.02 -56.10 58.82
CA GLY D 509 -20.12 -55.09 59.36
C GLY D 509 -20.54 -53.66 59.09
N SER D 510 -21.28 -53.46 57.99
CA SER D 510 -21.81 -52.15 57.65
C SER D 510 -23.19 -51.95 58.31
N SER D 511 -23.49 -52.83 59.26
CA SER D 511 -24.73 -52.76 60.03
C SER D 511 -26.02 -52.91 59.22
N GLN D 512 -25.94 -53.63 58.11
CA GLN D 512 -27.14 -53.90 57.32
C GLN D 512 -27.67 -55.28 57.64
N ARG D 513 -29.00 -55.38 57.76
CA ARG D 513 -29.63 -56.63 58.16
C ARG D 513 -29.40 -57.72 57.13
N ILE D 514 -29.02 -58.89 57.60
CA ILE D 514 -28.72 -60.02 56.74
C ILE D 514 -29.59 -61.22 57.13
N LEU D 515 -30.04 -61.24 58.38
CA LEU D 515 -30.81 -62.38 58.89
C LEU D 515 -31.89 -61.97 59.89
N LYS D 516 -33.10 -62.51 59.71
CA LYS D 516 -34.21 -62.30 60.65
C LYS D 516 -34.86 -63.65 60.98
N ILE D 517 -34.94 -63.98 62.26
CA ILE D 517 -35.51 -65.27 62.65
C ILE D 517 -36.63 -65.14 63.68
N SER D 518 -37.83 -65.54 63.27
CA SER D 518 -39.03 -65.45 64.09
C SER D 518 -39.35 -66.83 64.65
N SER D 519 -39.75 -66.88 65.91
CA SER D 519 -40.17 -68.14 66.51
C SER D 519 -41.41 -67.91 67.32
N GLN D 520 -42.45 -68.71 67.07
CA GLN D 520 -43.68 -68.60 67.86
C GLN D 520 -44.16 -69.97 68.31
N GLN D 521 -44.60 -70.05 69.56
CA GLN D 521 -45.10 -71.29 70.10
C GLN D 521 -46.55 -71.46 69.70
N THR D 522 -46.91 -72.67 69.28
CA THR D 522 -48.29 -73.00 68.95
C THR D 522 -48.68 -74.22 69.76
N ASN D 523 -47.97 -74.41 70.87
CA ASN D 523 -47.98 -75.67 71.64
C ASN D 523 -47.74 -76.84 70.69
N HIS D 524 -47.05 -76.53 69.60
CA HIS D 524 -46.81 -77.44 68.49
C HIS D 524 -45.41 -77.12 67.99
N SER D 525 -44.42 -77.70 68.66
CA SER D 525 -43.01 -77.33 68.48
C SER D 525 -42.82 -75.81 68.49
N ALA D 526 -42.66 -75.24 67.30
CA ALA D 526 -42.47 -73.80 67.13
C ALA D 526 -42.50 -73.45 65.65
N ARG D 527 -43.35 -72.49 65.30
CA ARG D 527 -43.38 -71.96 63.94
C ARG D 527 -42.16 -71.05 63.82
N VAL D 528 -41.20 -71.52 63.05
CA VAL D 528 -39.91 -70.86 62.86
C VAL D 528 -39.78 -70.31 61.44
N GLN D 529 -39.65 -68.99 61.36
CA GLN D 529 -39.58 -68.29 60.08
C GLN D 529 -38.24 -67.58 59.92
N ARG D 530 -37.45 -68.04 58.95
CA ARG D 530 -36.12 -67.51 58.73
C ARG D 530 -36.11 -66.71 57.44
N ALA D 531 -35.45 -65.54 57.48
CA ALA D 531 -35.36 -64.65 56.34
C ALA D 531 -33.92 -64.21 56.15
N LEU D 532 -33.32 -64.64 55.05
CA LEU D 532 -31.93 -64.32 54.73
C LEU D 532 -31.85 -63.32 53.58
N TYR D 533 -31.31 -62.14 53.86
CA TYR D 533 -31.24 -61.07 52.88
C TYR D 533 -29.91 -61.09 52.14
N LEU D 534 -30.00 -61.19 50.82
CA LEU D 534 -28.86 -61.26 49.92
C LEU D 534 -29.10 -60.27 48.78
N PRO D 535 -28.04 -59.95 48.00
CA PRO D 535 -28.20 -59.03 46.86
C PRO D 535 -29.29 -59.47 45.90
N GLY D 536 -30.36 -58.66 45.82
CA GLY D 536 -31.47 -58.94 44.92
C GLY D 536 -32.26 -60.18 45.30
N LEU D 537 -32.16 -60.61 46.56
CA LEU D 537 -32.76 -61.89 46.94
C LEU D 537 -33.11 -61.97 48.42
N GLU D 538 -34.28 -62.51 48.70
CA GLU D 538 -34.67 -62.85 50.07
C GLU D 538 -34.99 -64.34 50.15
N TRP D 539 -34.23 -65.06 50.96
CA TRP D 539 -34.44 -66.49 51.10
C TRP D 539 -35.18 -66.78 52.40
N ARG D 540 -36.46 -67.11 52.27
CA ARG D 540 -37.31 -67.31 53.43
C ARG D 540 -37.69 -68.77 53.59
N THR D 541 -37.25 -69.39 54.68
CA THR D 541 -37.63 -70.76 54.97
C THR D 541 -38.58 -70.75 56.17
N MET D 542 -39.59 -71.59 56.16
CA MET D 542 -40.52 -71.66 57.29
C MET D 542 -40.75 -73.11 57.68
N THR D 543 -40.38 -73.47 58.91
CA THR D 543 -40.55 -74.85 59.39
C THR D 543 -41.20 -74.91 60.77
N GLY D 544 -41.70 -76.08 61.15
CA GLY D 544 -42.36 -76.24 62.44
C GLY D 544 -43.87 -76.44 62.32
N ALA D 547 -46.82 -78.67 61.43
CA ALA D 547 -47.26 -78.09 60.16
C ALA D 547 -46.15 -78.09 59.11
N GLU D 548 -46.51 -77.83 57.85
CA GLU D 548 -45.61 -78.05 56.70
C GLU D 548 -44.47 -77.02 56.54
N ALA D 549 -43.46 -77.43 55.77
CA ALA D 549 -42.27 -76.62 55.51
C ALA D 549 -42.34 -75.89 54.16
N GLU D 550 -42.12 -74.58 54.20
CA GLU D 550 -42.16 -73.76 52.99
C GLU D 550 -40.78 -73.19 52.68
N ASN D 551 -40.34 -73.33 51.43
CA ASN D 551 -39.06 -72.78 51.01
C ASN D 551 -39.28 -71.77 49.89
N LEU D 552 -39.27 -70.48 50.25
CA LEU D 552 -39.62 -69.42 49.30
C LEU D 552 -38.42 -68.54 48.99
N GLN D 553 -38.20 -68.30 47.71
CA GLN D 553 -37.15 -67.40 47.24
C GLN D 553 -37.78 -66.19 46.57
N VAL D 554 -37.53 -65.02 47.16
CA VAL D 554 -38.08 -63.76 46.71
C VAL D 554 -37.05 -62.99 45.88
N ILE D 555 -37.31 -62.89 44.60
CA ILE D 555 -36.45 -62.17 43.67
C ILE D 555 -36.78 -60.69 43.76
N CYS D 556 -35.81 -59.89 44.16
CA CYS D 556 -36.01 -58.45 44.28
C CYS D 556 -35.38 -57.74 43.09
N ILE D 557 -36.20 -57.02 42.34
CA ILE D 557 -35.75 -56.36 41.11
C ILE D 557 -35.94 -54.85 41.18
N GLY D 558 -34.83 -54.12 41.09
CA GLY D 558 -34.86 -52.66 41.13
C GLY D 558 -34.39 -52.08 42.46
N GLU D 559 -34.25 -50.76 42.50
CA GLU D 559 -33.90 -50.02 43.71
C GLU D 559 -32.60 -50.49 44.36
N ALA D 563 -39.75 -47.81 42.02
CA ALA D 563 -40.81 -48.80 41.80
C ALA D 563 -40.21 -50.19 41.68
N GLN D 564 -40.27 -50.96 42.78
CA GLN D 564 -39.64 -52.29 42.80
C GLN D 564 -40.56 -53.44 42.38
N VAL D 565 -39.98 -54.43 41.73
CA VAL D 565 -40.72 -55.60 41.25
C VAL D 565 -40.28 -56.82 42.06
N ARG D 566 -41.24 -57.64 42.48
CA ARG D 566 -40.95 -58.75 43.38
C ARG D 566 -41.41 -60.08 42.78
N VAL D 567 -40.60 -61.13 42.87
CA VAL D 567 -41.02 -62.42 42.30
C VAL D 567 -40.94 -63.57 43.31
N LEU D 568 -42.03 -64.31 43.47
CA LEU D 568 -42.10 -65.38 44.46
C LEU D 568 -41.89 -66.72 43.78
N HIS D 569 -40.75 -67.34 44.06
CA HIS D 569 -40.41 -68.66 43.55
C HIS D 569 -40.27 -69.67 44.67
N TRP D 570 -41.20 -70.62 44.76
CA TRP D 570 -41.10 -71.65 45.77
C TRP D 570 -40.27 -72.83 45.27
N GLU D 571 -39.36 -73.29 46.13
CA GLU D 571 -38.68 -74.55 45.91
C GLU D 571 -39.48 -75.63 46.61
N SER D 572 -40.28 -75.23 47.59
CA SER D 572 -41.06 -76.15 48.42
C SER D 572 -42.16 -75.46 49.20
N GLY D 573 -43.30 -76.13 49.34
CA GLY D 573 -44.38 -75.65 50.18
C GLY D 573 -45.20 -74.51 49.59
N LYS D 574 -45.27 -74.43 48.27
CA LYS D 574 -46.13 -73.44 47.63
C LYS D 574 -47.57 -73.72 47.99
N PRO D 575 -48.24 -72.74 48.61
CA PRO D 575 -49.66 -72.91 48.96
C PRO D 575 -50.48 -72.97 47.68
N ASP D 576 -51.59 -73.70 47.73
CA ASP D 576 -52.50 -73.74 46.59
C ASP D 576 -53.16 -72.36 46.49
N GLY D 577 -53.61 -71.99 45.30
CA GLY D 577 -54.22 -70.68 45.11
C GLY D 577 -53.30 -69.68 44.46
N ILE D 578 -51.98 -69.92 44.55
CA ILE D 578 -50.99 -69.05 43.93
C ILE D 578 -50.07 -69.83 42.99
N ILE D 579 -49.98 -69.38 41.74
CA ILE D 579 -49.04 -69.95 40.78
C ILE D 579 -47.59 -69.66 41.20
N ASN D 580 -46.67 -70.58 40.92
CA ASN D 580 -45.27 -70.36 41.24
C ASN D 580 -44.67 -69.30 40.34
N ASP D 581 -43.55 -68.72 40.78
CA ASP D 581 -42.90 -67.64 40.06
C ASP D 581 -43.87 -66.50 39.82
N GLN D 582 -44.58 -66.11 40.89
CA GLN D 582 -45.55 -65.03 40.78
C GLN D 582 -44.86 -63.67 40.77
N ILE D 583 -45.17 -62.85 39.78
CA ILE D 583 -44.61 -61.50 39.72
C ILE D 583 -45.57 -60.46 40.31
N ARG D 584 -45.05 -59.66 41.25
CA ARG D 584 -45.80 -58.58 41.88
C ARG D 584 -45.11 -57.25 41.59
N TRP D 585 -45.71 -56.48 40.70
CA TRP D 585 -45.28 -55.11 40.47
C TRP D 585 -45.78 -54.28 41.63
N SER D 586 -44.95 -53.36 42.11
CA SER D 586 -45.37 -52.42 43.14
C SER D 586 -45.48 -51.02 42.55
N TYR D 587 -46.54 -50.31 42.90
CA TYR D 587 -46.71 -48.94 42.45
C TYR D 587 -46.87 -48.02 43.65
N ASP D 588 -46.01 -47.03 43.73
CA ASP D 588 -45.89 -46.23 44.93
C ASP D 588 -46.55 -44.87 44.77
N ASN D 589 -46.39 -44.05 45.80
CA ASN D 589 -46.81 -42.66 45.76
C ASN D 589 -45.58 -41.78 45.76
N LEU D 590 -45.76 -40.49 46.09
CA LEU D 590 -44.65 -39.54 46.11
C LEU D 590 -43.51 -39.97 47.01
N THR D 591 -43.85 -40.55 48.17
CA THR D 591 -42.85 -40.92 49.17
C THR D 591 -42.53 -42.42 49.17
N CYS D 592 -42.71 -43.05 48.02
CA CYS D 592 -42.25 -44.43 47.77
C CYS D 592 -42.97 -45.53 48.55
N SER D 593 -44.15 -45.22 49.08
CA SER D 593 -44.93 -46.22 49.81
C SER D 593 -45.72 -47.11 48.84
N SER D 594 -45.59 -48.42 49.00
CA SER D 594 -46.25 -49.39 48.13
C SER D 594 -47.78 -49.35 48.26
N GLY D 595 -48.44 -48.80 47.25
CA GLY D 595 -49.89 -48.67 47.27
C GLY D 595 -50.57 -49.79 46.52
N LEU D 596 -50.04 -50.15 45.36
CA LEU D 596 -50.65 -51.20 44.55
C LEU D 596 -49.69 -52.35 44.28
N GLU D 597 -50.17 -53.57 44.50
CA GLU D 597 -49.50 -54.76 43.99
C GLU D 597 -50.27 -55.18 42.75
N VAL D 598 -49.56 -55.46 41.67
CA VAL D 598 -50.20 -55.82 40.41
C VAL D 598 -49.48 -57.02 39.80
N ASP D 599 -50.23 -58.00 39.31
CA ASP D 599 -49.62 -59.22 38.79
C ASP D 599 -49.08 -59.07 37.36
N GLY D 600 -48.54 -60.17 36.84
CA GLY D 600 -47.95 -60.16 35.50
C GLY D 600 -48.97 -59.95 34.40
N ASP D 601 -50.25 -60.08 34.74
CA ASP D 601 -51.31 -59.86 33.76
C ASP D 601 -51.88 -58.45 33.82
N GLY D 602 -51.44 -57.65 34.79
CA GLY D 602 -51.88 -56.28 34.91
C GLY D 602 -53.13 -56.10 35.75
N LEU D 603 -53.41 -57.10 36.58
CA LEU D 603 -54.58 -57.05 37.45
C LEU D 603 -54.14 -56.81 38.89
N VAL D 604 -54.89 -55.98 39.60
CA VAL D 604 -54.55 -55.63 40.97
C VAL D 604 -54.69 -56.82 41.92
N ILE D 605 -53.62 -57.08 42.65
CA ILE D 605 -53.57 -58.15 43.63
C ILE D 605 -54.02 -57.62 44.99
N SER D 606 -53.37 -56.56 45.46
CA SER D 606 -53.71 -55.98 46.75
C SER D 606 -53.73 -54.46 46.70
N MET D 607 -54.29 -53.86 47.74
CA MET D 607 -54.38 -52.42 47.84
C MET D 607 -54.04 -51.97 49.26
N GLU D 608 -53.28 -50.90 49.38
CA GLU D 608 -52.92 -50.41 50.71
C GLU D 608 -52.72 -48.90 50.75
N GLU D 609 -53.39 -48.28 51.73
CA GLU D 609 -53.25 -46.84 51.98
C GLU D 609 -52.75 -46.62 53.41
N TYR D 610 -52.07 -45.49 53.63
CA TYR D 610 -51.38 -45.26 54.89
C TYR D 610 -51.79 -43.97 55.61
N TYR D 611 -51.75 -44.01 56.94
CA TYR D 611 -51.81 -42.79 57.74
C TYR D 611 -50.48 -42.09 57.52
N PRO D 612 -50.47 -40.75 57.62
CA PRO D 612 -49.28 -39.94 57.33
C PRO D 612 -47.98 -40.49 57.90
N TYR D 613 -48.01 -41.02 59.13
CA TYR D 613 -46.79 -41.50 59.78
C TYR D 613 -46.51 -43.00 59.67
N GLY D 614 -47.18 -43.69 58.76
CA GLY D 614 -46.83 -45.07 58.46
C GLY D 614 -47.87 -46.14 58.72
N GLY D 615 -48.78 -45.87 59.65
CA GLY D 615 -49.84 -46.81 59.96
C GLY D 615 -50.69 -47.12 58.75
N THR D 616 -51.16 -48.36 58.66
CA THR D 616 -52.00 -48.77 57.54
C THR D 616 -53.48 -48.48 57.81
N ALA D 617 -54.09 -47.66 56.96
CA ALA D 617 -55.49 -47.28 57.12
C ALA D 617 -56.40 -48.18 56.29
N VAL D 618 -55.90 -48.61 55.14
CA VAL D 618 -56.66 -49.47 54.25
C VAL D 618 -55.78 -50.61 53.80
N TRP D 619 -56.30 -51.83 53.89
CA TRP D 619 -55.56 -53.03 53.48
C TRP D 619 -56.53 -54.03 52.86
N ALA D 620 -56.47 -54.17 51.54
CA ALA D 620 -57.38 -55.04 50.80
C ALA D 620 -56.62 -55.87 49.77
N ALA D 621 -57.19 -57.03 49.41
CA ALA D 621 -56.58 -57.91 48.42
C ALA D 621 -57.67 -58.74 47.75
N ARG D 622 -57.37 -59.28 46.57
CA ARG D 622 -58.35 -60.03 45.78
C ARG D 622 -58.57 -61.46 46.31
N SER D 623 -57.64 -61.92 47.14
CA SER D 623 -57.74 -63.23 47.76
C SER D 623 -57.02 -63.22 49.10
N HIS D 624 -57.42 -64.12 49.99
CA HIS D 624 -56.79 -64.22 51.30
C HIS D 624 -55.37 -64.76 51.18
N ILE D 625 -55.18 -65.69 50.26
CA ILE D 625 -53.92 -66.40 50.15
C ILE D 625 -52.75 -65.49 49.73
N GLU D 626 -53.05 -64.47 48.94
CA GLU D 626 -52.02 -63.56 48.44
C GLU D 626 -51.60 -62.49 49.46
N THR D 627 -52.33 -62.38 50.56
CA THR D 627 -52.10 -61.29 51.51
C THR D 627 -50.79 -61.41 52.30
N ALA D 628 -50.40 -62.64 52.62
CA ALA D 628 -49.24 -62.87 53.49
C ALA D 628 -47.89 -62.58 52.84
N TYR D 629 -47.89 -62.27 51.56
CA TYR D 629 -46.63 -62.16 50.83
C TYR D 629 -46.23 -60.73 50.47
N LYS D 630 -46.96 -59.76 50.99
CA LYS D 630 -46.48 -58.38 50.92
C LYS D 630 -45.76 -58.06 52.23
N THR D 631 -44.50 -57.65 52.10
CA THR D 631 -43.67 -57.32 53.25
C THR D 631 -43.24 -55.86 53.21
N VAL D 632 -43.06 -55.35 51.99
CA VAL D 632 -42.66 -53.95 51.79
C VAL D 632 -43.88 -53.07 51.60
N ARG D 633 -44.01 -52.04 52.44
CA ARG D 633 -45.22 -51.21 52.46
C ARG D 633 -44.95 -49.71 52.47
N TYR D 634 -44.80 -49.15 53.67
CA TYR D 634 -44.68 -47.71 53.86
C TYR D 634 -43.26 -47.26 53.52
N SER D 635 -43.16 -46.20 52.72
CA SER D 635 -41.87 -45.66 52.28
C SER D 635 -40.95 -46.69 51.61
N GLY D 636 -41.55 -47.74 51.05
CA GLY D 636 -40.79 -48.80 50.42
C GLY D 636 -39.92 -49.59 51.38
N LYS D 637 -40.32 -49.63 52.64
CA LYS D 637 -39.57 -50.36 53.65
C LYS D 637 -40.34 -51.60 54.08
N GLU D 638 -39.62 -52.61 54.58
CA GLU D 638 -40.27 -53.81 55.08
C GLU D 638 -40.83 -53.57 56.48
N ARG D 639 -42.09 -53.95 56.67
CA ARG D 639 -42.70 -54.00 57.99
C ARG D 639 -42.56 -55.42 58.52
N ASP D 640 -41.85 -55.58 59.64
CA ASP D 640 -41.69 -56.88 60.26
C ASP D 640 -42.92 -57.29 61.06
N ALA D 641 -42.96 -58.53 61.53
CA ALA D 641 -44.10 -59.03 62.29
C ALA D 641 -44.29 -58.28 63.59
N THR D 642 -43.21 -57.64 64.06
CA THR D 642 -43.22 -56.85 65.28
C THR D 642 -44.07 -55.59 65.10
N GLY D 643 -44.34 -55.25 63.83
CA GLY D 643 -45.10 -54.05 63.54
C GLY D 643 -44.15 -52.92 63.20
N LEU D 644 -42.86 -53.16 63.44
CA LEU D 644 -41.82 -52.18 63.19
C LEU D 644 -41.42 -52.13 61.71
N TYR D 645 -41.03 -50.95 61.26
CA TYR D 645 -40.47 -50.77 59.93
C TYR D 645 -38.95 -50.71 60.02
N TYR D 646 -38.29 -51.54 59.22
CA TYR D 646 -36.83 -51.53 59.16
C TYR D 646 -36.35 -50.62 58.03
N TYR D 647 -35.69 -49.52 58.39
CA TYR D 647 -35.18 -48.55 57.42
C TYR D 647 -33.71 -48.79 57.05
N GLY D 648 -32.97 -49.43 57.93
CA GLY D 648 -31.57 -49.75 57.67
C GLY D 648 -30.69 -49.65 58.91
N PHE D 649 -30.68 -48.48 59.53
CA PHE D 649 -29.86 -48.24 60.72
C PHE D 649 -30.73 -48.17 61.96
N ARG D 650 -31.99 -47.79 61.77
CA ARG D 650 -32.94 -47.69 62.87
C ARG D 650 -34.28 -48.29 62.49
N TYR D 651 -35.01 -48.74 63.51
CA TYR D 651 -36.36 -49.25 63.32
C TYR D 651 -37.34 -48.12 63.61
N TYR D 652 -38.49 -48.14 62.95
CA TYR D 652 -39.45 -47.06 63.07
C TYR D 652 -40.81 -47.53 63.60
N GLN D 653 -41.40 -46.73 64.47
CA GLN D 653 -42.72 -47.02 65.06
C GLN D 653 -43.78 -46.12 64.45
N PRO D 654 -44.55 -46.66 63.49
CA PRO D 654 -45.59 -45.87 62.80
C PRO D 654 -46.73 -45.43 63.72
N TRP D 655 -46.87 -46.06 64.87
CA TRP D 655 -47.92 -45.71 65.83
C TRP D 655 -47.45 -44.63 66.80
N ALA D 656 -46.15 -44.40 66.86
CA ALA D 656 -45.61 -43.38 67.76
C ALA D 656 -45.04 -42.19 67.00
N GLY D 657 -44.91 -42.36 65.68
CA GLY D 657 -44.39 -41.31 64.82
C GLY D 657 -42.96 -40.90 65.13
N ARG D 658 -42.15 -41.87 65.56
CA ARG D 658 -40.76 -41.58 65.90
C ARG D 658 -39.89 -42.83 65.84
N TRP D 659 -38.57 -42.64 65.82
CA TRP D 659 -37.63 -43.75 65.75
C TRP D 659 -37.55 -44.52 67.07
N LEU D 660 -37.09 -45.75 66.99
CA LEU D 660 -37.02 -46.63 68.15
C LEU D 660 -35.75 -46.37 68.96
N SER D 661 -34.82 -45.63 68.35
CA SER D 661 -33.54 -45.31 68.99
C SER D 661 -32.99 -43.98 68.48
N ALA D 662 -31.95 -43.46 69.14
CA ALA D 662 -31.38 -42.17 68.76
C ALA D 662 -30.55 -42.26 67.48
N ASP D 663 -30.62 -41.21 66.67
CA ASP D 663 -29.90 -41.13 65.39
C ASP D 663 -28.40 -41.33 65.57
N PRO D 664 -27.86 -42.42 65.01
CA PRO D 664 -26.43 -42.70 65.12
C PRO D 664 -25.58 -41.68 64.37
N ALA D 665 -26.23 -40.92 63.48
CA ALA D 665 -25.53 -39.87 62.75
C ALA D 665 -25.50 -38.58 63.57
N GLY D 666 -26.27 -38.55 64.66
CA GLY D 666 -26.27 -37.41 65.56
C GLY D 666 -27.13 -36.24 65.12
N THR D 667 -26.55 -35.05 65.21
CA THR D 667 -27.29 -33.81 64.98
C THR D 667 -27.28 -33.35 63.53
N VAL D 668 -27.10 -34.29 62.59
CA VAL D 668 -27.10 -33.95 61.17
C VAL D 668 -28.47 -33.40 60.74
N ASP D 669 -29.51 -33.77 61.48
CA ASP D 669 -30.87 -33.34 61.16
C ASP D 669 -31.55 -32.72 62.38
N GLY D 670 -30.85 -31.83 63.07
CA GLY D 670 -31.42 -31.16 64.22
C GLY D 670 -30.99 -31.79 65.53
N LEU D 671 -31.32 -31.13 66.64
CA LEU D 671 -30.92 -31.59 67.96
C LEU D 671 -31.72 -32.80 68.45
N ASN D 672 -32.96 -32.91 68.02
CA ASN D 672 -33.81 -34.03 68.41
C ASN D 672 -33.39 -35.31 67.69
N LEU D 673 -32.90 -36.29 68.45
CA LEU D 673 -32.34 -37.50 67.85
C LEU D 673 -33.38 -38.60 67.65
N TYR D 674 -34.65 -38.28 67.90
CA TYR D 674 -35.73 -39.23 67.71
C TYR D 674 -36.75 -38.75 66.67
N ARG D 675 -36.68 -37.46 66.33
CA ARG D 675 -37.68 -36.87 65.44
C ARG D 675 -37.70 -37.52 64.06
N MET D 676 -38.92 -37.72 63.55
CA MET D 676 -39.14 -38.42 62.29
C MET D 676 -39.39 -37.46 61.12
N VAL D 677 -38.49 -37.50 60.15
CA VAL D 677 -38.54 -36.67 58.94
C VAL D 677 -39.04 -35.23 59.15
N ARG D 678 -38.54 -34.58 60.20
CA ARG D 678 -38.87 -33.20 60.52
C ARG D 678 -40.37 -32.97 60.66
N ASN D 679 -41.08 -34.03 61.03
CA ASN D 679 -42.53 -34.00 61.20
C ASN D 679 -43.28 -33.60 59.92
N ASN D 680 -42.73 -33.97 58.76
CA ASN D 680 -43.41 -33.78 57.48
C ASN D 680 -43.27 -35.02 56.60
N PRO D 681 -44.05 -36.07 56.91
CA PRO D 681 -43.94 -37.38 56.26
C PRO D 681 -44.63 -37.49 54.89
N LEU D 682 -45.11 -36.39 54.36
CA LEU D 682 -45.75 -36.40 53.04
C LEU D 682 -44.80 -35.84 51.98
N ARG D 683 -43.83 -35.07 52.44
CA ARG D 683 -42.85 -34.43 51.58
C ARG D 683 -41.52 -35.15 51.73
N LEU D 684 -41.18 -35.45 52.97
CA LEU D 684 -39.89 -36.05 53.27
C LEU D 684 -40.06 -37.55 53.41
N THR D 685 -39.02 -38.29 53.04
CA THR D 685 -38.94 -39.72 53.30
C THR D 685 -37.52 -40.01 53.80
N ASP D 686 -37.38 -41.07 54.60
CA ASP D 686 -36.06 -41.42 55.13
C ASP D 686 -35.59 -42.73 54.50
N PRO D 687 -34.40 -42.72 53.91
CA PRO D 687 -33.81 -43.89 53.26
C PRO D 687 -33.08 -44.81 54.24
N ASP D 688 -32.59 -44.25 55.35
CA ASP D 688 -31.60 -44.93 56.19
C ASP D 688 -31.90 -45.01 57.70
N GLY D 689 -32.43 -43.93 58.26
CA GLY D 689 -32.45 -43.81 59.70
C GLY D 689 -31.46 -42.72 60.09
N MET D 690 -30.18 -43.01 59.84
CA MET D 690 -29.06 -42.05 59.93
C MET D 690 -29.35 -40.65 59.38
#